data_6DWE
#
_entry.id   6DWE
#
_cell.length_a   135.093
_cell.length_b   159.396
_cell.length_c   165.226
_cell.angle_alpha   90.000
_cell.angle_beta   90.000
_cell.angle_gamma   90.000
#
_symmetry.space_group_name_H-M   'P 21 21 21'
#
loop_
_entity.id
_entity.type
_entity.pdbx_description
1 polymer 'Tryptophan synthase alpha chain'
2 polymer 'Tryptophan synthase beta chain'
3 non-polymer 'MALONATE ION'
4 non-polymer 'FORMIC ACID'
5 non-polymer '2-[({3-HYDROXY-2-METHYL-5-[(PHOSPHONOOXY)METHYL]PYRIDIN-4-YL}METHYL)AMINO]ACRYLIC ACID'
6 non-polymer 'CESIUM ION'
7 non-polymer "(2R,3S,4R)-3-(2',6'-difluoro-4'-methyl[1,1'-biphenyl]-4-yl)-4-(fluoromethyl)azetidine-2-carbonitrile"
8 non-polymer 'ACETATE ION'
9 non-polymer 'MALONIC ACID'
10 non-polymer 1,2-ETHANEDIOL
11 non-polymer 'TRIETHYLENE GLYCOL'
12 water water
#
loop_
_entity_poly.entity_id
_entity_poly.type
_entity_poly.pdbx_seq_one_letter_code
_entity_poly.pdbx_strand_id
1 'polypeptide(L)'
;MVAVEQSEASRLGPVFDSCRANNRAALIGYLPTGYPDVPASVAAMTALVESGCDIIEVGVPYSDPGMDGPTIARATEAAL
RGGVRVRDTLAAVEAISIAGGRAVVMTYWNPVLRYGVDAFARDLAAAGGLGLITPDLIPDEAQQWLAASEEHRLDRIFLV
APSSTPERLAATVEASRGFVYAASTMGVTGARDAVSQAAPELVGRVKAVSDIPVGVGLGVRSRAQAAQIAQYADGVIVGS
ALVTALTEGLPRLRALTGELAAGVRLGMSAHHHHHH
;
A,G,E,C
2 'polypeptide(L)'
;MSAAIAEPTSHDPDSGGHFGGPSGWGGRYVPEALMAVIEEVTAAYQKERVSQDFLDDLDRLQANYAGRPSPLYEATRLSQ
HAGSARIFLKREDLNHTGSHKINNVLGQALLARRMGKTRVIAETGAGQHGVATATACALLGLDCVIYMGGIDTARQALNV
ARMRLLGAEVVAVQTGSKTLKDAINEAFRDWVANADNTYYCFGTAAGPHPFPTMVRDFQRIIGMEARVQIQGQAGRLPDA
VVACVGGGSNAIGIFHAFLDDPGVRLVGFEAAGDGVETGRHAATFTAGSPGAFHGSFSYLLQDEDGQTIESHSISAGLDY
PGVGPEHAWLKEAGRVDYRPITDSEAMDAFGLLCRMEGIIPAIESAHAVAGALKLGVELGRGAVIVVNLSGRGDKDVETA
AKWFGLLGND
;
B,H,F,D
#
# COMPACT_ATOMS: atom_id res chain seq x y z
N GLU A 8 2.50 -26.77 -58.19
CA GLU A 8 2.13 -25.93 -59.32
C GLU A 8 2.45 -24.46 -59.05
N ALA A 9 2.27 -23.62 -60.05
CA ALA A 9 2.60 -22.21 -59.98
C ALA A 9 1.38 -21.37 -59.61
N SER A 10 1.63 -20.13 -59.21
CA SER A 10 0.55 -19.25 -58.81
C SER A 10 -0.21 -18.73 -60.02
N ARG A 11 -1.48 -18.37 -59.80
CA ARG A 11 -2.32 -17.90 -60.89
C ARG A 11 -1.78 -16.63 -61.53
N LEU A 12 -1.13 -15.77 -60.73
CA LEU A 12 -0.57 -14.52 -61.23
C LEU A 12 0.86 -14.65 -61.69
N GLY A 13 1.45 -15.85 -61.59
CA GLY A 13 2.81 -16.09 -62.03
C GLY A 13 3.07 -15.70 -63.47
N PRO A 14 2.29 -16.23 -64.41
CA PRO A 14 2.49 -15.85 -65.83
C PRO A 14 2.46 -14.36 -66.08
N VAL A 15 1.61 -13.62 -65.38
CA VAL A 15 1.52 -12.17 -65.60
C VAL A 15 2.85 -11.50 -65.27
N PHE A 16 3.39 -11.78 -64.09
CA PHE A 16 4.67 -11.18 -63.70
C PHE A 16 5.82 -11.71 -64.54
N ASP A 17 5.76 -12.99 -64.93
CA ASP A 17 6.76 -13.51 -65.86
C ASP A 17 6.72 -12.77 -67.18
N SER A 18 5.51 -12.48 -67.67
CA SER A 18 5.38 -11.76 -68.94
C SER A 18 5.81 -10.31 -68.81
N CYS A 19 5.52 -9.68 -67.67
CA CYS A 19 5.92 -8.29 -67.48
C CYS A 19 7.42 -8.16 -67.33
N ARG A 20 8.04 -9.06 -66.56
CA ARG A 20 9.49 -9.01 -66.38
C ARG A 20 10.21 -9.29 -67.70
N ALA A 21 9.59 -10.05 -68.59
CA ALA A 21 10.19 -10.29 -69.90
C ALA A 21 10.17 -9.04 -70.77
N ASN A 22 9.17 -8.18 -70.59
CA ASN A 22 9.05 -6.94 -71.35
C ASN A 22 9.64 -5.74 -70.61
N ASN A 23 10.54 -5.99 -69.65
CA ASN A 23 11.27 -4.93 -68.94
C ASN A 23 10.31 -3.89 -68.35
N ARG A 24 9.32 -4.38 -67.61
CA ARG A 24 8.30 -3.50 -67.06
C ARG A 24 7.71 -4.13 -65.81
N ALA A 25 6.98 -3.31 -65.05
CA ALA A 25 6.24 -3.75 -63.89
C ALA A 25 4.76 -3.90 -64.25
N ALA A 26 4.08 -4.75 -63.48
CA ALA A 26 2.65 -4.95 -63.68
C ALA A 26 1.87 -3.78 -63.11
N LEU A 27 0.86 -3.33 -63.86
CA LEU A 27 0.00 -2.25 -63.40
C LEU A 27 -1.22 -2.87 -62.74
N ILE A 28 -1.34 -2.66 -61.43
CA ILE A 28 -2.41 -3.25 -60.62
C ILE A 28 -3.33 -2.13 -60.21
N GLY A 29 -4.57 -2.16 -60.70
CA GLY A 29 -5.53 -1.09 -60.50
C GLY A 29 -6.68 -1.52 -59.61
N TYR A 30 -7.02 -0.65 -58.65
CA TYR A 30 -8.10 -0.89 -57.70
C TYR A 30 -9.29 -0.01 -58.04
N LEU A 31 -10.50 -0.59 -57.94
CA LEU A 31 -11.74 0.14 -58.04
C LEU A 31 -12.76 -0.54 -57.14
N PRO A 32 -13.54 0.23 -56.38
CA PRO A 32 -14.56 -0.38 -55.52
C PRO A 32 -15.83 -0.69 -56.29
N THR A 33 -16.38 -1.87 -56.04
CA THR A 33 -17.63 -2.27 -56.68
C THR A 33 -18.77 -1.36 -56.23
N GLY A 34 -19.56 -0.89 -57.19
CA GLY A 34 -20.74 -0.12 -56.89
C GLY A 34 -20.56 1.37 -56.82
N TYR A 35 -19.38 1.90 -57.14
CA TYR A 35 -19.21 3.33 -57.18
C TYR A 35 -19.04 3.82 -58.60
N PRO A 36 -19.85 4.79 -59.06
CA PRO A 36 -20.94 5.45 -58.33
C PRO A 36 -22.20 4.59 -58.23
N ASP A 37 -22.31 3.60 -59.11
CA ASP A 37 -23.33 2.57 -59.01
C ASP A 37 -22.74 1.28 -59.58
N VAL A 38 -23.51 0.20 -59.51
CA VAL A 38 -23.00 -1.09 -59.97
C VAL A 38 -22.68 -1.07 -61.47
N PRO A 39 -23.60 -0.66 -62.36
CA PRO A 39 -23.24 -0.64 -63.80
C PRO A 39 -22.08 0.28 -64.13
N ALA A 40 -22.02 1.46 -63.51
CA ALA A 40 -20.93 2.38 -63.80
C ALA A 40 -19.59 1.84 -63.36
N SER A 41 -19.54 1.19 -62.18
CA SER A 41 -18.30 0.60 -61.71
C SER A 41 -17.84 -0.54 -62.60
N VAL A 42 -18.79 -1.35 -63.10
CA VAL A 42 -18.43 -2.41 -64.03
C VAL A 42 -17.91 -1.83 -65.33
N ALA A 43 -18.48 -0.72 -65.78
CA ALA A 43 -17.98 -0.06 -66.97
C ALA A 43 -16.56 0.45 -66.76
N ALA A 44 -16.28 1.03 -65.59
CA ALA A 44 -14.96 1.57 -65.31
C ALA A 44 -13.92 0.47 -65.14
N MET A 45 -14.31 -0.68 -64.58
CA MET A 45 -13.37 -1.78 -64.46
C MET A 45 -13.04 -2.39 -65.82
N THR A 46 -14.03 -2.43 -66.72
CA THR A 46 -13.76 -2.85 -68.08
C THR A 46 -12.82 -1.88 -68.78
N ALA A 47 -13.04 -0.58 -68.58
CA ALA A 47 -12.15 0.42 -69.16
C ALA A 47 -10.72 0.25 -68.70
N LEU A 48 -10.52 -0.17 -67.43
CA LEU A 48 -9.18 -0.43 -66.94
C LEU A 48 -8.52 -1.56 -67.73
N VAL A 49 -9.27 -2.61 -68.04
CA VAL A 49 -8.73 -3.71 -68.83
C VAL A 49 -8.35 -3.22 -70.23
N GLU A 50 -9.22 -2.42 -70.84
CA GLU A 50 -8.96 -1.91 -72.17
C GLU A 50 -7.83 -0.88 -72.21
N SER A 51 -7.51 -0.27 -71.07
CA SER A 51 -6.52 0.80 -71.01
C SER A 51 -5.14 0.33 -70.56
N GLY A 52 -4.95 -0.97 -70.37
CA GLY A 52 -3.64 -1.52 -70.09
C GLY A 52 -3.38 -1.97 -68.66
N CYS A 53 -4.42 -2.23 -67.87
CA CYS A 53 -4.23 -2.73 -66.51
C CYS A 53 -4.01 -4.23 -66.55
N ASP A 54 -2.89 -4.68 -65.97
CA ASP A 54 -2.55 -6.10 -66.00
C ASP A 54 -3.35 -6.89 -64.98
N ILE A 55 -3.59 -6.31 -63.80
CA ILE A 55 -4.39 -6.94 -62.75
C ILE A 55 -5.38 -5.92 -62.21
N ILE A 56 -6.62 -6.34 -61.98
CA ILE A 56 -7.67 -5.50 -61.43
C ILE A 56 -7.95 -5.96 -60.01
N GLU A 57 -7.79 -5.05 -59.05
CA GLU A 57 -8.21 -5.29 -57.67
C GLU A 57 -9.68 -4.87 -57.56
N VAL A 58 -10.57 -5.85 -57.42
CA VAL A 58 -11.99 -5.58 -57.24
C VAL A 58 -12.25 -5.42 -55.75
N GLY A 59 -12.61 -4.21 -55.33
CA GLY A 59 -12.77 -3.91 -53.93
C GLY A 59 -14.19 -4.15 -53.45
N VAL A 60 -14.32 -4.83 -52.32
CA VAL A 60 -15.61 -5.06 -51.68
C VAL A 60 -15.84 -3.93 -50.68
N PRO A 61 -16.85 -3.09 -50.89
CA PRO A 61 -17.15 -2.02 -49.92
C PRO A 61 -17.51 -2.60 -48.57
N TYR A 62 -16.82 -2.14 -47.53
CA TYR A 62 -17.10 -2.55 -46.16
C TYR A 62 -17.58 -1.35 -45.36
N SER A 63 -18.45 -1.61 -44.39
CA SER A 63 -19.06 -0.53 -43.62
C SER A 63 -18.06 0.20 -42.75
N ASP A 64 -17.04 -0.49 -42.25
CA ASP A 64 -16.03 0.10 -41.36
C ASP A 64 -14.64 -0.23 -41.88
N PRO A 65 -14.22 0.41 -42.98
CA PRO A 65 -12.90 0.10 -43.55
C PRO A 65 -11.77 0.89 -42.91
N GLY A 66 -11.15 0.32 -41.87
CA GLY A 66 -10.13 1.02 -41.13
C GLY A 66 -8.88 1.34 -41.94
N MET A 67 -8.63 0.61 -43.03
CA MET A 67 -7.42 0.78 -43.81
C MET A 67 -7.61 1.64 -45.05
N ASP A 68 -8.83 2.08 -45.33
CA ASP A 68 -9.11 2.83 -46.54
C ASP A 68 -8.92 4.33 -46.31
N GLY A 69 -8.23 4.99 -47.24
CA GLY A 69 -8.06 6.42 -47.19
C GLY A 69 -9.36 7.15 -47.44
N PRO A 70 -9.35 8.48 -47.25
CA PRO A 70 -10.61 9.24 -47.36
C PRO A 70 -11.26 9.16 -48.73
N THR A 71 -10.47 9.13 -49.80
CA THR A 71 -11.05 9.04 -51.14
C THR A 71 -11.80 7.72 -51.32
N ILE A 72 -11.19 6.61 -50.92
CA ILE A 72 -11.83 5.31 -51.08
C ILE A 72 -12.95 5.14 -50.06
N ALA A 73 -12.80 5.72 -48.86
CA ALA A 73 -13.83 5.58 -47.84
C ALA A 73 -15.14 6.21 -48.30
N ARG A 74 -15.07 7.42 -48.87
CA ARG A 74 -16.29 8.06 -49.35
C ARG A 74 -16.92 7.29 -50.50
N ALA A 75 -16.09 6.73 -51.38
CA ALA A 75 -16.61 5.96 -52.51
C ALA A 75 -17.33 4.71 -52.03
N THR A 76 -16.76 4.01 -51.04
CA THR A 76 -17.41 2.80 -50.53
C THR A 76 -18.67 3.14 -49.75
N GLU A 77 -18.69 4.28 -49.06
CA GLU A 77 -19.92 4.71 -48.40
C GLU A 77 -21.01 4.99 -49.41
N ALA A 78 -20.66 5.67 -50.51
CA ALA A 78 -21.64 5.93 -51.57
C ALA A 78 -22.13 4.64 -52.19
N ALA A 79 -21.22 3.69 -52.43
CA ALA A 79 -21.62 2.41 -53.01
C ALA A 79 -22.56 1.66 -52.08
N LEU A 80 -22.30 1.70 -50.78
CA LEU A 80 -23.17 1.01 -49.83
C LEU A 80 -24.53 1.68 -49.74
N ARG A 81 -24.57 3.01 -49.84
CA ARG A 81 -25.86 3.70 -49.89
C ARG A 81 -26.66 3.28 -51.12
N GLY A 82 -25.98 3.05 -52.24
CA GLY A 82 -26.63 2.54 -53.43
C GLY A 82 -27.05 1.09 -53.36
N GLY A 83 -26.78 0.41 -52.24
CA GLY A 83 -27.20 -0.96 -52.08
C GLY A 83 -26.27 -1.99 -52.70
N VAL A 84 -24.97 -1.69 -52.78
CA VAL A 84 -24.04 -2.63 -53.37
C VAL A 84 -24.00 -3.90 -52.52
N ARG A 85 -23.78 -5.03 -53.18
CA ARG A 85 -23.77 -6.34 -52.52
C ARG A 85 -22.45 -7.04 -52.79
N VAL A 86 -22.17 -8.05 -51.95
CA VAL A 86 -20.98 -8.86 -52.15
C VAL A 86 -21.07 -9.63 -53.46
N ARG A 87 -22.27 -10.09 -53.82
CA ARG A 87 -22.47 -10.80 -55.08
C ARG A 87 -22.19 -9.89 -56.28
N ASP A 88 -22.39 -8.58 -56.11
CA ASP A 88 -22.05 -7.65 -57.19
C ASP A 88 -20.55 -7.61 -57.44
N THR A 89 -19.74 -7.92 -56.43
CA THR A 89 -18.30 -8.02 -56.63
C THR A 89 -17.95 -9.26 -57.44
N LEU A 90 -18.67 -10.37 -57.22
CA LEU A 90 -18.45 -11.56 -58.03
C LEU A 90 -18.87 -11.32 -59.48
N ALA A 91 -19.95 -10.56 -59.69
CA ALA A 91 -20.35 -10.22 -61.05
C ALA A 91 -19.31 -9.35 -61.74
N ALA A 92 -18.64 -8.47 -60.98
CA ALA A 92 -17.58 -7.65 -61.56
C ALA A 92 -16.41 -8.52 -62.02
N VAL A 93 -16.09 -9.57 -61.26
CA VAL A 93 -15.01 -10.46 -61.67
C VAL A 93 -15.38 -11.20 -62.95
N GLU A 94 -16.65 -11.61 -63.07
CA GLU A 94 -17.10 -12.24 -64.31
C GLU A 94 -16.95 -11.28 -65.49
N ALA A 95 -17.45 -10.05 -65.35
CA ALA A 95 -17.34 -9.07 -66.43
C ALA A 95 -15.89 -8.77 -66.78
N ILE A 96 -14.99 -8.81 -65.79
CA ILE A 96 -13.58 -8.57 -66.05
C ILE A 96 -12.95 -9.77 -66.76
N SER A 97 -13.33 -10.99 -66.34
CA SER A 97 -12.83 -12.19 -67.01
C SER A 97 -13.33 -12.26 -68.45
N ILE A 98 -14.57 -11.82 -68.69
CA ILE A 98 -15.12 -11.85 -70.04
C ILE A 98 -14.36 -10.89 -70.95
N ALA A 99 -14.00 -9.72 -70.45
CA ALA A 99 -13.28 -8.72 -71.23
C ALA A 99 -11.81 -9.04 -71.41
N GLY A 100 -11.36 -10.23 -71.01
CA GLY A 100 -9.97 -10.59 -71.14
C GLY A 100 -9.07 -10.09 -70.03
N GLY A 101 -9.65 -9.71 -68.88
CA GLY A 101 -8.88 -9.18 -67.79
C GLY A 101 -8.50 -10.23 -66.76
N ARG A 102 -7.83 -9.77 -65.71
CA ARG A 102 -7.37 -10.63 -64.62
C ARG A 102 -7.75 -9.94 -63.31
N ALA A 103 -8.69 -10.54 -62.58
CA ALA A 103 -9.27 -9.92 -61.40
C ALA A 103 -8.86 -10.67 -60.15
N VAL A 104 -8.42 -9.92 -59.13
CA VAL A 104 -8.37 -10.40 -57.76
C VAL A 104 -9.29 -9.51 -56.93
N VAL A 105 -9.75 -10.03 -55.81
CA VAL A 105 -10.68 -9.31 -54.94
C VAL A 105 -9.94 -8.88 -53.68
N MET A 106 -10.08 -7.60 -53.34
CA MET A 106 -9.58 -7.06 -52.08
C MET A 106 -10.76 -6.81 -51.16
N THR A 107 -10.70 -7.37 -49.95
CA THR A 107 -11.84 -7.33 -49.05
C THR A 107 -11.38 -7.47 -47.62
N TYR A 108 -12.12 -6.83 -46.71
CA TYR A 108 -11.99 -7.13 -45.30
C TYR A 108 -12.59 -8.49 -45.02
N TRP A 109 -12.18 -9.10 -43.91
CA TRP A 109 -12.41 -10.53 -43.75
C TRP A 109 -13.85 -10.87 -43.37
N ASN A 110 -14.56 -9.99 -42.67
CA ASN A 110 -15.89 -10.33 -42.21
C ASN A 110 -16.87 -10.65 -43.33
N PRO A 111 -16.96 -9.89 -44.41
CA PRO A 111 -17.84 -10.32 -45.52
C PRO A 111 -17.51 -11.70 -46.05
N VAL A 112 -16.24 -12.11 -45.99
CA VAL A 112 -15.88 -13.46 -46.40
C VAL A 112 -16.39 -14.49 -45.40
N LEU A 113 -16.29 -14.18 -44.10
CA LEU A 113 -16.81 -15.08 -43.08
C LEU A 113 -18.33 -15.22 -43.19
N ARG A 114 -19.02 -14.09 -43.37
CA ARG A 114 -20.48 -14.13 -43.49
C ARG A 114 -20.90 -14.91 -44.73
N TYR A 115 -20.17 -14.75 -45.82
CA TYR A 115 -20.44 -15.50 -47.04
C TYR A 115 -20.11 -16.98 -46.86
N GLY A 116 -19.09 -17.28 -46.07
CA GLY A 116 -18.53 -18.62 -45.98
C GLY A 116 -17.19 -18.67 -46.70
N VAL A 117 -16.12 -18.93 -45.94
CA VAL A 117 -14.77 -18.83 -46.50
C VAL A 117 -14.61 -19.77 -47.68
N ASP A 118 -15.04 -21.02 -47.51
CA ASP A 118 -14.93 -22.00 -48.60
C ASP A 118 -15.85 -21.61 -49.76
N ALA A 119 -17.10 -21.27 -49.47
CA ALA A 119 -18.05 -20.96 -50.52
C ALA A 119 -17.61 -19.74 -51.34
N PHE A 120 -17.02 -18.75 -50.66
CA PHE A 120 -16.59 -17.56 -51.38
C PHE A 120 -15.38 -17.86 -52.27
N ALA A 121 -14.46 -18.70 -51.79
CA ALA A 121 -13.33 -19.10 -52.63
C ALA A 121 -13.81 -19.92 -53.83
N ARG A 122 -14.80 -20.78 -53.60
CA ARG A 122 -15.35 -21.58 -54.70
C ARG A 122 -16.00 -20.70 -55.75
N ASP A 123 -16.85 -19.76 -55.32
CA ASP A 123 -17.55 -18.91 -56.26
C ASP A 123 -16.62 -17.89 -56.90
N LEU A 124 -15.58 -17.46 -56.19
CA LEU A 124 -14.63 -16.51 -56.77
C LEU A 124 -13.83 -17.16 -57.89
N ALA A 125 -13.31 -18.37 -57.65
CA ALA A 125 -12.58 -19.07 -58.68
C ALA A 125 -13.48 -19.44 -59.86
N ALA A 126 -14.75 -19.74 -59.58
CA ALA A 126 -15.68 -20.06 -60.65
C ALA A 126 -15.92 -18.85 -61.55
N ALA A 127 -15.98 -17.65 -60.96
CA ALA A 127 -16.17 -16.42 -61.73
C ALA A 127 -14.94 -15.99 -62.49
N GLY A 128 -13.84 -16.74 -62.43
CA GLY A 128 -12.61 -16.35 -63.07
C GLY A 128 -11.64 -15.60 -62.18
N GLY A 129 -11.94 -15.47 -60.89
CA GLY A 129 -11.03 -14.78 -59.99
C GLY A 129 -9.72 -15.53 -59.82
N LEU A 130 -8.66 -14.77 -59.57
CA LEU A 130 -7.32 -15.33 -59.48
C LEU A 130 -6.73 -15.30 -58.08
N GLY A 131 -7.25 -14.47 -57.18
CA GLY A 131 -6.68 -14.37 -55.87
C GLY A 131 -7.49 -13.46 -54.98
N LEU A 132 -7.01 -13.33 -53.74
CA LEU A 132 -7.69 -12.55 -52.71
C LEU A 132 -6.65 -11.74 -51.94
N ILE A 133 -6.91 -10.45 -51.81
CA ILE A 133 -6.08 -9.55 -51.01
C ILE A 133 -6.80 -9.32 -49.69
N THR A 134 -6.13 -9.63 -48.58
CA THR A 134 -6.73 -9.61 -47.25
C THR A 134 -6.00 -8.63 -46.35
N PRO A 135 -6.39 -7.36 -46.35
CA PRO A 135 -5.65 -6.35 -45.57
C PRO A 135 -5.81 -6.47 -44.06
N ASP A 136 -6.89 -7.07 -43.57
CA ASP A 136 -7.08 -7.25 -42.14
C ASP A 136 -7.01 -8.71 -41.72
N LEU A 137 -6.62 -9.61 -42.61
CA LEU A 137 -6.38 -11.01 -42.28
C LEU A 137 -4.88 -11.27 -42.32
N ILE A 138 -4.31 -11.65 -41.18
CA ILE A 138 -2.90 -11.99 -41.09
C ILE A 138 -2.76 -13.50 -41.20
N PRO A 139 -1.59 -14.03 -41.55
CA PRO A 139 -1.45 -15.50 -41.61
C PRO A 139 -1.76 -16.21 -40.31
N ASP A 140 -1.64 -15.52 -39.16
CA ASP A 140 -1.93 -16.15 -37.88
C ASP A 140 -3.38 -16.61 -37.77
N GLU A 141 -4.28 -15.97 -38.52
CA GLU A 141 -5.71 -16.28 -38.46
C GLU A 141 -6.24 -16.89 -39.75
N ALA A 142 -5.35 -17.21 -40.70
CA ALA A 142 -5.76 -17.60 -42.05
C ALA A 142 -5.79 -19.11 -42.23
N GLN A 143 -6.18 -19.86 -41.20
CA GLN A 143 -6.22 -21.32 -41.32
C GLN A 143 -7.28 -21.75 -42.33
N GLN A 144 -8.52 -21.26 -42.17
CA GLN A 144 -9.58 -21.59 -43.14
C GLN A 144 -9.22 -21.09 -44.53
N TRP A 145 -8.67 -19.88 -44.62
CA TRP A 145 -8.39 -19.29 -45.92
C TRP A 145 -7.27 -20.05 -46.65
N LEU A 146 -6.24 -20.46 -45.91
CA LEU A 146 -5.17 -21.24 -46.54
C LEU A 146 -5.70 -22.55 -47.11
N ALA A 147 -6.72 -23.13 -46.49
CA ALA A 147 -7.29 -24.38 -47.01
C ALA A 147 -8.10 -24.12 -48.28
N ALA A 148 -8.99 -23.12 -48.25
CA ALA A 148 -9.77 -22.80 -49.42
C ALA A 148 -8.90 -22.29 -50.57
N SER A 149 -7.78 -21.64 -50.23
CA SER A 149 -6.87 -21.13 -51.26
C SER A 149 -6.24 -22.27 -52.05
N GLU A 150 -5.77 -23.31 -51.36
CA GLU A 150 -5.20 -24.46 -52.05
C GLU A 150 -6.28 -25.25 -52.79
N GLU A 151 -7.45 -25.39 -52.19
CA GLU A 151 -8.51 -26.20 -52.79
C GLU A 151 -8.98 -25.62 -54.11
N HIS A 152 -9.18 -24.30 -54.16
CA HIS A 152 -9.78 -23.66 -55.32
C HIS A 152 -8.77 -22.92 -56.19
N ARG A 153 -7.48 -23.11 -55.93
CA ARG A 153 -6.40 -22.58 -56.78
C ARG A 153 -6.47 -21.06 -56.88
N LEU A 154 -6.57 -20.40 -55.72
CA LEU A 154 -6.60 -18.95 -55.64
C LEU A 154 -5.33 -18.45 -54.97
N ASP A 155 -4.78 -17.36 -55.51
CA ASP A 155 -3.64 -16.73 -54.88
C ASP A 155 -4.06 -16.02 -53.59
N ARG A 156 -3.12 -15.88 -52.67
CA ARG A 156 -3.37 -15.23 -51.40
C ARG A 156 -2.31 -14.14 -51.20
N ILE A 157 -2.75 -12.89 -51.24
CA ILE A 157 -1.85 -11.75 -51.16
C ILE A 157 -2.02 -11.13 -49.78
N PHE A 158 -1.07 -11.41 -48.89
CA PHE A 158 -1.01 -10.76 -47.59
C PHE A 158 -0.20 -9.47 -47.71
N LEU A 159 -0.31 -8.64 -46.68
CA LEU A 159 0.36 -7.34 -46.65
C LEU A 159 1.54 -7.37 -45.69
N VAL A 160 2.59 -6.64 -46.05
CA VAL A 160 3.71 -6.36 -45.16
C VAL A 160 3.84 -4.85 -45.04
N ALA A 161 4.38 -4.41 -43.91
CA ALA A 161 4.51 -3.00 -43.59
C ALA A 161 5.96 -2.68 -43.27
N PRO A 162 6.35 -1.40 -43.35
CA PRO A 162 7.72 -1.05 -42.95
C PRO A 162 8.07 -1.47 -41.53
N SER A 163 7.08 -1.54 -40.64
CA SER A 163 7.31 -1.91 -39.25
C SER A 163 7.35 -3.42 -39.03
N SER A 164 7.17 -4.22 -40.08
CA SER A 164 7.14 -5.67 -39.90
C SER A 164 8.46 -6.18 -39.34
N THR A 165 8.37 -6.97 -38.28
CA THR A 165 9.54 -7.62 -37.72
C THR A 165 10.09 -8.63 -38.71
N PRO A 166 11.38 -8.96 -38.61
CA PRO A 166 11.93 -9.98 -39.51
C PRO A 166 11.20 -11.31 -39.44
N GLU A 167 10.75 -11.71 -38.24
CA GLU A 167 10.02 -12.96 -38.11
C GLU A 167 8.68 -12.91 -38.82
N ARG A 168 7.94 -11.80 -38.66
CA ARG A 168 6.62 -11.70 -39.26
C ARG A 168 6.69 -11.47 -40.77
N LEU A 169 7.68 -10.71 -41.24
CA LEU A 169 7.81 -10.49 -42.67
C LEU A 169 8.13 -11.79 -43.40
N ALA A 170 9.03 -12.59 -42.85
CA ALA A 170 9.34 -13.89 -43.45
C ALA A 170 8.12 -14.80 -43.43
N ALA A 171 7.38 -14.82 -42.31
CA ALA A 171 6.21 -15.67 -42.22
C ALA A 171 5.08 -15.19 -43.13
N THR A 172 5.00 -13.87 -43.36
CA THR A 172 3.97 -13.36 -44.25
C THR A 172 4.30 -13.66 -45.71
N VAL A 173 5.58 -13.54 -46.08
CA VAL A 173 5.99 -13.86 -47.44
C VAL A 173 5.83 -15.35 -47.72
N GLU A 174 6.17 -16.19 -46.73
CA GLU A 174 6.02 -17.63 -46.89
C GLU A 174 4.56 -18.00 -47.14
N ALA A 175 3.63 -17.31 -46.49
CA ALA A 175 2.21 -17.62 -46.60
C ALA A 175 1.58 -17.08 -47.88
N SER A 176 2.26 -16.19 -48.60
CA SER A 176 1.66 -15.54 -49.76
C SER A 176 1.88 -16.35 -51.03
N ARG A 177 0.90 -16.28 -51.92
CA ARG A 177 0.98 -16.84 -53.27
C ARG A 177 0.56 -15.77 -54.26
N GLY A 178 1.31 -15.65 -55.35
CA GLY A 178 1.03 -14.64 -56.35
C GLY A 178 1.96 -13.45 -56.23
N PHE A 179 1.65 -12.52 -55.33
CA PHE A 179 2.56 -11.45 -54.99
C PHE A 179 2.32 -11.02 -53.56
N VAL A 180 3.25 -10.23 -53.03
CA VAL A 180 3.16 -9.68 -51.68
C VAL A 180 2.88 -8.19 -51.78
N TYR A 181 1.89 -7.72 -51.02
CA TYR A 181 1.48 -6.33 -51.03
C TYR A 181 2.37 -5.56 -50.06
N ALA A 182 3.21 -4.67 -50.59
CA ALA A 182 4.11 -3.86 -49.77
C ALA A 182 3.45 -2.49 -49.55
N ALA A 183 2.55 -2.47 -48.57
CA ALA A 183 1.82 -1.24 -48.24
C ALA A 183 2.68 -0.31 -47.41
N SER A 184 2.55 0.99 -47.67
CA SER A 184 3.30 1.99 -46.92
C SER A 184 2.41 3.15 -46.50
N SER A 196 10.69 9.64 -49.66
CA SER A 196 10.85 8.70 -48.56
C SER A 196 11.34 7.35 -49.08
N GLN A 197 12.32 6.77 -48.38
CA GLN A 197 12.97 5.54 -48.81
C GLN A 197 12.41 4.30 -48.12
N ALA A 198 11.21 4.39 -47.55
CA ALA A 198 10.64 3.26 -46.84
C ALA A 198 10.23 2.15 -47.79
N ALA A 199 9.66 2.52 -48.95
CA ALA A 199 9.14 1.50 -49.87
C ALA A 199 10.26 0.67 -50.50
N PRO A 200 11.32 1.23 -51.08
CA PRO A 200 12.38 0.37 -51.63
C PRO A 200 13.07 -0.48 -50.58
N GLU A 201 13.19 0.02 -49.36
CA GLU A 201 13.78 -0.79 -48.29
C GLU A 201 12.87 -1.97 -47.94
N LEU A 202 11.55 -1.75 -47.98
CA LEU A 202 10.63 -2.85 -47.69
C LEU A 202 10.65 -3.90 -48.79
N VAL A 203 10.78 -3.47 -50.05
CA VAL A 203 10.91 -4.42 -51.14
C VAL A 203 12.22 -5.18 -51.03
N GLY A 204 13.29 -4.50 -50.62
CA GLY A 204 14.58 -5.16 -50.46
C GLY A 204 14.57 -6.21 -49.37
N ARG A 205 13.77 -6.00 -48.32
CA ARG A 205 13.68 -6.99 -47.26
C ARG A 205 12.91 -8.23 -47.70
N VAL A 206 11.89 -8.05 -48.55
CA VAL A 206 11.13 -9.20 -49.04
C VAL A 206 11.98 -10.04 -49.98
N LYS A 207 12.83 -9.39 -50.78
CA LYS A 207 13.63 -10.12 -51.76
C LYS A 207 14.86 -10.77 -51.15
N ALA A 208 15.26 -10.36 -49.94
CA ALA A 208 16.35 -11.03 -49.25
C ALA A 208 15.95 -12.43 -48.76
N VAL A 209 14.66 -12.77 -48.82
CA VAL A 209 14.19 -14.03 -48.25
C VAL A 209 13.36 -14.82 -49.25
N SER A 210 12.99 -14.20 -50.37
CA SER A 210 12.11 -14.89 -51.32
C SER A 210 12.15 -14.21 -52.68
N ASP A 211 11.75 -14.99 -53.69
CA ASP A 211 11.68 -14.52 -55.08
C ASP A 211 10.27 -14.12 -55.50
N ILE A 212 9.31 -14.13 -54.58
CA ILE A 212 7.92 -13.87 -54.95
C ILE A 212 7.80 -12.43 -55.47
N PRO A 213 6.96 -12.17 -56.47
CA PRO A 213 6.76 -10.78 -56.90
C PRO A 213 6.25 -9.90 -55.77
N VAL A 214 6.56 -8.62 -55.84
CA VAL A 214 6.21 -7.65 -54.81
C VAL A 214 5.47 -6.49 -55.48
N GLY A 215 4.26 -6.21 -55.01
CA GLY A 215 3.52 -5.03 -55.44
C GLY A 215 3.65 -3.94 -54.39
N VAL A 216 3.70 -2.69 -54.85
CA VAL A 216 3.93 -1.53 -54.00
C VAL A 216 2.77 -0.56 -54.16
N GLY A 217 2.11 -0.26 -53.06
CA GLY A 217 1.15 0.82 -52.99
C GLY A 217 1.78 1.99 -52.25
N LEU A 218 1.67 3.18 -52.85
CA LEU A 218 2.41 4.33 -52.35
C LEU A 218 1.67 5.64 -52.63
N GLY A 219 0.34 5.58 -52.76
CA GLY A 219 -0.41 6.77 -53.14
C GLY A 219 -0.02 7.29 -54.51
N VAL A 220 0.20 6.38 -55.45
CA VAL A 220 0.62 6.77 -56.79
C VAL A 220 -0.51 7.50 -57.50
N ARG A 221 -0.16 8.61 -58.16
CA ARG A 221 -1.13 9.40 -58.88
C ARG A 221 -0.59 10.01 -60.17
N SER A 222 0.65 9.74 -60.55
CA SER A 222 1.23 10.29 -61.76
C SER A 222 2.10 9.25 -62.43
N ARG A 223 2.35 9.46 -63.72
CA ARG A 223 3.23 8.54 -64.46
C ARG A 223 4.64 8.53 -63.88
N ALA A 224 5.10 9.69 -63.39
CA ALA A 224 6.46 9.79 -62.87
C ALA A 224 6.66 8.87 -61.66
N GLN A 225 5.70 8.88 -60.73
CA GLN A 225 5.82 8.02 -59.56
C GLN A 225 5.71 6.55 -59.93
N ALA A 226 4.87 6.22 -60.92
CA ALA A 226 4.76 4.83 -61.37
C ALA A 226 6.08 4.34 -61.97
N ALA A 227 6.86 5.24 -62.56
CA ALA A 227 8.18 4.86 -63.07
C ALA A 227 9.19 4.72 -61.95
N GLN A 228 9.08 5.54 -60.89
CA GLN A 228 9.98 5.39 -59.75
C GLN A 228 9.84 4.02 -59.12
N ILE A 229 8.60 3.54 -58.95
CA ILE A 229 8.36 2.27 -58.28
C ILE A 229 8.75 1.10 -59.19
N ALA A 230 8.53 1.23 -60.50
CA ALA A 230 8.85 0.15 -61.42
C ALA A 230 10.33 -0.19 -61.44
N GLN A 231 11.19 0.67 -60.90
CA GLN A 231 12.62 0.37 -60.86
C GLN A 231 12.93 -0.84 -60.00
N TYR A 232 12.32 -0.89 -58.79
CA TYR A 232 12.61 -1.96 -57.84
C TYR A 232 11.46 -2.94 -57.64
N ALA A 233 10.22 -2.55 -57.94
CA ALA A 233 9.07 -3.38 -57.66
C ALA A 233 8.65 -4.20 -58.87
N ASP A 234 8.05 -5.35 -58.59
CA ASP A 234 7.51 -6.20 -59.65
C ASP A 234 6.14 -5.74 -60.13
N GLY A 235 5.44 -4.94 -59.34
CA GLY A 235 4.14 -4.43 -59.72
C GLY A 235 3.86 -3.12 -59.03
N VAL A 236 3.10 -2.27 -59.71
CA VAL A 236 2.71 -0.96 -59.20
C VAL A 236 1.21 -0.97 -58.92
N ILE A 237 0.83 -0.61 -57.70
CA ILE A 237 -0.56 -0.66 -57.26
C ILE A 237 -1.08 0.77 -57.18
N VAL A 238 -2.19 1.04 -57.85
CA VAL A 238 -2.83 2.35 -57.86
C VAL A 238 -4.30 2.17 -57.51
N GLY A 239 -4.80 3.00 -56.61
CA GLY A 239 -6.19 2.89 -56.17
C GLY A 239 -6.88 4.22 -55.94
N SER A 240 -6.32 5.05 -55.05
CA SER A 240 -6.96 6.32 -54.73
C SER A 240 -7.04 7.22 -55.95
N ALA A 241 -5.98 7.27 -56.76
CA ALA A 241 -5.98 8.13 -57.94
C ALA A 241 -6.99 7.67 -58.97
N LEU A 242 -7.23 6.35 -59.06
CA LEU A 242 -8.22 5.84 -60.01
C LEU A 242 -9.64 6.25 -59.60
N VAL A 243 -9.93 6.22 -58.31
CA VAL A 243 -11.24 6.63 -57.83
C VAL A 243 -11.47 8.10 -58.10
N THR A 244 -10.47 8.94 -57.79
CA THR A 244 -10.60 10.37 -58.03
C THR A 244 -10.76 10.66 -59.51
N ALA A 245 -10.10 9.89 -60.37
CA ALA A 245 -10.26 10.07 -61.82
C ALA A 245 -11.64 9.61 -62.28
N LEU A 246 -12.13 8.50 -61.71
CA LEU A 246 -13.46 8.01 -62.08
C LEU A 246 -14.53 9.01 -61.67
N THR A 247 -14.35 9.67 -60.53
CA THR A 247 -15.33 10.67 -60.09
C THR A 247 -15.46 11.79 -61.11
N GLU A 248 -14.35 12.20 -61.72
CA GLU A 248 -14.42 13.23 -62.76
C GLU A 248 -15.11 12.70 -64.01
N GLY A 249 -14.76 11.49 -64.44
CA GLY A 249 -15.39 10.92 -65.61
C GLY A 249 -14.67 9.70 -66.15
N LEU A 250 -15.40 8.85 -66.87
CA LEU A 250 -14.80 7.68 -67.49
C LEU A 250 -13.67 8.04 -68.47
N PRO A 251 -13.75 9.10 -69.28
CA PRO A 251 -12.60 9.45 -70.13
C PRO A 251 -11.37 9.84 -69.32
N ARG A 252 -11.55 10.55 -68.20
CA ARG A 252 -10.42 10.91 -67.36
C ARG A 252 -9.73 9.68 -66.80
N LEU A 253 -10.51 8.64 -66.46
CA LEU A 253 -9.91 7.40 -65.99
C LEU A 253 -9.08 6.74 -67.08
N ARG A 254 -9.59 6.73 -68.32
N ARG A 254 -9.59 6.73 -68.32
CA ARG A 254 -8.86 6.14 -69.43
CA ARG A 254 -8.84 6.13 -69.42
C ARG A 254 -7.53 6.85 -69.65
C ARG A 254 -7.52 6.85 -69.65
N ALA A 255 -7.51 8.18 -69.51
CA ALA A 255 -6.29 8.93 -69.72
C ALA A 255 -5.26 8.63 -68.64
N LEU A 256 -5.68 8.65 -67.37
CA LEU A 256 -4.76 8.39 -66.27
C LEU A 256 -4.18 6.99 -66.34
N THR A 257 -5.03 5.99 -66.60
CA THR A 257 -4.55 4.62 -66.70
C THR A 257 -3.54 4.47 -67.83
N GLY A 258 -3.75 5.18 -68.94
CA GLY A 258 -2.78 5.14 -70.02
C GLY A 258 -1.43 5.70 -69.62
N GLU A 259 -1.45 6.82 -68.88
CA GLU A 259 -0.18 7.40 -68.42
C GLU A 259 0.52 6.46 -67.44
N LEU A 260 -0.24 5.78 -66.58
CA LEU A 260 0.37 4.84 -65.65
C LEU A 260 0.90 3.61 -66.37
N ALA A 261 0.22 3.17 -67.42
CA ALA A 261 0.72 2.04 -68.20
C ALA A 261 2.03 2.39 -68.89
N ALA A 262 2.26 3.66 -69.19
CA ALA A 262 3.53 4.08 -69.75
C ALA A 262 4.61 4.15 -68.69
N GLY A 263 4.24 4.55 -67.46
CA GLY A 263 5.22 4.68 -66.40
C GLY A 263 5.82 3.36 -65.97
N VAL A 264 5.02 2.30 -65.94
CA VAL A 264 5.51 0.99 -65.52
C VAL A 264 6.47 0.38 -66.52
N ARG A 265 6.63 0.97 -67.70
CA ARG A 265 7.51 0.46 -68.73
C ARG A 265 8.83 1.23 -68.73
N LEU A 266 9.92 0.52 -69.03
CA LEU A 266 11.26 1.09 -68.98
C LEU A 266 12.05 0.96 -70.28
N GLY A 267 11.71 0.01 -71.15
CA GLY A 267 12.43 -0.18 -72.39
C GLY A 267 12.36 -1.59 -72.92
N ILE B 5 -0.46 -13.03 -3.43
CA ILE B 5 0.18 -13.10 -4.74
C ILE B 5 -0.69 -12.50 -5.83
N ALA B 6 -0.44 -12.92 -7.07
CA ALA B 6 -1.15 -12.41 -8.24
C ALA B 6 -2.11 -13.45 -8.79
N GLU B 7 -3.07 -12.98 -9.58
CA GLU B 7 -4.24 -13.75 -10.02
C GLU B 7 -3.88 -14.93 -10.91
N PRO B 8 -4.87 -15.63 -11.45
CA PRO B 8 -4.63 -16.94 -12.08
C PRO B 8 -4.48 -16.90 -13.59
N THR B 9 -4.72 -18.06 -14.21
CA THR B 9 -4.63 -18.21 -15.66
C THR B 9 -5.62 -19.27 -16.15
N SER B 10 -6.60 -19.64 -15.32
CA SER B 10 -7.47 -20.77 -15.65
C SER B 10 -8.36 -20.47 -16.85
N HIS B 11 -8.81 -19.23 -16.99
CA HIS B 11 -9.76 -18.87 -18.04
C HIS B 11 -9.13 -18.02 -19.15
N ASP B 12 -7.81 -17.93 -19.18
CA ASP B 12 -7.11 -17.12 -20.15
C ASP B 12 -7.15 -17.75 -21.54
N PRO B 13 -6.98 -16.95 -22.59
CA PRO B 13 -6.90 -17.51 -23.94
C PRO B 13 -5.49 -18.06 -24.21
N ASP B 14 -5.31 -18.59 -25.42
CA ASP B 14 -4.01 -19.11 -25.80
C ASP B 14 -3.08 -17.96 -26.18
N SER B 15 -1.86 -18.31 -26.58
CA SER B 15 -0.87 -17.30 -26.96
C SER B 15 -1.35 -16.41 -28.10
N GLY B 16 -2.27 -16.90 -28.93
CA GLY B 16 -2.82 -16.11 -30.01
C GLY B 16 -4.05 -15.30 -29.66
N GLY B 17 -4.55 -15.43 -28.43
CA GLY B 17 -5.70 -14.67 -27.98
C GLY B 17 -7.03 -15.32 -28.24
N HIS B 18 -7.07 -16.64 -28.44
CA HIS B 18 -8.30 -17.35 -28.78
C HIS B 18 -8.89 -18.00 -27.53
N PHE B 19 -10.20 -17.83 -27.36
CA PHE B 19 -10.95 -18.47 -26.28
C PHE B 19 -11.65 -19.72 -26.80
N GLY B 20 -11.39 -20.86 -26.16
CA GLY B 20 -12.10 -22.08 -26.46
C GLY B 20 -11.76 -22.71 -27.80
N GLY B 21 -10.48 -22.86 -28.11
CA GLY B 21 -10.05 -23.43 -29.36
C GLY B 21 -9.13 -22.49 -30.12
N PRO B 22 -8.13 -23.06 -30.79
CA PRO B 22 -7.14 -22.23 -31.51
C PRO B 22 -7.69 -21.46 -32.69
N SER B 23 -8.98 -21.64 -33.04
CA SER B 23 -9.63 -20.86 -34.07
C SER B 23 -10.97 -20.32 -33.59
N GLY B 24 -11.12 -20.17 -32.27
CA GLY B 24 -12.36 -19.72 -31.69
C GLY B 24 -12.42 -18.23 -31.46
N TRP B 25 -13.08 -17.83 -30.36
CA TRP B 25 -13.33 -16.42 -30.11
C TRP B 25 -12.03 -15.68 -29.77
N GLY B 26 -11.97 -14.42 -30.16
CA GLY B 26 -10.83 -13.58 -29.85
C GLY B 26 -9.93 -13.40 -31.06
N GLY B 27 -8.65 -13.71 -30.89
CA GLY B 27 -7.70 -13.61 -31.98
C GLY B 27 -7.25 -12.18 -32.24
N ARG B 28 -6.68 -12.00 -33.44
CA ARG B 28 -6.17 -10.69 -33.87
C ARG B 28 -6.58 -10.51 -35.33
N TYR B 29 -7.68 -9.81 -35.55
CA TYR B 29 -8.12 -9.46 -36.91
C TYR B 29 -7.72 -8.02 -37.14
N VAL B 30 -6.42 -7.84 -37.37
CA VAL B 30 -5.80 -6.51 -37.51
C VAL B 30 -4.92 -6.54 -38.74
N PRO B 31 -4.58 -5.37 -39.28
CA PRO B 31 -3.60 -5.34 -40.38
C PRO B 31 -2.20 -5.66 -39.88
N GLU B 32 -1.34 -6.04 -40.83
CA GLU B 32 0.05 -6.32 -40.49
C GLU B 32 0.76 -5.08 -39.97
N ALA B 33 0.29 -3.89 -40.37
CA ALA B 33 0.93 -2.65 -39.96
C ALA B 33 0.83 -2.40 -38.46
N LEU B 34 -0.11 -3.04 -37.77
CA LEU B 34 -0.25 -2.90 -36.33
C LEU B 34 0.44 -4.00 -35.54
N MET B 35 0.88 -5.08 -36.20
CA MET B 35 1.36 -6.25 -35.46
C MET B 35 2.62 -5.96 -34.66
N ALA B 36 3.47 -5.04 -35.13
CA ALA B 36 4.69 -4.74 -34.39
C ALA B 36 4.39 -4.14 -33.02
N VAL B 37 3.48 -3.16 -32.98
CA VAL B 37 3.15 -2.54 -31.71
C VAL B 37 2.25 -3.44 -30.87
N ILE B 38 1.42 -4.27 -31.50
CA ILE B 38 0.56 -5.19 -30.75
C ILE B 38 1.40 -6.24 -30.04
N GLU B 39 2.40 -6.80 -30.73
CA GLU B 39 3.30 -7.74 -30.08
C GLU B 39 4.13 -7.07 -29.00
N GLU B 40 4.46 -5.78 -29.19
CA GLU B 40 5.22 -5.07 -28.17
C GLU B 40 4.39 -4.85 -26.91
N VAL B 41 3.12 -4.46 -27.07
CA VAL B 41 2.24 -4.31 -25.91
C VAL B 41 2.02 -5.66 -25.25
N THR B 42 1.85 -6.71 -26.05
CA THR B 42 1.65 -8.05 -25.49
C THR B 42 2.86 -8.50 -24.69
N ALA B 43 4.06 -8.28 -25.22
CA ALA B 43 5.27 -8.64 -24.48
C ALA B 43 5.41 -7.79 -23.21
N ALA B 44 5.10 -6.49 -23.31
CA ALA B 44 5.22 -5.63 -22.14
C ALA B 44 4.23 -6.04 -21.05
N TYR B 45 3.03 -6.44 -21.44
CA TYR B 45 2.03 -6.79 -20.44
C TYR B 45 2.34 -8.14 -19.79
N GLN B 46 2.78 -9.12 -20.59
CA GLN B 46 3.19 -10.40 -20.02
C GLN B 46 4.30 -10.23 -19.00
N LYS B 47 5.20 -9.26 -19.24
CA LYS B 47 6.30 -9.01 -18.33
C LYS B 47 5.80 -8.35 -17.04
N GLU B 48 4.97 -7.32 -17.17
CA GLU B 48 4.59 -6.53 -16.00
C GLU B 48 3.49 -7.19 -15.18
N ARG B 49 2.64 -8.02 -15.79
CA ARG B 49 1.55 -8.64 -15.05
C ARG B 49 2.03 -9.55 -13.93
N VAL B 50 3.28 -10.03 -14.01
CA VAL B 50 3.87 -10.87 -12.97
C VAL B 50 4.93 -10.12 -12.19
N SER B 51 5.04 -8.81 -12.36
CA SER B 51 5.99 -8.00 -11.62
C SER B 51 5.31 -7.43 -10.38
N GLN B 52 5.81 -7.81 -9.20
N GLN B 52 5.82 -7.80 -9.20
CA GLN B 52 5.26 -7.27 -7.96
CA GLN B 52 5.26 -7.28 -7.97
C GLN B 52 5.42 -5.76 -7.90
C GLN B 52 5.42 -5.76 -7.88
N ASP B 53 6.55 -5.24 -8.39
CA ASP B 53 6.76 -3.80 -8.37
C ASP B 53 5.74 -3.08 -9.24
N PHE B 54 5.32 -3.70 -10.35
CA PHE B 54 4.25 -3.12 -11.15
C PHE B 54 2.92 -3.18 -10.41
N LEU B 55 2.56 -4.36 -9.90
CA LEU B 55 1.30 -4.49 -9.16
C LEU B 55 1.28 -3.59 -7.93
N ASP B 56 2.45 -3.36 -7.31
CA ASP B 56 2.51 -2.41 -6.20
C ASP B 56 2.18 -1.00 -6.66
N ASP B 57 2.75 -0.58 -7.79
CA ASP B 57 2.45 0.75 -8.32
C ASP B 57 0.96 0.90 -8.60
N LEU B 58 0.35 -0.13 -9.19
CA LEU B 58 -1.07 -0.06 -9.49
C LEU B 58 -1.91 -0.03 -8.22
N ASP B 59 -1.59 -0.92 -7.27
CA ASP B 59 -2.35 -0.97 -6.02
C ASP B 59 -2.22 0.34 -5.24
N ARG B 60 -1.04 0.97 -5.30
CA ARG B 60 -0.85 2.22 -4.60
C ARG B 60 -1.74 3.33 -5.16
N LEU B 61 -1.85 3.39 -6.49
CA LEU B 61 -2.77 4.36 -7.10
C LEU B 61 -4.22 3.99 -6.83
N GLN B 62 -4.54 2.70 -6.86
CA GLN B 62 -5.91 2.27 -6.62
C GLN B 62 -6.40 2.67 -5.22
N ALA B 63 -5.49 2.66 -4.24
CA ALA B 63 -5.90 2.95 -2.87
C ALA B 63 -5.92 4.44 -2.58
N ASN B 64 -4.77 5.11 -2.76
CA ASN B 64 -4.64 6.50 -2.36
C ASN B 64 -5.20 7.47 -3.38
N TYR B 65 -5.21 7.11 -4.67
CA TYR B 65 -5.63 8.00 -5.73
C TYR B 65 -7.05 7.72 -6.22
N ALA B 66 -7.36 6.46 -6.50
CA ALA B 66 -8.69 6.09 -6.99
C ALA B 66 -9.70 5.87 -5.88
N GLY B 67 -9.25 5.65 -4.64
CA GLY B 67 -10.18 5.50 -3.55
C GLY B 67 -10.73 4.10 -3.35
N ARG B 68 -10.04 3.07 -3.84
CA ARG B 68 -10.46 1.70 -3.63
C ARG B 68 -10.14 1.27 -2.20
N PRO B 69 -10.87 0.29 -1.66
CA PRO B 69 -11.97 -0.46 -2.28
C PRO B 69 -13.31 0.28 -2.29
N SER B 70 -14.09 0.07 -3.34
CA SER B 70 -15.42 0.65 -3.39
C SER B 70 -16.37 -0.16 -2.50
N PRO B 71 -17.29 0.50 -1.82
CA PRO B 71 -18.18 -0.22 -0.90
C PRO B 71 -19.23 -1.02 -1.66
N LEU B 72 -19.90 -1.89 -0.90
CA LEU B 72 -21.02 -2.69 -1.40
C LEU B 72 -22.23 -2.33 -0.56
N TYR B 73 -23.19 -1.61 -1.16
CA TYR B 73 -24.34 -1.09 -0.43
C TYR B 73 -25.58 -1.93 -0.75
N GLU B 74 -26.29 -2.35 0.30
CA GLU B 74 -27.56 -3.06 0.13
C GLU B 74 -28.67 -2.04 -0.01
N ALA B 75 -29.22 -1.91 -1.21
CA ALA B 75 -30.28 -0.95 -1.50
C ALA B 75 -31.61 -1.55 -1.04
N THR B 76 -31.88 -1.42 0.25
CA THR B 76 -33.04 -2.06 0.86
C THR B 76 -34.35 -1.53 0.28
N ARG B 77 -34.38 -0.27 -0.15
CA ARG B 77 -35.61 0.33 -0.63
C ARG B 77 -35.93 -0.05 -2.07
N LEU B 78 -35.07 -0.81 -2.75
CA LEU B 78 -35.39 -1.40 -4.04
C LEU B 78 -36.05 -2.76 -3.92
N SER B 79 -36.03 -3.36 -2.73
CA SER B 79 -36.44 -4.75 -2.58
C SER B 79 -37.86 -4.99 -3.08
N GLN B 80 -38.78 -4.07 -2.75
CA GLN B 80 -40.18 -4.26 -3.10
C GLN B 80 -40.39 -4.26 -4.62
N HIS B 81 -39.53 -3.60 -5.37
CA HIS B 81 -39.62 -3.58 -6.82
C HIS B 81 -38.86 -4.71 -7.48
N ALA B 82 -38.20 -5.56 -6.69
CA ALA B 82 -37.46 -6.71 -7.19
C ALA B 82 -37.93 -8.00 -6.54
N GLY B 83 -39.25 -8.14 -6.41
CA GLY B 83 -39.83 -9.35 -5.83
C GLY B 83 -39.34 -9.68 -4.44
N SER B 84 -39.06 -8.66 -3.64
CA SER B 84 -38.53 -8.81 -2.28
C SER B 84 -37.15 -9.46 -2.26
N ALA B 85 -36.43 -9.44 -3.38
CA ALA B 85 -35.04 -9.86 -3.38
C ALA B 85 -34.17 -8.74 -2.80
N ARG B 86 -32.91 -9.08 -2.50
CA ARG B 86 -31.99 -8.17 -1.85
C ARG B 86 -30.95 -7.71 -2.86
N ILE B 87 -31.02 -6.43 -3.23
CA ILE B 87 -30.14 -5.86 -4.24
C ILE B 87 -28.94 -5.23 -3.55
N PHE B 88 -27.74 -5.71 -3.90
CA PHE B 88 -26.48 -5.17 -3.40
C PHE B 88 -25.77 -4.45 -4.55
N LEU B 89 -25.39 -3.19 -4.30
CA LEU B 89 -24.80 -2.34 -5.33
C LEU B 89 -23.29 -2.26 -5.11
N LYS B 90 -22.52 -2.78 -6.06
CA LYS B 90 -21.08 -2.58 -6.08
C LYS B 90 -20.81 -1.15 -6.55
N ARG B 91 -20.39 -0.30 -5.61
CA ARG B 91 -20.42 1.15 -5.81
C ARG B 91 -19.19 1.65 -6.56
N GLU B 92 -19.06 1.19 -7.80
CA GLU B 92 -18.02 1.73 -8.68
C GLU B 92 -18.28 3.18 -9.05
N ASP B 93 -19.50 3.68 -8.82
CA ASP B 93 -19.83 5.07 -9.08
C ASP B 93 -19.03 6.03 -8.20
N LEU B 94 -18.44 5.53 -7.11
CA LEU B 94 -17.68 6.36 -6.19
C LEU B 94 -16.20 6.41 -6.51
N ASN B 95 -15.77 5.76 -7.59
CA ASN B 95 -14.37 5.83 -7.99
C ASN B 95 -14.03 7.24 -8.46
N HIS B 96 -12.73 7.55 -8.43
CA HIS B 96 -12.24 8.77 -9.05
C HIS B 96 -12.64 8.81 -10.51
N THR B 97 -13.10 9.98 -10.96
CA THR B 97 -13.67 10.24 -12.29
C THR B 97 -15.08 9.68 -12.43
N GLY B 98 -15.48 8.78 -11.53
CA GLY B 98 -16.87 8.41 -11.42
C GLY B 98 -17.32 7.18 -12.18
N SER B 99 -16.41 6.27 -12.53
CA SER B 99 -16.81 5.03 -13.17
C SER B 99 -15.72 3.99 -12.94
N HIS B 100 -15.98 2.77 -13.42
CA HIS B 100 -15.01 1.69 -13.36
C HIS B 100 -13.85 1.88 -14.33
N LYS B 101 -13.99 2.79 -15.31
CA LYS B 101 -12.97 2.94 -16.34
C LYS B 101 -11.60 3.25 -15.76
N ILE B 102 -11.55 3.87 -14.58
CA ILE B 102 -10.29 4.30 -14.01
C ILE B 102 -9.43 3.11 -13.63
N ASN B 103 -10.04 1.96 -13.33
CA ASN B 103 -9.27 0.76 -12.99
C ASN B 103 -8.40 0.34 -14.16
N ASN B 104 -9.01 0.20 -15.34
CA ASN B 104 -8.28 -0.24 -16.52
C ASN B 104 -7.28 0.82 -16.98
N VAL B 105 -7.67 2.10 -16.89
CA VAL B 105 -6.81 3.18 -17.38
C VAL B 105 -5.53 3.26 -16.55
N LEU B 106 -5.64 3.13 -15.23
CA LEU B 106 -4.46 3.20 -14.38
C LEU B 106 -3.46 2.11 -14.74
N GLY B 107 -3.94 0.89 -15.01
CA GLY B 107 -3.05 -0.18 -15.40
C GLY B 107 -2.36 0.09 -16.73
N GLN B 108 -3.13 0.53 -17.73
CA GLN B 108 -2.57 0.72 -19.06
C GLN B 108 -1.70 1.97 -19.13
N ALA B 109 -2.04 3.02 -18.38
CA ALA B 109 -1.18 4.20 -18.35
C ALA B 109 0.13 3.89 -17.66
N LEU B 110 0.10 3.13 -16.56
CA LEU B 110 1.33 2.65 -15.95
C LEU B 110 2.14 1.82 -16.94
N LEU B 111 1.47 0.95 -17.69
CA LEU B 111 2.16 0.15 -18.69
C LEU B 111 2.75 1.03 -19.78
N ALA B 112 2.01 2.06 -20.20
CA ALA B 112 2.50 2.94 -21.25
C ALA B 112 3.76 3.67 -20.82
N ARG B 113 3.85 4.04 -19.53
CA ARG B 113 5.07 4.62 -19.02
C ARG B 113 6.22 3.61 -19.04
N ARG B 114 5.92 2.36 -18.65
CA ARG B 114 6.96 1.33 -18.65
C ARG B 114 7.52 1.08 -20.05
N MET B 115 6.69 1.23 -21.08
CA MET B 115 7.11 1.02 -22.45
C MET B 115 7.82 2.23 -23.05
N GLY B 116 7.90 3.34 -22.32
CA GLY B 116 8.52 4.52 -22.87
C GLY B 116 7.67 5.27 -23.87
N LYS B 117 6.39 4.96 -23.97
CA LYS B 117 5.49 5.70 -24.83
C LYS B 117 5.26 7.10 -24.26
N THR B 118 5.15 8.08 -25.16
CA THR B 118 4.95 9.46 -24.76
C THR B 118 3.60 10.03 -25.19
N ARG B 119 2.86 9.33 -26.04
CA ARG B 119 1.58 9.79 -26.54
C ARG B 119 0.56 8.68 -26.31
N VAL B 120 -0.62 9.05 -25.82
CA VAL B 120 -1.68 8.09 -25.52
C VAL B 120 -2.94 8.53 -26.24
N ILE B 121 -3.51 7.62 -27.05
CA ILE B 121 -4.77 7.86 -27.71
C ILE B 121 -5.81 6.92 -27.14
N ALA B 122 -7.07 7.34 -27.21
CA ALA B 122 -8.16 6.51 -26.70
C ALA B 122 -9.46 6.96 -27.35
N GLU B 123 -10.37 6.01 -27.49
CA GLU B 123 -11.74 6.28 -27.90
C GLU B 123 -12.61 6.49 -26.66
N THR B 124 -13.78 7.07 -26.86
CA THR B 124 -14.75 7.15 -25.78
C THR B 124 -16.15 7.38 -26.35
N GLY B 125 -17.14 6.79 -25.69
CA GLY B 125 -18.52 6.96 -26.07
C GLY B 125 -19.28 7.79 -25.04
N ALA B 126 -19.36 7.29 -23.81
CA ALA B 126 -19.98 8.03 -22.74
C ALA B 126 -19.09 9.13 -22.19
N GLY B 127 -17.82 9.18 -22.59
CA GLY B 127 -16.88 10.16 -22.08
C GLY B 127 -16.18 9.74 -20.79
N GLN B 128 -16.62 8.65 -20.15
CA GLN B 128 -16.01 8.24 -18.89
C GLN B 128 -14.62 7.68 -19.11
N HIS B 129 -14.43 6.84 -20.12
CA HIS B 129 -13.09 6.33 -20.40
C HIS B 129 -12.16 7.44 -20.90
N GLY B 130 -12.70 8.37 -21.68
CA GLY B 130 -11.88 9.49 -22.13
C GLY B 130 -11.41 10.36 -20.99
N VAL B 131 -12.30 10.67 -20.05
CA VAL B 131 -11.91 11.44 -18.87
C VAL B 131 -10.89 10.68 -18.05
N ALA B 132 -11.11 9.37 -17.88
CA ALA B 132 -10.16 8.54 -17.13
C ALA B 132 -8.79 8.55 -17.79
N THR B 133 -8.74 8.39 -19.11
CA THR B 133 -7.48 8.43 -19.82
C THR B 133 -6.81 9.79 -19.69
N ALA B 134 -7.56 10.86 -19.93
CA ALA B 134 -7.01 12.21 -19.77
C ALA B 134 -6.53 12.43 -18.35
N THR B 135 -7.24 11.86 -17.37
CA THR B 135 -6.84 11.99 -15.98
C THR B 135 -5.49 11.33 -15.73
N ALA B 136 -5.32 10.10 -16.24
CA ALA B 136 -4.06 9.39 -16.01
C ALA B 136 -2.92 10.02 -16.79
N CYS B 137 -3.20 10.53 -18.00
CA CYS B 137 -2.14 11.14 -18.79
C CYS B 137 -1.66 12.44 -18.16
N ALA B 138 -2.56 13.20 -17.56
CA ALA B 138 -2.14 14.37 -16.79
C ALA B 138 -1.35 13.94 -15.56
N LEU B 139 -1.80 12.88 -14.89
CA LEU B 139 -1.13 12.39 -13.70
C LEU B 139 0.29 11.92 -14.00
N LEU B 140 0.49 11.29 -15.15
CA LEU B 140 1.77 10.69 -15.51
C LEU B 140 2.56 11.51 -16.52
N GLY B 141 2.07 12.69 -16.90
CA GLY B 141 2.80 13.54 -17.83
C GLY B 141 2.85 13.04 -19.25
N LEU B 142 1.74 12.49 -19.75
CA LEU B 142 1.66 11.96 -21.10
C LEU B 142 0.71 12.82 -21.93
N ASP B 143 1.04 12.99 -23.21
CA ASP B 143 0.13 13.68 -24.12
C ASP B 143 -1.05 12.78 -24.45
N CYS B 144 -2.23 13.38 -24.50
CA CYS B 144 -3.49 12.63 -24.58
C CYS B 144 -4.34 13.16 -25.71
N VAL B 145 -4.81 12.26 -26.56
CA VAL B 145 -5.72 12.58 -27.65
C VAL B 145 -6.89 11.60 -27.57
N ILE B 146 -8.11 12.13 -27.45
CA ILE B 146 -9.31 11.32 -27.29
C ILE B 146 -10.18 11.47 -28.53
N TYR B 147 -10.68 10.36 -29.05
CA TYR B 147 -11.58 10.34 -30.19
C TYR B 147 -12.99 10.01 -29.70
N MET B 148 -13.94 10.87 -30.04
CA MET B 148 -15.32 10.75 -29.55
C MET B 148 -16.28 11.03 -30.70
N GLY B 149 -17.34 10.23 -30.79
CA GLY B 149 -18.33 10.44 -31.82
C GLY B 149 -19.02 11.78 -31.70
N GLY B 150 -19.34 12.37 -32.85
CA GLY B 150 -19.94 13.71 -32.86
C GLY B 150 -21.26 13.76 -32.11
N ILE B 151 -22.09 12.73 -32.27
CA ILE B 151 -23.34 12.66 -31.52
C ILE B 151 -23.06 12.53 -30.02
N ASP B 152 -22.04 11.76 -29.66
CA ASP B 152 -21.72 11.55 -28.25
C ASP B 152 -21.20 12.83 -27.60
N THR B 153 -20.42 13.63 -28.35
CA THR B 153 -19.96 14.90 -27.81
C THR B 153 -21.11 15.85 -27.47
N ALA B 154 -22.28 15.65 -28.09
CA ALA B 154 -23.44 16.48 -27.82
C ALA B 154 -24.23 16.02 -26.60
N ARG B 155 -24.39 14.71 -26.42
CA ARG B 155 -25.19 14.20 -25.30
C ARG B 155 -24.35 13.88 -24.07
N GLN B 156 -23.03 13.94 -24.16
CA GLN B 156 -22.14 13.79 -23.01
C GLN B 156 -21.17 14.96 -22.95
N ALA B 157 -21.70 16.17 -23.12
CA ALA B 157 -20.87 17.37 -23.25
C ALA B 157 -20.10 17.68 -21.97
N LEU B 158 -20.61 17.25 -20.81
CA LEU B 158 -19.91 17.47 -19.56
C LEU B 158 -18.54 16.80 -19.57
N ASN B 159 -18.46 15.58 -20.10
CA ASN B 159 -17.19 14.88 -20.13
C ASN B 159 -16.24 15.46 -21.19
N VAL B 160 -16.78 16.09 -22.23
CA VAL B 160 -15.93 16.71 -23.25
C VAL B 160 -15.13 17.84 -22.61
N ALA B 161 -15.79 18.69 -21.82
CA ALA B 161 -15.10 19.81 -21.21
C ALA B 161 -14.15 19.35 -20.10
N ARG B 162 -14.52 18.29 -19.37
CA ARG B 162 -13.60 17.74 -18.38
C ARG B 162 -12.32 17.24 -19.04
N MET B 163 -12.45 16.57 -20.18
CA MET B 163 -11.26 16.10 -20.90
C MET B 163 -10.38 17.27 -21.34
N ARG B 164 -10.99 18.38 -21.75
CA ARG B 164 -10.22 19.53 -22.19
C ARG B 164 -9.53 20.23 -21.02
N LEU B 165 -10.19 20.27 -19.87
CA LEU B 165 -9.57 20.84 -18.67
C LEU B 165 -8.36 20.02 -18.22
N LEU B 166 -8.41 18.70 -18.43
CA LEU B 166 -7.29 17.84 -18.07
C LEU B 166 -6.14 17.94 -19.07
N GLY B 167 -6.30 18.69 -20.15
CA GLY B 167 -5.24 18.92 -21.09
C GLY B 167 -5.23 18.04 -22.32
N ALA B 168 -6.26 17.24 -22.52
CA ALA B 168 -6.32 16.33 -23.66
C ALA B 168 -6.99 17.00 -24.86
N GLU B 169 -6.59 16.56 -26.06
CA GLU B 169 -7.22 17.00 -27.29
C GLU B 169 -8.37 16.05 -27.61
N VAL B 170 -9.58 16.60 -27.71
CA VAL B 170 -10.77 15.82 -28.04
C VAL B 170 -11.08 16.03 -29.51
N VAL B 171 -11.18 14.93 -30.26
CA VAL B 171 -11.47 14.96 -31.68
C VAL B 171 -12.85 14.37 -31.89
N ALA B 172 -13.75 15.15 -32.47
CA ALA B 172 -15.11 14.69 -32.75
C ALA B 172 -15.12 13.91 -34.07
N VAL B 173 -15.58 12.67 -34.00
CA VAL B 173 -15.63 11.80 -35.18
C VAL B 173 -16.96 12.00 -35.89
N GLN B 174 -16.90 12.33 -37.18
CA GLN B 174 -18.09 12.59 -37.97
C GLN B 174 -18.44 11.45 -38.93
N THR B 175 -17.60 10.43 -39.02
CA THR B 175 -17.88 9.31 -39.92
C THR B 175 -18.91 8.37 -39.30
N GLY B 176 -19.52 7.56 -40.16
CA GLY B 176 -20.40 6.49 -39.70
C GLY B 176 -21.57 7.02 -38.90
N SER B 177 -21.90 6.29 -37.83
CA SER B 177 -23.01 6.64 -36.95
C SER B 177 -22.63 7.68 -35.90
N LYS B 178 -21.43 8.25 -35.97
CA LYS B 178 -20.97 9.29 -35.05
C LYS B 178 -21.06 8.86 -33.59
N THR B 179 -20.82 7.57 -33.32
CA THR B 179 -20.88 7.08 -31.95
C THR B 179 -19.64 6.24 -31.61
N LEU B 180 -19.78 5.27 -30.71
CA LEU B 180 -18.62 4.62 -30.13
C LEU B 180 -17.83 3.82 -31.17
N LYS B 181 -18.54 3.03 -32.00
CA LYS B 181 -17.84 2.22 -32.99
C LYS B 181 -17.06 3.08 -33.97
N ASP B 182 -17.52 4.31 -34.21
CA ASP B 182 -16.86 5.20 -35.15
C ASP B 182 -15.68 5.91 -34.52
N ALA B 183 -15.77 6.22 -33.22
CA ALA B 183 -14.61 6.73 -32.50
C ALA B 183 -13.51 5.68 -32.45
N ILE B 184 -13.88 4.41 -32.33
CA ILE B 184 -12.89 3.33 -32.32
C ILE B 184 -12.18 3.25 -33.66
N ASN B 185 -12.91 3.40 -34.77
CA ASN B 185 -12.29 3.35 -36.08
C ASN B 185 -11.26 4.47 -36.25
N GLU B 186 -11.60 5.69 -35.80
CA GLU B 186 -10.66 6.80 -35.94
C GLU B 186 -9.45 6.64 -35.03
N ALA B 187 -9.66 6.16 -33.80
CA ALA B 187 -8.54 5.86 -32.93
C ALA B 187 -7.65 4.79 -33.54
N PHE B 188 -8.24 3.82 -34.24
CA PHE B 188 -7.47 2.81 -34.95
C PHE B 188 -6.61 3.44 -36.04
N ARG B 189 -7.19 4.35 -36.82
CA ARG B 189 -6.42 5.02 -37.86
C ARG B 189 -5.25 5.78 -37.28
N ASP B 190 -5.44 6.39 -36.10
CA ASP B 190 -4.36 7.11 -35.44
C ASP B 190 -3.22 6.16 -35.06
N TRP B 191 -3.58 5.00 -34.50
CA TRP B 191 -2.55 4.07 -34.03
C TRP B 191 -1.74 3.51 -35.20
N VAL B 192 -2.40 3.24 -36.32
CA VAL B 192 -1.70 2.69 -37.50
C VAL B 192 -0.62 3.66 -37.97
N ALA B 193 -0.89 4.96 -37.88
CA ALA B 193 0.03 5.96 -38.36
C ALA B 193 1.08 6.38 -37.34
N ASN B 194 0.85 6.13 -36.05
CA ASN B 194 1.73 6.62 -35.00
C ASN B 194 2.14 5.51 -34.05
N ALA B 195 2.34 4.30 -34.57
CA ALA B 195 2.71 3.17 -33.72
C ALA B 195 4.09 3.32 -33.10
N ASP B 196 4.91 4.24 -33.58
CA ASP B 196 6.27 4.38 -33.05
C ASP B 196 6.28 4.89 -31.61
N ASN B 197 5.44 5.88 -31.32
CA ASN B 197 5.48 6.57 -30.03
C ASN B 197 4.17 6.52 -29.26
N THR B 198 3.07 6.07 -29.88
CA THR B 198 1.74 6.21 -29.30
C THR B 198 1.27 4.90 -28.69
N TYR B 199 0.70 4.98 -27.49
CA TYR B 199 0.04 3.85 -26.85
C TYR B 199 -1.47 4.02 -27.01
N TYR B 200 -2.15 2.94 -27.40
CA TYR B 200 -3.61 2.93 -27.53
C TYR B 200 -4.20 2.37 -26.24
N CYS B 201 -4.79 3.24 -25.44
CA CYS B 201 -5.41 2.86 -24.17
C CYS B 201 -6.88 2.52 -24.44
N PHE B 202 -7.12 1.26 -24.79
CA PHE B 202 -8.48 0.83 -25.14
C PHE B 202 -9.35 0.75 -23.90
N GLY B 203 -10.61 1.13 -24.05
CA GLY B 203 -11.49 1.34 -22.92
C GLY B 203 -12.43 0.21 -22.55
N THR B 204 -12.44 -0.89 -23.28
CA THR B 204 -13.37 -1.97 -22.97
C THR B 204 -12.70 -3.32 -23.25
N ALA B 205 -13.37 -4.38 -22.81
CA ALA B 205 -12.82 -5.73 -22.86
C ALA B 205 -13.00 -6.36 -24.24
N ALA B 206 -12.52 -5.67 -25.27
CA ALA B 206 -12.65 -6.14 -26.64
C ALA B 206 -11.35 -5.82 -27.37
N GLY B 207 -11.40 -5.87 -28.70
CA GLY B 207 -10.25 -5.58 -29.51
C GLY B 207 -9.37 -6.80 -29.73
N PRO B 208 -8.25 -6.62 -30.39
CA PRO B 208 -7.34 -7.75 -30.60
C PRO B 208 -6.60 -8.09 -29.31
N HIS B 209 -6.17 -9.35 -29.24
CA HIS B 209 -5.27 -9.77 -28.18
C HIS B 209 -4.11 -8.79 -28.08
N PRO B 210 -3.70 -8.37 -26.87
CA PRO B 210 -4.09 -8.86 -25.55
C PRO B 210 -5.17 -8.04 -24.84
N PHE B 211 -5.82 -7.10 -25.55
CA PHE B 211 -6.69 -6.15 -24.87
C PHE B 211 -7.90 -6.79 -24.20
N PRO B 212 -8.56 -7.80 -24.75
CA PRO B 212 -9.63 -8.46 -23.97
C PRO B 212 -9.16 -9.00 -22.63
N THR B 213 -7.97 -9.60 -22.60
CA THR B 213 -7.47 -10.18 -21.35
C THR B 213 -6.91 -9.10 -20.42
N MET B 214 -6.20 -8.13 -20.98
CA MET B 214 -5.57 -7.10 -20.15
C MET B 214 -6.61 -6.20 -19.49
N VAL B 215 -7.64 -5.79 -20.24
CA VAL B 215 -8.70 -4.98 -19.65
C VAL B 215 -9.42 -5.77 -18.56
N ARG B 216 -9.70 -7.05 -18.83
CA ARG B 216 -10.36 -7.89 -17.83
C ARG B 216 -9.51 -8.02 -16.57
N ASP B 217 -8.21 -8.21 -16.73
CA ASP B 217 -7.34 -8.36 -15.56
C ASP B 217 -7.32 -7.10 -14.71
N PHE B 218 -7.37 -5.93 -15.35
CA PHE B 218 -7.38 -4.68 -14.59
C PHE B 218 -8.73 -4.41 -13.94
N GLN B 219 -9.81 -5.00 -14.45
CA GLN B 219 -11.12 -4.86 -13.83
C GLN B 219 -11.45 -6.01 -12.89
N ARG B 220 -10.61 -7.05 -12.84
CA ARG B 220 -10.83 -8.18 -11.93
C ARG B 220 -11.03 -7.72 -10.50
N ILE B 221 -10.41 -6.60 -10.11
CA ILE B 221 -10.46 -6.14 -8.73
C ILE B 221 -11.89 -5.92 -8.25
N ILE B 222 -12.80 -5.60 -9.17
CA ILE B 222 -14.20 -5.38 -8.80
C ILE B 222 -14.79 -6.67 -8.23
N GLY B 223 -14.71 -7.75 -9.00
CA GLY B 223 -15.28 -9.01 -8.55
C GLY B 223 -14.59 -9.57 -7.33
N MET B 224 -13.26 -9.43 -7.26
N MET B 224 -13.27 -9.41 -7.24
CA MET B 224 -12.51 -9.90 -6.11
CA MET B 224 -12.53 -9.93 -6.09
C MET B 224 -13.01 -9.22 -4.83
C MET B 224 -12.94 -9.21 -4.81
N GLU B 225 -13.14 -7.89 -4.87
CA GLU B 225 -13.63 -7.16 -3.70
C GLU B 225 -15.06 -7.54 -3.38
N ALA B 226 -15.93 -7.58 -4.40
CA ALA B 226 -17.34 -7.86 -4.16
C ALA B 226 -17.55 -9.25 -3.59
N ARG B 227 -16.77 -10.23 -4.07
CA ARG B 227 -16.93 -11.60 -3.56
C ARG B 227 -16.61 -11.67 -2.07
N VAL B 228 -15.66 -10.86 -1.61
CA VAL B 228 -15.38 -10.79 -0.17
C VAL B 228 -16.49 -10.04 0.56
N GLN B 229 -16.90 -8.89 0.01
CA GLN B 229 -17.87 -8.04 0.68
C GLN B 229 -19.23 -8.73 0.81
N ILE B 230 -19.65 -9.45 -0.23
CA ILE B 230 -20.98 -10.04 -0.20
C ILE B 230 -21.05 -11.17 0.82
N GLN B 231 -19.95 -11.93 0.98
CA GLN B 231 -19.94 -12.98 1.99
C GLN B 231 -19.92 -12.39 3.39
N GLY B 232 -19.29 -11.23 3.56
CA GLY B 232 -19.26 -10.60 4.87
C GLY B 232 -20.59 -9.97 5.25
N GLN B 233 -21.30 -9.40 4.28
CA GLN B 233 -22.54 -8.68 4.57
C GLN B 233 -23.77 -9.58 4.52
N ALA B 234 -23.79 -10.56 3.61
CA ALA B 234 -24.94 -11.44 3.48
C ALA B 234 -24.70 -12.82 4.07
N GLY B 235 -23.45 -13.17 4.36
CA GLY B 235 -23.15 -14.45 4.97
C GLY B 235 -23.02 -15.61 4.01
N ARG B 236 -23.12 -15.37 2.71
CA ARG B 236 -23.03 -16.44 1.72
C ARG B 236 -22.73 -15.83 0.36
N LEU B 237 -22.32 -16.68 -0.58
CA LEU B 237 -22.18 -16.25 -1.96
C LEU B 237 -23.53 -15.82 -2.51
N PRO B 238 -23.56 -14.85 -3.42
CA PRO B 238 -24.83 -14.36 -3.93
C PRO B 238 -25.52 -15.39 -4.82
N ASP B 239 -26.82 -15.20 -4.99
CA ASP B 239 -27.57 -16.01 -5.95
C ASP B 239 -27.33 -15.58 -7.39
N ALA B 240 -26.87 -14.35 -7.59
CA ALA B 240 -26.63 -13.83 -8.93
C ALA B 240 -25.71 -12.62 -8.84
N VAL B 241 -24.95 -12.41 -9.92
CA VAL B 241 -24.16 -11.19 -10.12
C VAL B 241 -24.51 -10.66 -11.50
N VAL B 242 -24.94 -9.39 -11.56
CA VAL B 242 -25.41 -8.81 -12.80
C VAL B 242 -24.65 -7.52 -13.10
N ALA B 243 -24.56 -7.19 -14.38
CA ALA B 243 -23.92 -5.97 -14.83
C ALA B 243 -24.42 -5.66 -16.23
N CYS B 244 -24.30 -4.39 -16.61
CA CYS B 244 -24.59 -4.02 -17.99
C CYS B 244 -23.42 -4.40 -18.88
N VAL B 245 -23.69 -4.51 -20.18
CA VAL B 245 -22.72 -4.99 -21.15
C VAL B 245 -22.71 -4.05 -22.35
N GLY B 246 -21.63 -3.28 -22.48
CA GLY B 246 -21.34 -2.59 -23.72
C GLY B 246 -20.32 -3.38 -24.51
N GLY B 247 -19.04 -3.02 -24.38
CA GLY B 247 -17.99 -3.89 -24.84
C GLY B 247 -17.70 -5.00 -23.86
N GLY B 248 -17.96 -4.77 -22.58
CA GLY B 248 -17.95 -5.84 -21.59
C GLY B 248 -16.94 -5.73 -20.47
N SER B 249 -16.36 -4.54 -20.27
CA SER B 249 -15.29 -4.40 -19.29
C SER B 249 -15.82 -4.49 -17.86
N ASN B 250 -16.84 -3.69 -17.52
CA ASN B 250 -17.34 -3.72 -16.15
C ASN B 250 -18.01 -5.05 -15.81
N ALA B 251 -18.66 -5.68 -16.80
CA ALA B 251 -19.29 -6.97 -16.55
C ALA B 251 -18.26 -8.06 -16.30
N ILE B 252 -17.26 -8.17 -17.18
CA ILE B 252 -16.24 -9.20 -17.00
C ILE B 252 -15.44 -8.95 -15.74
N GLY B 253 -15.32 -7.68 -15.33
CA GLY B 253 -14.56 -7.37 -14.13
C GLY B 253 -15.20 -7.90 -12.87
N ILE B 254 -16.52 -7.82 -12.77
CA ILE B 254 -17.21 -8.32 -11.60
C ILE B 254 -17.58 -9.79 -11.74
N PHE B 255 -17.76 -10.29 -12.97
CA PHE B 255 -18.13 -11.68 -13.17
C PHE B 255 -16.99 -12.63 -12.80
N HIS B 256 -15.74 -12.21 -12.99
CA HIS B 256 -14.65 -13.17 -13.10
C HIS B 256 -14.42 -13.93 -11.80
N ALA B 257 -14.48 -13.24 -10.66
CA ALA B 257 -14.22 -13.89 -9.38
C ALA B 257 -15.26 -14.94 -9.05
N PHE B 258 -16.43 -14.91 -9.68
CA PHE B 258 -17.50 -15.84 -9.39
C PHE B 258 -17.62 -16.96 -10.43
N LEU B 259 -16.72 -17.01 -11.42
CA LEU B 259 -16.88 -17.96 -12.51
C LEU B 259 -16.89 -19.40 -12.02
N ASP B 260 -16.04 -19.72 -11.04
CA ASP B 260 -15.92 -21.08 -10.53
C ASP B 260 -16.88 -21.35 -9.37
N ASP B 261 -17.75 -20.41 -9.04
CA ASP B 261 -18.82 -20.64 -8.07
C ASP B 261 -20.05 -21.13 -8.81
N PRO B 262 -20.31 -22.45 -8.83
CA PRO B 262 -21.34 -22.97 -9.75
C PRO B 262 -22.76 -22.58 -9.37
N GLY B 263 -23.01 -22.18 -8.13
CA GLY B 263 -24.32 -21.74 -7.73
C GLY B 263 -24.62 -20.28 -7.95
N VAL B 264 -23.66 -19.52 -8.48
CA VAL B 264 -23.80 -18.09 -8.68
C VAL B 264 -24.14 -17.84 -10.14
N ARG B 265 -25.37 -17.41 -10.39
N ARG B 265 -25.37 -17.41 -10.41
CA ARG B 265 -25.80 -17.03 -11.73
CA ARG B 265 -25.75 -17.08 -11.77
C ARG B 265 -25.12 -15.73 -12.16
C ARG B 265 -25.18 -15.73 -12.17
N LEU B 266 -24.85 -15.61 -13.45
CA LEU B 266 -24.24 -14.41 -14.01
C LEU B 266 -25.10 -13.94 -15.17
N VAL B 267 -25.59 -12.70 -15.10
CA VAL B 267 -26.47 -12.15 -16.11
C VAL B 267 -25.91 -10.79 -16.55
N GLY B 268 -25.61 -10.66 -17.84
CA GLY B 268 -25.26 -9.38 -18.42
C GLY B 268 -26.45 -8.80 -19.17
N PHE B 269 -26.64 -7.49 -19.03
CA PHE B 269 -27.77 -6.81 -19.65
C PHE B 269 -27.28 -5.83 -20.69
N GLU B 270 -27.74 -6.00 -21.92
CA GLU B 270 -27.35 -5.17 -23.05
C GLU B 270 -28.48 -4.21 -23.42
N ALA B 271 -28.09 -3.12 -24.09
CA ALA B 271 -29.02 -2.04 -24.40
C ALA B 271 -29.92 -2.42 -25.57
N ALA B 272 -31.22 -2.38 -25.36
CA ALA B 272 -32.20 -2.72 -26.39
C ALA B 272 -32.84 -1.48 -27.03
N GLY B 273 -32.44 -0.28 -26.61
CA GLY B 273 -32.90 0.93 -27.28
C GLY B 273 -34.41 1.06 -27.30
N ASP B 274 -34.96 1.29 -28.50
CA ASP B 274 -36.41 1.36 -28.68
C ASP B 274 -37.06 -0.01 -28.65
N GLY B 275 -36.28 -1.08 -28.74
CA GLY B 275 -36.81 -2.43 -28.81
C GLY B 275 -36.09 -3.26 -29.84
N VAL B 276 -35.85 -4.53 -29.53
CA VAL B 276 -35.07 -5.38 -30.42
C VAL B 276 -35.77 -5.62 -31.76
N GLU B 277 -37.10 -5.47 -31.79
CA GLU B 277 -37.87 -5.69 -33.01
C GLU B 277 -37.95 -4.44 -33.89
N THR B 278 -37.34 -3.34 -33.47
CA THR B 278 -37.42 -2.08 -34.19
C THR B 278 -36.20 -1.79 -35.06
N GLY B 279 -35.10 -2.51 -34.87
CA GLY B 279 -33.88 -2.19 -35.58
C GLY B 279 -33.13 -1.00 -35.04
N ARG B 280 -33.59 -0.40 -33.94
CA ARG B 280 -32.88 0.68 -33.26
C ARG B 280 -32.56 0.18 -31.85
N HIS B 281 -31.47 -0.58 -31.75
CA HIS B 281 -31.08 -1.20 -30.50
C HIS B 281 -29.58 -1.46 -30.55
N ALA B 282 -29.07 -2.10 -29.50
CA ALA B 282 -27.68 -2.53 -29.43
C ALA B 282 -27.56 -3.90 -28.78
N ALA B 283 -28.58 -4.74 -28.95
CA ALA B 283 -28.64 -6.05 -28.31
C ALA B 283 -27.79 -7.03 -29.14
N THR B 284 -26.49 -7.02 -28.86
CA THR B 284 -25.54 -7.78 -29.66
C THR B 284 -25.79 -9.28 -29.54
N PHE B 285 -26.00 -9.77 -28.31
CA PHE B 285 -26.22 -11.20 -28.13
C PHE B 285 -27.64 -11.61 -28.50
N THR B 286 -28.62 -10.70 -28.38
CA THR B 286 -30.00 -11.04 -28.69
C THR B 286 -30.24 -11.10 -30.19
N ALA B 287 -29.66 -10.17 -30.94
CA ALA B 287 -29.97 -10.00 -32.36
C ALA B 287 -28.77 -10.14 -33.28
N GLY B 288 -27.57 -10.34 -32.75
CA GLY B 288 -26.37 -10.41 -33.54
C GLY B 288 -25.96 -11.83 -33.87
N SER B 289 -24.75 -11.95 -34.43
CA SER B 289 -24.22 -13.23 -34.89
C SER B 289 -22.70 -13.12 -34.94
N PRO B 290 -21.99 -14.25 -34.95
CA PRO B 290 -20.52 -14.21 -34.92
C PRO B 290 -19.94 -13.54 -36.16
N GLY B 291 -18.82 -12.84 -35.95
CA GLY B 291 -18.12 -12.18 -37.03
C GLY B 291 -16.84 -11.56 -36.50
N ALA B 292 -16.07 -11.00 -37.43
CA ALA B 292 -14.78 -10.39 -37.11
C ALA B 292 -14.93 -8.87 -37.15
N PHE B 293 -14.90 -8.24 -35.98
CA PHE B 293 -15.10 -6.80 -35.88
C PHE B 293 -14.18 -6.22 -34.82
N HIS B 294 -13.54 -5.11 -35.16
CA HIS B 294 -12.68 -4.36 -34.24
C HIS B 294 -11.60 -5.25 -33.62
N GLY B 295 -10.97 -6.07 -34.46
CA GLY B 295 -9.80 -6.82 -34.07
C GLY B 295 -10.06 -8.18 -33.45
N SER B 296 -11.31 -8.51 -33.15
CA SER B 296 -11.63 -9.80 -32.53
C SER B 296 -12.73 -10.51 -33.31
N PHE B 297 -12.84 -11.81 -33.06
CA PHE B 297 -13.94 -12.62 -33.55
C PHE B 297 -14.92 -12.81 -32.39
N SER B 298 -16.11 -12.25 -32.51
CA SER B 298 -17.10 -12.27 -31.45
C SER B 298 -18.48 -12.07 -32.08
N TYR B 299 -19.46 -11.70 -31.26
CA TYR B 299 -20.78 -11.37 -31.77
C TYR B 299 -20.83 -9.91 -32.18
N LEU B 300 -21.64 -9.62 -33.20
CA LEU B 300 -21.91 -8.24 -33.59
C LEU B 300 -23.17 -8.20 -34.44
N LEU B 301 -23.75 -7.00 -34.53
CA LEU B 301 -24.91 -6.76 -35.38
C LEU B 301 -24.46 -6.58 -36.83
N GLN B 302 -24.91 -7.45 -37.71
CA GLN B 302 -24.47 -7.42 -39.10
C GLN B 302 -25.58 -7.92 -40.01
N ASP B 303 -25.63 -7.35 -41.21
CA ASP B 303 -26.64 -7.73 -42.19
C ASP B 303 -26.20 -9.00 -42.92
N GLU B 304 -26.94 -9.35 -43.99
CA GLU B 304 -26.68 -10.61 -44.69
C GLU B 304 -25.31 -10.64 -45.34
N ASP B 305 -24.78 -9.48 -45.74
CA ASP B 305 -23.47 -9.42 -46.38
C ASP B 305 -22.32 -9.30 -45.39
N GLY B 306 -22.61 -9.06 -44.12
CA GLY B 306 -21.57 -8.86 -43.13
C GLY B 306 -21.24 -7.41 -42.82
N GLN B 307 -22.00 -6.46 -43.36
CA GLN B 307 -21.79 -5.06 -43.02
C GLN B 307 -22.30 -4.79 -41.62
N THR B 308 -21.59 -3.92 -40.89
CA THR B 308 -21.98 -3.62 -39.52
C THR B 308 -23.28 -2.82 -39.49
N ILE B 309 -24.24 -3.31 -38.72
CA ILE B 309 -25.48 -2.59 -38.49
C ILE B 309 -25.24 -1.53 -37.42
N GLU B 310 -25.56 -0.28 -37.73
CA GLU B 310 -25.38 0.78 -36.75
C GLU B 310 -26.32 0.58 -35.57
N SER B 311 -25.80 0.81 -34.37
CA SER B 311 -26.53 0.60 -33.13
C SER B 311 -27.18 1.89 -32.66
N HIS B 312 -28.11 1.76 -31.73
CA HIS B 312 -28.78 2.91 -31.13
C HIS B 312 -29.15 2.60 -29.68
N SER B 313 -28.93 3.58 -28.81
CA SER B 313 -29.33 3.49 -27.42
C SER B 313 -29.30 4.88 -26.82
N ILE B 314 -30.16 5.11 -25.83
CA ILE B 314 -30.11 6.37 -25.10
C ILE B 314 -28.83 6.46 -24.27
N SER B 315 -28.23 5.32 -23.96
CA SER B 315 -26.96 5.27 -23.26
C SER B 315 -25.82 5.32 -24.27
N ALA B 316 -24.97 6.35 -24.14
CA ALA B 316 -23.83 6.47 -25.05
C ALA B 316 -22.76 5.43 -24.78
N GLY B 317 -22.75 4.82 -23.60
CA GLY B 317 -21.75 3.83 -23.26
C GLY B 317 -22.10 2.42 -23.69
N LEU B 318 -23.39 2.17 -23.94
CA LEU B 318 -23.85 0.89 -24.43
C LEU B 318 -24.21 0.93 -25.91
N ASP B 319 -24.00 2.06 -26.57
CA ASP B 319 -24.36 2.23 -27.98
C ASP B 319 -23.23 1.68 -28.86
N TYR B 320 -23.14 0.35 -28.88
CA TYR B 320 -22.06 -0.35 -29.55
C TYR B 320 -22.62 -1.65 -30.14
N PRO B 321 -22.42 -1.90 -31.42
CA PRO B 321 -22.99 -3.12 -32.03
C PRO B 321 -22.19 -4.38 -31.79
N GLY B 322 -21.02 -4.30 -31.15
CA GLY B 322 -20.21 -5.45 -30.88
C GLY B 322 -20.14 -5.79 -29.39
N VAL B 323 -19.27 -6.74 -29.07
CA VAL B 323 -19.08 -7.19 -27.69
C VAL B 323 -17.76 -7.95 -27.62
N GLY B 324 -17.17 -8.00 -26.43
CA GLY B 324 -15.90 -8.64 -26.22
C GLY B 324 -15.94 -10.14 -26.40
N PRO B 325 -14.81 -10.72 -26.82
CA PRO B 325 -14.80 -12.16 -27.15
C PRO B 325 -14.97 -13.07 -25.95
N GLU B 326 -14.49 -12.70 -24.77
CA GLU B 326 -14.65 -13.57 -23.61
C GLU B 326 -16.12 -13.72 -23.24
N HIS B 327 -16.93 -12.68 -23.45
CA HIS B 327 -18.36 -12.80 -23.22
C HIS B 327 -18.99 -13.77 -24.22
N ALA B 328 -18.55 -13.72 -25.48
CA ALA B 328 -19.02 -14.70 -26.45
C ALA B 328 -18.67 -16.11 -26.03
N TRP B 329 -17.47 -16.29 -25.47
CA TRP B 329 -17.07 -17.62 -25.00
C TRP B 329 -17.90 -18.04 -23.79
N LEU B 330 -18.07 -17.14 -22.83
CA LEU B 330 -18.87 -17.46 -21.64
C LEU B 330 -20.32 -17.70 -22.01
N LYS B 331 -20.82 -17.09 -23.08
CA LYS B 331 -22.19 -17.33 -23.50
C LYS B 331 -22.33 -18.69 -24.19
N GLU B 332 -21.44 -18.99 -25.15
CA GLU B 332 -21.49 -20.27 -25.83
C GLU B 332 -21.34 -21.42 -24.85
N ALA B 333 -20.50 -21.23 -23.82
CA ALA B 333 -20.33 -22.24 -22.80
C ALA B 333 -21.50 -22.32 -21.84
N GLY B 334 -22.43 -21.36 -21.90
CA GLY B 334 -23.58 -21.38 -21.02
C GLY B 334 -23.33 -20.91 -19.62
N ARG B 335 -22.23 -20.19 -19.38
CA ARG B 335 -21.90 -19.71 -18.04
C ARG B 335 -22.61 -18.40 -17.70
N VAL B 336 -22.86 -17.54 -18.69
CA VAL B 336 -23.51 -16.25 -18.47
C VAL B 336 -24.69 -16.14 -19.41
N ASP B 337 -25.80 -15.61 -18.89
CA ASP B 337 -26.95 -15.25 -19.70
C ASP B 337 -26.90 -13.77 -20.04
N TYR B 338 -27.26 -13.44 -21.27
CA TYR B 338 -27.28 -12.05 -21.72
C TYR B 338 -28.69 -11.71 -22.18
N ARG B 339 -29.25 -10.65 -21.61
N ARG B 339 -29.26 -10.66 -21.58
CA ARG B 339 -30.64 -10.28 -21.84
CA ARG B 339 -30.64 -10.27 -21.81
C ARG B 339 -30.76 -8.81 -22.17
C ARG B 339 -30.71 -8.82 -22.25
N PRO B 340 -31.74 -8.45 -23.01
CA PRO B 340 -31.91 -7.04 -23.40
C PRO B 340 -32.68 -6.23 -22.37
N ILE B 341 -32.36 -4.94 -22.32
CA ILE B 341 -33.07 -3.95 -21.52
C ILE B 341 -33.27 -2.71 -22.39
N THR B 342 -34.52 -2.24 -22.48
CA THR B 342 -34.84 -1.11 -23.34
C THR B 342 -34.52 0.21 -22.64
N ASP B 343 -34.57 1.30 -23.43
CA ASP B 343 -34.38 2.63 -22.89
C ASP B 343 -35.39 2.94 -21.79
N SER B 344 -36.67 2.61 -22.03
CA SER B 344 -37.70 2.90 -21.06
C SER B 344 -37.47 2.16 -19.75
N GLU B 345 -37.09 0.87 -19.84
CA GLU B 345 -36.80 0.11 -18.63
C GLU B 345 -35.63 0.71 -17.87
N ALA B 346 -34.58 1.14 -18.58
CA ALA B 346 -33.42 1.71 -17.91
C ALA B 346 -33.76 3.04 -17.25
N MET B 347 -34.51 3.91 -17.93
CA MET B 347 -34.84 5.20 -17.34
C MET B 347 -35.77 5.06 -16.16
N ASP B 348 -36.65 4.05 -16.16
CA ASP B 348 -37.45 3.77 -14.97
C ASP B 348 -36.55 3.41 -13.79
N ALA B 349 -35.57 2.55 -14.02
CA ALA B 349 -34.64 2.19 -12.96
C ALA B 349 -33.77 3.37 -12.55
N PHE B 350 -33.38 4.20 -13.52
CA PHE B 350 -32.65 5.42 -13.20
C PHE B 350 -33.42 6.26 -12.18
N GLY B 351 -34.68 6.58 -12.50
CA GLY B 351 -35.48 7.37 -11.59
C GLY B 351 -35.77 6.68 -10.28
N LEU B 352 -35.93 5.35 -10.32
CA LEU B 352 -36.20 4.61 -9.08
C LEU B 352 -35.02 4.67 -8.13
N LEU B 353 -33.80 4.51 -8.66
CA LEU B 353 -32.62 4.60 -7.81
C LEU B 353 -32.48 6.00 -7.21
N CYS B 354 -32.77 7.03 -8.01
CA CYS B 354 -32.75 8.39 -7.48
C CYS B 354 -33.78 8.56 -6.36
N ARG B 355 -35.02 8.12 -6.59
CA ARG B 355 -36.09 8.31 -5.62
C ARG B 355 -35.86 7.50 -4.35
N MET B 356 -35.45 6.24 -4.51
CA MET B 356 -35.42 5.32 -3.38
C MET B 356 -34.11 5.34 -2.60
N GLU B 357 -32.97 5.54 -3.29
CA GLU B 357 -31.67 5.40 -2.64
C GLU B 357 -30.82 6.66 -2.70
N GLY B 358 -31.27 7.72 -3.35
CA GLY B 358 -30.46 8.92 -3.45
C GLY B 358 -29.18 8.76 -4.23
N ILE B 359 -29.11 7.77 -5.12
CA ILE B 359 -27.96 7.54 -5.99
C ILE B 359 -28.37 7.87 -7.40
N ILE B 360 -27.64 8.77 -8.04
CA ILE B 360 -27.87 9.09 -9.45
C ILE B 360 -26.93 8.24 -10.29
N PRO B 361 -27.41 7.16 -10.91
CA PRO B 361 -26.53 6.25 -11.64
C PRO B 361 -26.31 6.72 -13.07
N ALA B 362 -25.23 6.21 -13.67
CA ALA B 362 -25.08 6.35 -15.11
C ALA B 362 -26.21 5.60 -15.81
N ILE B 363 -26.65 6.14 -16.95
CA ILE B 363 -27.73 5.50 -17.69
C ILE B 363 -27.29 4.11 -18.15
N GLU B 364 -25.99 3.91 -18.36
CA GLU B 364 -25.47 2.56 -18.57
C GLU B 364 -25.80 1.66 -17.38
N SER B 365 -25.42 2.11 -16.17
CA SER B 365 -25.63 1.30 -14.98
C SER B 365 -27.12 1.09 -14.70
N ALA B 366 -27.97 2.03 -15.12
CA ALA B 366 -29.40 1.88 -14.91
C ALA B 366 -29.95 0.66 -15.63
N HIS B 367 -29.34 0.27 -16.75
CA HIS B 367 -29.73 -0.96 -17.42
C HIS B 367 -29.53 -2.16 -16.50
N ALA B 368 -28.40 -2.20 -15.79
CA ALA B 368 -28.13 -3.31 -14.88
C ALA B 368 -29.08 -3.29 -13.69
N VAL B 369 -29.43 -2.09 -13.20
CA VAL B 369 -30.40 -1.99 -12.12
C VAL B 369 -31.77 -2.46 -12.58
N ALA B 370 -32.17 -2.06 -13.80
CA ALA B 370 -33.46 -2.50 -14.34
C ALA B 370 -33.51 -4.01 -14.50
N GLY B 371 -32.41 -4.61 -14.97
CA GLY B 371 -32.38 -6.05 -15.12
C GLY B 371 -32.38 -6.77 -13.79
N ALA B 372 -31.71 -6.21 -12.78
CA ALA B 372 -31.72 -6.80 -11.45
C ALA B 372 -33.12 -6.81 -10.86
N LEU B 373 -33.90 -5.75 -11.10
CA LEU B 373 -35.27 -5.70 -10.62
C LEU B 373 -36.10 -6.83 -11.23
N LYS B 374 -35.97 -7.04 -12.54
CA LYS B 374 -36.67 -8.14 -13.18
C LYS B 374 -36.17 -9.48 -12.67
N LEU B 375 -34.85 -9.62 -12.51
CA LEU B 375 -34.29 -10.86 -12.00
C LEU B 375 -34.75 -11.14 -10.57
N GLY B 376 -34.94 -10.09 -9.78
CA GLY B 376 -35.42 -10.28 -8.42
C GLY B 376 -36.81 -10.90 -8.36
N VAL B 377 -37.71 -10.43 -9.24
CA VAL B 377 -39.04 -11.03 -9.32
C VAL B 377 -38.94 -12.47 -9.80
N GLU B 378 -37.97 -12.76 -10.67
N GLU B 378 -37.98 -12.76 -10.67
CA GLU B 378 -37.80 -14.11 -11.18
CA GLU B 378 -37.82 -14.12 -11.17
C GLU B 378 -37.27 -15.05 -10.10
C GLU B 378 -37.30 -15.05 -10.08
N LEU B 379 -36.39 -14.56 -9.24
CA LEU B 379 -35.78 -15.39 -8.20
C LEU B 379 -36.60 -15.38 -6.91
N GLY B 380 -37.16 -14.24 -6.53
CA GLY B 380 -38.11 -14.20 -5.43
C GLY B 380 -37.54 -13.66 -4.14
N ARG B 381 -38.29 -13.92 -3.07
CA ARG B 381 -37.98 -13.36 -1.76
C ARG B 381 -36.67 -13.91 -1.22
N GLY B 382 -35.85 -13.03 -0.67
CA GLY B 382 -34.61 -13.41 -0.02
C GLY B 382 -33.42 -13.64 -0.94
N ALA B 383 -33.62 -13.63 -2.26
CA ALA B 383 -32.52 -13.88 -3.18
C ALA B 383 -31.52 -12.73 -3.14
N VAL B 384 -30.24 -13.08 -3.09
CA VAL B 384 -29.15 -12.12 -2.99
C VAL B 384 -28.60 -11.85 -4.37
N ILE B 385 -28.69 -10.60 -4.82
CA ILE B 385 -28.29 -10.18 -6.16
C ILE B 385 -27.30 -9.03 -6.03
N VAL B 386 -26.09 -9.24 -6.54
CA VAL B 386 -25.08 -8.18 -6.58
C VAL B 386 -25.14 -7.49 -7.94
N VAL B 387 -25.16 -6.16 -7.92
CA VAL B 387 -25.26 -5.35 -9.13
C VAL B 387 -24.05 -4.44 -9.19
N ASN B 388 -23.38 -4.42 -10.34
CA ASN B 388 -22.22 -3.56 -10.53
C ASN B 388 -22.71 -2.18 -10.96
N LEU B 389 -22.81 -1.26 -10.01
CA LEU B 389 -23.14 0.12 -10.32
C LEU B 389 -21.92 0.78 -10.96
N SER B 390 -21.79 0.62 -12.29
CA SER B 390 -20.52 0.90 -12.95
C SER B 390 -20.14 2.37 -12.89
N GLY B 391 -21.12 3.28 -12.86
CA GLY B 391 -20.78 4.69 -12.84
C GLY B 391 -21.91 5.54 -12.32
N ARG B 392 -21.59 6.81 -12.09
CA ARG B 392 -22.56 7.80 -11.63
C ARG B 392 -23.08 8.61 -12.81
N GLY B 393 -24.25 9.21 -12.62
CA GLY B 393 -24.97 9.82 -13.71
C GLY B 393 -24.85 11.32 -13.86
N ASP B 394 -23.77 11.91 -13.35
CA ASP B 394 -23.54 13.34 -13.53
C ASP B 394 -23.52 13.72 -15.01
N LYS B 395 -22.90 12.87 -15.84
CA LYS B 395 -22.89 13.08 -17.28
C LYS B 395 -24.29 13.01 -17.89
N ASP B 396 -25.22 12.29 -17.26
CA ASP B 396 -26.53 12.05 -17.81
C ASP B 396 -27.61 12.92 -17.18
N VAL B 397 -27.22 13.86 -16.30
CA VAL B 397 -28.21 14.65 -15.57
C VAL B 397 -29.08 15.45 -16.53
N GLU B 398 -28.47 16.08 -17.53
CA GLU B 398 -29.25 16.87 -18.48
C GLU B 398 -30.20 15.99 -19.29
N THR B 399 -29.71 14.84 -19.76
CA THR B 399 -30.58 13.91 -20.48
C THR B 399 -31.70 13.40 -19.59
N ALA B 400 -31.38 13.06 -18.34
CA ALA B 400 -32.39 12.51 -17.44
C ALA B 400 -33.42 13.55 -17.04
N ALA B 401 -32.98 14.79 -16.82
CA ALA B 401 -33.93 15.84 -16.47
C ALA B 401 -34.92 16.09 -17.59
N LYS B 402 -34.46 16.02 -18.84
CA LYS B 402 -35.36 16.19 -19.98
C LYS B 402 -36.33 15.01 -20.09
N TRP B 403 -35.87 13.81 -19.77
CA TRP B 403 -36.72 12.62 -19.84
C TRP B 403 -37.88 12.71 -18.85
N PHE B 404 -37.61 13.21 -17.64
CA PHE B 404 -38.60 13.24 -16.57
C PHE B 404 -39.33 14.58 -16.48
N GLY B 405 -39.21 15.43 -17.49
CA GLY B 405 -39.97 16.67 -17.51
C GLY B 405 -39.54 17.69 -16.48
N LEU B 406 -38.27 17.69 -16.10
CA LEU B 406 -37.70 18.74 -15.26
C LEU B 406 -37.14 19.89 -16.08
N LEU B 407 -37.35 19.87 -17.40
CA LEU B 407 -37.04 20.98 -18.28
C LEU B 407 -38.27 21.32 -19.11
N GLY B 408 -38.09 21.73 -20.35
CA GLY B 408 -39.23 22.01 -21.22
C GLY B 408 -38.94 23.03 -22.31
N ALA C 9 -30.43 -16.81 52.95
CA ALA C 9 -29.44 -16.76 54.03
C ALA C 9 -28.19 -17.54 53.65
N SER C 10 -27.06 -16.85 53.56
CA SER C 10 -25.80 -17.47 53.18
C SER C 10 -25.19 -18.21 54.36
N ARG C 11 -24.26 -19.11 54.04
CA ARG C 11 -23.61 -19.91 55.08
C ARG C 11 -22.75 -19.05 56.00
N LEU C 12 -22.13 -17.99 55.48
CA LEU C 12 -21.28 -17.10 56.26
C LEU C 12 -22.06 -15.93 56.85
N GLY C 13 -23.36 -15.84 56.58
CA GLY C 13 -24.19 -14.80 57.15
C GLY C 13 -24.13 -14.70 58.65
N PRO C 14 -24.41 -15.80 59.36
CA PRO C 14 -24.32 -15.78 60.82
C PRO C 14 -23.00 -15.27 61.37
N VAL C 15 -21.88 -15.61 60.73
CA VAL C 15 -20.58 -15.18 61.22
C VAL C 15 -20.45 -13.66 61.15
N PHE C 16 -20.87 -13.06 60.03
CA PHE C 16 -20.77 -11.62 59.89
C PHE C 16 -21.84 -10.89 60.69
N ASP C 17 -23.01 -11.50 60.87
CA ASP C 17 -24.02 -10.92 61.76
C ASP C 17 -23.55 -10.95 63.21
N SER C 18 -22.75 -11.96 63.58
CA SER C 18 -22.20 -12.00 64.93
C SER C 18 -21.12 -10.94 65.11
N CYS C 19 -20.25 -10.78 64.12
CA CYS C 19 -19.20 -9.77 64.21
C CYS C 19 -19.78 -8.36 64.23
N ARG C 20 -20.84 -8.13 63.46
CA ARG C 20 -21.49 -6.82 63.46
C ARG C 20 -22.18 -6.54 64.79
N ALA C 21 -22.63 -7.59 65.48
CA ALA C 21 -23.26 -7.40 66.79
C ALA C 21 -22.23 -7.08 67.87
N ASN C 22 -21.01 -7.60 67.74
CA ASN C 22 -19.93 -7.29 68.67
C ASN C 22 -19.09 -6.11 68.21
N ASN C 23 -19.57 -5.36 67.21
CA ASN C 23 -18.93 -4.13 66.73
C ASN C 23 -17.46 -4.36 66.38
N ARG C 24 -17.26 -5.29 65.45
CA ARG C 24 -15.92 -5.65 65.00
C ARG C 24 -16.00 -6.21 63.60
N ALA C 25 -14.83 -6.52 63.04
CA ALA C 25 -14.72 -7.18 61.74
C ALA C 25 -14.30 -8.63 61.94
N ALA C 26 -14.60 -9.45 60.94
CA ALA C 26 -14.19 -10.85 60.98
C ALA C 26 -12.73 -10.99 60.61
N LEU C 27 -12.06 -11.95 61.24
CA LEU C 27 -10.68 -12.29 60.91
C LEU C 27 -10.72 -13.50 59.98
N ILE C 28 -10.29 -13.30 58.73
CA ILE C 28 -10.30 -14.34 57.71
C ILE C 28 -8.86 -14.70 57.42
N GLY C 29 -8.51 -15.97 57.65
CA GLY C 29 -7.12 -16.40 57.54
C GLY C 29 -6.88 -17.46 56.48
N TYR C 30 -5.84 -17.25 55.67
CA TYR C 30 -5.49 -18.16 54.60
C TYR C 30 -4.28 -18.99 54.98
N LEU C 31 -4.30 -20.27 54.59
CA LEU C 31 -3.18 -21.18 54.76
C LEU C 31 -3.29 -22.23 53.66
N PRO C 32 -2.19 -22.54 52.96
CA PRO C 32 -2.25 -23.56 51.91
C PRO C 32 -2.13 -24.96 52.49
N THR C 33 -2.92 -25.87 51.94
CA THR C 33 -2.88 -27.26 52.37
C THR C 33 -1.55 -27.89 51.97
N GLY C 34 -0.94 -28.61 52.90
CA GLY C 34 0.26 -29.37 52.61
C GLY C 34 1.57 -28.64 52.87
N TYR C 35 1.53 -27.43 53.42
CA TYR C 35 2.76 -26.74 53.78
C TYR C 35 2.89 -26.67 55.29
N PRO C 36 4.03 -27.09 55.87
CA PRO C 36 5.19 -27.69 55.20
C PRO C 36 4.96 -29.14 54.81
N ASP C 37 3.99 -29.78 55.44
CA ASP C 37 3.47 -31.07 55.02
C ASP C 37 1.99 -31.12 55.37
N VAL C 38 1.32 -32.18 54.93
CA VAL C 38 -0.12 -32.27 55.13
C VAL C 38 -0.50 -32.29 56.62
N PRO C 39 0.08 -33.15 57.47
CA PRO C 39 -0.31 -33.10 58.89
C PRO C 39 0.02 -31.78 59.56
N ALA C 40 1.14 -31.14 59.20
CA ALA C 40 1.50 -29.89 59.82
C ALA C 40 0.53 -28.77 59.46
N SER C 41 0.06 -28.75 58.21
CA SER C 41 -0.89 -27.72 57.81
C SER C 41 -2.23 -27.89 58.51
N VAL C 42 -2.62 -29.12 58.82
CA VAL C 42 -3.84 -29.35 59.59
C VAL C 42 -3.68 -28.80 61.00
N ALA C 43 -2.52 -29.05 61.63
CA ALA C 43 -2.27 -28.51 62.96
C ALA C 43 -2.26 -26.99 62.94
N ALA C 44 -1.72 -26.39 61.88
CA ALA C 44 -1.66 -24.94 61.79
C ALA C 44 -3.05 -24.34 61.57
N MET C 45 -3.89 -25.01 60.77
CA MET C 45 -5.25 -24.52 60.57
C MET C 45 -6.09 -24.71 61.81
N THR C 46 -5.88 -25.81 62.53
CA THR C 46 -6.56 -26.00 63.82
C THR C 46 -6.15 -24.91 64.80
N ALA C 47 -4.87 -24.52 64.79
CA ALA C 47 -4.42 -23.45 65.65
C ALA C 47 -5.06 -22.11 65.28
N LEU C 48 -5.39 -21.92 64.00
CA LEU C 48 -6.06 -20.69 63.61
C LEU C 48 -7.45 -20.58 64.23
N VAL C 49 -8.18 -21.70 64.30
CA VAL C 49 -9.47 -21.70 64.98
C VAL C 49 -9.28 -21.36 66.46
N GLU C 50 -8.25 -21.93 67.09
CA GLU C 50 -8.03 -21.72 68.51
C GLU C 50 -7.57 -20.30 68.80
N SER C 51 -6.85 -19.66 67.88
CA SER C 51 -6.27 -18.35 68.12
C SER C 51 -7.18 -17.19 67.76
N GLY C 52 -8.31 -17.45 67.10
CA GLY C 52 -9.29 -16.40 66.91
C GLY C 52 -9.75 -16.13 65.48
N CYS C 53 -9.34 -16.97 64.53
CA CYS C 53 -9.82 -16.83 63.16
C CYS C 53 -11.31 -17.17 63.09
N ASP C 54 -12.10 -16.24 62.55
CA ASP C 54 -13.53 -16.49 62.41
C ASP C 54 -13.82 -17.32 61.15
N ILE C 55 -13.14 -17.02 60.05
CA ILE C 55 -13.25 -17.77 58.80
C ILE C 55 -11.85 -18.17 58.37
N ILE C 56 -11.70 -19.39 57.88
CA ILE C 56 -10.43 -19.90 57.40
C ILE C 56 -10.53 -20.18 55.91
N GLU C 57 -9.54 -19.71 55.15
CA GLU C 57 -9.45 -19.96 53.72
C GLU C 57 -8.44 -21.08 53.50
N VAL C 58 -8.95 -22.27 53.16
CA VAL C 58 -8.10 -23.43 52.88
C VAL C 58 -7.69 -23.36 51.42
N GLY C 59 -6.41 -23.06 51.17
CA GLY C 59 -5.93 -22.89 49.81
C GLY C 59 -5.54 -24.21 49.17
N VAL C 60 -5.99 -24.41 47.95
CA VAL C 60 -5.63 -25.58 47.15
C VAL C 60 -4.36 -25.23 46.37
N PRO C 61 -3.22 -25.84 46.67
CA PRO C 61 -1.99 -25.53 45.92
C PRO C 61 -2.13 -25.86 44.45
N TYR C 62 -1.69 -24.93 43.60
CA TYR C 62 -1.81 -25.06 42.16
C TYR C 62 -0.44 -24.87 41.54
N SER C 63 -0.21 -25.56 40.41
CA SER C 63 1.12 -25.60 39.81
C SER C 63 1.51 -24.26 39.19
N ASP C 64 0.55 -23.49 38.70
CA ASP C 64 0.81 -22.19 38.07
C ASP C 64 -0.06 -21.12 38.72
N PRO C 65 0.25 -20.75 39.96
CA PRO C 65 -0.61 -19.78 40.66
C PRO C 65 -0.28 -18.33 40.32
N GLY C 66 -0.92 -17.81 39.27
CA GLY C 66 -0.59 -16.49 38.77
C GLY C 66 -0.93 -15.36 39.72
N MET C 67 -1.90 -15.54 40.60
CA MET C 67 -2.35 -14.48 41.49
C MET C 67 -1.72 -14.53 42.87
N ASP C 68 -0.86 -15.51 43.15
CA ASP C 68 -0.26 -15.65 44.46
C ASP C 68 1.11 -14.98 44.49
N GLY C 69 1.36 -14.22 45.55
CA GLY C 69 2.64 -13.58 45.76
C GLY C 69 3.74 -14.59 46.02
N PRO C 70 4.99 -14.11 46.08
CA PRO C 70 6.11 -15.05 46.21
C PRO C 70 6.10 -15.88 47.48
N THR C 71 5.58 -15.35 48.58
CA THR C 71 5.56 -16.11 49.83
C THR C 71 4.65 -17.32 49.72
N ILE C 72 3.43 -17.12 49.21
CA ILE C 72 2.51 -18.24 49.03
C ILE C 72 2.95 -19.11 47.85
N ALA C 73 3.61 -18.51 46.84
CA ALA C 73 4.03 -19.28 45.69
C ALA C 73 5.09 -20.31 46.04
N ARG C 74 6.05 -19.93 46.89
CA ARG C 74 7.05 -20.90 47.32
C ARG C 74 6.43 -21.99 48.18
N ALA C 75 5.51 -21.61 49.08
CA ALA C 75 4.89 -22.58 49.98
C ALA C 75 4.07 -23.62 49.21
N THR C 76 3.32 -23.17 48.20
CA THR C 76 2.52 -24.12 47.42
C THR C 76 3.41 -25.04 46.60
N GLU C 77 4.53 -24.52 46.06
CA GLU C 77 5.48 -25.38 45.37
C GLU C 77 6.05 -26.43 46.31
N ALA C 78 6.41 -26.03 47.53
CA ALA C 78 6.88 -27.00 48.52
C ALA C 78 5.77 -27.98 48.90
N ALA C 79 4.54 -27.49 49.02
CA ALA C 79 3.42 -28.38 49.31
C ALA C 79 3.20 -29.36 48.17
N LEU C 80 3.40 -28.92 46.93
CA LEU C 80 3.23 -29.80 45.79
C LEU C 80 4.38 -30.79 45.66
N ARG C 81 5.61 -30.34 45.95
CA ARG C 81 6.74 -31.28 45.98
C ARG C 81 6.53 -32.37 47.01
N GLY C 82 5.91 -32.02 48.14
CA GLY C 82 5.53 -32.99 49.14
C GLY C 82 4.40 -33.92 48.75
N GLY C 83 3.80 -33.70 47.58
CA GLY C 83 2.76 -34.60 47.09
C GLY C 83 1.37 -34.31 47.59
N VAL C 84 1.04 -33.04 47.87
CA VAL C 84 -0.30 -32.71 48.32
C VAL C 84 -1.31 -33.02 47.23
N ARG C 85 -2.48 -33.49 47.64
CA ARG C 85 -3.57 -33.79 46.73
C ARG C 85 -4.73 -32.84 47.02
N VAL C 86 -5.64 -32.74 46.05
CA VAL C 86 -6.83 -31.91 46.24
C VAL C 86 -7.68 -32.47 47.37
N ARG C 87 -7.76 -33.80 47.49
CA ARG C 87 -8.54 -34.41 48.55
C ARG C 87 -7.98 -34.05 49.93
N ASP C 88 -6.69 -33.73 50.01
CA ASP C 88 -6.13 -33.30 51.28
C ASP C 88 -6.73 -31.97 51.74
N THR C 89 -7.20 -31.16 50.79
CA THR C 89 -7.89 -29.93 51.16
C THR C 89 -9.28 -30.23 51.74
N LEU C 90 -9.98 -31.21 51.16
CA LEU C 90 -11.24 -31.64 51.74
C LEU C 90 -11.03 -32.24 53.13
N ALA C 91 -9.91 -32.92 53.34
CA ALA C 91 -9.59 -33.44 54.67
C ALA C 91 -9.36 -32.32 55.67
N ALA C 92 -8.68 -31.25 55.23
CA ALA C 92 -8.44 -30.11 56.11
C ALA C 92 -9.75 -29.40 56.46
N VAL C 93 -10.67 -29.29 55.50
CA VAL C 93 -11.97 -28.70 55.78
C VAL C 93 -12.68 -29.46 56.88
N GLU C 94 -12.59 -30.79 56.85
CA GLU C 94 -13.25 -31.61 57.87
C GLU C 94 -12.65 -31.36 59.25
N ALA C 95 -11.33 -31.32 59.33
CA ALA C 95 -10.66 -31.11 60.61
C ALA C 95 -10.99 -29.73 61.19
N ILE C 96 -11.11 -28.73 60.34
CA ILE C 96 -11.46 -27.39 60.80
C ILE C 96 -12.88 -27.38 61.35
N SER C 97 -13.80 -28.13 60.72
CA SER C 97 -15.18 -28.16 61.18
C SER C 97 -15.30 -28.90 62.50
N ILE C 98 -14.59 -30.02 62.66
CA ILE C 98 -14.62 -30.75 63.91
C ILE C 98 -14.09 -29.90 65.06
N ALA C 99 -13.13 -29.01 64.77
CA ALA C 99 -12.55 -28.14 65.77
C ALA C 99 -13.37 -26.87 66.01
N GLY C 100 -14.56 -26.77 65.43
CA GLY C 100 -15.44 -25.65 65.66
C GLY C 100 -15.26 -24.45 64.74
N GLY C 101 -14.39 -24.56 63.74
CA GLY C 101 -14.14 -23.43 62.86
C GLY C 101 -15.01 -23.45 61.61
N ARG C 102 -14.98 -22.33 60.90
CA ARG C 102 -15.65 -22.18 59.61
C ARG C 102 -14.60 -22.14 58.51
N ALA C 103 -14.78 -22.98 57.50
CA ALA C 103 -13.80 -23.13 56.43
C ALA C 103 -14.44 -22.84 55.07
N VAL C 104 -13.75 -22.04 54.27
CA VAL C 104 -14.00 -21.93 52.84
C VAL C 104 -12.72 -22.33 52.12
N VAL C 105 -12.86 -22.64 50.84
CA VAL C 105 -11.74 -23.10 50.02
C VAL C 105 -11.43 -22.04 48.96
N MET C 106 -10.16 -21.67 48.86
CA MET C 106 -9.68 -20.79 47.81
C MET C 106 -8.87 -21.63 46.82
N THR C 107 -9.29 -21.63 45.56
CA THR C 107 -8.69 -22.51 44.57
C THR C 107 -8.77 -21.87 43.20
N TYR C 108 -7.73 -22.08 42.40
CA TYR C 108 -7.82 -21.80 40.98
C TYR C 108 -8.81 -22.78 40.34
N TRP C 109 -9.36 -22.38 39.19
CA TRP C 109 -10.55 -23.08 38.70
C TRP C 109 -10.24 -24.40 38.01
N ASN C 110 -9.04 -24.60 37.50
CA ASN C 110 -8.80 -25.82 36.74
C ASN C 110 -8.87 -27.09 37.61
N PRO C 111 -8.30 -27.10 38.83
CA PRO C 111 -8.49 -28.29 39.67
C PRO C 111 -9.95 -28.61 39.94
N VAL C 112 -10.82 -27.60 39.96
CA VAL C 112 -12.25 -27.86 40.14
C VAL C 112 -12.84 -28.48 38.89
N LEU C 113 -12.45 -27.96 37.71
CA LEU C 113 -12.91 -28.55 36.45
C LEU C 113 -12.48 -30.01 36.35
N ARG C 114 -11.22 -30.29 36.65
CA ARG C 114 -10.72 -31.66 36.61
C ARG C 114 -11.49 -32.55 37.58
N TYR C 115 -11.75 -32.04 38.79
CA TYR C 115 -12.52 -32.78 39.78
C TYR C 115 -13.96 -32.97 39.34
N GLY C 116 -14.51 -32.00 38.61
CA GLY C 116 -15.93 -31.95 38.34
C GLY C 116 -16.62 -30.93 39.22
N VAL C 117 -17.25 -29.93 38.62
CA VAL C 117 -17.78 -28.80 39.39
C VAL C 117 -18.86 -29.27 40.35
N ASP C 118 -19.80 -30.08 39.85
CA ASP C 118 -20.85 -30.59 40.74
C ASP C 118 -20.29 -31.53 41.79
N ALA C 119 -19.41 -32.44 41.38
CA ALA C 119 -18.86 -33.42 42.31
C ALA C 119 -18.01 -32.75 43.38
N PHE C 120 -17.28 -31.70 43.02
CA PHE C 120 -16.48 -30.99 44.01
C PHE C 120 -17.36 -30.22 44.98
N ALA C 121 -18.43 -29.60 44.48
CA ALA C 121 -19.38 -28.92 45.35
C ALA C 121 -19.99 -29.87 46.36
N ARG C 122 -20.34 -31.08 45.92
CA ARG C 122 -20.92 -32.07 46.83
C ARG C 122 -19.91 -32.51 47.88
N ASP C 123 -18.68 -32.83 47.46
CA ASP C 123 -17.67 -33.27 48.40
C ASP C 123 -17.24 -32.15 49.34
N LEU C 124 -17.27 -30.90 48.86
CA LEU C 124 -16.97 -29.78 49.75
C LEU C 124 -18.05 -29.62 50.81
N ALA C 125 -19.32 -29.74 50.41
CA ALA C 125 -20.41 -29.64 51.38
C ALA C 125 -20.37 -30.81 52.36
N ALA C 126 -20.03 -32.00 51.87
CA ALA C 126 -19.93 -33.17 52.75
C ALA C 126 -18.76 -33.04 53.72
N ALA C 127 -17.74 -32.27 53.37
CA ALA C 127 -16.61 -32.05 54.26
C ALA C 127 -16.88 -31.00 55.32
N GLY C 128 -18.03 -30.32 55.25
CA GLY C 128 -18.32 -29.23 56.15
C GLY C 128 -17.97 -27.85 55.62
N GLY C 129 -17.52 -27.75 54.38
CA GLY C 129 -17.15 -26.47 53.82
C GLY C 129 -18.35 -25.58 53.60
N LEU C 130 -18.13 -24.27 53.73
CA LEU C 130 -19.19 -23.29 53.63
C LEU C 130 -19.17 -22.48 52.34
N GLY C 131 -18.05 -22.44 51.63
CA GLY C 131 -17.99 -21.62 50.44
C GLY C 131 -16.72 -21.87 49.65
N LEU C 132 -16.62 -21.15 48.54
CA LEU C 132 -15.50 -21.31 47.61
C LEU C 132 -15.07 -19.92 47.14
N ILE C 133 -13.76 -19.67 47.18
CA ILE C 133 -13.18 -18.42 46.67
C ILE C 133 -12.52 -18.73 45.34
N THR C 134 -12.92 -18.02 44.30
CA THR C 134 -12.53 -18.31 42.92
C THR C 134 -11.79 -17.10 42.34
N PRO C 135 -10.46 -17.03 42.48
CA PRO C 135 -9.74 -15.83 42.02
C PRO C 135 -9.50 -15.76 40.52
N ASP C 136 -9.60 -16.87 39.77
CA ASP C 136 -9.46 -16.83 38.32
C ASP C 136 -10.74 -17.27 37.62
N LEU C 137 -11.86 -17.28 38.33
CA LEU C 137 -13.17 -17.56 37.76
C LEU C 137 -14.03 -16.31 37.93
N ILE C 138 -14.38 -15.67 36.82
CA ILE C 138 -15.28 -14.52 36.84
C ILE C 138 -16.70 -15.04 36.63
N PRO C 139 -17.73 -14.29 37.03
CA PRO C 139 -19.10 -14.80 36.85
C PRO C 139 -19.48 -15.08 35.41
N ASP C 140 -18.75 -14.51 34.44
CA ASP C 140 -19.07 -14.76 33.04
C ASP C 140 -18.83 -16.21 32.64
N GLU C 141 -18.02 -16.95 33.40
CA GLU C 141 -17.71 -18.33 33.10
C GLU C 141 -18.21 -19.28 34.19
N ALA C 142 -19.16 -18.82 35.03
CA ALA C 142 -19.50 -19.53 36.27
C ALA C 142 -20.87 -20.19 36.22
N GLN C 143 -21.40 -20.46 35.03
CA GLN C 143 -22.74 -21.05 34.92
C GLN C 143 -22.83 -22.37 35.69
N GLN C 144 -21.84 -23.24 35.51
CA GLN C 144 -21.84 -24.52 36.24
C GLN C 144 -21.71 -24.30 37.74
N TRP C 145 -20.80 -23.41 38.14
CA TRP C 145 -20.56 -23.19 39.56
C TRP C 145 -21.72 -22.44 40.21
N LEU C 146 -22.33 -21.51 39.47
CA LEU C 146 -23.52 -20.83 39.98
C LEU C 146 -24.63 -21.82 40.30
N ALA C 147 -24.77 -22.86 39.47
CA ALA C 147 -25.82 -23.85 39.71
C ALA C 147 -25.45 -24.77 40.88
N ALA C 148 -24.20 -25.20 40.95
CA ALA C 148 -23.77 -26.07 42.04
C ALA C 148 -23.80 -25.34 43.39
N SER C 149 -23.51 -24.03 43.37
CA SER C 149 -23.53 -23.25 44.61
C SER C 149 -24.94 -23.18 45.19
N GLU C 150 -25.95 -22.99 44.33
CA GLU C 150 -27.33 -22.93 44.80
C GLU C 150 -27.82 -24.30 45.23
N GLU C 151 -27.45 -25.35 44.50
CA GLU C 151 -28.03 -26.67 44.75
C GLU C 151 -27.50 -27.28 46.04
N HIS C 152 -26.21 -27.09 46.33
CA HIS C 152 -25.58 -27.70 47.49
C HIS C 152 -25.25 -26.71 48.58
N ARG C 153 -25.84 -25.52 48.53
CA ARG C 153 -25.84 -24.54 49.63
C ARG C 153 -24.42 -24.17 50.05
N LEU C 154 -23.68 -23.62 49.09
CA LEU C 154 -22.33 -23.14 49.32
C LEU C 154 -22.24 -21.67 48.92
N ASP C 155 -21.40 -20.93 49.63
CA ASP C 155 -21.18 -19.53 49.30
C ASP C 155 -20.17 -19.42 48.16
N ARG C 156 -20.32 -18.36 47.37
CA ARG C 156 -19.45 -18.12 46.21
C ARG C 156 -18.85 -16.73 46.34
N ILE C 157 -17.55 -16.69 46.65
CA ILE C 157 -16.84 -15.45 46.91
C ILE C 157 -16.05 -15.12 45.65
N PHE C 158 -16.55 -14.16 44.87
CA PHE C 158 -15.81 -13.61 43.75
C PHE C 158 -14.96 -12.43 44.22
N LEU C 159 -14.08 -11.98 43.33
CA LEU C 159 -13.17 -10.89 43.64
C LEU C 159 -13.51 -9.65 42.83
N VAL C 160 -13.35 -8.49 43.45
CA VAL C 160 -13.40 -7.21 42.76
C VAL C 160 -12.05 -6.52 42.95
N ALA C 161 -11.70 -5.68 41.99
CA ALA C 161 -10.44 -4.96 41.98
C ALA C 161 -10.69 -3.47 41.91
N PRO C 162 -9.71 -2.64 42.27
CA PRO C 162 -9.87 -1.19 42.08
C PRO C 162 -10.16 -0.81 40.63
N SER C 163 -9.65 -1.57 39.67
CA SER C 163 -9.86 -1.29 38.25
C SER C 163 -11.20 -1.77 37.73
N SER C 164 -12.01 -2.41 38.56
CA SER C 164 -13.28 -2.95 38.10
C SER C 164 -14.21 -1.84 37.61
N THR C 165 -14.73 -2.01 36.41
CA THR C 165 -15.68 -1.05 35.86
C THR C 165 -16.97 -1.06 36.68
N PRO C 166 -17.73 0.04 36.65
CA PRO C 166 -19.00 0.06 37.38
C PRO C 166 -19.94 -1.07 36.99
N GLU C 167 -19.98 -1.41 35.70
CA GLU C 167 -20.85 -2.49 35.24
C GLU C 167 -20.40 -3.83 35.80
N ARG C 168 -19.10 -4.12 35.72
CA ARG C 168 -18.59 -5.40 36.18
C ARG C 168 -18.61 -5.52 37.70
N LEU C 169 -18.38 -4.40 38.41
CA LEU C 169 -18.44 -4.46 39.87
C LEU C 169 -19.84 -4.81 40.35
N ALA C 170 -20.86 -4.21 39.73
CA ALA C 170 -22.24 -4.55 40.10
C ALA C 170 -22.55 -6.01 39.78
N ALA C 171 -22.10 -6.49 38.61
CA ALA C 171 -22.38 -7.86 38.23
C ALA C 171 -21.65 -8.85 39.13
N THR C 172 -20.43 -8.52 39.55
CA THR C 172 -19.67 -9.42 40.41
C THR C 172 -20.25 -9.46 41.82
N VAL C 173 -20.68 -8.31 42.34
CA VAL C 173 -21.29 -8.27 43.66
C VAL C 173 -22.61 -9.05 43.67
N GLU C 174 -23.44 -8.83 42.65
CA GLU C 174 -24.72 -9.53 42.55
C GLU C 174 -24.53 -11.03 42.54
N ALA C 175 -23.46 -11.51 41.91
CA ALA C 175 -23.22 -12.95 41.77
C ALA C 175 -22.62 -13.59 43.01
N SER C 176 -22.20 -12.81 44.00
CA SER C 176 -21.53 -13.36 45.17
C SER C 176 -22.52 -13.64 46.30
N ARG C 177 -22.21 -14.68 47.07
CA ARG C 177 -22.93 -15.01 48.29
C ARG C 177 -21.92 -15.22 49.41
N GLY C 178 -22.26 -14.77 50.61
CA GLY C 178 -21.33 -14.84 51.73
C GLY C 178 -20.60 -13.53 51.92
N PHE C 179 -19.55 -13.30 51.14
CA PHE C 179 -18.89 -12.00 51.13
C PHE C 179 -18.20 -11.79 49.78
N VAL C 180 -17.99 -10.53 49.45
CA VAL C 180 -17.24 -10.13 48.26
C VAL C 180 -15.80 -9.87 48.67
N TYR C 181 -14.87 -10.45 47.92
CA TYR C 181 -13.44 -10.31 48.18
C TYR C 181 -12.93 -9.08 47.44
N ALA C 182 -12.48 -8.08 48.19
CA ALA C 182 -11.93 -6.85 47.62
C ALA C 182 -10.41 -6.99 47.60
N ALA C 183 -9.89 -7.53 46.50
CA ALA C 183 -8.45 -7.72 46.35
C ALA C 183 -7.78 -6.44 45.90
N SER C 184 -6.52 -6.28 46.30
CA SER C 184 -5.77 -5.07 45.97
C SER C 184 -4.29 -5.39 45.76
N SER C 196 -3.12 3.41 47.80
CA SER C 196 -3.01 3.85 49.18
C SER C 196 -4.41 4.07 49.78
N GLN C 197 -5.26 4.75 49.01
CA GLN C 197 -6.67 4.93 49.34
C GLN C 197 -7.56 4.02 48.51
N ALA C 198 -6.97 3.05 47.79
CA ALA C 198 -7.75 2.25 46.85
C ALA C 198 -8.71 1.31 47.57
N ALA C 199 -8.26 0.69 48.67
CA ALA C 199 -9.10 -0.29 49.36
C ALA C 199 -10.38 0.31 49.92
N PRO C 200 -10.36 1.41 50.70
CA PRO C 200 -11.63 1.96 51.18
C PRO C 200 -12.50 2.55 50.10
N GLU C 201 -11.91 3.11 49.03
CA GLU C 201 -12.71 3.56 47.90
C GLU C 201 -13.43 2.39 47.24
N LEU C 202 -12.76 1.24 47.13
CA LEU C 202 -13.37 0.06 46.52
C LEU C 202 -14.53 -0.44 47.36
N VAL C 203 -14.34 -0.53 48.69
CA VAL C 203 -15.41 -0.99 49.57
C VAL C 203 -16.61 -0.04 49.51
N GLY C 204 -16.34 1.27 49.38
CA GLY C 204 -17.43 2.22 49.23
C GLY C 204 -18.24 1.98 47.98
N ARG C 205 -17.58 1.60 46.88
CA ARG C 205 -18.30 1.33 45.65
C ARG C 205 -19.16 0.08 45.76
N VAL C 206 -18.72 -0.91 46.54
CA VAL C 206 -19.54 -2.11 46.74
C VAL C 206 -20.74 -1.78 47.62
N LYS C 207 -20.51 -1.14 48.77
CA LYS C 207 -21.59 -0.83 49.69
C LYS C 207 -22.57 0.19 49.11
N ALA C 208 -22.21 0.88 48.03
CA ALA C 208 -23.15 1.76 47.35
C ALA C 208 -24.19 0.98 46.55
N VAL C 209 -24.00 -0.32 46.33
CA VAL C 209 -24.91 -1.09 45.50
C VAL C 209 -25.38 -2.35 46.19
N SER C 210 -24.81 -2.67 47.36
CA SER C 210 -25.20 -3.91 48.03
C SER C 210 -24.85 -3.86 49.50
N ASP C 211 -25.58 -4.65 50.29
CA ASP C 211 -25.36 -4.82 51.71
C ASP C 211 -24.49 -6.03 52.03
N ILE C 212 -23.96 -6.71 51.02
CA ILE C 212 -23.21 -7.95 51.24
C ILE C 212 -21.93 -7.63 52.02
N PRO C 213 -21.48 -8.49 52.92
CA PRO C 213 -20.21 -8.25 53.61
C PRO C 213 -19.06 -8.19 52.61
N VAL C 214 -18.05 -7.39 52.95
CA VAL C 214 -16.90 -7.17 52.08
C VAL C 214 -15.64 -7.51 52.85
N GLY C 215 -14.87 -8.45 52.32
CA GLY C 215 -13.56 -8.76 52.86
C GLY C 215 -12.48 -8.03 52.08
N VAL C 216 -11.42 -7.63 52.78
CA VAL C 216 -10.34 -6.86 52.19
C VAL C 216 -9.02 -7.58 52.44
N GLY C 217 -8.33 -7.94 51.36
CA GLY C 217 -6.96 -8.41 51.44
C GLY C 217 -6.03 -7.28 51.04
N LEU C 218 -4.91 -7.16 51.77
CA LEU C 218 -4.05 -5.99 51.56
C LEU C 218 -2.61 -6.24 52.00
N GLY C 219 -2.15 -7.49 52.09
CA GLY C 219 -0.82 -7.74 52.62
C GLY C 219 -0.71 -7.38 54.08
N VAL C 220 -1.75 -7.70 54.86
CA VAL C 220 -1.76 -7.36 56.28
C VAL C 220 -0.63 -8.09 57.00
N ARG C 221 0.01 -7.39 57.93
CA ARG C 221 1.09 -7.96 58.73
C ARG C 221 0.99 -7.69 60.22
N SER C 222 0.21 -6.70 60.66
CA SER C 222 0.26 -6.26 62.05
C SER C 222 -1.15 -6.04 62.58
N ARG C 223 -1.21 -5.86 63.91
CA ARG C 223 -2.47 -5.52 64.56
C ARG C 223 -3.01 -4.20 64.06
N ALA C 224 -2.13 -3.23 63.79
CA ALA C 224 -2.56 -1.91 63.35
C ALA C 224 -3.22 -1.98 61.97
N GLN C 225 -2.58 -2.69 61.02
CA GLN C 225 -3.15 -2.80 59.68
C GLN C 225 -4.49 -3.51 59.70
N ALA C 226 -4.62 -4.55 60.51
CA ALA C 226 -5.93 -5.18 60.68
C ALA C 226 -6.94 -4.20 61.28
N ALA C 227 -6.47 -3.34 62.20
CA ALA C 227 -7.37 -2.35 62.80
C ALA C 227 -7.77 -1.28 61.79
N GLN C 228 -6.84 -0.90 60.90
CA GLN C 228 -7.16 0.11 59.90
C GLN C 228 -8.25 -0.38 58.96
N ILE C 229 -8.14 -1.64 58.50
CA ILE C 229 -9.11 -2.18 57.57
C ILE C 229 -10.45 -2.42 58.24
N ALA C 230 -10.45 -2.68 59.55
CA ALA C 230 -11.69 -2.94 60.27
C ALA C 230 -12.59 -1.72 60.39
N GLN C 231 -12.08 -0.52 60.05
CA GLN C 231 -12.87 0.70 60.15
C GLN C 231 -13.83 0.91 58.98
N TYR C 232 -13.68 0.16 57.90
CA TYR C 232 -14.56 0.25 56.73
C TYR C 232 -14.95 -1.10 56.15
N ALA C 233 -14.16 -2.17 56.34
CA ALA C 233 -14.46 -3.48 55.78
C ALA C 233 -15.09 -4.38 56.84
N ASP C 234 -15.94 -5.31 56.37
CA ASP C 234 -16.59 -6.26 57.26
C ASP C 234 -15.69 -7.44 57.63
N GLY C 235 -14.66 -7.70 56.85
CA GLY C 235 -13.73 -8.78 57.14
C GLY C 235 -12.33 -8.42 56.71
N VAL C 236 -11.35 -8.89 57.49
CA VAL C 236 -9.95 -8.63 57.24
C VAL C 236 -9.27 -9.94 56.86
N ILE C 237 -8.78 -10.01 55.62
CA ILE C 237 -8.19 -11.22 55.06
C ILE C 237 -6.68 -11.14 55.21
N VAL C 238 -6.09 -12.14 55.86
CA VAL C 238 -4.64 -12.23 56.04
C VAL C 238 -4.19 -13.59 55.53
N GLY C 239 -3.21 -13.59 54.62
CA GLY C 239 -2.74 -14.82 54.03
C GLY C 239 -1.24 -14.99 54.02
N SER C 240 -0.53 -14.05 53.39
CA SER C 240 0.92 -14.17 53.28
C SER C 240 1.60 -14.09 54.64
N ALA C 241 1.07 -13.26 55.55
CA ALA C 241 1.68 -13.12 56.86
C ALA C 241 1.54 -14.39 57.67
N LEU C 242 0.42 -15.11 57.52
CA LEU C 242 0.24 -16.36 58.26
C LEU C 242 1.21 -17.43 57.77
N VAL C 243 1.49 -17.46 56.47
CA VAL C 243 2.44 -18.43 55.94
C VAL C 243 3.85 -18.09 56.40
N THR C 244 4.19 -16.80 56.47
CA THR C 244 5.49 -16.39 56.97
C THR C 244 5.65 -16.79 58.43
N ALA C 245 4.63 -16.54 59.25
CA ALA C 245 4.70 -16.91 60.66
C ALA C 245 4.82 -18.41 60.84
N LEU C 246 4.12 -19.19 60.01
CA LEU C 246 4.21 -20.65 60.11
C LEU C 246 5.58 -21.16 59.70
N THR C 247 6.25 -20.47 58.77
CA THR C 247 7.61 -20.86 58.40
C THR C 247 8.55 -20.72 59.59
N GLU C 248 8.38 -19.66 60.38
CA GLU C 248 9.16 -19.52 61.61
C GLU C 248 8.79 -20.60 62.60
N GLY C 249 7.49 -20.82 62.83
CA GLY C 249 7.05 -21.85 63.74
C GLY C 249 5.59 -21.73 64.13
N LEU C 250 5.00 -22.85 64.56
CA LEU C 250 3.61 -22.83 65.00
C LEU C 250 3.35 -21.90 66.17
N PRO C 251 4.24 -21.77 67.17
CA PRO C 251 4.00 -20.74 68.21
C PRO C 251 3.92 -19.34 67.64
N ARG C 252 4.75 -19.01 66.65
CA ARG C 252 4.69 -17.69 66.03
C ARG C 252 3.33 -17.45 65.37
N LEU C 253 2.74 -18.51 64.80
CA LEU C 253 1.44 -18.36 64.15
C LEU C 253 0.36 -18.03 65.18
N ARG C 254 0.39 -18.67 66.34
N ARG C 254 0.39 -18.68 66.35
CA ARG C 254 -0.60 -18.39 67.38
CA ARG C 254 -0.59 -18.40 67.39
C ARG C 254 -0.47 -16.97 67.90
C ARG C 254 -0.47 -16.97 67.90
N ALA C 255 0.77 -16.47 68.00
CA ALA C 255 0.98 -15.12 68.50
C ALA C 255 0.46 -14.07 67.52
N LEU C 256 0.84 -14.20 66.24
CA LEU C 256 0.40 -13.24 65.24
C LEU C 256 -1.11 -13.23 65.10
N THR C 257 -1.72 -14.42 65.06
CA THR C 257 -3.18 -14.50 64.94
C THR C 257 -3.87 -13.86 66.15
N GLY C 258 -3.27 -13.98 67.33
CA GLY C 258 -3.83 -13.30 68.49
C GLY C 258 -3.80 -11.80 68.36
N GLU C 259 -2.69 -11.25 67.87
CA GLU C 259 -2.60 -9.81 67.64
C GLU C 259 -3.60 -9.35 66.59
N LEU C 260 -3.77 -10.15 65.53
CA LEU C 260 -4.71 -9.79 64.47
C LEU C 260 -6.15 -9.91 64.94
N ALA C 261 -6.45 -10.87 65.83
CA ALA C 261 -7.80 -10.98 66.37
C ALA C 261 -8.15 -9.78 67.24
N ALA C 262 -7.16 -9.22 67.95
CA ALA C 262 -7.40 -8.01 68.72
C ALA C 262 -7.48 -6.79 67.82
N GLY C 263 -6.77 -6.82 66.69
CA GLY C 263 -6.80 -5.68 65.79
C GLY C 263 -8.16 -5.44 65.17
N VAL C 264 -8.87 -6.51 64.83
CA VAL C 264 -10.13 -6.40 64.09
C VAL C 264 -11.23 -5.94 65.02
N ARG C 265 -10.90 -5.78 66.30
CA ARG C 265 -11.86 -5.35 67.31
C ARG C 265 -11.69 -3.89 67.71
N LEU C 266 -10.65 -3.22 67.21
CA LEU C 266 -10.43 -1.82 67.56
C LEU C 266 -11.34 -0.91 66.75
N GLY C 267 -11.47 0.33 67.24
CA GLY C 267 -12.27 1.35 66.58
C GLY C 267 -13.76 1.17 66.75
N ALA D 4 -6.92 -5.10 1.24
CA ALA D 4 -7.19 -5.95 2.40
C ALA D 4 -8.53 -5.61 3.04
N ILE D 5 -9.61 -6.10 2.45
CA ILE D 5 -10.95 -5.86 2.99
C ILE D 5 -11.15 -6.69 4.26
N ALA D 6 -11.94 -6.16 5.19
CA ALA D 6 -12.31 -6.90 6.39
C ALA D 6 -13.05 -8.18 6.01
N GLU D 7 -12.39 -9.33 6.19
CA GLU D 7 -12.92 -10.59 5.73
C GLU D 7 -14.10 -11.04 6.61
N PRO D 8 -14.91 -11.98 6.12
CA PRO D 8 -16.05 -12.46 6.90
C PRO D 8 -15.64 -12.99 8.27
N THR D 9 -16.61 -12.96 9.19
CA THR D 9 -16.41 -13.42 10.56
C THR D 9 -17.20 -14.69 10.80
N SER D 10 -17.07 -15.67 9.90
CA SER D 10 -17.93 -16.85 9.93
C SER D 10 -17.55 -17.81 11.04
N HIS D 11 -16.24 -18.08 11.20
CA HIS D 11 -15.77 -19.06 12.18
C HIS D 11 -15.44 -18.41 13.53
N ASP D 12 -15.83 -17.15 13.74
CA ASP D 12 -15.46 -16.44 14.95
C ASP D 12 -16.25 -16.95 16.15
N PRO D 13 -15.74 -16.72 17.37
CA PRO D 13 -16.46 -17.08 18.57
C PRO D 13 -17.51 -16.02 18.91
N ASP D 14 -18.24 -16.25 20.00
CA ASP D 14 -19.27 -15.31 20.41
C ASP D 14 -18.64 -14.12 21.14
N SER D 15 -19.48 -13.25 21.70
CA SER D 15 -18.98 -12.07 22.39
C SER D 15 -18.17 -12.44 23.62
N GLY D 16 -18.43 -13.61 24.20
CA GLY D 16 -17.64 -14.08 25.32
C GLY D 16 -16.36 -14.78 24.95
N GLY D 17 -16.10 -14.98 23.66
CA GLY D 17 -14.90 -15.66 23.22
C GLY D 17 -14.98 -17.17 23.19
N HIS D 18 -16.18 -17.72 23.04
CA HIS D 18 -16.40 -19.16 23.11
C HIS D 18 -16.61 -19.73 21.71
N PHE D 19 -15.91 -20.82 21.40
CA PHE D 19 -16.07 -21.52 20.13
C PHE D 19 -16.99 -22.72 20.34
N GLY D 20 -17.97 -22.87 19.45
CA GLY D 20 -18.86 -24.01 19.50
C GLY D 20 -19.89 -24.00 20.60
N GLY D 21 -20.41 -22.84 20.96
CA GLY D 21 -21.43 -22.75 21.98
C GLY D 21 -21.09 -21.77 23.08
N PRO D 22 -22.09 -21.39 23.88
CA PRO D 22 -21.86 -20.41 24.95
C PRO D 22 -21.01 -20.92 26.11
N SER D 23 -20.75 -22.23 26.20
CA SER D 23 -19.87 -22.77 27.22
C SER D 23 -18.82 -23.68 26.60
N GLY D 24 -18.36 -23.35 25.41
CA GLY D 24 -17.39 -24.16 24.70
C GLY D 24 -15.95 -23.74 24.97
N TRP D 25 -15.13 -23.88 23.93
CA TRP D 25 -13.70 -23.60 24.06
C TRP D 25 -13.45 -22.08 24.05
N GLY D 26 -12.40 -21.68 24.75
CA GLY D 26 -11.98 -20.28 24.76
C GLY D 26 -12.42 -19.58 26.04
N GLY D 27 -13.11 -18.45 25.88
CA GLY D 27 -13.58 -17.70 27.01
C GLY D 27 -12.47 -16.89 27.67
N ARG D 28 -12.75 -16.49 28.91
CA ARG D 28 -11.83 -15.67 29.71
C ARG D 28 -11.72 -16.29 31.09
N TYR D 29 -10.63 -17.00 31.35
CA TYR D 29 -10.34 -17.55 32.66
C TYR D 29 -9.21 -16.72 33.29
N VAL D 30 -9.57 -15.50 33.68
CA VAL D 30 -8.61 -14.52 34.18
C VAL D 30 -9.20 -13.92 35.45
N PRO D 31 -8.37 -13.30 36.28
CA PRO D 31 -8.90 -12.58 37.44
C PRO D 31 -9.64 -11.32 37.02
N GLU D 32 -10.54 -10.88 37.89
CA GLU D 32 -11.26 -9.64 37.65
C GLU D 32 -10.30 -8.46 37.51
N ALA D 33 -9.13 -8.54 38.14
CA ALA D 33 -8.17 -7.45 38.11
C ALA D 33 -7.71 -7.12 36.69
N LEU D 34 -7.78 -8.09 35.78
CA LEU D 34 -7.39 -7.88 34.38
C LEU D 34 -8.56 -7.55 33.47
N MET D 35 -9.80 -7.69 33.94
CA MET D 35 -10.95 -7.59 33.04
C MET D 35 -11.11 -6.18 32.47
N ALA D 36 -10.62 -5.16 33.18
CA ALA D 36 -10.72 -3.80 32.66
C ALA D 36 -9.86 -3.63 31.42
N VAL D 37 -8.59 -4.02 31.49
CA VAL D 37 -7.71 -3.85 30.33
C VAL D 37 -8.04 -4.88 29.25
N ILE D 38 -8.56 -6.05 29.62
CA ILE D 38 -8.95 -7.03 28.62
C ILE D 38 -10.16 -6.55 27.83
N GLU D 39 -11.15 -5.96 28.52
CA GLU D 39 -12.25 -5.34 27.80
C GLU D 39 -11.78 -4.15 26.98
N GLU D 40 -10.78 -3.42 27.47
CA GLU D 40 -10.22 -2.30 26.71
C GLU D 40 -9.58 -2.79 25.41
N VAL D 41 -8.78 -3.85 25.50
CA VAL D 41 -8.15 -4.40 24.30
C VAL D 41 -9.20 -4.97 23.36
N THR D 42 -10.21 -5.66 23.90
CA THR D 42 -11.29 -6.19 23.06
C THR D 42 -12.00 -5.06 22.32
N ALA D 43 -12.32 -3.98 23.03
CA ALA D 43 -13.00 -2.85 22.40
C ALA D 43 -12.14 -2.24 21.32
N ALA D 44 -10.87 -1.97 21.63
CA ALA D 44 -9.97 -1.36 20.65
C ALA D 44 -9.79 -2.25 19.44
N TYR D 45 -9.78 -3.57 19.61
CA TYR D 45 -9.59 -4.45 18.46
C TYR D 45 -10.85 -4.51 17.61
N GLN D 46 -12.03 -4.59 18.24
CA GLN D 46 -13.28 -4.57 17.49
C GLN D 46 -13.37 -3.32 16.62
N LYS D 47 -12.91 -2.18 17.14
CA LYS D 47 -12.97 -0.93 16.40
C LYS D 47 -11.98 -0.94 15.23
N GLU D 48 -10.74 -1.35 15.47
CA GLU D 48 -9.70 -1.23 14.46
C GLU D 48 -9.71 -2.36 13.45
N ARG D 49 -10.29 -3.53 13.78
CA ARG D 49 -10.32 -4.63 12.83
C ARG D 49 -11.17 -4.32 11.61
N VAL D 50 -12.12 -3.38 11.73
CA VAL D 50 -12.91 -2.92 10.59
C VAL D 50 -12.46 -1.55 10.10
N SER D 51 -11.41 -0.99 10.68
CA SER D 51 -10.90 0.31 10.26
C SER D 51 -10.02 0.12 9.03
N GLN D 52 -10.49 0.57 7.88
CA GLN D 52 -9.70 0.49 6.66
C GLN D 52 -8.36 1.19 6.82
N ASP D 53 -8.32 2.28 7.60
CA ASP D 53 -7.06 2.98 7.84
C ASP D 53 -6.11 2.13 8.67
N PHE D 54 -6.64 1.36 9.63
CA PHE D 54 -5.79 0.47 10.41
C PHE D 54 -5.24 -0.65 9.54
N LEU D 55 -6.09 -1.24 8.70
CA LEU D 55 -5.62 -2.29 7.80
C LEU D 55 -4.61 -1.76 6.80
N ASP D 56 -4.77 -0.51 6.36
CA ASP D 56 -3.79 0.11 5.48
C ASP D 56 -2.45 0.25 6.19
N ASP D 57 -2.46 0.65 7.47
CA ASP D 57 -1.23 0.77 8.22
C ASP D 57 -0.54 -0.57 8.38
N LEU D 58 -1.30 -1.62 8.72
CA LEU D 58 -0.72 -2.95 8.84
C LEU D 58 -0.21 -3.46 7.49
N ASP D 59 -1.03 -3.31 6.45
CA ASP D 59 -0.64 -3.76 5.12
C ASP D 59 0.62 -3.06 4.63
N ARG D 60 0.77 -1.77 4.94
CA ARG D 60 1.92 -1.02 4.46
C ARG D 60 3.21 -1.50 5.10
N LEU D 61 3.17 -1.82 6.40
CA LEU D 61 4.35 -2.35 7.06
C LEU D 61 4.67 -3.77 6.59
N GLN D 62 3.64 -4.57 6.35
N GLN D 62 3.62 -4.58 6.36
CA GLN D 62 3.87 -5.94 5.89
CA GLN D 62 3.84 -5.93 5.88
C GLN D 62 4.56 -5.96 4.52
C GLN D 62 4.57 -5.94 4.54
N ALA D 63 4.28 -4.97 3.68
CA ALA D 63 4.85 -4.95 2.34
C ALA D 63 6.28 -4.40 2.34
N ASN D 64 6.46 -3.18 2.85
CA ASN D 64 7.74 -2.48 2.74
C ASN D 64 8.70 -2.79 3.87
N TYR D 65 8.19 -3.19 5.03
CA TYR D 65 9.03 -3.42 6.19
C TYR D 65 9.26 -4.91 6.47
N ALA D 66 8.23 -5.73 6.33
CA ALA D 66 8.36 -7.16 6.60
C ALA D 66 8.69 -7.97 5.35
N GLY D 67 8.42 -7.44 4.16
CA GLY D 67 8.77 -8.12 2.93
C GLY D 67 7.71 -9.07 2.40
N ARG D 68 6.44 -8.83 2.70
CA ARG D 68 5.38 -9.67 2.20
C ARG D 68 5.03 -9.32 0.75
N PRO D 69 4.47 -10.26 -0.02
CA PRO D 69 4.15 -11.65 0.36
C PRO D 69 5.37 -12.54 0.48
N SER D 70 5.27 -13.58 1.32
CA SER D 70 6.31 -14.59 1.33
C SER D 70 6.08 -15.56 0.17
N PRO D 71 7.15 -16.04 -0.47
CA PRO D 71 6.97 -16.91 -1.64
C PRO D 71 6.51 -18.30 -1.24
N LEU D 72 6.08 -19.05 -2.26
CA LEU D 72 5.70 -20.45 -2.10
C LEU D 72 6.63 -21.27 -2.98
N TYR D 73 7.51 -22.04 -2.36
CA TYR D 73 8.57 -22.75 -3.06
C TYR D 73 8.28 -24.25 -3.07
N GLU D 74 8.33 -24.85 -4.26
CA GLU D 74 8.14 -26.30 -4.38
C GLU D 74 9.48 -26.98 -4.13
N ALA D 75 9.58 -27.69 -3.01
CA ALA D 75 10.81 -28.40 -2.64
C ALA D 75 10.84 -29.73 -3.40
N THR D 76 11.22 -29.64 -4.68
CA THR D 76 11.18 -30.82 -5.54
C THR D 76 12.11 -31.92 -5.06
N ARG D 77 13.21 -31.56 -4.39
CA ARG D 77 14.17 -32.55 -3.93
C ARG D 77 13.79 -33.21 -2.62
N LEU D 78 12.62 -32.86 -2.05
CA LEU D 78 12.07 -33.60 -0.92
C LEU D 78 11.09 -34.69 -1.35
N SER D 79 10.64 -34.64 -2.62
CA SER D 79 9.56 -35.51 -3.06
C SER D 79 9.87 -36.98 -2.81
N GLN D 80 11.12 -37.39 -3.06
CA GLN D 80 11.48 -38.80 -2.93
C GLN D 80 11.31 -39.31 -1.50
N HIS D 81 11.43 -38.43 -0.51
CA HIS D 81 11.27 -38.80 0.89
C HIS D 81 9.85 -38.63 1.39
N ALA D 82 8.95 -38.10 0.57
CA ALA D 82 7.56 -37.90 0.93
C ALA D 82 6.63 -38.70 0.02
N GLY D 83 6.99 -39.95 -0.25
CA GLY D 83 6.16 -40.81 -1.08
C GLY D 83 5.93 -40.30 -2.48
N SER D 84 6.85 -39.49 -3.01
CA SER D 84 6.74 -38.83 -4.30
C SER D 84 5.59 -37.83 -4.35
N ALA D 85 5.15 -37.33 -3.20
CA ALA D 85 4.24 -36.20 -3.16
C ALA D 85 5.00 -34.91 -3.42
N ARG D 86 4.26 -33.83 -3.62
CA ARG D 86 4.85 -32.52 -3.93
C ARG D 86 4.73 -31.63 -2.70
N ILE D 87 5.87 -31.32 -2.10
CA ILE D 87 5.93 -30.47 -0.90
C ILE D 87 6.12 -29.03 -1.34
N PHE D 88 5.17 -28.18 -1.00
CA PHE D 88 5.27 -26.74 -1.21
C PHE D 88 5.52 -26.06 0.13
N LEU D 89 6.56 -25.24 0.22
CA LEU D 89 6.95 -24.59 1.46
C LEU D 89 6.53 -23.13 1.42
N LYS D 90 5.70 -22.74 2.38
CA LYS D 90 5.33 -21.34 2.56
C LYS D 90 6.44 -20.66 3.35
N ARG D 91 7.16 -19.74 2.70
CA ARG D 91 8.46 -19.28 3.19
C ARG D 91 8.31 -18.12 4.19
N GLU D 92 7.67 -18.42 5.32
CA GLU D 92 7.66 -17.44 6.41
C GLU D 92 9.05 -17.24 7.01
N ASP D 93 9.98 -18.16 6.75
CA ASP D 93 11.35 -17.99 7.22
C ASP D 93 12.03 -16.77 6.60
N LEU D 94 11.50 -16.24 5.51
CA LEU D 94 12.07 -15.08 4.85
C LEU D 94 11.50 -13.76 5.36
N ASN D 95 10.57 -13.80 6.31
CA ASN D 95 10.05 -12.58 6.88
C ASN D 95 11.12 -11.87 7.70
N HIS D 96 10.94 -10.56 7.85
CA HIS D 96 11.77 -9.79 8.77
C HIS D 96 11.68 -10.41 10.17
N THR D 97 12.82 -10.49 10.83
CA THR D 97 13.08 -11.16 12.10
C THR D 97 13.12 -12.69 11.93
N GLY D 98 12.67 -13.24 10.81
CA GLY D 98 12.91 -14.64 10.51
C GLY D 98 11.84 -15.63 10.89
N SER D 99 10.61 -15.18 11.14
CA SER D 99 9.52 -16.10 11.47
C SER D 99 8.20 -15.41 11.19
N HIS D 100 7.12 -16.18 11.36
CA HIS D 100 5.75 -15.69 11.23
C HIS D 100 5.36 -14.74 12.35
N LYS D 101 6.12 -14.70 13.45
CA LYS D 101 5.72 -13.91 14.61
C LYS D 101 5.58 -12.43 14.28
N ILE D 102 6.32 -11.95 13.27
CA ILE D 102 6.29 -10.53 12.96
C ILE D 102 4.91 -10.11 12.48
N ASN D 103 4.15 -11.03 11.88
CA ASN D 103 2.82 -10.70 11.39
C ASN D 103 1.89 -10.30 12.54
N ASN D 104 1.84 -11.12 13.59
CA ASN D 104 0.99 -10.82 14.73
C ASN D 104 1.50 -9.63 15.53
N VAL D 105 2.83 -9.46 15.59
CA VAL D 105 3.41 -8.38 16.39
C VAL D 105 3.11 -7.02 15.76
N LEU D 106 3.19 -6.93 14.43
CA LEU D 106 2.93 -5.65 13.76
C LEU D 106 1.50 -5.18 14.01
N GLY D 107 0.54 -6.10 14.02
CA GLY D 107 -0.84 -5.71 14.27
C GLY D 107 -1.08 -5.28 15.71
N GLN D 108 -0.51 -6.01 16.67
CA GLN D 108 -0.73 -5.68 18.07
C GLN D 108 0.05 -4.43 18.49
N ALA D 109 1.25 -4.24 17.93
CA ALA D 109 2.01 -3.03 18.25
C ALA D 109 1.31 -1.80 17.69
N LEU D 110 0.78 -1.88 16.47
CA LEU D 110 -0.06 -0.81 15.96
C LEU D 110 -1.27 -0.58 16.85
N LEU D 111 -1.91 -1.67 17.29
CA LEU D 111 -3.05 -1.55 18.19
C LEU D 111 -2.63 -0.92 19.52
N ALA D 112 -1.43 -1.22 19.99
CA ALA D 112 -0.95 -0.63 21.23
C ALA D 112 -0.79 0.88 21.10
N ARG D 113 -0.22 1.35 19.99
CA ARG D 113 -0.11 2.78 19.75
C ARG D 113 -1.48 3.44 19.62
N ARG D 114 -2.41 2.75 18.95
CA ARG D 114 -3.78 3.27 18.86
C ARG D 114 -4.42 3.45 20.23
N MET D 115 -4.11 2.55 21.16
CA MET D 115 -4.69 2.59 22.50
C MET D 115 -3.98 3.58 23.42
N GLY D 116 -2.91 4.22 22.97
CA GLY D 116 -2.17 5.12 23.83
C GLY D 116 -1.27 4.45 24.84
N LYS D 117 -1.07 3.14 24.74
CA LYS D 117 -0.15 2.46 25.63
C LYS D 117 1.29 2.84 25.30
N THR D 118 2.12 2.92 26.34
CA THR D 118 3.51 3.32 26.20
C THR D 118 4.50 2.21 26.55
N ARG D 119 4.04 1.15 27.20
CA ARG D 119 4.88 0.03 27.61
C ARG D 119 4.30 -1.25 27.04
N VAL D 120 5.17 -2.14 26.55
CA VAL D 120 4.75 -3.39 25.94
C VAL D 120 5.53 -4.54 26.58
N ILE D 121 4.81 -5.56 27.03
CA ILE D 121 5.41 -6.76 27.59
C ILE D 121 5.03 -7.94 26.72
N ALA D 122 5.87 -8.97 26.75
CA ALA D 122 5.60 -10.17 25.97
C ALA D 122 6.43 -11.32 26.51
N GLU D 123 5.86 -12.52 26.45
CA GLU D 123 6.60 -13.74 26.70
C GLU D 123 7.31 -14.18 25.42
N THR D 124 8.29 -15.07 25.58
CA THR D 124 8.90 -15.68 24.42
C THR D 124 9.55 -16.99 24.83
N GLY D 125 9.50 -17.97 23.92
CA GLY D 125 10.11 -19.26 24.16
C GLY D 125 11.29 -19.49 23.24
N ALA D 126 11.05 -19.55 21.94
CA ALA D 126 12.12 -19.64 20.96
C ALA D 126 12.87 -18.32 20.78
N GLY D 127 12.36 -17.23 21.35
CA GLY D 127 12.95 -15.93 21.16
C GLY D 127 12.50 -15.19 19.91
N GLN D 128 11.81 -15.87 18.99
CA GLN D 128 11.39 -15.21 17.76
C GLN D 128 10.27 -14.20 18.03
N HIS D 129 9.30 -14.55 18.86
CA HIS D 129 8.28 -13.58 19.23
C HIS D 129 8.86 -12.43 20.04
N GLY D 130 9.81 -12.73 20.94
CA GLY D 130 10.46 -11.68 21.68
C GLY D 130 11.25 -10.74 20.78
N VAL D 131 12.00 -11.30 19.83
CA VAL D 131 12.74 -10.47 18.88
C VAL D 131 11.78 -9.63 18.05
N ALA D 132 10.69 -10.23 17.59
CA ALA D 132 9.72 -9.48 16.79
C ALA D 132 9.07 -8.37 17.61
N THR D 133 8.71 -8.67 18.86
CA THR D 133 8.11 -7.65 19.73
C THR D 133 9.08 -6.50 19.98
N ALA D 134 10.33 -6.83 20.35
CA ALA D 134 11.34 -5.79 20.52
C ALA D 134 11.61 -5.05 19.21
N THR D 135 11.44 -5.73 18.08
CA THR D 135 11.62 -5.07 16.79
C THR D 135 10.53 -4.02 16.56
N ALA D 136 9.27 -4.38 16.81
CA ALA D 136 8.19 -3.44 16.57
C ALA D 136 8.21 -2.30 17.59
N CYS D 137 8.61 -2.59 18.83
CA CYS D 137 8.65 -1.54 19.85
C CYS D 137 9.73 -0.51 19.54
N ALA D 138 10.85 -0.96 18.97
CA ALA D 138 11.87 -0.01 18.52
C ALA D 138 11.35 0.81 17.34
N LEU D 139 10.64 0.15 16.41
CA LEU D 139 10.09 0.85 15.26
C LEU D 139 9.10 1.93 15.67
N LEU D 140 8.31 1.67 16.71
CA LEU D 140 7.21 2.54 17.10
C LEU D 140 7.50 3.36 18.37
N GLY D 141 8.71 3.26 18.90
CA GLY D 141 9.06 4.06 20.07
C GLY D 141 8.42 3.62 21.36
N LEU D 142 8.03 2.35 21.46
CA LEU D 142 7.45 1.82 22.70
C LEU D 142 8.53 1.19 23.55
N ASP D 143 8.34 1.28 24.87
CA ASP D 143 9.21 0.57 25.80
C ASP D 143 8.85 -0.90 25.83
N CYS D 144 9.88 -1.76 25.86
CA CYS D 144 9.69 -3.19 25.67
C CYS D 144 10.35 -3.96 26.81
N VAL D 145 9.62 -4.90 27.38
CA VAL D 145 10.14 -5.84 28.36
C VAL D 145 9.71 -7.24 27.93
N ILE D 146 10.67 -8.15 27.84
CA ILE D 146 10.44 -9.51 27.36
C ILE D 146 10.75 -10.49 28.49
N TYR D 147 9.82 -11.42 28.73
CA TYR D 147 10.01 -12.48 29.71
C TYR D 147 10.34 -13.78 28.98
N MET D 148 11.41 -14.44 29.42
CA MET D 148 11.89 -15.64 28.76
C MET D 148 12.35 -16.63 29.81
N GLY D 149 11.98 -17.89 29.64
CA GLY D 149 12.38 -18.92 30.59
C GLY D 149 13.90 -19.08 30.61
N GLY D 150 14.45 -19.26 31.81
CA GLY D 150 15.89 -19.32 31.96
C GLY D 150 16.53 -20.42 31.12
N ILE D 151 15.84 -21.54 30.96
CA ILE D 151 16.36 -22.61 30.11
C ILE D 151 16.36 -22.17 28.64
N ASP D 152 15.35 -21.40 28.22
CA ASP D 152 15.29 -20.95 26.84
C ASP D 152 16.33 -19.87 26.55
N THR D 153 16.64 -19.02 27.53
CA THR D 153 17.69 -18.03 27.33
C THR D 153 19.04 -18.67 27.07
N ALA D 154 19.21 -19.93 27.43
CA ALA D 154 20.47 -20.65 27.22
C ALA D 154 20.53 -21.30 25.84
N ARG D 155 19.46 -21.97 25.43
CA ARG D 155 19.45 -22.69 24.16
C ARG D 155 19.05 -21.82 22.98
N GLN D 156 18.55 -20.62 23.21
CA GLN D 156 18.24 -19.65 22.16
C GLN D 156 18.93 -18.33 22.46
N ALA D 157 20.22 -18.40 22.80
CA ALA D 157 20.95 -17.23 23.25
C ALA D 157 21.09 -16.18 22.15
N LEU D 158 21.07 -16.60 20.88
CA LEU D 158 21.17 -15.65 19.78
C LEU D 158 20.01 -14.66 19.81
N ASN D 159 18.81 -15.12 20.15
CA ASN D 159 17.66 -14.23 20.19
C ASN D 159 17.66 -13.34 21.43
N VAL D 160 18.28 -13.79 22.52
CA VAL D 160 18.40 -12.92 23.70
C VAL D 160 19.23 -11.69 23.36
N ALA D 161 20.38 -11.90 22.71
CA ALA D 161 21.26 -10.79 22.38
C ALA D 161 20.63 -9.88 21.33
N ARG D 162 19.87 -10.46 20.40
CA ARG D 162 19.15 -9.64 19.42
C ARG D 162 18.15 -8.72 20.11
N MET D 163 17.43 -9.26 21.11
CA MET D 163 16.45 -8.44 21.82
C MET D 163 17.10 -7.28 22.56
N ARG D 164 18.23 -7.54 23.21
CA ARG D 164 18.89 -6.48 23.98
C ARG D 164 19.46 -5.41 23.07
N LEU D 165 19.99 -5.79 21.90
CA LEU D 165 20.44 -4.80 20.93
C LEU D 165 19.28 -3.97 20.41
N LEU D 166 18.09 -4.55 20.34
CA LEU D 166 16.90 -3.81 19.92
C LEU D 166 16.36 -2.89 21.01
N GLY D 167 16.97 -2.87 22.18
CA GLY D 167 16.58 -1.95 23.23
C GLY D 167 15.61 -2.49 24.25
N ALA D 168 15.30 -3.78 24.20
CA ALA D 168 14.35 -4.37 25.14
C ALA D 168 15.08 -4.92 26.36
N GLU D 169 14.40 -4.85 27.51
CA GLU D 169 14.88 -5.50 28.71
C GLU D 169 14.42 -6.95 28.71
N VAL D 170 15.36 -7.89 28.82
CA VAL D 170 15.06 -9.31 28.84
C VAL D 170 15.15 -9.80 30.28
N VAL D 171 14.09 -10.46 30.74
CA VAL D 171 14.00 -10.97 32.10
C VAL D 171 13.99 -12.50 32.03
N ALA D 172 14.98 -13.12 32.66
CA ALA D 172 15.05 -14.57 32.74
C ALA D 172 14.12 -15.07 33.83
N VAL D 173 13.25 -16.01 33.48
CA VAL D 173 12.26 -16.56 34.40
C VAL D 173 12.79 -17.88 34.95
N GLN D 174 12.96 -17.95 36.27
CA GLN D 174 13.50 -19.13 36.92
C GLN D 174 12.45 -19.97 37.61
N THR D 175 11.18 -19.60 37.50
CA THR D 175 10.11 -20.37 38.15
C THR D 175 9.70 -21.55 37.27
N GLY D 176 9.08 -22.54 37.92
CA GLY D 176 8.54 -23.69 37.20
C GLY D 176 9.58 -24.41 36.39
N SER D 177 9.17 -24.79 35.17
CA SER D 177 10.05 -25.52 34.26
C SER D 177 10.99 -24.60 33.48
N LYS D 178 10.97 -23.30 33.74
CA LYS D 178 11.89 -22.34 33.13
C LYS D 178 11.77 -22.33 31.60
N THR D 179 10.57 -22.53 31.08
CA THR D 179 10.35 -22.50 29.64
C THR D 179 9.19 -21.58 29.28
N LEU D 180 8.47 -21.89 28.20
CA LEU D 180 7.50 -20.94 27.66
C LEU D 180 6.36 -20.68 28.62
N LYS D 181 5.78 -21.75 29.20
CA LYS D 181 4.63 -21.56 30.08
C LYS D 181 4.99 -20.72 31.30
N ASP D 182 6.25 -20.80 31.74
CA ASP D 182 6.68 -20.04 32.91
C ASP D 182 6.95 -18.58 32.56
N ALA D 183 7.40 -18.32 31.34
CA ALA D 183 7.53 -16.94 30.89
C ALA D 183 6.16 -16.27 30.78
N ILE D 184 5.14 -17.04 30.39
CA ILE D 184 3.79 -16.50 30.28
C ILE D 184 3.25 -16.13 31.66
N ASN D 185 3.55 -16.94 32.68
CA ASN D 185 3.09 -16.65 34.03
C ASN D 185 3.66 -15.32 34.53
N GLU D 186 4.93 -15.06 34.23
CA GLU D 186 5.56 -13.84 34.72
C GLU D 186 5.07 -12.62 33.94
N ALA D 187 4.84 -12.77 32.64
CA ALA D 187 4.23 -11.69 31.88
C ALA D 187 2.83 -11.40 32.39
N PHE D 188 2.11 -12.44 32.80
CA PHE D 188 0.79 -12.26 33.40
C PHE D 188 0.88 -11.40 34.65
N ARG D 189 1.84 -11.70 35.53
CA ARG D 189 2.01 -10.92 36.75
C ARG D 189 2.35 -9.47 36.44
N ASP D 190 3.11 -9.24 35.36
CA ASP D 190 3.44 -7.87 34.97
C ASP D 190 2.19 -7.11 34.54
N TRP D 191 1.31 -7.76 33.77
CA TRP D 191 0.12 -7.08 33.27
C TRP D 191 -0.85 -6.74 34.41
N VAL D 192 -1.00 -7.66 35.37
CA VAL D 192 -1.87 -7.40 36.52
C VAL D 192 -1.39 -6.18 37.27
N ALA D 193 -0.08 -6.02 37.42
CA ALA D 193 0.47 -4.92 38.18
C ALA D 193 0.59 -3.63 37.38
N ASN D 194 0.58 -3.71 36.04
CA ASN D 194 0.86 -2.54 35.22
C ASN D 194 -0.19 -2.35 34.12
N ALA D 195 -1.44 -2.72 34.38
CA ALA D 195 -2.47 -2.63 33.35
C ALA D 195 -2.76 -1.20 32.93
N ASP D 196 -2.38 -0.20 33.75
CA ASP D 196 -2.67 1.19 33.43
C ASP D 196 -1.98 1.62 32.14
N ASN D 197 -0.69 1.31 32.01
CA ASN D 197 0.12 1.83 30.92
C ASN D 197 0.67 0.76 29.97
N THR D 198 0.49 -0.52 30.27
CA THR D 198 1.20 -1.59 29.59
C THR D 198 0.25 -2.40 28.71
N TYR D 199 0.71 -2.71 27.51
CA TYR D 199 0.03 -3.62 26.59
C TYR D 199 0.75 -4.97 26.62
N TYR D 200 -0.02 -6.05 26.74
CA TYR D 200 0.53 -7.40 26.66
C TYR D 200 0.41 -7.88 25.22
N CYS D 201 1.54 -7.97 24.53
CA CYS D 201 1.59 -8.44 23.15
C CYS D 201 1.81 -9.95 23.18
N PHE D 202 0.71 -10.70 23.18
CA PHE D 202 0.78 -12.15 23.31
C PHE D 202 1.24 -12.79 22.01
N GLY D 203 2.02 -13.86 22.12
CA GLY D 203 2.74 -14.40 20.99
C GLY D 203 2.12 -15.55 20.24
N THR D 204 1.04 -16.14 20.77
CA THR D 204 0.44 -17.29 20.11
C THR D 204 -1.08 -17.16 20.16
N ALA D 205 -1.75 -18.06 19.43
CA ALA D 205 -3.21 -18.03 19.30
C ALA D 205 -3.87 -18.71 20.50
N ALA D 206 -3.55 -18.19 21.68
CA ALA D 206 -4.11 -18.71 22.93
C ALA D 206 -4.46 -17.51 23.82
N GLY D 207 -4.57 -17.76 25.11
CA GLY D 207 -4.91 -16.73 26.05
C GLY D 207 -6.41 -16.47 26.12
N PRO D 208 -6.82 -15.52 26.94
CA PRO D 208 -8.25 -15.17 27.01
C PRO D 208 -8.68 -14.40 25.78
N HIS D 209 -9.99 -14.44 25.54
CA HIS D 209 -10.58 -13.57 24.54
C HIS D 209 -10.16 -12.12 24.82
N PRO D 210 -9.75 -11.35 23.80
CA PRO D 210 -9.86 -11.61 22.36
C PRO D 210 -8.60 -12.16 21.71
N PHE D 211 -7.62 -12.60 22.49
CA PHE D 211 -6.31 -12.88 21.95
C PHE D 211 -6.28 -14.05 20.97
N PRO D 212 -7.00 -15.16 21.21
CA PRO D 212 -7.04 -16.20 20.17
C PRO D 212 -7.55 -15.70 18.84
N THR D 213 -8.62 -14.89 18.84
CA THR D 213 -9.17 -14.39 17.58
C THR D 213 -8.27 -13.34 16.96
N MET D 214 -7.72 -12.43 17.79
CA MET D 214 -6.89 -11.35 17.27
C MET D 214 -5.60 -11.88 16.66
N VAL D 215 -4.96 -12.84 17.32
CA VAL D 215 -3.73 -13.42 16.78
C VAL D 215 -4.01 -14.16 15.48
N ARG D 216 -5.12 -14.91 15.45
CA ARG D 216 -5.47 -15.63 14.22
C ARG D 216 -5.73 -14.68 13.07
N ASP D 217 -6.41 -13.55 13.34
CA ASP D 217 -6.70 -12.60 12.27
C ASP D 217 -5.44 -11.96 11.72
N PHE D 218 -4.45 -11.71 12.59
CA PHE D 218 -3.18 -11.15 12.14
C PHE D 218 -2.29 -12.18 11.45
N GLN D 219 -2.59 -13.47 11.57
CA GLN D 219 -1.84 -14.50 10.87
C GLN D 219 -2.59 -15.07 9.67
N ARG D 220 -3.86 -14.67 9.47
CA ARG D 220 -4.64 -15.14 8.33
C ARG D 220 -3.93 -14.87 7.01
N ILE D 221 -3.09 -13.84 6.96
CA ILE D 221 -2.44 -13.43 5.72
C ILE D 221 -1.58 -14.56 5.14
N ILE D 222 -1.11 -15.47 5.98
CA ILE D 222 -0.32 -16.60 5.49
C ILE D 222 -1.19 -17.50 4.62
N GLY D 223 -2.35 -17.91 5.15
CA GLY D 223 -3.23 -18.77 4.37
C GLY D 223 -3.84 -18.07 3.17
N MET D 224 -4.12 -16.78 3.28
N MET D 224 -4.15 -16.78 3.30
CA MET D 224 -4.71 -16.06 2.15
CA MET D 224 -4.69 -16.04 2.17
C MET D 224 -3.73 -15.95 0.99
C MET D 224 -3.72 -16.02 1.00
N GLU D 225 -2.45 -15.72 1.28
CA GLU D 225 -1.45 -15.72 0.23
C GLU D 225 -1.24 -17.13 -0.33
N ALA D 226 -1.16 -18.12 0.56
CA ALA D 226 -0.84 -19.48 0.12
C ALA D 226 -1.94 -20.05 -0.77
N ARG D 227 -3.21 -19.79 -0.43
CA ARG D 227 -4.31 -20.33 -1.23
C ARG D 227 -4.28 -19.79 -2.65
N VAL D 228 -3.84 -18.55 -2.83
CA VAL D 228 -3.69 -18.01 -4.18
C VAL D 228 -2.45 -18.57 -4.84
N GLN D 229 -1.35 -18.67 -4.10
CA GLN D 229 -0.09 -19.13 -4.68
C GLN D 229 -0.20 -20.59 -5.13
N ILE D 230 -0.79 -21.45 -4.31
CA ILE D 230 -0.82 -22.86 -4.65
C ILE D 230 -1.71 -23.12 -5.87
N GLN D 231 -2.78 -22.32 -6.04
CA GLN D 231 -3.62 -22.49 -7.22
C GLN D 231 -2.90 -22.03 -8.48
N GLY D 232 -2.00 -21.05 -8.37
CA GLY D 232 -1.25 -20.60 -9.52
C GLY D 232 -0.11 -21.52 -9.90
N GLN D 233 0.52 -22.15 -8.92
CA GLN D 233 1.70 -22.98 -9.19
C GLN D 233 1.36 -24.45 -9.39
N ALA D 234 0.34 -24.97 -8.68
CA ALA D 234 -0.08 -26.35 -8.83
C ALA D 234 -1.32 -26.51 -9.68
N GLY D 235 -2.03 -25.41 -9.98
CA GLY D 235 -3.22 -25.46 -10.79
C GLY D 235 -4.49 -25.85 -10.06
N ARG D 236 -4.42 -26.09 -8.75
CA ARG D 236 -5.59 -26.55 -8.00
C ARG D 236 -5.35 -26.32 -6.52
N LEU D 237 -6.41 -26.50 -5.74
CA LEU D 237 -6.29 -26.46 -4.30
C LEU D 237 -5.50 -27.67 -3.80
N PRO D 238 -4.71 -27.52 -2.75
CA PRO D 238 -3.85 -28.61 -2.31
C PRO D 238 -4.64 -29.75 -1.69
N ASP D 239 -4.00 -30.91 -1.65
CA ASP D 239 -4.61 -32.06 -0.98
C ASP D 239 -4.50 -31.95 0.53
N ALA D 240 -3.51 -31.23 1.03
CA ALA D 240 -3.33 -31.07 2.47
C ALA D 240 -2.52 -29.80 2.75
N VAL D 241 -2.80 -29.20 3.89
CA VAL D 241 -2.04 -28.07 4.42
C VAL D 241 -1.61 -28.41 5.84
N VAL D 242 -0.30 -28.30 6.11
CA VAL D 242 0.25 -28.75 7.37
C VAL D 242 1.11 -27.65 7.99
N ALA D 243 1.24 -27.72 9.31
CA ALA D 243 2.05 -26.78 10.07
C ALA D 243 2.31 -27.38 11.45
N CYS D 244 3.35 -26.89 12.10
CA CYS D 244 3.61 -27.28 13.48
C CYS D 244 2.70 -26.50 14.42
N VAL D 245 2.49 -27.04 15.61
CA VAL D 245 1.52 -26.51 16.57
C VAL D 245 2.18 -26.44 17.94
N GLY D 246 2.58 -25.24 18.35
CA GLY D 246 2.90 -24.99 19.74
C GLY D 246 1.66 -24.46 20.44
N GLY D 247 1.56 -23.15 20.57
CA GLY D 247 0.30 -22.55 20.97
C GLY D 247 -0.72 -22.52 19.86
N GLY D 248 -0.26 -22.50 18.61
CA GLY D 248 -1.11 -22.67 17.46
C GLY D 248 -1.27 -21.48 16.53
N SER D 249 -0.40 -20.47 16.60
CA SER D 249 -0.62 -19.25 15.83
C SER D 249 -0.23 -19.42 14.35
N ASN D 250 0.90 -20.08 14.07
CA ASN D 250 1.31 -20.22 12.67
C ASN D 250 0.42 -21.23 11.94
N ALA D 251 -0.08 -22.24 12.65
CA ALA D 251 -0.96 -23.22 12.01
C ALA D 251 -2.33 -22.62 11.73
N ILE D 252 -2.90 -21.92 12.70
CA ILE D 252 -4.21 -21.32 12.47
C ILE D 252 -4.12 -20.24 11.40
N GLY D 253 -2.95 -19.62 11.24
CA GLY D 253 -2.80 -18.59 10.24
C GLY D 253 -2.82 -19.13 8.82
N ILE D 254 -2.33 -20.35 8.62
CA ILE D 254 -2.35 -20.95 7.30
C ILE D 254 -3.54 -21.89 7.09
N PHE D 255 -4.15 -22.40 8.16
CA PHE D 255 -5.32 -23.25 8.01
C PHE D 255 -6.55 -22.47 7.60
N HIS D 256 -6.68 -21.23 8.12
CA HIS D 256 -7.99 -20.57 8.16
C HIS D 256 -8.58 -20.37 6.77
N ALA D 257 -7.76 -19.95 5.80
CA ALA D 257 -8.27 -19.69 4.46
C ALA D 257 -8.78 -20.95 3.77
N PHE D 258 -8.38 -22.13 4.25
CA PHE D 258 -8.80 -23.40 3.66
C PHE D 258 -9.91 -24.09 4.41
N LEU D 259 -10.43 -23.49 5.49
CA LEU D 259 -11.40 -24.19 6.34
C LEU D 259 -12.63 -24.62 5.58
N ASP D 260 -13.11 -23.77 4.66
CA ASP D 260 -14.34 -24.05 3.92
C ASP D 260 -14.08 -24.75 2.59
N ASP D 261 -12.85 -25.22 2.36
CA ASP D 261 -12.54 -26.06 1.21
C ASP D 261 -12.58 -27.51 1.66
N PRO D 262 -13.68 -28.24 1.43
CA PRO D 262 -13.85 -29.54 2.10
C PRO D 262 -12.89 -30.62 1.64
N GLY D 263 -12.22 -30.43 0.50
CA GLY D 263 -11.28 -31.41 0.02
C GLY D 263 -9.86 -31.24 0.51
N VAL D 264 -9.59 -30.19 1.28
CA VAL D 264 -8.25 -29.89 1.77
C VAL D 264 -8.13 -30.46 3.18
N ARG D 265 -7.24 -31.45 3.34
CA ARG D 265 -6.95 -31.96 4.66
C ARG D 265 -6.08 -30.98 5.44
N LEU D 266 -6.37 -30.84 6.73
CA LEU D 266 -5.62 -29.95 7.61
C LEU D 266 -5.00 -30.79 8.73
N VAL D 267 -3.67 -30.77 8.82
CA VAL D 267 -2.95 -31.56 9.81
C VAL D 267 -2.00 -30.64 10.55
N GLY D 268 -2.09 -30.64 11.88
CA GLY D 268 -1.14 -29.95 12.74
C GLY D 268 -0.24 -30.97 13.41
N PHE D 269 1.03 -30.61 13.58
CA PHE D 269 2.02 -31.52 14.15
C PHE D 269 2.57 -30.90 15.43
N GLU D 270 2.42 -31.61 16.54
CA GLU D 270 2.87 -31.14 17.84
C GLU D 270 4.11 -31.91 18.29
N ALA D 271 4.85 -31.30 19.20
CA ALA D 271 6.14 -31.82 19.63
C ALA D 271 5.96 -33.01 20.56
N ALA D 272 6.57 -34.14 20.21
CA ALA D 272 6.48 -35.36 20.99
C ALA D 272 7.74 -35.63 21.82
N GLY D 273 8.76 -34.78 21.72
CA GLY D 273 9.94 -34.92 22.55
C GLY D 273 10.59 -36.29 22.42
N ASP D 274 10.93 -36.87 23.57
CA ASP D 274 11.50 -38.22 23.59
C ASP D 274 10.50 -39.27 23.13
N GLY D 275 9.21 -38.98 23.18
CA GLY D 275 8.17 -39.92 22.85
C GLY D 275 6.97 -39.65 23.74
N VAL D 276 5.78 -39.92 23.19
CA VAL D 276 4.52 -39.57 23.87
C VAL D 276 4.27 -40.50 25.05
N GLU D 277 5.13 -41.48 25.24
CA GLU D 277 5.02 -42.41 26.36
C GLU D 277 6.16 -42.28 27.36
N THR D 278 7.11 -41.37 27.12
CA THR D 278 8.24 -41.18 28.01
C THR D 278 7.98 -40.16 29.11
N GLY D 279 6.90 -39.40 29.01
CA GLY D 279 6.65 -38.31 29.94
C GLY D 279 7.44 -37.05 29.67
N ARG D 280 8.26 -37.04 28.62
CA ARG D 280 9.02 -35.86 28.22
C ARG D 280 8.60 -35.46 26.81
N HIS D 281 7.42 -34.87 26.70
CA HIS D 281 6.84 -34.49 25.42
C HIS D 281 6.04 -33.22 25.59
N ALA D 282 5.46 -32.74 24.49
CA ALA D 282 4.54 -31.61 24.52
C ALA D 282 3.32 -31.89 23.63
N ALA D 283 2.95 -33.16 23.49
CA ALA D 283 1.86 -33.58 22.61
C ALA D 283 0.53 -33.30 23.32
N THR D 284 0.07 -32.06 23.21
CA THR D 284 -1.09 -31.62 23.97
C THR D 284 -2.35 -32.37 23.53
N PHE D 285 -2.62 -32.41 22.22
CA PHE D 285 -3.81 -33.12 21.77
C PHE D 285 -3.68 -34.63 21.88
N THR D 286 -2.45 -35.15 21.79
CA THR D 286 -2.26 -36.60 21.79
C THR D 286 -2.36 -37.18 23.20
N ALA D 287 -1.90 -36.45 24.21
CA ALA D 287 -1.87 -36.97 25.57
C ALA D 287 -2.54 -36.07 26.60
N GLY D 288 -3.12 -34.95 26.18
CA GLY D 288 -3.75 -34.03 27.11
C GLY D 288 -5.24 -34.28 27.25
N SER D 289 -5.91 -33.33 27.89
CA SER D 289 -7.34 -33.42 28.17
C SER D 289 -7.87 -32.00 28.37
N PRO D 290 -9.18 -31.79 28.22
CA PRO D 290 -9.73 -30.44 28.37
C PRO D 290 -9.51 -29.87 29.76
N GLY D 291 -9.32 -28.56 29.81
CA GLY D 291 -9.15 -27.87 31.08
C GLY D 291 -8.94 -26.38 30.82
N ALA D 292 -8.88 -25.63 31.92
CA ALA D 292 -8.66 -24.19 31.87
C ALA D 292 -7.20 -23.89 32.21
N PHE D 293 -6.56 -23.12 31.34
CA PHE D 293 -5.14 -22.82 31.52
C PHE D 293 -4.80 -21.60 30.67
N HIS D 294 -4.08 -20.65 31.27
CA HIS D 294 -3.65 -19.43 30.59
C HIS D 294 -4.84 -18.68 29.97
N GLY D 295 -5.93 -18.61 30.72
CA GLY D 295 -7.05 -17.76 30.36
C GLY D 295 -8.05 -18.34 29.37
N SER D 296 -7.90 -19.60 28.96
CA SER D 296 -8.82 -20.20 28.01
C SER D 296 -9.13 -21.62 28.43
N PHE D 297 -10.28 -22.12 27.96
CA PHE D 297 -10.64 -23.52 28.11
C PHE D 297 -10.24 -24.25 26.82
N SER D 298 -9.23 -25.11 26.92
CA SER D 298 -8.73 -25.83 25.77
C SER D 298 -8.13 -27.15 26.23
N TYR D 299 -7.17 -27.69 25.47
CA TYR D 299 -6.46 -28.88 25.88
C TYR D 299 -5.15 -28.49 26.57
N LEU D 300 -4.77 -29.29 27.56
CA LEU D 300 -3.48 -29.11 28.22
C LEU D 300 -3.06 -30.43 28.84
N LEU D 301 -1.75 -30.57 29.07
CA LEU D 301 -1.21 -31.71 29.78
C LEU D 301 -1.40 -31.49 31.27
N GLN D 302 -2.18 -32.36 31.91
CA GLN D 302 -2.51 -32.19 33.32
C GLN D 302 -2.63 -33.57 33.98
N ASP D 303 -2.38 -33.61 35.28
CA ASP D 303 -2.45 -34.86 36.02
C ASP D 303 -3.87 -35.07 36.54
N GLU D 304 -4.05 -36.07 37.41
CA GLU D 304 -5.40 -36.41 37.88
C GLU D 304 -6.02 -35.29 38.71
N ASP D 305 -5.19 -34.47 39.35
CA ASP D 305 -5.70 -33.36 40.16
C ASP D 305 -5.89 -32.08 39.36
N GLY D 306 -5.42 -32.01 38.12
CA GLY D 306 -5.52 -30.80 37.34
C GLY D 306 -4.29 -29.92 37.37
N GLN D 307 -3.19 -30.38 37.94
CA GLN D 307 -1.95 -29.63 37.94
C GLN D 307 -1.28 -29.74 36.58
N THR D 308 -0.66 -28.65 36.14
CA THR D 308 -0.03 -28.64 34.83
C THR D 308 1.18 -29.57 34.81
N ILE D 309 1.22 -30.45 33.82
CA ILE D 309 2.37 -31.32 33.61
C ILE D 309 3.41 -30.58 32.78
N GLU D 310 4.64 -30.50 33.29
CA GLU D 310 5.70 -29.80 32.58
C GLU D 310 6.01 -30.51 31.27
N SER D 311 6.13 -29.73 30.19
CA SER D 311 6.40 -30.26 28.87
C SER D 311 7.89 -30.25 28.57
N HIS D 312 8.30 -31.07 27.61
CA HIS D 312 9.69 -31.13 27.18
C HIS D 312 9.75 -31.33 25.68
N SER D 313 10.63 -30.57 25.03
CA SER D 313 10.90 -30.70 23.60
C SER D 313 12.24 -30.06 23.31
N ILE D 314 12.94 -30.60 22.31
CA ILE D 314 14.16 -29.97 21.84
C ILE D 314 13.85 -28.62 21.20
N SER D 315 12.62 -28.43 20.73
CA SER D 315 12.17 -27.17 20.15
C SER D 315 11.60 -26.30 21.25
N ALA D 316 12.21 -25.13 21.47
CA ALA D 316 11.73 -24.23 22.51
C ALA D 316 10.38 -23.62 22.17
N GLY D 317 10.10 -23.44 20.87
CA GLY D 317 8.84 -22.85 20.46
C GLY D 317 7.65 -23.77 20.60
N LEU D 318 7.88 -25.09 20.58
CA LEU D 318 6.83 -26.08 20.78
C LEU D 318 6.81 -26.64 22.19
N ASP D 319 7.77 -26.25 23.04
CA ASP D 319 7.88 -26.75 24.41
C ASP D 319 6.82 -26.05 25.27
N TYR D 320 5.57 -26.49 25.09
CA TYR D 320 4.43 -25.86 25.72
C TYR D 320 3.35 -26.90 25.95
N PRO D 321 2.82 -27.02 27.17
CA PRO D 321 1.82 -28.08 27.44
C PRO D 321 0.40 -27.70 27.07
N GLY D 322 0.13 -26.46 26.67
CA GLY D 322 -1.20 -26.04 26.29
C GLY D 322 -1.37 -25.92 24.78
N VAL D 323 -2.54 -25.41 24.39
CA VAL D 323 -2.83 -25.16 22.98
C VAL D 323 -4.01 -24.20 22.92
N GLY D 324 -4.08 -23.44 21.82
CA GLY D 324 -5.12 -22.46 21.63
C GLY D 324 -6.50 -23.08 21.48
N PRO D 325 -7.53 -22.35 21.91
CA PRO D 325 -8.87 -22.94 21.96
C PRO D 325 -9.49 -23.21 20.59
N GLU D 326 -9.22 -22.37 19.59
CA GLU D 326 -9.82 -22.61 18.28
C GLU D 326 -9.32 -23.92 17.68
N HIS D 327 -8.10 -24.33 18.01
CA HIS D 327 -7.61 -25.64 17.59
C HIS D 327 -8.39 -26.76 18.28
N ALA D 328 -8.69 -26.58 19.57
CA ALA D 328 -9.49 -27.58 20.28
C ALA D 328 -10.87 -27.71 19.64
N TRP D 329 -11.45 -26.59 19.20
CA TRP D 329 -12.74 -26.64 18.51
C TRP D 329 -12.60 -27.33 17.15
N LEU D 330 -11.56 -27.00 16.39
CA LEU D 330 -11.36 -27.63 15.09
C LEU D 330 -11.06 -29.12 15.24
N LYS D 331 -10.40 -29.53 16.32
CA LYS D 331 -10.19 -30.95 16.55
C LYS D 331 -11.51 -31.65 16.87
N GLU D 332 -12.29 -31.07 17.79
CA GLU D 332 -13.58 -31.66 18.15
C GLU D 332 -14.50 -31.73 16.93
N ALA D 333 -14.47 -30.71 16.08
CA ALA D 333 -15.30 -30.70 14.88
C ALA D 333 -14.81 -31.68 13.83
N GLY D 334 -13.65 -32.30 14.01
CA GLY D 334 -13.13 -33.21 13.01
C GLY D 334 -12.62 -32.54 11.76
N ARG D 335 -12.37 -31.24 11.81
CA ARG D 335 -11.86 -30.52 10.65
C ARG D 335 -10.34 -30.62 10.51
N VAL D 336 -9.61 -30.68 11.63
CA VAL D 336 -8.16 -30.71 11.62
C VAL D 336 -7.70 -31.92 12.43
N ASP D 337 -6.72 -32.65 11.90
CA ASP D 337 -6.07 -33.74 12.62
C ASP D 337 -4.77 -33.23 13.23
N TYR D 338 -4.45 -33.71 14.43
CA TYR D 338 -3.26 -33.30 15.14
C TYR D 338 -2.44 -34.53 15.47
N ARG D 339 -1.19 -34.57 15.00
CA ARG D 339 -0.30 -35.72 15.07
C ARG D 339 0.99 -35.37 15.80
N PRO D 340 1.59 -36.33 16.50
CA PRO D 340 2.86 -36.07 17.19
C PRO D 340 4.08 -36.32 16.32
N ILE D 341 5.12 -35.51 16.56
CA ILE D 341 6.41 -35.64 15.91
C ILE D 341 7.49 -35.55 16.98
N THR D 342 8.38 -36.54 17.02
CA THR D 342 9.39 -36.61 18.07
C THR D 342 10.59 -35.72 17.72
N ASP D 343 11.44 -35.50 18.74
CA ASP D 343 12.66 -34.73 18.53
C ASP D 343 13.50 -35.31 17.40
N SER D 344 13.64 -36.64 17.37
CA SER D 344 14.45 -37.29 16.34
C SER D 344 13.86 -37.08 14.95
N GLU D 345 12.55 -37.30 14.83
CA GLU D 345 11.89 -37.09 13.53
C GLU D 345 12.08 -35.66 13.06
N ALA D 346 12.00 -34.69 13.96
CA ALA D 346 12.15 -33.29 13.59
C ALA D 346 13.56 -33.01 13.07
N MET D 347 14.58 -33.44 13.81
CA MET D 347 15.96 -33.18 13.41
C MET D 347 16.32 -33.90 12.11
N ASP D 348 15.73 -35.08 11.87
CA ASP D 348 15.93 -35.73 10.58
C ASP D 348 15.44 -34.85 9.44
N ALA D 349 14.23 -34.30 9.57
CA ALA D 349 13.71 -33.39 8.56
C ALA D 349 14.53 -32.09 8.52
N PHE D 350 15.03 -31.65 9.67
CA PHE D 350 15.91 -30.49 9.71
C PHE D 350 17.09 -30.68 8.78
N GLY D 351 17.85 -31.76 8.99
CA GLY D 351 19.02 -32.02 8.15
C GLY D 351 18.66 -32.30 6.71
N LEU D 352 17.53 -32.96 6.47
CA LEU D 352 17.12 -33.26 5.10
C LEU D 352 16.82 -31.99 4.33
N LEU D 353 16.22 -30.99 4.99
CA LEU D 353 15.95 -29.73 4.32
C LEU D 353 17.24 -28.96 4.06
N CYS D 354 18.23 -29.08 4.96
CA CYS D 354 19.52 -28.43 4.75
C CYS D 354 20.23 -29.03 3.54
N ARG D 355 20.25 -30.36 3.43
CA ARG D 355 21.00 -31.02 2.37
C ARG D 355 20.29 -30.91 1.02
N MET D 356 18.97 -31.10 1.00
CA MET D 356 18.26 -31.18 -0.27
C MET D 356 17.91 -29.81 -0.84
N GLU D 357 17.53 -28.86 0.03
CA GLU D 357 17.00 -27.59 -0.45
C GLU D 357 17.82 -26.38 -0.06
N GLY D 358 18.91 -26.55 0.71
CA GLY D 358 19.69 -25.41 1.12
C GLY D 358 18.95 -24.43 2.00
N ILE D 359 18.01 -24.92 2.79
CA ILE D 359 17.20 -24.09 3.69
C ILE D 359 17.40 -24.62 5.10
N ILE D 360 17.85 -23.75 6.00
CA ILE D 360 18.03 -24.10 7.40
C ILE D 360 16.77 -23.71 8.16
N PRO D 361 15.88 -24.64 8.46
CA PRO D 361 14.61 -24.28 9.09
C PRO D 361 14.76 -24.14 10.60
N ALA D 362 13.80 -23.46 11.19
CA ALA D 362 13.65 -23.53 12.65
C ALA D 362 13.31 -24.95 13.03
N ILE D 363 13.78 -25.37 14.21
CA ILE D 363 13.47 -26.72 14.68
C ILE D 363 11.96 -26.88 14.85
N GLU D 364 11.27 -25.80 15.20
CA GLU D 364 9.81 -25.81 15.18
C GLU D 364 9.29 -26.20 13.81
N SER D 365 9.70 -25.47 12.77
CA SER D 365 9.23 -25.76 11.42
C SER D 365 9.66 -27.13 10.96
N ALA D 366 10.79 -27.64 11.46
CA ALA D 366 11.24 -28.97 11.09
C ALA D 366 10.24 -30.04 11.51
N HIS D 367 9.47 -29.78 12.57
CA HIS D 367 8.40 -30.70 12.95
C HIS D 367 7.34 -30.78 11.86
N ALA D 368 6.98 -29.63 11.27
CA ALA D 368 5.99 -29.62 10.20
C ALA D 368 6.53 -30.33 8.95
N VAL D 369 7.79 -30.06 8.59
CA VAL D 369 8.41 -30.74 7.46
C VAL D 369 8.45 -32.24 7.71
N ALA D 370 8.80 -32.65 8.93
CA ALA D 370 8.83 -34.08 9.26
C ALA D 370 7.46 -34.72 9.06
N GLY D 371 6.40 -34.06 9.53
CA GLY D 371 5.07 -34.60 9.36
C GLY D 371 4.62 -34.63 7.92
N ALA D 372 5.09 -33.69 7.10
CA ALA D 372 4.72 -33.67 5.69
C ALA D 372 5.33 -34.84 4.94
N LEU D 373 6.52 -35.28 5.34
CA LEU D 373 7.12 -36.46 4.72
C LEU D 373 6.29 -37.70 5.01
N LYS D 374 5.81 -37.85 6.24
CA LYS D 374 4.95 -38.96 6.58
C LYS D 374 3.61 -38.85 5.87
N LEU D 375 3.07 -37.63 5.75
CA LEU D 375 1.79 -37.44 5.08
C LEU D 375 1.91 -37.72 3.58
N GLY D 376 3.05 -37.35 2.98
CA GLY D 376 3.25 -37.64 1.57
C GLY D 376 3.32 -39.13 1.28
N VAL D 377 3.87 -39.92 2.21
CA VAL D 377 3.91 -41.36 2.03
C VAL D 377 2.50 -41.93 1.99
N GLU D 378 1.62 -41.46 2.88
CA GLU D 378 0.27 -42.03 2.94
C GLU D 378 -0.65 -41.43 1.89
N LEU D 379 -0.39 -40.21 1.43
CA LEU D 379 -1.21 -39.64 0.36
C LEU D 379 -0.79 -40.13 -1.02
N GLY D 380 0.50 -40.37 -1.22
CA GLY D 380 0.98 -41.01 -2.42
C GLY D 380 1.55 -40.05 -3.45
N ARG D 381 1.80 -40.61 -4.63
CA ARG D 381 2.47 -39.88 -5.71
C ARG D 381 1.59 -38.72 -6.20
N GLY D 382 2.23 -37.58 -6.45
CA GLY D 382 1.57 -36.43 -7.02
C GLY D 382 0.74 -35.60 -6.06
N ALA D 383 0.60 -36.02 -4.81
CA ALA D 383 -0.20 -35.27 -3.86
C ALA D 383 0.46 -33.91 -3.58
N VAL D 384 -0.37 -32.87 -3.54
CA VAL D 384 0.10 -31.50 -3.34
C VAL D 384 -0.09 -31.17 -1.87
N ILE D 385 1.02 -30.95 -1.16
CA ILE D 385 1.01 -30.67 0.27
C ILE D 385 1.68 -29.32 0.49
N VAL D 386 0.98 -28.42 1.16
CA VAL D 386 1.51 -27.10 1.51
C VAL D 386 1.99 -27.14 2.95
N VAL D 387 3.25 -26.77 3.17
CA VAL D 387 3.87 -26.76 4.49
C VAL D 387 4.17 -25.32 4.87
N ASN D 388 3.80 -24.95 6.09
CA ASN D 388 4.12 -23.62 6.63
C ASN D 388 5.49 -23.70 7.27
N LEU D 389 6.51 -23.21 6.55
CA LEU D 389 7.86 -23.11 7.11
C LEU D 389 7.89 -21.87 7.98
N SER D 390 7.56 -22.05 9.26
CA SER D 390 7.23 -20.92 10.11
C SER D 390 8.42 -20.01 10.39
N GLY D 391 9.64 -20.56 10.39
CA GLY D 391 10.79 -19.72 10.66
C GLY D 391 12.07 -20.37 10.17
N ARG D 392 13.13 -19.56 10.15
CA ARG D 392 14.46 -20.04 9.80
C ARG D 392 15.20 -20.48 11.06
N GLY D 393 16.28 -21.24 10.86
CA GLY D 393 16.93 -21.89 11.97
C GLY D 393 18.22 -21.27 12.47
N ASP D 394 18.43 -19.99 12.21
CA ASP D 394 19.63 -19.31 12.69
C ASP D 394 19.78 -19.44 14.20
N LYS D 395 18.66 -19.34 14.93
CA LYS D 395 18.69 -19.50 16.38
C LYS D 395 19.06 -20.91 16.80
N ASP D 396 18.81 -21.91 15.94
CA ASP D 396 19.00 -23.30 16.27
C ASP D 396 20.28 -23.89 15.68
N VAL D 397 21.14 -23.04 15.10
CA VAL D 397 22.32 -23.54 14.41
C VAL D 397 23.27 -24.23 15.39
N GLU D 398 23.45 -23.65 16.58
CA GLU D 398 24.32 -24.27 17.57
C GLU D 398 23.76 -25.60 18.05
N THR D 399 22.45 -25.66 18.31
CA THR D 399 21.83 -26.91 18.74
C THR D 399 21.98 -27.99 17.67
N ALA D 400 21.71 -27.64 16.41
CA ALA D 400 21.78 -28.62 15.34
C ALA D 400 23.21 -29.08 15.10
N ALA D 401 24.19 -28.18 15.26
CA ALA D 401 25.58 -28.55 15.05
C ALA D 401 26.02 -29.63 16.03
N LYS D 402 25.58 -29.54 17.29
CA LYS D 402 25.85 -30.59 18.26
C LYS D 402 25.15 -31.89 17.87
N TRP D 403 23.90 -31.79 17.43
CA TRP D 403 23.13 -32.98 17.09
C TRP D 403 23.78 -33.78 15.97
N PHE D 404 24.41 -33.09 15.01
CA PHE D 404 25.00 -33.74 13.85
C PHE D 404 26.52 -33.88 13.95
N GLY D 405 27.09 -33.63 15.12
CA GLY D 405 28.52 -33.78 15.34
C GLY D 405 29.39 -32.91 14.47
N LEU D 406 29.06 -31.62 14.39
CA LEU D 406 29.79 -30.68 13.54
C LEU D 406 30.58 -29.66 14.35
N LEU D 407 30.78 -29.89 15.65
CA LEU D 407 31.56 -28.98 16.47
C LEU D 407 33.02 -28.97 16.03
N ALA E 9 68.21 -11.56 -32.96
CA ALA E 9 68.63 -12.63 -32.07
C ALA E 9 68.32 -12.27 -30.62
N SER E 10 68.15 -13.29 -29.79
CA SER E 10 67.80 -13.10 -28.39
C SER E 10 69.05 -12.75 -27.59
N ARG E 11 68.90 -12.64 -26.27
CA ARG E 11 70.01 -12.35 -25.38
C ARG E 11 70.51 -13.58 -24.63
N LEU E 12 69.71 -14.64 -24.56
CA LEU E 12 70.11 -15.90 -23.96
C LEU E 12 70.42 -16.98 -25.00
N GLY E 13 70.23 -16.68 -26.28
CA GLY E 13 70.54 -17.59 -27.36
C GLY E 13 71.94 -18.17 -27.30
N PRO E 14 72.96 -17.32 -27.16
CA PRO E 14 74.33 -17.84 -27.02
C PRO E 14 74.51 -18.85 -25.91
N VAL E 15 73.85 -18.66 -24.77
CA VAL E 15 74.00 -19.60 -23.67
C VAL E 15 73.35 -20.93 -23.99
N PHE E 16 72.24 -20.92 -24.75
CA PHE E 16 71.61 -22.17 -25.14
C PHE E 16 72.33 -22.83 -26.32
N ASP E 17 72.96 -22.03 -27.18
CA ASP E 17 73.78 -22.61 -28.24
C ASP E 17 75.03 -23.27 -27.66
N SER E 18 75.65 -22.63 -26.67
CA SER E 18 76.82 -23.21 -26.02
C SER E 18 76.47 -24.46 -25.23
N CYS E 19 75.24 -24.56 -24.74
CA CYS E 19 74.81 -25.75 -24.02
C CYS E 19 74.43 -26.88 -24.96
N ARG E 20 73.81 -26.54 -26.10
CA ARG E 20 73.41 -27.56 -27.06
C ARG E 20 74.59 -28.09 -27.86
N ALA E 21 75.63 -27.26 -28.04
CA ALA E 21 76.84 -27.74 -28.71
C ALA E 21 77.65 -28.70 -27.84
N ASN E 22 77.46 -28.65 -26.52
CA ASN E 22 78.11 -29.58 -25.61
C ASN E 22 77.24 -30.77 -25.27
N ASN E 23 76.14 -30.97 -25.99
CA ASN E 23 75.23 -32.10 -25.78
C ASN E 23 74.77 -32.16 -24.32
N ARG E 24 74.19 -31.05 -23.87
CA ARG E 24 73.71 -30.95 -22.49
C ARG E 24 72.63 -29.88 -22.44
N ALA E 25 71.93 -29.83 -21.31
CA ALA E 25 70.93 -28.82 -21.05
C ALA E 25 71.49 -27.77 -20.09
N ALA E 26 70.80 -26.64 -20.03
CA ALA E 26 71.17 -25.56 -19.12
C ALA E 26 70.56 -25.80 -17.76
N LEU E 27 71.35 -25.52 -16.71
CA LEU E 27 70.88 -25.61 -15.33
C LEU E 27 70.46 -24.22 -14.89
N ILE E 28 69.16 -23.99 -14.79
CA ILE E 28 68.59 -22.70 -14.43
C ILE E 28 68.15 -22.77 -12.97
N GLY E 29 68.77 -21.94 -12.13
CA GLY E 29 68.53 -21.97 -10.69
C GLY E 29 67.79 -20.71 -10.24
N TYR E 30 66.88 -20.91 -9.28
CA TYR E 30 66.10 -19.84 -8.69
C TYR E 30 66.49 -19.64 -7.24
N LEU E 31 66.57 -18.37 -6.82
CA LEU E 31 66.77 -18.03 -5.42
C LEU E 31 66.09 -16.70 -5.15
N PRO E 32 65.44 -16.56 -3.99
CA PRO E 32 64.77 -15.30 -3.67
C PRO E 32 65.71 -14.29 -3.02
N THR E 33 65.65 -13.05 -3.48
CA THR E 33 66.45 -11.99 -2.89
C THR E 33 66.07 -11.77 -1.43
N GLY E 34 67.07 -11.78 -0.56
CA GLY E 34 66.83 -11.51 0.84
C GLY E 34 66.58 -12.70 1.73
N TYR E 35 66.73 -13.91 1.21
CA TYR E 35 66.65 -15.08 2.08
C TYR E 35 68.03 -15.70 2.23
N PRO E 36 68.51 -15.93 3.48
CA PRO E 36 67.80 -15.59 4.71
C PRO E 36 67.92 -14.12 5.07
N ASP E 37 68.86 -13.44 4.41
CA ASP E 37 68.97 -11.99 4.49
C ASP E 37 69.61 -11.51 3.20
N VAL E 38 69.69 -10.19 3.04
CA VAL E 38 70.17 -9.60 1.78
C VAL E 38 71.60 -10.02 1.46
N PRO E 39 72.58 -9.89 2.37
CA PRO E 39 73.95 -10.31 2.00
C PRO E 39 74.10 -11.81 1.81
N ALA E 40 73.51 -12.62 2.71
CA ALA E 40 73.63 -14.06 2.58
C ALA E 40 72.95 -14.57 1.31
N SER E 41 71.93 -13.85 0.83
CA SER E 41 71.30 -14.23 -0.44
C SER E 41 72.23 -13.99 -1.61
N VAL E 42 73.07 -12.95 -1.54
CA VAL E 42 74.04 -12.72 -2.60
C VAL E 42 75.20 -13.70 -2.45
N ALA E 43 75.52 -14.13 -1.23
CA ALA E 43 76.53 -15.17 -1.05
C ALA E 43 76.09 -16.47 -1.70
N ALA E 44 74.81 -16.83 -1.55
CA ALA E 44 74.31 -18.06 -2.16
C ALA E 44 74.12 -17.90 -3.66
N MET E 45 73.78 -16.71 -4.13
CA MET E 45 73.66 -16.49 -5.58
C MET E 45 75.01 -16.52 -6.26
N THR E 46 76.07 -16.09 -5.57
CA THR E 46 77.42 -16.23 -6.12
C THR E 46 77.80 -17.70 -6.21
N ALA E 47 77.50 -18.49 -5.17
CA ALA E 47 77.86 -19.90 -5.17
C ALA E 47 77.19 -20.65 -6.31
N LEU E 48 76.02 -20.20 -6.76
CA LEU E 48 75.36 -20.85 -7.89
C LEU E 48 76.18 -20.69 -9.17
N VAL E 49 76.70 -19.49 -9.43
CA VAL E 49 77.58 -19.30 -10.57
C VAL E 49 78.86 -20.11 -10.40
N GLU E 50 79.35 -20.23 -9.16
CA GLU E 50 80.53 -21.04 -8.89
C GLU E 50 80.23 -22.52 -9.10
N SER E 51 79.22 -23.03 -8.41
CA SER E 51 78.89 -24.47 -8.47
C SER E 51 78.31 -24.90 -9.81
N GLY E 52 78.25 -24.05 -10.82
CA GLY E 52 77.97 -24.48 -12.18
C GLY E 52 76.61 -24.14 -12.76
N CYS E 53 75.86 -23.21 -12.15
CA CYS E 53 74.59 -22.79 -12.75
C CYS E 53 74.85 -21.92 -13.96
N ASP E 54 74.16 -22.21 -15.06
CA ASP E 54 74.35 -21.47 -16.30
C ASP E 54 73.48 -20.22 -16.38
N ILE E 55 72.27 -20.28 -15.83
CA ILE E 55 71.37 -19.13 -15.77
C ILE E 55 70.81 -19.05 -14.36
N ILE E 56 70.79 -17.83 -13.80
CA ILE E 56 70.31 -17.59 -12.45
C ILE E 56 68.96 -16.87 -12.54
N GLU E 57 67.98 -17.39 -11.82
CA GLU E 57 66.68 -16.74 -11.67
C GLU E 57 66.67 -15.99 -10.34
N VAL E 58 66.72 -14.67 -10.41
CA VAL E 58 66.66 -13.83 -9.23
C VAL E 58 65.20 -13.55 -8.93
N GLY E 59 64.70 -14.11 -7.83
CA GLY E 59 63.29 -13.97 -7.48
C GLY E 59 63.04 -12.75 -6.62
N VAL E 60 61.97 -12.02 -6.97
CA VAL E 60 61.54 -10.84 -6.22
C VAL E 60 60.46 -11.29 -5.24
N PRO E 61 60.70 -11.22 -3.93
CA PRO E 61 59.68 -11.64 -2.97
C PRO E 61 58.42 -10.78 -3.08
N TYR E 62 57.27 -11.45 -3.05
CA TYR E 62 55.97 -10.80 -3.19
C TYR E 62 55.08 -11.22 -2.02
N SER E 63 54.22 -10.30 -1.59
CA SER E 63 53.44 -10.53 -0.38
C SER E 63 52.37 -11.60 -0.57
N ASP E 64 51.84 -11.75 -1.79
CA ASP E 64 50.82 -12.76 -2.08
C ASP E 64 51.24 -13.55 -3.32
N PRO E 65 52.23 -14.44 -3.19
CA PRO E 65 52.71 -15.19 -4.35
C PRO E 65 51.83 -16.38 -4.70
N GLY E 66 50.95 -16.22 -5.69
CA GLY E 66 49.94 -17.24 -5.95
C GLY E 66 50.50 -18.51 -6.56
N MET E 67 51.48 -18.37 -7.46
CA MET E 67 52.01 -19.53 -8.18
C MET E 67 53.13 -20.24 -7.46
N ASP E 68 53.71 -19.65 -6.42
CA ASP E 68 54.85 -20.24 -5.74
C ASP E 68 54.41 -21.33 -4.77
N GLY E 69 55.29 -22.33 -4.60
CA GLY E 69 55.04 -23.41 -3.68
C GLY E 69 55.27 -22.97 -2.24
N PRO E 70 54.95 -23.87 -1.31
CA PRO E 70 55.07 -23.50 0.11
C PRO E 70 56.50 -23.29 0.57
N THR E 71 57.48 -23.89 -0.10
CA THR E 71 58.88 -23.68 0.29
C THR E 71 59.36 -22.31 -0.14
N ILE E 72 59.11 -21.94 -1.40
CA ILE E 72 59.50 -20.61 -1.87
C ILE E 72 58.67 -19.52 -1.19
N ALA E 73 57.40 -19.81 -0.89
CA ALA E 73 56.55 -18.81 -0.25
C ALA E 73 56.99 -18.54 1.18
N ARG E 74 57.36 -19.60 1.93
N ARG E 74 57.36 -19.60 1.93
CA ARG E 74 57.81 -19.40 3.31
CA ARG E 74 57.82 -19.41 3.30
C ARG E 74 59.13 -18.62 3.36
C ARG E 74 59.12 -18.63 3.35
N ALA E 75 59.95 -18.73 2.31
CA ALA E 75 61.20 -17.98 2.29
C ALA E 75 60.98 -16.51 1.93
N THR E 76 60.10 -16.24 0.96
CA THR E 76 59.80 -14.85 0.62
C THR E 76 59.16 -14.12 1.78
N GLU E 77 58.34 -14.81 2.58
CA GLU E 77 57.78 -14.20 3.77
C GLU E 77 58.88 -13.82 4.76
N ALA E 78 59.87 -14.69 4.93
CA ALA E 78 60.98 -14.38 5.82
C ALA E 78 61.86 -13.27 5.24
N ALA E 79 62.01 -13.25 3.92
CA ALA E 79 62.77 -12.17 3.28
C ALA E 79 62.07 -10.84 3.45
N LEU E 80 60.75 -10.80 3.23
CA LEU E 80 59.99 -9.58 3.40
C LEU E 80 59.95 -9.13 4.87
N ARG E 81 59.94 -10.09 5.80
CA ARG E 81 60.06 -9.73 7.21
C ARG E 81 61.40 -9.09 7.52
N GLY E 82 62.45 -9.47 6.77
CA GLY E 82 63.76 -8.87 6.97
C GLY E 82 63.94 -7.52 6.31
N GLY E 83 62.93 -7.04 5.59
CA GLY E 83 63.00 -5.73 4.98
C GLY E 83 63.55 -5.70 3.56
N VAL E 84 63.48 -6.82 2.83
CA VAL E 84 64.00 -6.86 1.47
C VAL E 84 63.25 -5.85 0.61
N ARG E 85 63.97 -5.24 -0.33
CA ARG E 85 63.41 -4.26 -1.25
C ARG E 85 63.53 -4.79 -2.68
N VAL E 86 62.87 -4.09 -3.60
CA VAL E 86 63.00 -4.43 -5.01
C VAL E 86 64.38 -4.02 -5.52
N ARG E 87 64.91 -2.90 -5.02
CA ARG E 87 66.26 -2.48 -5.41
C ARG E 87 67.31 -3.49 -4.96
N ASP E 88 67.02 -4.24 -3.89
CA ASP E 88 67.95 -5.29 -3.46
C ASP E 88 68.05 -6.39 -4.50
N THR E 89 67.00 -6.60 -5.29
CA THR E 89 67.07 -7.57 -6.39
C THR E 89 67.98 -7.06 -7.50
N LEU E 90 67.82 -5.80 -7.88
CA LEU E 90 68.71 -5.21 -8.88
C LEU E 90 70.16 -5.20 -8.40
N ALA E 91 70.38 -5.12 -7.08
CA ALA E 91 71.73 -5.17 -6.55
C ALA E 91 72.33 -6.56 -6.74
N ALA E 92 71.54 -7.61 -6.53
CA ALA E 92 72.03 -8.97 -6.71
C ALA E 92 72.26 -9.29 -8.19
N VAL E 93 71.51 -8.65 -9.08
CA VAL E 93 71.74 -8.84 -10.51
C VAL E 93 73.09 -8.29 -10.90
N GLU E 94 73.47 -7.14 -10.34
CA GLU E 94 74.79 -6.58 -10.64
C GLU E 94 75.90 -7.45 -10.06
N ALA E 95 75.71 -7.96 -8.84
CA ALA E 95 76.74 -8.76 -8.19
C ALA E 95 76.94 -10.11 -8.87
N ILE E 96 75.99 -10.55 -9.70
CA ILE E 96 76.13 -11.80 -10.43
C ILE E 96 76.80 -11.58 -11.78
N SER E 97 76.50 -10.48 -12.44
CA SER E 97 77.13 -10.19 -13.73
C SER E 97 78.63 -9.94 -13.57
N ILE E 98 79.03 -9.20 -12.54
CA ILE E 98 80.45 -8.95 -12.33
C ILE E 98 81.15 -10.22 -11.85
N ALA E 99 80.41 -11.13 -11.20
CA ALA E 99 80.95 -12.43 -10.82
C ALA E 99 80.97 -13.42 -11.98
N GLY E 100 80.61 -12.99 -13.19
CA GLY E 100 80.72 -13.79 -14.38
C GLY E 100 79.42 -14.41 -14.86
N GLY E 101 78.44 -14.59 -13.99
CA GLY E 101 77.25 -15.33 -14.35
C GLY E 101 76.23 -14.55 -15.15
N ARG E 102 75.23 -15.27 -15.63
CA ARG E 102 74.07 -14.71 -16.31
C ARG E 102 72.88 -14.75 -15.38
N ALA E 103 72.04 -13.70 -15.42
CA ALA E 103 70.96 -13.56 -14.47
C ALA E 103 69.70 -13.04 -15.15
N VAL E 104 68.56 -13.63 -14.76
CA VAL E 104 67.24 -13.11 -15.11
C VAL E 104 66.47 -12.90 -13.82
N VAL E 105 65.39 -12.12 -13.92
CA VAL E 105 64.56 -11.76 -12.78
C VAL E 105 63.18 -12.40 -12.96
N MET E 106 62.74 -13.14 -11.95
CA MET E 106 61.41 -13.73 -11.92
C MET E 106 60.59 -12.98 -10.87
N THR E 107 59.56 -12.27 -11.32
CA THR E 107 58.78 -11.44 -10.41
C THR E 107 57.32 -11.42 -10.85
N TYR E 108 56.44 -11.24 -9.87
CA TYR E 108 55.07 -10.89 -10.17
C TYR E 108 55.02 -9.45 -10.72
N TRP E 109 53.91 -9.12 -11.37
CA TRP E 109 53.91 -7.93 -12.20
C TRP E 109 53.65 -6.65 -11.42
N ASN E 110 52.95 -6.72 -10.29
CA ASN E 110 52.63 -5.49 -9.55
C ASN E 110 53.88 -4.76 -9.05
N PRO E 111 54.89 -5.42 -8.49
CA PRO E 111 56.13 -4.69 -8.17
C PRO E 111 56.74 -3.99 -9.37
N VAL E 112 56.59 -4.57 -10.57
CA VAL E 112 57.06 -3.91 -11.78
C VAL E 112 56.22 -2.67 -12.08
N LEU E 113 54.90 -2.79 -11.92
CA LEU E 113 54.03 -1.64 -12.17
C LEU E 113 54.33 -0.49 -11.20
N ARG E 114 54.58 -0.82 -9.93
CA ARG E 114 54.88 0.21 -8.94
C ARG E 114 56.20 0.92 -9.28
N TYR E 115 57.23 0.14 -9.60
CA TYR E 115 58.53 0.70 -9.96
C TYR E 115 58.45 1.52 -11.24
N GLY E 116 57.54 1.15 -12.15
CA GLY E 116 57.53 1.70 -13.49
C GLY E 116 58.12 0.70 -14.46
N VAL E 117 57.35 0.30 -15.47
CA VAL E 117 57.77 -0.76 -16.38
C VAL E 117 59.01 -0.33 -17.16
N ASP E 118 58.93 0.81 -17.84
CA ASP E 118 60.06 1.29 -18.63
C ASP E 118 61.26 1.57 -17.74
N ALA E 119 61.03 2.07 -16.53
CA ALA E 119 62.14 2.38 -15.64
C ALA E 119 62.75 1.11 -15.04
N PHE E 120 61.94 0.07 -14.83
CA PHE E 120 62.49 -1.17 -14.29
C PHE E 120 63.25 -1.95 -15.35
N ALA E 121 62.76 -1.94 -16.59
CA ALA E 121 63.50 -2.58 -17.68
C ALA E 121 64.82 -1.87 -17.92
N ARG E 122 64.85 -0.55 -17.76
CA ARG E 122 66.08 0.20 -17.97
C ARG E 122 67.09 -0.06 -16.86
N ASP E 123 66.64 0.03 -15.60
CA ASP E 123 67.53 -0.20 -14.47
C ASP E 123 67.97 -1.66 -14.38
N LEU E 124 67.28 -2.57 -15.07
CA LEU E 124 67.71 -3.96 -15.09
C LEU E 124 68.76 -4.20 -16.17
N ALA E 125 68.55 -3.63 -17.36
CA ALA E 125 69.55 -3.74 -18.42
C ALA E 125 70.85 -3.06 -18.02
N ALA E 126 70.75 -1.87 -17.42
CA ALA E 126 71.94 -1.17 -16.92
C ALA E 126 72.59 -1.94 -15.77
N ALA E 127 71.84 -2.77 -15.06
CA ALA E 127 72.41 -3.61 -14.01
C ALA E 127 73.01 -4.91 -14.55
N GLY E 128 72.95 -5.13 -15.86
CA GLY E 128 73.46 -6.33 -16.46
C GLY E 128 72.45 -7.45 -16.65
N GLY E 129 71.22 -7.25 -16.20
CA GLY E 129 70.21 -8.29 -16.34
C GLY E 129 69.91 -8.61 -17.79
N LEU E 130 69.50 -9.85 -18.04
CA LEU E 130 69.28 -10.34 -19.39
C LEU E 130 67.80 -10.53 -19.74
N GLY E 131 66.97 -10.94 -18.79
CA GLY E 131 65.59 -11.23 -19.10
C GLY E 131 64.67 -11.05 -17.90
N LEU E 132 63.40 -11.36 -18.12
CA LEU E 132 62.37 -11.22 -17.10
C LEU E 132 61.38 -12.36 -17.24
N ILE E 133 61.16 -13.10 -16.16
CA ILE E 133 60.17 -14.18 -16.12
C ILE E 133 58.92 -13.65 -15.44
N THR E 134 57.79 -13.68 -16.15
CA THR E 134 56.55 -13.05 -15.72
C THR E 134 55.48 -14.12 -15.52
N PRO E 135 55.40 -14.71 -14.32
CA PRO E 135 54.42 -15.79 -14.12
C PRO E 135 52.97 -15.33 -14.12
N ASP E 136 52.69 -14.09 -13.72
CA ASP E 136 51.32 -13.59 -13.68
C ASP E 136 51.02 -12.59 -14.79
N LEU E 137 51.96 -12.35 -15.70
CA LEU E 137 51.74 -11.48 -16.84
C LEU E 137 51.64 -12.34 -18.10
N ILE E 138 50.46 -12.33 -18.73
CA ILE E 138 50.25 -13.05 -19.99
C ILE E 138 50.48 -12.07 -21.13
N PRO E 139 50.71 -12.54 -22.36
CA PRO E 139 50.89 -11.61 -23.48
C PRO E 139 49.69 -10.68 -23.71
N ASP E 140 48.49 -11.08 -23.27
CA ASP E 140 47.31 -10.26 -23.45
C ASP E 140 47.40 -8.92 -22.72
N GLU E 141 48.31 -8.80 -21.75
CA GLU E 141 48.45 -7.59 -20.95
C GLU E 141 49.86 -7.01 -21.02
N ALA E 142 50.66 -7.43 -21.99
CA ALA E 142 52.09 -7.11 -22.01
C ALA E 142 52.43 -6.00 -23.01
N GLN E 143 51.46 -5.15 -23.36
CA GLN E 143 51.73 -4.08 -24.32
C GLN E 143 52.90 -3.22 -23.88
N GLN E 144 52.94 -2.84 -22.60
CA GLN E 144 54.04 -2.03 -22.10
C GLN E 144 55.33 -2.85 -22.02
N TRP E 145 55.22 -4.14 -21.69
CA TRP E 145 56.42 -4.96 -21.51
C TRP E 145 57.06 -5.30 -22.85
N LEU E 146 56.25 -5.49 -23.90
CA LEU E 146 56.80 -5.73 -25.23
C LEU E 146 57.61 -4.54 -25.70
N ALA E 147 57.10 -3.32 -25.49
CA ALA E 147 57.82 -2.13 -25.90
C ALA E 147 59.07 -1.89 -25.05
N ALA E 148 59.02 -2.27 -23.77
CA ALA E 148 60.14 -2.06 -22.87
C ALA E 148 61.21 -3.14 -22.98
N SER E 149 60.91 -4.25 -23.65
CA SER E 149 61.92 -5.27 -23.91
C SER E 149 62.61 -5.09 -25.25
N GLU E 150 61.97 -4.42 -26.21
CA GLU E 150 62.61 -4.09 -27.46
C GLU E 150 63.53 -2.88 -27.30
N GLU E 151 63.04 -1.84 -26.62
CA GLU E 151 63.82 -0.62 -26.45
C GLU E 151 65.07 -0.87 -25.61
N HIS E 152 64.95 -1.70 -24.57
CA HIS E 152 66.05 -1.91 -23.64
C HIS E 152 66.71 -3.28 -23.80
N ARG E 153 66.33 -4.03 -24.83
CA ARG E 153 67.01 -5.27 -25.22
C ARG E 153 67.06 -6.26 -24.06
N LEU E 154 65.87 -6.74 -23.69
CA LEU E 154 65.72 -7.73 -22.63
C LEU E 154 64.90 -8.90 -23.15
N ASP E 155 65.11 -10.07 -22.53
CA ASP E 155 64.38 -11.28 -22.90
C ASP E 155 63.10 -11.38 -22.09
N ARG E 156 62.03 -11.81 -22.75
CA ARG E 156 60.72 -11.98 -22.13
C ARG E 156 60.39 -13.46 -22.09
N ILE E 157 60.46 -14.05 -20.90
CA ILE E 157 60.17 -15.47 -20.69
C ILE E 157 58.75 -15.57 -20.18
N PHE E 158 57.83 -15.98 -21.04
CA PHE E 158 56.46 -16.25 -20.64
C PHE E 158 56.29 -17.72 -20.28
N LEU E 159 55.21 -18.00 -19.55
CA LEU E 159 54.93 -19.35 -19.07
C LEU E 159 53.82 -20.00 -19.91
N VAL E 160 53.96 -21.31 -20.12
CA VAL E 160 52.89 -22.12 -20.68
C VAL E 160 52.59 -23.23 -19.67
N ALA E 161 51.45 -23.87 -19.84
CA ALA E 161 50.96 -24.88 -18.92
C ALA E 161 50.38 -26.04 -19.70
N PRO E 162 50.27 -27.22 -19.09
CA PRO E 162 49.64 -28.34 -19.79
C PRO E 162 48.23 -28.05 -20.28
N SER E 163 47.47 -27.25 -19.54
CA SER E 163 46.10 -26.92 -19.92
C SER E 163 46.01 -25.82 -20.97
N SER E 164 47.15 -25.34 -21.47
CA SER E 164 47.13 -24.28 -22.48
C SER E 164 46.48 -24.78 -23.76
N THR E 165 45.57 -23.97 -24.31
CA THR E 165 44.96 -24.29 -25.59
C THR E 165 45.98 -24.15 -26.70
N PRO E 166 45.73 -24.78 -27.86
CA PRO E 166 46.66 -24.59 -28.99
C PRO E 166 46.80 -23.13 -29.41
N GLU E 167 45.69 -22.38 -29.43
CA GLU E 167 45.76 -20.98 -29.84
C GLU E 167 46.57 -20.14 -28.86
N ARG E 168 46.44 -20.41 -27.56
CA ARG E 168 47.18 -19.64 -26.57
C ARG E 168 48.63 -20.11 -26.45
N LEU E 169 48.89 -21.40 -26.63
CA LEU E 169 50.26 -21.88 -26.61
C LEU E 169 51.06 -21.30 -27.77
N ALA E 170 50.42 -21.17 -28.94
CA ALA E 170 51.09 -20.57 -30.09
C ALA E 170 51.36 -19.09 -29.84
N ALA E 171 50.38 -18.37 -29.31
CA ALA E 171 50.53 -16.93 -29.09
C ALA E 171 51.55 -16.63 -28.00
N THR E 172 51.58 -17.45 -26.95
CA THR E 172 52.51 -17.22 -25.86
C THR E 172 53.95 -17.48 -26.31
N VAL E 173 54.16 -18.51 -27.13
CA VAL E 173 55.50 -18.83 -27.60
C VAL E 173 56.02 -17.73 -28.53
N GLU E 174 55.14 -17.21 -29.40
CA GLU E 174 55.56 -16.17 -30.34
C GLU E 174 56.04 -14.92 -29.59
N ALA E 175 55.37 -14.55 -28.51
CA ALA E 175 55.73 -13.35 -27.76
C ALA E 175 56.92 -13.55 -26.84
N SER E 176 57.55 -14.73 -26.85
CA SER E 176 58.65 -15.03 -25.95
C SER E 176 60.00 -14.86 -26.65
N ARG E 177 60.98 -14.35 -25.91
CA ARG E 177 62.36 -14.26 -26.36
C ARG E 177 63.25 -14.86 -25.29
N GLY E 178 64.27 -15.61 -25.72
CA GLY E 178 65.13 -16.30 -24.79
C GLY E 178 64.77 -17.76 -24.63
N PHE E 179 63.79 -18.04 -23.77
CA PHE E 179 63.26 -19.39 -23.64
C PHE E 179 61.84 -19.31 -23.09
N VAL E 180 61.15 -20.45 -23.10
CA VAL E 180 59.77 -20.56 -22.64
C VAL E 180 59.74 -21.43 -21.41
N TYR E 181 59.07 -20.94 -20.36
CA TYR E 181 58.96 -21.63 -19.09
C TYR E 181 57.76 -22.58 -19.15
N ALA E 182 58.02 -23.88 -18.99
CA ALA E 182 56.98 -24.91 -19.03
C ALA E 182 56.82 -25.48 -17.62
N ALA E 183 55.77 -25.05 -16.92
CA ALA E 183 55.56 -25.40 -15.52
C ALA E 183 54.50 -26.49 -15.38
N SER E 184 54.79 -27.44 -14.49
CA SER E 184 53.84 -28.52 -14.20
C SER E 184 53.74 -28.75 -12.70
N SER E 196 54.20 -39.67 -14.84
CA SER E 196 53.55 -38.40 -15.13
C SER E 196 53.59 -38.11 -16.63
N GLN E 197 54.74 -37.59 -17.07
CA GLN E 197 55.01 -37.36 -18.49
C GLN E 197 54.02 -36.39 -19.12
N ALA E 198 53.65 -35.37 -18.37
CA ALA E 198 52.92 -34.23 -18.92
C ALA E 198 53.85 -33.11 -19.35
N ALA E 199 55.07 -33.06 -18.80
CA ALA E 199 56.05 -32.07 -19.24
C ALA E 199 56.57 -32.36 -20.63
N PRO E 200 57.01 -33.59 -20.98
CA PRO E 200 57.50 -33.80 -22.35
C PRO E 200 56.45 -33.54 -23.42
N GLU E 201 55.19 -33.91 -23.16
CA GLU E 201 54.13 -33.59 -24.12
C GLU E 201 53.96 -32.09 -24.26
N LEU E 202 54.11 -31.35 -23.15
CA LEU E 202 54.05 -29.89 -23.22
C LEU E 202 55.23 -29.33 -24.01
N VAL E 203 56.43 -29.88 -23.82
CA VAL E 203 57.60 -29.42 -24.57
C VAL E 203 57.43 -29.73 -26.04
N GLY E 204 56.86 -30.88 -26.38
CA GLY E 204 56.67 -31.24 -27.78
C GLY E 204 55.76 -30.27 -28.51
N ARG E 205 54.73 -29.78 -27.83
CA ARG E 205 53.82 -28.82 -28.46
C ARG E 205 54.53 -27.51 -28.75
N VAL E 206 55.54 -27.14 -27.95
CA VAL E 206 56.33 -25.96 -28.25
C VAL E 206 57.24 -26.21 -29.45
N LYS E 207 57.90 -27.38 -29.48
CA LYS E 207 58.77 -27.72 -30.60
C LYS E 207 58.01 -27.74 -31.91
N ALA E 208 56.73 -28.11 -31.88
CA ALA E 208 55.94 -28.22 -33.10
C ALA E 208 55.57 -26.88 -33.70
N VAL E 209 55.90 -25.76 -33.04
CA VAL E 209 55.58 -24.45 -33.58
C VAL E 209 56.75 -23.48 -33.54
N SER E 210 57.81 -23.75 -32.79
CA SER E 210 58.93 -22.82 -32.73
C SER E 210 60.18 -23.57 -32.27
N ASP E 211 61.33 -23.05 -32.70
CA ASP E 211 62.63 -23.61 -32.30
C ASP E 211 63.13 -23.05 -30.99
N ILE E 212 62.40 -22.11 -30.38
CA ILE E 212 62.88 -21.38 -29.21
C ILE E 212 63.21 -22.35 -28.08
N PRO E 213 64.28 -22.12 -27.32
CA PRO E 213 64.61 -23.03 -26.22
C PRO E 213 63.48 -23.11 -25.20
N VAL E 214 63.40 -24.26 -24.52
CA VAL E 214 62.34 -24.54 -23.56
C VAL E 214 62.96 -24.94 -22.23
N GLY E 215 62.55 -24.27 -21.16
CA GLY E 215 62.93 -24.63 -19.81
C GLY E 215 61.78 -25.31 -19.09
N VAL E 216 62.11 -26.32 -18.30
CA VAL E 216 61.11 -27.16 -17.63
C VAL E 216 61.36 -27.12 -16.13
N GLY E 217 60.29 -26.81 -15.38
CA GLY E 217 60.32 -26.88 -13.94
C GLY E 217 59.37 -27.94 -13.40
N LEU E 218 59.87 -28.79 -12.50
CA LEU E 218 59.05 -29.88 -12.00
C LEU E 218 59.27 -30.18 -10.53
N GLY E 219 59.88 -29.30 -9.76
CA GLY E 219 60.29 -29.64 -8.41
C GLY E 219 61.47 -30.59 -8.39
N VAL E 220 62.44 -30.38 -9.28
CA VAL E 220 63.60 -31.26 -9.36
C VAL E 220 64.40 -31.19 -8.07
N ARG E 221 64.75 -32.36 -7.53
CA ARG E 221 65.50 -32.44 -6.29
C ARG E 221 66.67 -33.42 -6.33
N SER E 222 66.88 -34.13 -7.44
CA SER E 222 67.93 -35.12 -7.53
C SER E 222 68.60 -35.02 -8.89
N ARG E 223 69.78 -35.63 -8.98
CA ARG E 223 70.50 -35.67 -10.26
C ARG E 223 69.78 -36.54 -11.28
N ALA E 224 69.09 -37.60 -10.82
CA ALA E 224 68.39 -38.48 -11.74
C ALA E 224 67.26 -37.76 -12.46
N GLN E 225 66.48 -36.96 -11.73
CA GLN E 225 65.39 -36.20 -12.35
C GLN E 225 65.93 -35.16 -13.33
N ALA E 226 67.04 -34.50 -12.97
CA ALA E 226 67.64 -33.53 -13.87
C ALA E 226 68.10 -34.17 -15.17
N ALA E 227 68.43 -35.47 -15.14
CA ALA E 227 68.89 -36.14 -16.35
C ALA E 227 67.73 -36.44 -17.30
N GLN E 228 66.60 -36.91 -16.75
CA GLN E 228 65.46 -37.23 -17.60
C GLN E 228 64.98 -36.00 -18.37
N ILE E 229 64.87 -34.86 -17.68
CA ILE E 229 64.37 -33.65 -18.31
C ILE E 229 65.32 -33.17 -19.39
N ALA E 230 66.63 -33.38 -19.22
CA ALA E 230 67.60 -32.91 -20.19
C ALA E 230 67.52 -33.66 -21.51
N GLN E 231 66.88 -34.83 -21.54
CA GLN E 231 66.77 -35.60 -22.76
C GLN E 231 65.83 -34.96 -23.77
N TYR E 232 64.88 -34.14 -23.32
CA TYR E 232 63.93 -33.49 -24.21
C TYR E 232 63.84 -31.98 -24.04
N ALA E 233 64.30 -31.41 -22.93
CA ALA E 233 64.18 -30.00 -22.65
C ALA E 233 65.54 -29.30 -22.80
N ASP E 234 65.50 -28.09 -23.34
CA ASP E 234 66.72 -27.30 -23.52
C ASP E 234 67.24 -26.70 -22.22
N GLY E 235 66.47 -26.75 -21.14
CA GLY E 235 66.90 -26.24 -19.85
C GLY E 235 66.12 -26.85 -18.71
N VAL E 236 66.80 -27.10 -17.59
CA VAL E 236 66.17 -27.67 -16.40
C VAL E 236 66.16 -26.60 -15.32
N ILE E 237 64.96 -26.29 -14.82
CA ILE E 237 64.76 -25.22 -13.85
C ILE E 237 64.59 -25.83 -12.46
N VAL E 238 65.41 -25.38 -11.51
CA VAL E 238 65.35 -25.84 -10.13
C VAL E 238 65.23 -24.62 -9.23
N GLY E 239 64.36 -24.71 -8.23
CA GLY E 239 64.16 -23.61 -7.30
C GLY E 239 63.88 -24.04 -5.88
N SER E 240 62.86 -24.89 -5.70
CA SER E 240 62.48 -25.32 -4.36
C SER E 240 63.60 -26.10 -3.69
N ALA E 241 64.28 -26.98 -4.44
CA ALA E 241 65.37 -27.76 -3.86
C ALA E 241 66.54 -26.88 -3.47
N LEU E 242 66.81 -25.83 -4.24
CA LEU E 242 67.90 -24.92 -3.89
C LEU E 242 67.62 -24.20 -2.58
N VAL E 243 66.38 -23.76 -2.38
CA VAL E 243 66.03 -23.05 -1.15
C VAL E 243 66.04 -23.99 0.04
N THR E 244 65.56 -25.21 -0.13
CA THR E 244 65.58 -26.18 0.96
C THR E 244 67.01 -26.47 1.42
N ALA E 245 67.94 -26.55 0.47
CA ALA E 245 69.34 -26.79 0.83
C ALA E 245 69.95 -25.59 1.54
N LEU E 246 69.71 -24.39 1.00
CA LEU E 246 70.27 -23.18 1.61
C LEU E 246 69.76 -22.98 3.03
N THR E 247 68.56 -23.46 3.33
CA THR E 247 68.04 -23.35 4.69
C THR E 247 68.86 -24.20 5.65
N GLU E 248 69.16 -25.44 5.26
CA GLU E 248 70.02 -26.29 6.08
C GLU E 248 71.43 -25.71 6.16
N GLY E 249 71.95 -25.23 5.04
CA GLY E 249 73.27 -24.62 5.04
C GLY E 249 73.82 -24.28 3.67
N LEU E 250 74.69 -23.26 3.62
CA LEU E 250 75.40 -22.95 2.39
C LEU E 250 76.30 -24.08 1.89
N PRO E 251 76.92 -24.90 2.74
CA PRO E 251 77.59 -26.10 2.19
C PRO E 251 76.65 -27.02 1.45
N ARG E 252 75.48 -27.31 2.01
CA ARG E 252 74.53 -28.21 1.38
C ARG E 252 74.10 -27.70 0.00
N LEU E 253 74.07 -26.38 -0.18
CA LEU E 253 73.68 -25.82 -1.47
C LEU E 253 74.77 -26.03 -2.52
N ARG E 254 76.04 -25.96 -2.10
CA ARG E 254 77.15 -26.16 -3.04
C ARG E 254 77.16 -27.59 -3.57
N ALA E 255 76.93 -28.56 -2.68
CA ALA E 255 76.93 -29.97 -3.10
C ALA E 255 75.76 -30.27 -4.03
N LEU E 256 74.56 -29.82 -3.66
CA LEU E 256 73.38 -30.09 -4.47
C LEU E 256 73.49 -29.43 -5.84
N THR E 257 73.99 -28.20 -5.90
CA THR E 257 74.17 -27.53 -7.19
C THR E 257 75.22 -28.25 -8.02
N GLY E 258 76.24 -28.83 -7.39
CA GLY E 258 77.20 -29.62 -8.14
C GLY E 258 76.60 -30.88 -8.71
N GLU E 259 75.78 -31.58 -7.92
CA GLU E 259 75.11 -32.78 -8.41
C GLU E 259 74.20 -32.47 -9.60
N LEU E 260 73.48 -31.35 -9.53
CA LEU E 260 72.54 -31.00 -10.59
C LEU E 260 73.28 -30.56 -11.85
N ALA E 261 74.36 -29.79 -11.68
CA ALA E 261 75.16 -29.37 -12.84
C ALA E 261 75.78 -30.55 -13.55
N ALA E 262 75.97 -31.68 -12.86
CA ALA E 262 76.48 -32.87 -13.51
C ALA E 262 75.35 -33.71 -14.10
N GLY E 263 74.19 -33.73 -13.44
CA GLY E 263 73.04 -34.51 -13.89
C GLY E 263 72.46 -34.10 -15.22
N VAL E 264 72.82 -32.92 -15.73
CA VAL E 264 72.29 -32.44 -17.00
C VAL E 264 73.20 -32.91 -18.14
N ARG E 265 73.96 -33.97 -17.90
CA ARG E 265 74.88 -34.54 -18.88
C ARG E 265 74.19 -34.90 -20.18
N THR F 9 25.52 -3.06 -23.51
CA THR F 9 25.42 -1.75 -22.86
C THR F 9 26.74 -1.00 -22.99
N SER F 10 26.67 0.34 -22.94
CA SER F 10 27.86 1.17 -23.10
C SER F 10 28.81 1.08 -21.92
N HIS F 11 28.37 0.53 -20.79
CA HIS F 11 29.21 0.42 -19.60
C HIS F 11 29.99 -0.89 -19.54
N ASP F 12 29.86 -1.74 -20.56
CA ASP F 12 30.56 -3.02 -20.58
C ASP F 12 32.00 -2.82 -21.06
N PRO F 13 32.92 -3.66 -20.58
CA PRO F 13 34.32 -3.57 -21.01
C PRO F 13 34.49 -4.21 -22.38
N ASP F 14 35.73 -4.13 -22.90
CA ASP F 14 36.03 -4.76 -24.17
C ASP F 14 36.12 -6.28 -24.00
N SER F 15 36.43 -6.98 -25.10
CA SER F 15 36.52 -8.43 -25.05
C SER F 15 37.61 -8.91 -24.10
N GLY F 16 38.63 -8.08 -23.84
CA GLY F 16 39.66 -8.40 -22.89
C GLY F 16 39.35 -8.03 -21.46
N GLY F 17 38.19 -7.43 -21.21
CA GLY F 17 37.81 -7.08 -19.86
C GLY F 17 38.36 -5.76 -19.36
N HIS F 18 38.62 -4.82 -20.26
CA HIS F 18 39.21 -3.53 -19.89
C HIS F 18 38.14 -2.45 -19.89
N PHE F 19 38.08 -1.69 -18.81
CA PHE F 19 37.17 -0.55 -18.69
C PHE F 19 37.91 0.73 -19.00
N GLY F 20 37.34 1.55 -19.88
CA GLY F 20 37.85 2.90 -20.07
C GLY F 20 39.10 3.02 -20.91
N GLY F 21 39.32 2.11 -21.85
CA GLY F 21 40.36 2.24 -22.85
C GLY F 21 41.77 2.42 -22.32
N PRO F 22 42.30 3.64 -22.43
CA PRO F 22 43.72 3.87 -22.08
C PRO F 22 44.09 3.47 -20.66
N SER F 23 43.28 3.84 -19.67
CA SER F 23 43.64 3.54 -18.28
C SER F 23 43.73 2.04 -18.03
N GLY F 24 42.95 1.24 -18.76
CA GLY F 24 43.07 -0.20 -18.71
C GLY F 24 42.63 -0.85 -17.41
N TRP F 25 41.57 -0.34 -16.80
CA TRP F 25 41.04 -0.98 -15.61
C TRP F 25 40.50 -2.37 -15.94
N GLY F 26 40.81 -3.35 -15.10
CA GLY F 26 40.31 -4.69 -15.28
C GLY F 26 41.31 -5.64 -15.90
N GLY F 27 40.95 -6.23 -17.03
CA GLY F 27 41.83 -7.17 -17.70
C GLY F 27 41.87 -8.53 -17.02
N ARG F 28 42.92 -9.29 -17.34
CA ARG F 28 43.16 -10.61 -16.77
C ARG F 28 44.62 -10.68 -16.35
N TYR F 29 44.90 -10.43 -15.07
CA TYR F 29 46.25 -10.57 -14.54
C TYR F 29 46.35 -11.89 -13.78
N VAL F 30 46.30 -12.96 -14.56
CA VAL F 30 46.28 -14.33 -14.06
C VAL F 30 47.38 -15.11 -14.76
N PRO F 31 47.84 -16.21 -14.15
CA PRO F 31 48.81 -17.06 -14.83
C PRO F 31 48.19 -17.75 -16.03
N GLU F 32 49.07 -18.12 -16.98
CA GLU F 32 48.61 -18.83 -18.18
C GLU F 32 47.89 -20.13 -17.83
N ALA F 33 48.24 -20.73 -16.69
CA ALA F 33 47.63 -21.99 -16.27
C ALA F 33 46.12 -21.88 -16.09
N LEU F 34 45.61 -20.67 -15.82
CA LEU F 34 44.18 -20.47 -15.59
C LEU F 34 43.43 -19.99 -16.83
N MET F 35 44.13 -19.65 -17.91
CA MET F 35 43.46 -19.02 -19.05
C MET F 35 42.49 -19.95 -19.76
N ALA F 36 42.68 -21.27 -19.66
CA ALA F 36 41.77 -22.19 -20.32
C ALA F 36 40.39 -22.16 -19.69
N VAL F 37 40.33 -22.27 -18.36
CA VAL F 37 39.03 -22.29 -17.68
C VAL F 37 38.43 -20.88 -17.63
N ILE F 38 39.27 -19.84 -17.56
CA ILE F 38 38.76 -18.48 -17.54
C ILE F 38 38.07 -18.15 -18.85
N GLU F 39 38.68 -18.54 -19.98
CA GLU F 39 38.01 -18.42 -21.26
C GLU F 39 36.78 -19.32 -21.32
N GLU F 40 36.85 -20.49 -20.69
CA GLU F 40 35.72 -21.42 -20.69
C GLU F 40 34.54 -20.82 -19.93
N VAL F 41 34.81 -20.08 -18.84
CA VAL F 41 33.74 -19.41 -18.12
C VAL F 41 33.24 -18.22 -18.90
N THR F 42 34.15 -17.47 -19.53
CA THR F 42 33.75 -16.31 -20.32
C THR F 42 32.83 -16.71 -21.47
N ALA F 43 33.17 -17.82 -22.15
CA ALA F 43 32.33 -18.29 -23.26
C ALA F 43 30.98 -18.79 -22.75
N ALA F 44 30.99 -19.58 -21.67
CA ALA F 44 29.75 -20.15 -21.16
C ALA F 44 28.80 -19.05 -20.69
N TYR F 45 29.34 -17.99 -20.09
CA TYR F 45 28.49 -16.90 -19.63
C TYR F 45 27.89 -16.14 -20.81
N GLN F 46 28.68 -15.86 -21.84
CA GLN F 46 28.14 -15.21 -23.03
C GLN F 46 27.08 -16.09 -23.70
N LYS F 47 27.21 -17.41 -23.56
CA LYS F 47 26.26 -18.33 -24.19
C LYS F 47 24.95 -18.40 -23.39
N GLU F 48 25.05 -18.50 -22.06
CA GLU F 48 23.87 -18.72 -21.24
C GLU F 48 23.14 -17.43 -20.89
N ARG F 49 23.79 -16.28 -20.99
CA ARG F 49 23.12 -15.02 -20.63
C ARG F 49 21.99 -14.66 -21.59
N VAL F 50 22.01 -15.22 -22.81
CA VAL F 50 20.97 -14.98 -23.80
C VAL F 50 20.09 -16.20 -23.99
N SER F 51 20.26 -17.24 -23.18
CA SER F 51 19.43 -18.43 -23.22
C SER F 51 18.20 -18.20 -22.37
N GLN F 52 17.02 -18.30 -22.99
CA GLN F 52 15.78 -18.06 -22.25
C GLN F 52 15.57 -19.10 -21.16
N ASP F 53 16.05 -20.33 -21.38
CA ASP F 53 15.97 -21.35 -20.33
C ASP F 53 16.79 -20.94 -19.10
N PHE F 54 18.00 -20.41 -19.34
CA PHE F 54 18.83 -19.96 -18.22
C PHE F 54 18.18 -18.80 -17.48
N LEU F 55 17.62 -17.85 -18.22
CA LEU F 55 16.97 -16.71 -17.58
C LEU F 55 15.68 -17.12 -16.87
N ASP F 56 14.95 -18.09 -17.42
CA ASP F 56 13.76 -18.59 -16.74
C ASP F 56 14.12 -19.30 -15.45
N ASP F 57 15.21 -20.08 -15.46
CA ASP F 57 15.65 -20.75 -14.25
C ASP F 57 16.09 -19.74 -13.19
N LEU F 58 16.86 -18.73 -13.59
CA LEU F 58 17.33 -17.74 -12.64
C LEU F 58 16.17 -16.92 -12.08
N ASP F 59 15.28 -16.46 -12.96
CA ASP F 59 14.14 -15.66 -12.50
C ASP F 59 13.25 -16.46 -11.56
N ARG F 60 13.03 -17.74 -11.85
CA ARG F 60 12.17 -18.56 -11.00
C ARG F 60 12.79 -18.75 -9.62
N LEU F 61 14.11 -18.98 -9.55
CA LEU F 61 14.77 -19.13 -8.26
C LEU F 61 14.80 -17.82 -7.49
N GLN F 62 15.03 -16.71 -8.19
N GLN F 62 15.00 -16.71 -8.19
CA GLN F 62 15.02 -15.40 -7.53
CA GLN F 62 15.02 -15.41 -7.50
C GLN F 62 13.68 -15.14 -6.86
C GLN F 62 13.68 -15.08 -6.88
N ALA F 63 12.58 -15.51 -7.51
CA ALA F 63 11.26 -15.20 -6.99
C ALA F 63 10.81 -16.17 -5.90
N ASN F 64 10.73 -17.46 -6.23
CA ASN F 64 10.16 -18.43 -5.30
C ASN F 64 11.15 -18.92 -4.25
N TYR F 65 12.45 -18.85 -4.52
CA TYR F 65 13.45 -19.39 -3.62
C TYR F 65 14.19 -18.31 -2.83
N ALA F 66 14.69 -17.27 -3.52
CA ALA F 66 15.39 -16.19 -2.85
C ALA F 66 14.44 -15.14 -2.26
N GLY F 67 13.23 -15.02 -2.80
CA GLY F 67 12.27 -14.06 -2.28
C GLY F 67 12.31 -12.68 -2.89
N ARG F 68 12.77 -12.57 -4.14
CA ARG F 68 12.76 -11.27 -4.79
C ARG F 68 11.36 -10.94 -5.31
N PRO F 69 11.03 -9.64 -5.43
CA PRO F 69 11.86 -8.48 -5.12
C PRO F 69 11.97 -8.15 -3.64
N SER F 70 13.13 -7.68 -3.22
CA SER F 70 13.28 -7.17 -1.87
C SER F 70 12.59 -5.82 -1.75
N PRO F 71 11.96 -5.51 -0.62
CA PRO F 71 11.21 -4.26 -0.50
C PRO F 71 12.12 -3.05 -0.34
N LEU F 72 11.52 -1.88 -0.51
CA LEU F 72 12.16 -0.59 -0.27
C LEU F 72 11.41 0.09 0.86
N TYR F 73 12.11 0.38 1.95
CA TYR F 73 11.49 0.89 3.17
C TYR F 73 12.01 2.27 3.51
N GLU F 74 11.10 3.22 3.70
CA GLU F 74 11.47 4.56 4.12
C GLU F 74 11.64 4.57 5.63
N ALA F 75 12.89 4.70 6.09
CA ALA F 75 13.22 4.66 7.52
C ALA F 75 12.98 6.05 8.11
N THR F 76 11.70 6.34 8.39
CA THR F 76 11.33 7.68 8.82
C THR F 76 11.86 8.03 10.20
N ARG F 77 12.16 7.03 11.04
CA ARG F 77 12.71 7.31 12.36
C ARG F 77 14.19 7.68 12.32
N LEU F 78 14.85 7.48 11.18
CA LEU F 78 16.23 7.93 10.99
C LEU F 78 16.33 9.36 10.49
N SER F 79 15.21 9.97 10.10
CA SER F 79 15.25 11.26 9.41
C SER F 79 15.87 12.34 10.28
N GLN F 80 15.50 12.39 11.57
CA GLN F 80 16.04 13.41 12.46
C GLN F 80 17.55 13.26 12.62
N HIS F 81 18.08 12.04 12.49
CA HIS F 81 19.51 11.79 12.59
C HIS F 81 20.23 11.97 11.25
N ALA F 82 19.52 12.41 10.22
CA ALA F 82 20.09 12.55 8.88
C ALA F 82 19.73 13.91 8.29
N GLY F 83 19.71 14.95 9.12
CA GLY F 83 19.39 16.28 8.64
C GLY F 83 18.00 16.42 8.07
N SER F 84 17.05 15.61 8.56
CA SER F 84 15.67 15.59 8.09
C SER F 84 15.56 15.13 6.64
N ALA F 85 16.56 14.42 6.14
CA ALA F 85 16.44 13.79 4.83
C ALA F 85 15.57 12.54 4.93
N ARG F 86 15.31 11.94 3.78
CA ARG F 86 14.44 10.76 3.69
C ARG F 86 15.29 9.56 3.28
N ILE F 87 15.53 8.65 4.22
CA ILE F 87 16.39 7.50 4.01
C ILE F 87 15.53 6.30 3.63
N PHE F 88 15.73 5.80 2.42
CA PHE F 88 15.06 4.59 1.95
C PHE F 88 16.04 3.43 1.97
N LEU F 89 15.64 2.33 2.62
CA LEU F 89 16.48 1.15 2.74
C LEU F 89 16.06 0.11 1.70
N LYS F 90 16.99 -0.23 0.81
CA LYS F 90 16.80 -1.37 -0.09
C LYS F 90 17.09 -2.64 0.70
N ARG F 91 16.05 -3.43 0.96
CA ARG F 91 16.11 -4.45 2.02
C ARG F 91 16.66 -5.78 1.49
N GLU F 92 17.92 -5.75 1.07
CA GLU F 92 18.59 -6.99 0.68
C GLU F 92 18.81 -7.91 1.87
N ASP F 93 18.72 -7.38 3.10
CA ASP F 93 18.82 -8.20 4.30
C ASP F 93 17.68 -9.22 4.41
N LEU F 94 16.62 -9.06 3.63
CA LEU F 94 15.50 -9.99 3.66
C LEU F 94 15.63 -11.12 2.64
N ASN F 95 16.65 -11.09 1.79
CA ASN F 95 16.87 -12.18 0.86
C ASN F 95 17.17 -13.47 1.61
N HIS F 96 16.98 -14.60 0.92
CA HIS F 96 17.38 -15.88 1.47
C HIS F 96 18.87 -15.86 1.79
N THR F 97 19.23 -16.53 2.89
CA THR F 97 20.57 -16.56 3.48
C THR F 97 20.96 -15.23 4.11
N GLY F 98 20.27 -14.15 3.76
CA GLY F 98 20.35 -12.90 4.51
C GLY F 98 21.23 -11.81 3.94
N SER F 99 21.55 -11.86 2.65
CA SER F 99 22.35 -10.81 2.05
C SER F 99 22.14 -10.81 0.54
N HIS F 100 22.80 -9.87 -0.14
CA HIS F 100 22.78 -9.78 -1.59
C HIS F 100 23.60 -10.90 -2.26
N LYS F 101 24.41 -11.62 -1.49
CA LYS F 101 25.30 -12.62 -2.08
C LYS F 101 24.52 -13.68 -2.86
N ILE F 102 23.29 -13.98 -2.42
CA ILE F 102 22.51 -15.03 -3.06
C ILE F 102 22.16 -14.66 -4.50
N ASN F 103 22.11 -13.37 -4.82
CA ASN F 103 21.83 -12.94 -6.18
C ASN F 103 22.91 -13.43 -7.14
N ASN F 104 24.18 -13.19 -6.80
CA ASN F 104 25.28 -13.57 -7.67
C ASN F 104 25.50 -15.08 -7.62
N VAL F 105 25.29 -15.70 -6.45
CA VAL F 105 25.52 -17.13 -6.31
C VAL F 105 24.57 -17.94 -7.17
N LEU F 106 23.28 -17.57 -7.17
CA LEU F 106 22.30 -18.31 -7.97
C LEU F 106 22.67 -18.29 -9.45
N GLY F 107 23.16 -17.16 -9.94
CA GLY F 107 23.54 -17.09 -11.34
C GLY F 107 24.77 -17.92 -11.66
N GLN F 108 25.79 -17.85 -10.79
CA GLN F 108 27.01 -18.61 -11.05
C GLN F 108 26.80 -20.10 -10.79
N ALA F 109 25.96 -20.46 -9.82
CA ALA F 109 25.70 -21.87 -9.57
C ALA F 109 24.95 -22.51 -10.72
N LEU F 110 23.96 -21.81 -11.29
CA LEU F 110 23.30 -22.30 -12.49
C LEU F 110 24.28 -22.39 -13.65
N LEU F 111 25.21 -21.42 -13.74
CA LEU F 111 26.22 -21.46 -14.79
C LEU F 111 27.19 -22.61 -14.59
N ALA F 112 27.56 -22.89 -13.34
CA ALA F 112 28.44 -24.02 -13.07
C ALA F 112 27.80 -25.34 -13.48
N ARG F 113 26.49 -25.46 -13.32
CA ARG F 113 25.80 -26.68 -13.73
C ARG F 113 25.70 -26.77 -15.24
N ARG F 114 25.53 -25.63 -15.93
CA ARG F 114 25.48 -25.65 -17.39
C ARG F 114 26.82 -26.03 -18.00
N MET F 115 27.93 -25.72 -17.31
CA MET F 115 29.25 -26.03 -17.83
C MET F 115 29.69 -27.45 -17.58
N GLY F 116 28.89 -28.23 -16.84
CA GLY F 116 29.29 -29.59 -16.50
C GLY F 116 30.30 -29.70 -15.40
N LYS F 117 30.54 -28.63 -14.65
CA LYS F 117 31.43 -28.70 -13.49
C LYS F 117 30.74 -29.44 -12.35
N THR F 118 31.50 -30.23 -11.62
CA THR F 118 30.97 -31.05 -10.54
C THR F 118 31.42 -30.57 -9.16
N ARG F 119 32.20 -29.49 -9.10
CA ARG F 119 32.78 -29.03 -7.85
C ARG F 119 32.82 -27.51 -7.88
N VAL F 120 32.35 -26.88 -6.81
CA VAL F 120 32.29 -25.43 -6.72
C VAL F 120 33.10 -25.00 -5.50
N ILE F 121 34.03 -24.08 -5.71
CA ILE F 121 34.83 -23.51 -4.63
C ILE F 121 34.51 -22.02 -4.52
N ALA F 122 34.77 -21.48 -3.34
CA ALA F 122 34.50 -20.07 -3.10
C ALA F 122 35.27 -19.61 -1.86
N GLU F 123 35.71 -18.36 -1.92
CA GLU F 123 36.22 -17.67 -0.74
C GLU F 123 35.07 -17.08 0.06
N THR F 124 35.35 -16.74 1.31
CA THR F 124 34.39 -15.98 2.09
C THR F 124 35.11 -15.27 3.22
N GLY F 125 34.58 -14.11 3.59
CA GLY F 125 35.11 -13.35 4.71
C GLY F 125 34.08 -13.18 5.80
N ALA F 126 32.97 -12.51 5.48
CA ALA F 126 31.87 -12.39 6.42
C ALA F 126 31.09 -13.68 6.57
N GLY F 127 31.27 -14.63 5.65
CA GLY F 127 30.52 -15.86 5.68
C GLY F 127 29.23 -15.84 4.90
N GLN F 128 28.79 -14.67 4.42
CA GLN F 128 27.53 -14.60 3.69
C GLN F 128 27.65 -15.23 2.30
N HIS F 129 28.78 -15.01 1.63
CA HIS F 129 28.98 -15.64 0.33
C HIS F 129 29.19 -17.14 0.48
N GLY F 130 29.88 -17.57 1.55
CA GLY F 130 30.03 -18.99 1.78
C GLY F 130 28.71 -19.69 2.03
N VAL F 131 27.87 -19.09 2.87
CA VAL F 131 26.56 -19.68 3.15
C VAL F 131 25.69 -19.67 1.89
N ALA F 132 25.74 -18.58 1.13
CA ALA F 132 24.97 -18.54 -0.12
C ALA F 132 25.47 -19.58 -1.12
N THR F 133 26.79 -19.67 -1.29
CA THR F 133 27.35 -20.69 -2.17
C THR F 133 26.97 -22.09 -1.71
N ALA F 134 27.13 -22.36 -0.41
CA ALA F 134 26.72 -23.66 0.13
C ALA F 134 25.23 -23.90 -0.09
N THR F 135 24.42 -22.84 0.01
CA THR F 135 22.99 -22.98 -0.19
C THR F 135 22.67 -23.43 -1.61
N ALA F 136 23.24 -22.76 -2.60
CA ALA F 136 22.97 -23.13 -3.99
C ALA F 136 23.54 -24.50 -4.33
N CYS F 137 24.72 -24.81 -3.81
CA CYS F 137 25.33 -26.11 -4.10
C CYS F 137 24.49 -27.24 -3.49
N ALA F 138 23.98 -27.05 -2.28
CA ALA F 138 23.06 -28.03 -1.71
C ALA F 138 21.79 -28.13 -2.55
N LEU F 139 21.32 -27.01 -3.08
CA LEU F 139 20.11 -27.02 -3.87
C LEU F 139 20.32 -27.72 -5.21
N LEU F 140 21.50 -27.57 -5.80
CA LEU F 140 21.77 -28.11 -7.14
C LEU F 140 22.54 -29.41 -7.11
N GLY F 141 22.92 -29.90 -5.94
CA GLY F 141 23.62 -31.16 -5.84
C GLY F 141 25.10 -31.11 -6.20
N LEU F 142 25.74 -29.97 -5.99
CA LEU F 142 27.14 -29.78 -6.33
C LEU F 142 28.03 -29.91 -5.10
N ASP F 143 29.22 -30.47 -5.30
CA ASP F 143 30.23 -30.46 -4.25
C ASP F 143 30.68 -29.03 -3.99
N CYS F 144 30.89 -28.71 -2.71
CA CYS F 144 31.20 -27.35 -2.31
C CYS F 144 32.36 -27.35 -1.31
N VAL F 145 33.34 -26.49 -1.56
CA VAL F 145 34.42 -26.24 -0.62
C VAL F 145 34.55 -24.72 -0.49
N ILE F 146 34.52 -24.23 0.75
CA ILE F 146 34.61 -22.80 1.04
C ILE F 146 35.92 -22.55 1.77
N TYR F 147 36.67 -21.56 1.31
CA TYR F 147 37.90 -21.13 1.97
C TYR F 147 37.61 -19.89 2.79
N MET F 148 38.04 -19.90 4.05
CA MET F 148 37.73 -18.82 4.98
C MET F 148 38.93 -18.54 5.86
N GLY F 149 39.28 -17.27 6.01
CA GLY F 149 40.41 -16.90 6.83
C GLY F 149 40.18 -17.27 8.29
N GLY F 150 41.25 -17.68 8.96
CA GLY F 150 41.12 -18.16 10.34
C GLY F 150 40.59 -17.11 11.29
N ILE F 151 40.99 -15.85 11.09
CA ILE F 151 40.44 -14.76 11.90
C ILE F 151 38.95 -14.61 11.64
N ASP F 152 38.51 -14.88 10.40
CA ASP F 152 37.10 -14.74 10.07
C ASP F 152 36.26 -15.90 10.59
N THR F 153 36.83 -17.11 10.67
CA THR F 153 36.10 -18.22 11.24
C THR F 153 35.80 -18.02 12.72
N ALA F 154 36.56 -17.15 13.38
CA ALA F 154 36.35 -16.86 14.80
C ALA F 154 35.29 -15.79 15.03
N ARG F 155 35.32 -14.71 14.25
CA ARG F 155 34.37 -13.62 14.44
C ARG F 155 33.09 -13.77 13.64
N GLN F 156 33.04 -14.70 12.68
CA GLN F 156 31.82 -14.97 11.95
C GLN F 156 31.43 -16.44 12.11
N ALA F 157 31.52 -16.94 13.35
CA ALA F 157 31.40 -18.37 13.60
C ALA F 157 30.00 -18.91 13.26
N LEU F 158 28.97 -18.07 13.34
CA LEU F 158 27.63 -18.53 13.01
C LEU F 158 27.55 -19.01 11.58
N ASN F 159 28.14 -18.26 10.64
CA ASN F 159 28.11 -18.66 9.25
C ASN F 159 28.97 -19.89 8.98
N VAL F 160 29.94 -20.19 9.83
CA VAL F 160 30.73 -21.41 9.66
C VAL F 160 29.86 -22.63 9.90
N ALA F 161 29.11 -22.63 10.99
CA ALA F 161 28.25 -23.77 11.28
C ALA F 161 27.09 -23.86 10.29
N ARG F 162 26.63 -22.73 9.77
CA ARG F 162 25.61 -22.77 8.72
C ARG F 162 26.15 -23.45 7.47
N MET F 163 27.40 -23.16 7.10
CA MET F 163 27.99 -23.75 5.90
C MET F 163 28.11 -25.26 6.03
N ARG F 164 28.54 -25.75 7.19
N ARG F 164 28.54 -25.75 7.19
CA ARG F 164 28.71 -27.18 7.38
CA ARG F 164 28.70 -27.19 7.38
C ARG F 164 27.35 -27.89 7.43
C ARG F 164 27.34 -27.89 7.41
N LEU F 165 26.33 -27.24 7.98
CA LEU F 165 24.99 -27.83 7.99
C LEU F 165 24.41 -27.95 6.59
N LEU F 166 24.77 -27.01 5.70
CA LEU F 166 24.33 -27.06 4.32
C LEU F 166 25.07 -28.09 3.48
N GLY F 167 26.04 -28.79 4.06
CA GLY F 167 26.77 -29.82 3.34
C GLY F 167 28.07 -29.38 2.70
N ALA F 168 28.55 -28.19 3.00
CA ALA F 168 29.79 -27.70 2.42
C ALA F 168 30.97 -28.04 3.33
N GLU F 169 32.15 -28.12 2.71
CA GLU F 169 33.40 -28.27 3.43
C GLU F 169 34.03 -26.89 3.61
N VAL F 170 34.57 -26.64 4.80
CA VAL F 170 35.16 -25.35 5.14
C VAL F 170 36.63 -25.57 5.45
N VAL F 171 37.50 -24.93 4.67
CA VAL F 171 38.93 -24.97 4.89
C VAL F 171 39.33 -23.64 5.51
N ALA F 172 39.76 -23.68 6.77
CA ALA F 172 40.25 -22.49 7.44
C ALA F 172 41.62 -22.11 6.91
N VAL F 173 41.77 -20.89 6.43
CA VAL F 173 43.03 -20.39 5.90
C VAL F 173 43.79 -19.69 7.01
N GLN F 174 45.02 -20.13 7.27
CA GLN F 174 45.85 -19.55 8.31
C GLN F 174 47.05 -18.79 7.77
N THR F 175 47.16 -18.66 6.44
CA THR F 175 48.31 -18.00 5.85
C THR F 175 48.11 -16.48 5.83
N GLY F 176 49.22 -15.77 5.74
CA GLY F 176 49.22 -14.33 5.61
C GLY F 176 48.43 -13.56 6.65
N SER F 177 47.39 -12.85 6.21
CA SER F 177 46.58 -12.00 7.06
C SER F 177 45.39 -12.71 7.68
N LYS F 178 45.11 -13.95 7.28
CA LYS F 178 44.04 -14.77 7.85
C LYS F 178 42.65 -14.15 7.62
N THR F 179 42.50 -13.35 6.57
CA THR F 179 41.21 -12.73 6.26
C THR F 179 40.89 -12.97 4.79
N LEU F 180 40.06 -12.09 4.23
CA LEU F 180 39.43 -12.36 2.93
C LEU F 180 40.48 -12.48 1.82
N LYS F 181 41.44 -11.55 1.77
CA LYS F 181 42.43 -11.59 0.69
C LYS F 181 43.25 -12.88 0.73
N ASP F 182 43.38 -13.49 1.90
CA ASP F 182 44.13 -14.74 2.02
C ASP F 182 43.27 -15.93 1.63
N ALA F 183 41.97 -15.87 1.93
CA ALA F 183 41.06 -16.93 1.48
C ALA F 183 40.96 -16.96 -0.05
N ILE F 184 41.00 -15.78 -0.67
CA ILE F 184 40.99 -15.72 -2.14
C ILE F 184 42.25 -16.38 -2.70
N ASN F 185 43.39 -16.13 -2.06
CA ASN F 185 44.64 -16.74 -2.52
C ASN F 185 44.56 -18.26 -2.48
N GLU F 186 43.98 -18.82 -1.41
CA GLU F 186 43.88 -20.27 -1.29
C GLU F 186 42.88 -20.84 -2.27
N ALA F 187 41.74 -20.17 -2.45
CA ALA F 187 40.79 -20.60 -3.49
C ALA F 187 41.42 -20.50 -4.87
N PHE F 188 42.31 -19.53 -5.07
CA PHE F 188 43.02 -19.40 -6.34
C PHE F 188 43.94 -20.60 -6.58
N ARG F 189 44.70 -20.99 -5.55
CA ARG F 189 45.58 -22.15 -5.69
C ARG F 189 44.79 -23.43 -5.93
N ASP F 190 43.58 -23.52 -5.38
CA ASP F 190 42.71 -24.67 -5.65
C ASP F 190 42.31 -24.69 -7.12
N TRP F 191 41.85 -23.56 -7.65
CA TRP F 191 41.34 -23.51 -9.01
C TRP F 191 42.43 -23.83 -10.02
N VAL F 192 43.64 -23.36 -9.77
CA VAL F 192 44.76 -23.62 -10.69
C VAL F 192 44.99 -25.13 -10.82
N ALA F 193 44.82 -25.86 -9.72
CA ALA F 193 45.11 -27.29 -9.70
C ALA F 193 43.90 -28.15 -10.06
N ASN F 194 42.69 -27.59 -10.11
CA ASN F 194 41.49 -28.38 -10.29
C ASN F 194 40.57 -27.79 -11.35
N ALA F 195 41.13 -27.09 -12.33
CA ALA F 195 40.31 -26.35 -13.30
C ALA F 195 39.46 -27.25 -14.18
N ASP F 196 39.81 -28.54 -14.31
CA ASP F 196 39.07 -29.43 -15.21
C ASP F 196 37.63 -29.61 -14.75
N ASN F 197 37.41 -29.70 -13.44
CA ASN F 197 36.11 -30.05 -12.89
C ASN F 197 35.55 -29.03 -11.92
N THR F 198 36.28 -27.97 -11.61
CA THR F 198 35.92 -27.06 -10.53
C THR F 198 35.51 -25.71 -11.09
N TYR F 199 34.36 -25.21 -10.62
CA TYR F 199 33.92 -23.84 -10.87
C TYR F 199 34.26 -22.98 -9.66
N TYR F 200 34.84 -21.80 -9.90
CA TYR F 200 35.15 -20.84 -8.84
C TYR F 200 34.02 -19.82 -8.79
N CYS F 201 33.17 -19.93 -7.77
CA CYS F 201 32.06 -19.00 -7.57
C CYS F 201 32.58 -17.81 -6.78
N PHE F 202 33.06 -16.79 -7.51
CA PHE F 202 33.61 -15.60 -6.88
C PHE F 202 32.50 -14.69 -6.39
N GLY F 203 32.65 -14.17 -5.18
CA GLY F 203 31.58 -13.50 -4.48
C GLY F 203 31.59 -11.98 -4.50
N THR F 204 32.39 -11.34 -5.34
CA THR F 204 32.40 -9.89 -5.40
C THR F 204 32.71 -9.45 -6.83
N ALA F 205 32.55 -8.16 -7.07
CA ALA F 205 32.70 -7.58 -8.41
C ALA F 205 34.14 -7.24 -8.72
N ALA F 206 35.04 -8.19 -8.51
CA ALA F 206 36.46 -7.99 -8.78
C ALA F 206 36.97 -9.22 -9.51
N GLY F 207 38.29 -9.43 -9.46
CA GLY F 207 38.90 -10.56 -10.12
C GLY F 207 39.15 -10.30 -11.59
N PRO F 208 39.56 -11.34 -12.31
CA PRO F 208 39.79 -11.19 -13.76
C PRO F 208 38.49 -11.32 -14.55
N HIS F 209 38.55 -10.80 -15.78
CA HIS F 209 37.45 -10.95 -16.71
C HIS F 209 37.07 -12.43 -16.83
N PRO F 210 35.78 -12.77 -16.82
CA PRO F 210 34.60 -11.91 -16.87
C PRO F 210 33.95 -11.61 -15.52
N PHE F 211 34.66 -11.87 -14.43
CA PHE F 211 34.02 -11.85 -13.11
C PHE F 211 33.54 -10.48 -12.66
N PRO F 212 34.29 -9.39 -12.86
CA PRO F 212 33.73 -8.07 -12.53
C PRO F 212 32.43 -7.79 -13.25
N THR F 213 32.35 -8.11 -14.54
CA THR F 213 31.12 -7.86 -15.29
C THR F 213 30.04 -8.87 -14.93
N MET F 214 30.41 -10.15 -14.79
CA MET F 214 29.41 -11.18 -14.52
C MET F 214 28.75 -10.98 -13.16
N VAL F 215 29.56 -10.74 -12.13
CA VAL F 215 29.00 -10.50 -10.79
C VAL F 215 28.13 -9.25 -10.80
N ARG F 216 28.58 -8.19 -11.47
CA ARG F 216 27.78 -6.97 -11.57
C ARG F 216 26.45 -7.26 -12.27
N ASP F 217 26.48 -8.04 -13.35
CA ASP F 217 25.26 -8.32 -14.09
C ASP F 217 24.25 -9.08 -13.23
N PHE F 218 24.73 -10.05 -12.43
CA PHE F 218 23.83 -10.79 -11.57
C PHE F 218 23.28 -9.96 -10.43
N GLN F 219 23.97 -8.86 -10.06
CA GLN F 219 23.51 -7.98 -9.01
C GLN F 219 22.74 -6.77 -9.53
N ARG F 220 22.66 -6.59 -10.85
CA ARG F 220 21.95 -5.44 -11.41
C ARG F 220 20.49 -5.41 -10.99
N ILE F 221 19.91 -6.57 -10.65
CA ILE F 221 18.50 -6.63 -10.27
C ILE F 221 18.21 -5.75 -9.07
N ILE F 222 19.22 -5.51 -8.21
CA ILE F 222 19.05 -4.65 -7.05
C ILE F 222 18.68 -3.24 -7.50
N GLY F 223 19.53 -2.64 -8.34
CA GLY F 223 19.27 -1.28 -8.78
C GLY F 223 18.05 -1.17 -9.68
N MET F 224 17.81 -2.19 -10.51
CA MET F 224 16.64 -2.17 -11.38
C MET F 224 15.35 -2.12 -10.58
N GLU F 225 15.27 -2.92 -9.51
CA GLU F 225 14.09 -2.85 -8.65
C GLU F 225 14.02 -1.53 -7.91
N ALA F 226 15.15 -1.09 -7.33
CA ALA F 226 15.16 0.13 -6.54
C ALA F 226 14.72 1.33 -7.37
N ARG F 227 15.13 1.39 -8.63
CA ARG F 227 14.79 2.54 -9.47
C ARG F 227 13.29 2.60 -9.73
N VAL F 228 12.65 1.45 -9.94
CA VAL F 228 11.21 1.42 -10.10
C VAL F 228 10.52 1.73 -8.78
N GLN F 229 11.02 1.17 -7.69
CA GLN F 229 10.35 1.30 -6.40
C GLN F 229 10.41 2.73 -5.88
N ILE F 230 11.57 3.39 -6.01
CA ILE F 230 11.70 4.75 -5.46
C ILE F 230 10.82 5.72 -6.24
N GLN F 231 10.61 5.48 -7.54
CA GLN F 231 9.74 6.36 -8.31
C GLN F 231 8.28 6.17 -7.92
N GLY F 232 7.88 4.95 -7.58
CA GLY F 232 6.51 4.73 -7.17
C GLY F 232 6.22 5.24 -5.77
N GLN F 233 7.20 5.17 -4.88
CA GLN F 233 7.00 5.56 -3.48
C GLN F 233 7.21 7.06 -3.26
N ALA F 234 8.25 7.64 -3.88
CA ALA F 234 8.57 9.04 -3.68
C ALA F 234 8.08 9.94 -4.80
N GLY F 235 7.85 9.40 -5.99
CA GLY F 235 7.40 10.19 -7.11
C GLY F 235 8.49 10.76 -7.98
N ARG F 236 9.75 10.39 -7.73
CA ARG F 236 10.87 10.92 -8.51
C ARG F 236 12.09 10.04 -8.26
N LEU F 237 13.11 10.25 -9.08
CA LEU F 237 14.38 9.58 -8.87
C LEU F 237 15.06 10.14 -7.62
N PRO F 238 15.86 9.34 -6.94
CA PRO F 238 16.46 9.79 -5.68
C PRO F 238 17.51 10.86 -5.91
N ASP F 239 17.80 11.60 -4.84
CA ASP F 239 18.90 12.56 -4.86
C ASP F 239 20.26 11.87 -4.76
N ALA F 240 20.29 10.65 -4.20
CA ALA F 240 21.54 9.93 -4.04
C ALA F 240 21.24 8.45 -3.82
N VAL F 241 22.19 7.62 -4.21
CA VAL F 241 22.17 6.18 -3.95
C VAL F 241 23.51 5.80 -3.35
N VAL F 242 23.48 5.13 -2.19
CA VAL F 242 24.70 4.84 -1.44
C VAL F 242 24.72 3.36 -1.05
N ALA F 243 25.93 2.85 -0.86
CA ALA F 243 26.15 1.46 -0.45
C ALA F 243 27.58 1.34 0.06
N CYS F 244 27.79 0.34 0.92
CA CYS F 244 29.14 0.03 1.35
C CYS F 244 29.92 -0.63 0.22
N VAL F 245 31.24 -0.56 0.30
CA VAL F 245 32.12 -1.05 -0.76
C VAL F 245 33.23 -1.88 -0.12
N GLY F 246 33.13 -3.19 -0.26
CA GLY F 246 34.27 -4.04 0.04
C GLY F 246 35.00 -4.36 -1.24
N GLY F 247 34.62 -5.49 -1.86
CA GLY F 247 35.06 -5.76 -3.21
C GLY F 247 34.26 -4.95 -4.20
N GLY F 248 32.96 -4.81 -3.94
CA GLY F 248 32.13 -3.88 -4.68
C GLY F 248 30.91 -4.44 -5.36
N SER F 249 30.46 -5.63 -4.97
CA SER F 249 29.35 -6.26 -5.69
C SER F 249 28.01 -5.61 -5.33
N ASN F 250 27.74 -5.38 -4.05
CA ASN F 250 26.44 -4.82 -3.68
C ASN F 250 26.31 -3.37 -4.09
N ALA F 251 27.42 -2.62 -4.09
CA ALA F 251 27.38 -1.23 -4.53
C ALA F 251 27.14 -1.13 -6.03
N ILE F 252 27.90 -1.90 -6.81
CA ILE F 252 27.74 -1.85 -8.27
C ILE F 252 26.36 -2.38 -8.66
N GLY F 253 25.78 -3.26 -7.83
CA GLY F 253 24.47 -3.78 -8.14
C GLY F 253 23.36 -2.74 -8.05
N ILE F 254 23.45 -1.87 -7.05
CA ILE F 254 22.44 -0.83 -6.89
C ILE F 254 22.82 0.46 -7.64
N PHE F 255 24.11 0.68 -7.90
CA PHE F 255 24.51 1.87 -8.66
C PHE F 255 24.12 1.78 -10.12
N HIS F 256 24.08 0.57 -10.68
CA HIS F 256 24.20 0.42 -12.14
C HIS F 256 22.97 0.94 -12.87
N ALA F 257 21.78 0.77 -12.30
CA ALA F 257 20.58 1.25 -12.97
C ALA F 257 20.49 2.77 -13.01
N PHE F 258 21.32 3.47 -12.26
CA PHE F 258 21.26 4.93 -12.16
C PHE F 258 22.39 5.63 -12.89
N LEU F 259 23.29 4.89 -13.54
CA LEU F 259 24.49 5.51 -14.11
C LEU F 259 24.14 6.60 -15.12
N ASP F 260 23.11 6.39 -15.93
CA ASP F 260 22.72 7.34 -16.96
C ASP F 260 21.69 8.34 -16.46
N ASP F 261 21.48 8.44 -15.15
CA ASP F 261 20.64 9.47 -14.56
C ASP F 261 21.53 10.56 -13.98
N PRO F 262 21.77 11.66 -14.69
CA PRO F 262 22.82 12.60 -14.27
C PRO F 262 22.55 13.29 -12.94
N GLY F 263 21.29 13.42 -12.53
CA GLY F 263 20.97 14.09 -11.28
C GLY F 263 21.04 13.25 -10.04
N VAL F 264 21.39 11.96 -10.16
CA VAL F 264 21.42 11.04 -9.03
C VAL F 264 22.86 10.86 -8.60
N ARG F 265 23.18 11.37 -7.41
CA ARG F 265 24.51 11.16 -6.85
C ARG F 265 24.71 9.70 -6.46
N LEU F 266 25.92 9.20 -6.67
CA LEU F 266 26.29 7.85 -6.29
C LEU F 266 27.49 7.93 -5.36
N VAL F 267 27.37 7.37 -4.16
CA VAL F 267 28.41 7.44 -3.14
C VAL F 267 28.64 6.04 -2.59
N GLY F 268 29.87 5.55 -2.71
CA GLY F 268 30.28 4.31 -2.08
C GLY F 268 31.07 4.60 -0.82
N PHE F 269 30.81 3.83 0.23
CA PHE F 269 31.44 4.03 1.53
C PHE F 269 32.29 2.81 1.87
N GLU F 270 33.56 3.03 2.12
CA GLU F 270 34.52 1.96 2.41
C GLU F 270 34.95 2.01 3.86
N ALA F 271 35.40 0.85 4.36
CA ALA F 271 35.77 0.72 5.76
C ALA F 271 37.07 1.45 6.06
N ALA F 272 37.07 2.26 7.12
CA ALA F 272 38.25 2.98 7.55
C ALA F 272 38.85 2.43 8.84
N GLY F 273 38.27 1.39 9.42
CA GLY F 273 38.85 0.75 10.60
C GLY F 273 39.01 1.73 11.74
N ASP F 274 40.22 1.77 12.31
CA ASP F 274 40.55 2.71 13.37
C ASP F 274 40.78 4.13 12.86
N GLY F 275 40.75 4.33 11.54
CA GLY F 275 41.03 5.62 10.95
C GLY F 275 42.03 5.49 9.81
N VAL F 276 41.81 6.21 8.71
CA VAL F 276 42.66 6.08 7.54
C VAL F 276 44.08 6.58 7.78
N GLU F 277 44.33 7.22 8.92
CA GLU F 277 45.67 7.71 9.26
C GLU F 277 46.39 6.81 10.26
N THR F 278 45.81 5.66 10.60
CA THR F 278 46.36 4.79 11.63
C THR F 278 46.96 3.50 11.08
N GLY F 279 46.91 3.28 9.77
CA GLY F 279 47.45 2.06 9.21
C GLY F 279 46.64 0.82 9.48
N ARG F 280 45.47 0.95 10.11
CA ARG F 280 44.58 -0.18 10.36
C ARG F 280 43.22 0.19 9.76
N HIS F 281 43.13 0.11 8.44
CA HIS F 281 41.94 0.51 7.71
C HIS F 281 41.80 -0.39 6.49
N ALA F 282 40.74 -0.14 5.70
CA ALA F 282 40.54 -0.83 4.43
C ALA F 282 40.03 0.13 3.36
N ALA F 283 40.39 1.41 3.48
CA ALA F 283 39.89 2.46 2.59
C ALA F 283 40.73 2.46 1.32
N THR F 284 40.30 1.66 0.34
CA THR F 284 41.12 1.43 -0.85
C THR F 284 41.18 2.68 -1.73
N PHE F 285 40.03 3.27 -2.03
CA PHE F 285 40.04 4.47 -2.88
C PHE F 285 40.59 5.68 -2.13
N THR F 286 40.49 5.70 -0.81
CA THR F 286 40.94 6.85 -0.04
C THR F 286 42.46 6.84 0.15
N ALA F 287 43.04 5.67 0.40
CA ALA F 287 44.45 5.58 0.77
C ALA F 287 45.26 4.62 -0.10
N GLY F 288 44.70 4.14 -1.21
CA GLY F 288 45.37 3.21 -2.07
C GLY F 288 45.85 3.84 -3.37
N SER F 289 46.34 2.98 -4.26
CA SER F 289 46.89 3.43 -5.53
C SER F 289 46.63 2.34 -6.57
N PRO F 290 46.64 2.68 -7.85
CA PRO F 290 46.43 1.67 -8.89
C PRO F 290 47.52 0.61 -8.88
N GLY F 291 47.13 -0.59 -9.31
CA GLY F 291 48.06 -1.70 -9.36
C GLY F 291 47.35 -2.95 -9.84
N ALA F 292 48.12 -4.04 -9.95
CA ALA F 292 47.60 -5.33 -10.35
C ALA F 292 47.52 -6.22 -9.12
N PHE F 293 46.32 -6.73 -8.85
CA PHE F 293 46.11 -7.56 -7.67
C PHE F 293 44.83 -8.37 -7.86
N HIS F 294 44.90 -9.65 -7.50
CA HIS F 294 43.77 -10.57 -7.58
C HIS F 294 43.14 -10.56 -8.97
N GLY F 295 43.98 -10.54 -9.99
CA GLY F 295 43.56 -10.77 -11.36
C GLY F 295 43.10 -9.56 -12.13
N SER F 296 43.11 -8.37 -11.54
CA SER F 296 42.66 -7.18 -12.24
C SER F 296 43.59 -6.01 -11.95
N PHE F 297 43.54 -5.01 -12.83
CA PHE F 297 44.20 -3.73 -12.60
C PHE F 297 43.18 -2.77 -12.03
N SER F 298 43.35 -2.41 -10.76
CA SER F 298 42.41 -1.55 -10.05
C SER F 298 43.17 -0.90 -8.91
N TYR F 299 42.44 -0.41 -7.91
CA TYR F 299 43.05 0.19 -6.73
C TYR F 299 43.30 -0.87 -5.66
N LEU F 300 44.35 -0.66 -4.88
CA LEU F 300 44.63 -1.53 -3.74
C LEU F 300 45.57 -0.80 -2.78
N LEU F 301 45.58 -1.25 -1.53
CA LEU F 301 46.50 -0.75 -0.53
C LEU F 301 47.85 -1.44 -0.72
N GLN F 302 48.86 -0.67 -1.11
CA GLN F 302 50.18 -1.22 -1.38
C GLN F 302 51.25 -0.24 -0.92
N ASP F 303 52.44 -0.77 -0.64
CA ASP F 303 53.53 0.03 -0.10
C ASP F 303 54.39 0.57 -1.24
N GLU F 304 55.59 1.05 -0.90
CA GLU F 304 56.44 1.71 -1.90
C GLU F 304 56.88 0.75 -3.00
N ASP F 305 57.05 -0.52 -2.68
CA ASP F 305 57.53 -1.51 -3.63
C ASP F 305 56.41 -2.25 -4.35
N GLY F 306 55.16 -2.00 -3.99
CA GLY F 306 54.04 -2.72 -4.58
C GLY F 306 53.61 -3.94 -3.79
N GLN F 307 54.12 -4.14 -2.58
CA GLN F 307 53.63 -5.20 -1.72
C GLN F 307 52.27 -4.82 -1.14
N THR F 308 51.42 -5.82 -0.98
CA THR F 308 50.07 -5.59 -0.48
C THR F 308 50.11 -5.27 1.01
N ILE F 309 49.56 -4.12 1.39
CA ILE F 309 49.41 -3.75 2.79
C ILE F 309 48.16 -4.44 3.33
N GLU F 310 48.32 -5.19 4.42
CA GLU F 310 47.19 -5.88 5.02
C GLU F 310 46.17 -4.90 5.54
N SER F 311 44.90 -5.17 5.26
CA SER F 311 43.81 -4.30 5.67
C SER F 311 43.26 -4.71 7.03
N HIS F 312 42.45 -3.83 7.61
CA HIS F 312 41.83 -4.09 8.91
C HIS F 312 40.49 -3.36 9.00
N SER F 313 39.52 -4.02 9.62
CA SER F 313 38.19 -3.46 9.84
C SER F 313 37.44 -4.38 10.79
N ILE F 314 36.55 -3.78 11.59
CA ILE F 314 35.69 -4.58 12.46
C ILE F 314 34.72 -5.42 11.64
N SER F 315 34.49 -5.07 10.38
CA SER F 315 33.61 -5.81 9.49
C SER F 315 34.43 -6.75 8.63
N ALA F 316 34.11 -8.04 8.70
CA ALA F 316 34.85 -9.04 7.92
C ALA F 316 34.60 -8.87 6.42
N GLY F 317 33.40 -8.45 6.03
CA GLY F 317 33.07 -8.33 4.62
C GLY F 317 33.73 -7.16 3.93
N LEU F 318 34.13 -6.14 4.68
CA LEU F 318 34.82 -4.98 4.13
C LEU F 318 36.33 -5.03 4.39
N ASP F 319 36.82 -6.05 5.08
CA ASP F 319 38.23 -6.19 5.41
C ASP F 319 38.98 -6.76 4.20
N TYR F 320 39.16 -5.91 3.20
CA TYR F 320 39.76 -6.32 1.94
C TYR F 320 40.53 -5.13 1.36
N PRO F 321 41.82 -5.31 1.04
CA PRO F 321 42.65 -4.17 0.60
C PRO F 321 42.48 -3.79 -0.86
N GLY F 322 41.69 -4.54 -1.64
CA GLY F 322 41.45 -4.23 -3.03
C GLY F 322 40.06 -3.68 -3.28
N VAL F 323 39.72 -3.57 -4.56
CA VAL F 323 38.41 -3.10 -4.98
C VAL F 323 38.20 -3.46 -6.45
N GLY F 324 36.95 -3.68 -6.85
CA GLY F 324 36.62 -4.08 -8.19
C GLY F 324 36.99 -3.04 -9.23
N PRO F 325 37.39 -3.48 -10.42
CA PRO F 325 37.89 -2.53 -11.42
C PRO F 325 36.83 -1.59 -11.98
N GLU F 326 35.58 -2.03 -12.13
CA GLU F 326 34.55 -1.12 -12.64
C GLU F 326 34.34 0.05 -11.69
N HIS F 327 34.59 -0.14 -10.40
CA HIS F 327 34.53 0.98 -9.47
C HIS F 327 35.67 1.96 -9.71
N ALA F 328 36.86 1.45 -10.03
CA ALA F 328 37.98 2.33 -10.34
C ALA F 328 37.72 3.13 -11.61
N TRP F 329 37.01 2.55 -12.58
CA TRP F 329 36.64 3.29 -13.78
C TRP F 329 35.58 4.35 -13.47
N LEU F 330 34.66 4.03 -12.56
CA LEU F 330 33.64 5.01 -12.20
C LEU F 330 34.20 6.15 -11.37
N LYS F 331 35.24 5.89 -10.57
CA LYS F 331 35.87 6.95 -9.80
C LYS F 331 36.64 7.90 -10.71
N GLU F 332 37.42 7.36 -11.64
CA GLU F 332 38.20 8.19 -12.55
C GLU F 332 37.27 9.05 -13.41
N ALA F 333 36.17 8.47 -13.88
CA ALA F 333 35.22 9.22 -14.70
C ALA F 333 34.40 10.23 -13.88
N GLY F 334 34.61 10.30 -12.57
CA GLY F 334 33.88 11.24 -11.73
C GLY F 334 32.43 10.91 -11.51
N ARG F 335 31.98 9.71 -11.87
CA ARG F 335 30.58 9.37 -11.73
C ARG F 335 30.21 9.05 -10.29
N VAL F 336 31.07 8.32 -9.57
CA VAL F 336 30.79 7.86 -8.22
C VAL F 336 31.86 8.40 -7.28
N ASP F 337 31.42 8.87 -6.11
N ASP F 337 31.43 8.87 -6.11
CA ASP F 337 32.33 9.33 -5.06
CA ASP F 337 32.33 9.33 -5.06
C ASP F 337 32.49 8.23 -4.03
C ASP F 337 32.49 8.23 -4.01
N TYR F 338 33.71 8.09 -3.51
CA TYR F 338 34.04 7.07 -2.53
C TYR F 338 34.64 7.73 -1.29
N ARG F 339 34.01 7.51 -0.15
CA ARG F 339 34.35 8.16 1.10
C ARG F 339 34.50 7.13 2.21
N PRO F 340 35.30 7.42 3.23
CA PRO F 340 35.55 6.44 4.29
C PRO F 340 34.60 6.55 5.47
N ILE F 341 34.39 5.40 6.11
CA ILE F 341 33.61 5.30 7.34
C ILE F 341 34.38 4.42 8.31
N THR F 342 34.51 4.88 9.55
CA THR F 342 35.31 4.19 10.55
C THR F 342 34.49 3.11 11.25
N ASP F 343 35.19 2.28 12.03
CA ASP F 343 34.51 1.29 12.87
C ASP F 343 33.53 1.97 13.82
N SER F 344 33.95 3.10 14.41
CA SER F 344 33.09 3.80 15.36
C SER F 344 31.85 4.37 14.67
N GLU F 345 32.03 4.99 13.50
CA GLU F 345 30.88 5.54 12.79
C GLU F 345 29.91 4.45 12.37
N ALA F 346 30.43 3.29 11.98
CA ALA F 346 29.55 2.20 11.56
C ALA F 346 28.77 1.62 12.73
N MET F 347 29.44 1.39 13.86
CA MET F 347 28.75 0.81 15.01
C MET F 347 27.76 1.78 15.63
N ASP F 348 27.97 3.09 15.46
CA ASP F 348 26.95 4.05 15.89
C ASP F 348 25.69 3.90 15.04
N ALA F 349 25.85 3.84 13.72
CA ALA F 349 24.70 3.63 12.85
C ALA F 349 24.08 2.26 13.06
N PHE F 350 24.89 1.25 13.38
CA PHE F 350 24.39 -0.07 13.72
C PHE F 350 23.34 0.03 14.84
N GLY F 351 23.76 0.57 15.98
CA GLY F 351 22.84 0.69 17.10
C GLY F 351 21.68 1.62 16.82
N LEU F 352 21.94 2.68 16.05
CA LEU F 352 20.87 3.62 15.69
C LEU F 352 19.79 2.92 14.85
N LEU F 353 20.21 2.07 13.91
CA LEU F 353 19.23 1.33 13.12
C LEU F 353 18.47 0.32 13.98
N CYS F 354 19.13 -0.24 14.99
CA CYS F 354 18.45 -1.17 15.89
C CYS F 354 17.36 -0.47 16.68
N ARG F 355 17.68 0.69 17.25
CA ARG F 355 16.73 1.37 18.15
C ARG F 355 15.66 2.13 17.39
N MET F 356 15.98 2.66 16.20
CA MET F 356 15.03 3.50 15.49
C MET F 356 14.08 2.71 14.60
N GLU F 357 14.59 1.72 13.86
CA GLU F 357 13.77 0.98 12.91
C GLU F 357 13.57 -0.48 13.26
N GLY F 358 14.22 -0.97 14.31
CA GLY F 358 14.11 -2.38 14.63
C GLY F 358 14.78 -3.30 13.65
N ILE F 359 15.74 -2.81 12.88
CA ILE F 359 16.49 -3.61 11.93
C ILE F 359 17.91 -3.77 12.45
N ILE F 360 18.33 -5.02 12.64
CA ILE F 360 19.70 -5.33 13.04
C ILE F 360 20.53 -5.55 11.78
N PRO F 361 21.32 -4.58 11.35
CA PRO F 361 22.03 -4.71 10.07
C PRO F 361 23.30 -5.52 10.22
N ALA F 362 23.82 -5.96 9.08
CA ALA F 362 25.19 -6.42 9.03
C ALA F 362 26.13 -5.23 9.24
N ILE F 363 27.29 -5.49 9.85
CA ILE F 363 28.22 -4.40 10.13
C ILE F 363 28.74 -3.81 8.82
N GLU F 364 28.79 -4.61 7.75
CA GLU F 364 29.07 -4.07 6.43
C GLU F 364 28.05 -3.01 6.05
N SER F 365 26.77 -3.35 6.16
CA SER F 365 25.71 -2.42 5.79
C SER F 365 25.70 -1.19 6.68
N ALA F 366 26.11 -1.33 7.94
CA ALA F 366 26.12 -0.19 8.85
C ALA F 366 27.05 0.90 8.36
N HIS F 367 28.12 0.54 7.64
CA HIS F 367 28.97 1.54 7.00
C HIS F 367 28.16 2.39 6.02
N ALA F 368 27.24 1.76 5.28
CA ALA F 368 26.42 2.51 4.34
C ALA F 368 25.44 3.41 5.06
N VAL F 369 24.81 2.92 6.14
CA VAL F 369 23.88 3.73 6.90
C VAL F 369 24.60 4.94 7.51
N ALA F 370 25.77 4.69 8.10
CA ALA F 370 26.56 5.77 8.70
C ALA F 370 26.83 6.87 7.69
N GLY F 371 27.27 6.49 6.48
CA GLY F 371 27.53 7.47 5.45
C GLY F 371 26.27 8.18 4.99
N ALA F 372 25.15 7.46 4.95
CA ALA F 372 23.88 8.07 4.55
C ALA F 372 23.45 9.14 5.54
N LEU F 373 23.70 8.91 6.84
CA LEU F 373 23.40 9.93 7.84
C LEU F 373 24.20 11.20 7.58
N LYS F 374 25.48 11.04 7.26
CA LYS F 374 26.32 12.21 6.95
C LYS F 374 25.88 12.88 5.67
N LEU F 375 25.49 12.09 4.67
CA LEU F 375 25.03 12.66 3.41
C LEU F 375 23.68 13.36 3.56
N GLY F 376 22.82 12.85 4.44
CA GLY F 376 21.54 13.51 4.67
C GLY F 376 21.70 14.89 5.27
N VAL F 377 22.66 15.04 6.18
CA VAL F 377 22.95 16.36 6.75
C VAL F 377 23.49 17.30 5.67
N GLU F 378 24.17 16.76 4.66
CA GLU F 378 24.71 17.58 3.59
C GLU F 378 23.63 18.04 2.62
N LEU F 379 22.71 17.14 2.26
CA LEU F 379 21.73 17.45 1.22
C LEU F 379 20.50 18.19 1.75
N GLY F 380 20.26 18.17 3.05
CA GLY F 380 19.19 18.95 3.64
C GLY F 380 17.87 18.20 3.72
N ARG F 381 16.89 18.91 4.27
CA ARG F 381 15.57 18.33 4.50
C ARG F 381 14.91 17.95 3.18
N GLY F 382 14.18 16.84 3.19
CA GLY F 382 13.43 16.40 2.04
C GLY F 382 14.22 15.64 0.99
N ALA F 383 15.54 15.62 1.09
CA ALA F 383 16.35 14.89 0.12
C ALA F 383 16.09 13.39 0.22
N VAL F 384 16.07 12.73 -0.92
CA VAL F 384 15.77 11.30 -1.01
C VAL F 384 17.09 10.55 -1.22
N ILE F 385 17.43 9.70 -0.26
CA ILE F 385 18.65 8.89 -0.30
C ILE F 385 18.25 7.43 -0.22
N VAL F 386 18.59 6.65 -1.24
CA VAL F 386 18.36 5.22 -1.27
C VAL F 386 19.63 4.53 -0.79
N VAL F 387 19.51 3.72 0.25
CA VAL F 387 20.64 3.05 0.89
C VAL F 387 20.47 1.55 0.68
N ASN F 388 21.55 0.90 0.23
CA ASN F 388 21.53 -0.54 0.01
C ASN F 388 21.86 -1.23 1.33
N LEU F 389 20.82 -1.71 2.02
CA LEU F 389 21.00 -2.50 3.23
C LEU F 389 21.37 -3.91 2.79
N SER F 390 22.68 -4.16 2.66
CA SER F 390 23.14 -5.34 1.95
C SER F 390 22.87 -6.63 2.70
N GLY F 391 22.82 -6.60 4.03
CA GLY F 391 22.61 -7.83 4.77
C GLY F 391 22.18 -7.59 6.19
N ARG F 392 21.67 -8.65 6.80
CA ARG F 392 21.25 -8.61 8.20
C ARG F 392 22.40 -9.04 9.11
N GLY F 393 22.28 -8.70 10.39
CA GLY F 393 23.40 -8.84 11.30
C GLY F 393 23.33 -9.95 12.32
N ASP F 394 22.74 -11.09 11.96
CA ASP F 394 22.78 -12.24 12.86
C ASP F 394 24.21 -12.69 13.10
N LYS F 395 25.04 -12.68 12.05
CA LYS F 395 26.44 -13.08 12.19
C LYS F 395 27.20 -12.14 13.11
N ASP F 396 26.77 -10.88 13.20
CA ASP F 396 27.49 -9.86 13.94
C ASP F 396 26.91 -9.60 15.32
N VAL F 397 25.95 -10.44 15.76
CA VAL F 397 25.22 -10.16 16.99
C VAL F 397 26.16 -10.18 18.19
N GLU F 398 27.04 -11.19 18.26
CA GLU F 398 27.96 -11.28 19.39
C GLU F 398 28.97 -10.14 19.37
N THR F 399 29.48 -9.79 18.18
CA THR F 399 30.41 -8.67 18.08
C THR F 399 29.78 -7.37 18.56
N ALA F 400 28.51 -7.13 18.19
CA ALA F 400 27.86 -5.89 18.57
C ALA F 400 27.55 -5.85 20.06
N ALA F 401 27.09 -6.97 20.62
CA ALA F 401 26.78 -7.00 22.05
C ALA F 401 28.03 -6.73 22.89
N LYS F 402 29.17 -7.29 22.47
CA LYS F 402 30.43 -6.98 23.13
C LYS F 402 30.77 -5.51 23.01
N TRP F 403 30.48 -4.90 21.85
CA TRP F 403 30.81 -3.50 21.62
C TRP F 403 29.94 -2.58 22.48
N PHE F 404 28.67 -2.94 22.67
CA PHE F 404 27.73 -2.12 23.42
C PHE F 404 27.62 -2.51 24.89
N GLY F 405 28.46 -3.44 25.36
CA GLY F 405 28.44 -3.85 26.75
C GLY F 405 27.14 -4.49 27.18
N LEU F 406 26.66 -5.45 26.38
CA LEU F 406 25.41 -6.14 26.68
C LEU F 406 25.65 -7.61 26.97
N LEU F 407 26.42 -7.90 28.02
CA LEU F 407 26.77 -9.27 28.36
C LEU F 407 26.59 -9.54 29.86
N GLU G 8 -38.14 52.53 40.01
CA GLU G 8 -39.33 52.18 40.79
C GLU G 8 -40.36 51.45 39.91
N ALA G 9 -40.82 52.11 38.85
CA ALA G 9 -41.77 51.54 37.92
C ALA G 9 -41.21 51.62 36.50
N SER G 10 -41.95 51.04 35.56
CA SER G 10 -41.51 51.06 34.17
C SER G 10 -41.81 52.42 33.54
N ARG G 11 -41.10 52.70 32.44
CA ARG G 11 -41.29 53.97 31.75
C ARG G 11 -42.64 54.03 31.05
N LEU G 12 -43.07 52.92 30.44
CA LEU G 12 -44.35 52.86 29.76
C LEU G 12 -45.51 52.55 30.70
N GLY G 13 -45.23 52.28 31.97
CA GLY G 13 -46.24 52.00 32.96
C GLY G 13 -47.35 53.04 33.03
N PRO G 14 -46.98 54.31 33.23
CA PRO G 14 -48.00 55.36 33.26
C PRO G 14 -48.85 55.47 32.00
N VAL G 15 -48.40 54.94 30.87
CA VAL G 15 -49.21 55.00 29.66
C VAL G 15 -50.31 53.93 29.69
N PHE G 16 -49.97 52.73 30.15
CA PHE G 16 -50.98 51.68 30.28
C PHE G 16 -51.89 51.89 31.48
N ASP G 17 -51.43 52.64 32.49
CA ASP G 17 -52.32 53.03 33.57
C ASP G 17 -53.37 54.01 33.07
N SER G 18 -52.95 55.00 32.26
CA SER G 18 -53.90 55.97 31.72
C SER G 18 -54.90 55.32 30.78
N CYS G 19 -54.50 54.26 30.08
CA CYS G 19 -55.44 53.54 29.22
C CYS G 19 -56.35 52.63 30.04
N ARG G 20 -55.85 52.08 31.15
CA ARG G 20 -56.66 51.20 31.98
C ARG G 20 -57.73 51.99 32.73
N ALA G 21 -57.43 53.24 33.11
CA ALA G 21 -58.44 54.07 33.74
C ALA G 21 -59.50 54.51 32.74
N ASN G 22 -59.08 54.87 31.53
CA ASN G 22 -60.00 55.25 30.46
C ASN G 22 -60.68 54.04 29.81
N ASN G 23 -60.51 52.85 30.37
CA ASN G 23 -61.15 51.62 29.92
C ASN G 23 -60.97 51.43 28.41
N ARG G 24 -59.72 51.13 28.05
CA ARG G 24 -59.34 50.92 26.66
C ARG G 24 -57.95 50.31 26.64
N ALA G 25 -57.46 50.01 25.44
CA ALA G 25 -56.11 49.55 25.22
C ALA G 25 -55.30 50.63 24.52
N ALA G 26 -53.98 50.52 24.62
CA ALA G 26 -53.09 51.50 24.01
C ALA G 26 -52.85 51.16 22.55
N LEU G 27 -52.78 52.20 21.71
CA LEU G 27 -52.47 52.03 20.31
C LEU G 27 -50.98 52.21 20.09
N ILE G 28 -50.32 51.15 19.63
CA ILE G 28 -48.88 51.14 19.40
C ILE G 28 -48.65 51.09 17.89
N GLY G 29 -47.94 52.09 17.37
CA GLY G 29 -47.75 52.24 15.94
C GLY G 29 -46.28 52.10 15.56
N TYR G 30 -46.04 51.33 14.50
CA TYR G 30 -44.71 51.09 13.98
C TYR G 30 -44.54 51.81 12.65
N LEU G 31 -43.36 52.37 12.44
CA LEU G 31 -42.96 53.00 11.18
C LEU G 31 -41.44 52.93 11.10
N PRO G 32 -40.88 52.55 9.95
CA PRO G 32 -39.41 52.48 9.83
C PRO G 32 -38.80 53.82 9.43
N THR G 33 -37.70 54.15 10.11
CA THR G 33 -36.99 55.40 9.83
C THR G 33 -36.45 55.40 8.41
N GLY G 34 -36.61 56.52 7.72
CA GLY G 34 -36.05 56.68 6.40
C GLY G 34 -36.90 56.18 5.25
N TYR G 35 -38.13 55.75 5.51
CA TYR G 35 -39.05 55.42 4.43
C TYR G 35 -40.21 56.41 4.43
N PRO G 36 -40.53 57.05 3.29
CA PRO G 36 -39.82 56.90 2.01
C PRO G 36 -38.48 57.65 1.99
N ASP G 37 -38.32 58.56 2.94
CA ASP G 37 -37.04 59.19 3.21
C ASP G 37 -37.05 59.62 4.67
N VAL G 38 -35.89 60.11 5.14
CA VAL G 38 -35.78 60.49 6.55
C VAL G 38 -36.73 61.62 6.92
N PRO G 39 -36.77 62.75 6.18
CA PRO G 39 -37.75 63.79 6.54
C PRO G 39 -39.19 63.34 6.47
N ALA G 40 -39.56 62.60 5.42
CA ALA G 40 -40.95 62.15 5.29
C ALA G 40 -41.32 61.17 6.39
N SER G 41 -40.39 60.30 6.80
CA SER G 41 -40.68 59.35 7.86
C SER G 41 -40.88 60.07 9.20
N VAL G 42 -40.07 61.10 9.47
CA VAL G 42 -40.23 61.86 10.71
C VAL G 42 -41.54 62.64 10.69
N ALA G 43 -41.91 63.18 9.53
CA ALA G 43 -43.20 63.85 9.41
C ALA G 43 -44.35 62.87 9.63
N ALA G 44 -44.19 61.64 9.16
CA ALA G 44 -45.24 60.64 9.34
C ALA G 44 -45.32 60.18 10.78
N MET G 45 -44.18 60.06 11.46
CA MET G 45 -44.18 59.66 12.86
C MET G 45 -44.81 60.74 13.73
N THR G 46 -44.59 62.01 13.39
CA THR G 46 -45.30 63.09 14.09
C THR G 46 -46.79 63.03 13.82
N ALA G 47 -47.18 62.67 12.60
CA ALA G 47 -48.60 62.53 12.28
C ALA G 47 -49.24 61.45 13.13
N LEU G 48 -48.52 60.37 13.43
CA LEU G 48 -49.05 59.32 14.28
C LEU G 48 -49.38 59.84 15.67
N VAL G 49 -48.49 60.65 16.24
CA VAL G 49 -48.74 61.22 17.57
C VAL G 49 -49.97 62.12 17.53
N GLU G 50 -50.09 62.94 16.48
CA GLU G 50 -51.25 63.81 16.36
C GLU G 50 -52.53 63.01 16.17
N SER G 51 -52.46 61.92 15.42
CA SER G 51 -53.65 61.12 15.10
C SER G 51 -54.02 60.14 16.21
N GLY G 52 -53.39 60.22 17.38
CA GLY G 52 -53.83 59.47 18.54
C GLY G 52 -53.07 58.22 18.88
N CYS G 53 -51.82 58.08 18.43
CA CYS G 53 -51.01 56.91 18.78
C CYS G 53 -50.43 57.07 20.17
N ASP G 54 -50.69 56.10 21.04
CA ASP G 54 -50.21 56.17 22.41
C ASP G 54 -48.71 55.90 22.50
N ILE G 55 -48.21 54.95 21.71
CA ILE G 55 -46.80 54.59 21.68
C ILE G 55 -46.36 54.49 20.22
N ILE G 56 -45.14 54.90 19.94
CA ILE G 56 -44.57 54.85 18.59
C ILE G 56 -43.40 53.89 18.60
N GLU G 57 -43.45 52.89 17.71
CA GLU G 57 -42.32 51.98 17.51
C GLU G 57 -41.50 52.52 16.34
N VAL G 58 -40.36 53.12 16.67
CA VAL G 58 -39.44 53.63 15.65
C VAL G 58 -38.54 52.47 15.23
N GLY G 59 -38.68 52.05 13.97
CA GLY G 59 -37.95 50.90 13.47
C GLY G 59 -36.60 51.28 12.87
N VAL G 60 -35.59 50.49 13.21
CA VAL G 60 -34.24 50.66 12.64
C VAL G 60 -34.14 49.71 11.45
N PRO G 61 -34.04 50.23 10.22
CA PRO G 61 -33.93 49.34 9.05
C PRO G 61 -32.66 48.50 9.12
N TYR G 62 -32.83 47.19 8.92
CA TYR G 62 -31.73 46.25 8.95
C TYR G 62 -31.62 45.54 7.60
N SER G 63 -30.39 45.19 7.23
CA SER G 63 -30.13 44.65 5.90
C SER G 63 -30.72 43.27 5.70
N ASP G 64 -30.87 42.50 6.79
CA ASP G 64 -31.38 41.12 6.72
C ASP G 64 -32.46 40.93 7.78
N PRO G 65 -33.62 41.56 7.60
CA PRO G 65 -34.67 41.48 8.62
C PRO G 65 -35.45 40.17 8.56
N GLY G 66 -35.02 39.18 9.35
CA GLY G 66 -35.63 37.86 9.28
C GLY G 66 -37.07 37.84 9.75
N MET G 67 -37.42 38.70 10.71
CA MET G 67 -38.75 38.65 11.32
C MET G 67 -39.76 39.56 10.64
N ASP G 68 -39.32 40.49 9.81
CA ASP G 68 -40.24 41.47 9.22
C ASP G 68 -40.96 40.88 8.00
N GLY G 69 -42.23 41.25 7.86
CA GLY G 69 -43.02 40.81 6.73
C GLY G 69 -42.66 41.55 5.46
N PRO G 70 -43.38 41.23 4.39
CA PRO G 70 -43.02 41.81 3.07
C PRO G 70 -43.25 43.30 2.98
N THR G 71 -44.31 43.82 3.61
CA THR G 71 -44.57 45.26 3.55
C THR G 71 -43.48 46.04 4.26
N ILE G 72 -43.05 45.59 5.42
CA ILE G 72 -42.02 46.30 6.19
C ILE G 72 -40.64 46.03 5.60
N ALA G 73 -40.37 44.79 5.16
CA ALA G 73 -39.05 44.48 4.62
C ALA G 73 -38.74 45.31 3.38
N ARG G 74 -39.71 45.46 2.48
CA ARG G 74 -39.48 46.25 1.29
C ARG G 74 -39.38 47.74 1.63
N ALA G 75 -40.04 48.18 2.70
CA ALA G 75 -39.91 49.57 3.13
C ALA G 75 -38.52 49.83 3.69
N THR G 76 -38.02 48.93 4.55
CA THR G 76 -36.68 49.11 5.10
C THR G 76 -35.62 48.95 4.02
N GLU G 77 -35.86 48.11 3.02
CA GLU G 77 -34.94 48.01 1.89
C GLU G 77 -34.84 49.34 1.15
N ALA G 78 -35.98 49.99 0.90
CA ALA G 78 -35.97 51.28 0.22
C ALA G 78 -35.29 52.34 1.08
N ALA G 79 -35.51 52.30 2.40
CA ALA G 79 -34.86 53.25 3.29
C ALA G 79 -33.35 53.09 3.29
N LEU G 80 -32.87 51.84 3.30
CA LEU G 80 -31.43 51.61 3.24
C LEU G 80 -30.84 52.01 1.89
N ARG G 81 -31.59 51.79 0.81
CA ARG G 81 -31.16 52.30 -0.49
C ARG G 81 -31.04 53.82 -0.47
N GLY G 82 -31.97 54.50 0.21
CA GLY G 82 -31.92 55.93 0.36
C GLY G 82 -30.83 56.43 1.28
N GLY G 83 -30.12 55.53 1.95
CA GLY G 83 -29.00 55.92 2.78
C GLY G 83 -29.31 56.17 4.24
N VAL G 84 -30.41 55.61 4.76
CA VAL G 84 -30.76 55.83 6.17
C VAL G 84 -29.64 55.31 7.07
N ARG G 85 -29.42 56.02 8.17
CA ARG G 85 -28.42 55.66 9.16
C ARG G 85 -29.08 55.44 10.51
N VAL G 86 -28.34 54.80 11.42
CA VAL G 86 -28.88 54.52 12.75
C VAL G 86 -29.11 55.82 13.52
N ARG G 87 -28.25 56.82 13.32
CA ARG G 87 -28.45 58.11 13.97
C ARG G 87 -29.74 58.79 13.53
N ASP G 88 -30.25 58.47 12.33
CA ASP G 88 -31.53 59.02 11.91
C ASP G 88 -32.67 58.55 12.81
N THR G 89 -32.57 57.34 13.36
CA THR G 89 -33.59 56.86 14.29
C THR G 89 -33.60 57.68 15.57
N LEU G 90 -32.42 57.92 16.15
CA LEU G 90 -32.35 58.73 17.37
C LEU G 90 -32.85 60.14 17.11
N ALA G 91 -32.56 60.70 15.93
CA ALA G 91 -33.12 61.99 15.55
C ALA G 91 -34.64 61.91 15.41
N ALA G 92 -35.17 60.77 14.97
CA ALA G 92 -36.62 60.64 14.86
C ALA G 92 -37.28 60.48 16.23
N VAL G 93 -36.59 59.84 17.17
CA VAL G 93 -37.14 59.72 18.52
C VAL G 93 -37.23 61.08 19.18
N GLU G 94 -36.19 61.92 19.02
CA GLU G 94 -36.20 63.25 19.61
C GLU G 94 -37.35 64.09 19.06
N ALA G 95 -37.60 63.99 17.75
CA ALA G 95 -38.70 64.74 17.15
C ALA G 95 -40.05 64.27 17.68
N ILE G 96 -40.17 62.99 18.01
CA ILE G 96 -41.41 62.47 18.58
C ILE G 96 -41.58 62.94 20.01
N SER G 97 -40.50 62.86 20.81
CA SER G 97 -40.60 63.30 22.20
C SER G 97 -40.81 64.79 22.31
N ILE G 98 -40.28 65.57 21.37
CA ILE G 98 -40.53 67.01 21.36
C ILE G 98 -41.99 67.30 21.03
N ALA G 99 -42.56 66.53 20.11
CA ALA G 99 -43.96 66.67 19.72
C ALA G 99 -44.92 66.07 20.74
N GLY G 100 -44.46 65.78 21.96
CA GLY G 100 -45.30 65.25 23.00
C GLY G 100 -45.60 63.77 22.89
N GLY G 101 -44.92 63.04 22.01
CA GLY G 101 -45.17 61.62 21.84
C GLY G 101 -44.32 60.75 22.75
N ARG G 102 -44.60 59.45 22.71
CA ARG G 102 -43.89 58.46 23.51
C ARG G 102 -43.37 57.38 22.57
N ALA G 103 -42.05 57.32 22.39
CA ALA G 103 -41.43 56.49 21.38
C ALA G 103 -40.52 55.43 22.00
N VAL G 104 -40.53 54.24 21.40
CA VAL G 104 -39.55 53.20 21.65
C VAL G 104 -38.92 52.82 20.32
N VAL G 105 -37.78 52.14 20.40
CA VAL G 105 -37.02 51.74 19.23
C VAL G 105 -37.10 50.22 19.09
N MET G 106 -37.52 49.76 17.92
CA MET G 106 -37.51 48.34 17.58
C MET G 106 -36.40 48.11 16.56
N THR G 107 -35.39 47.34 16.95
CA THR G 107 -34.23 47.12 16.11
C THR G 107 -33.77 45.68 16.24
N TYR G 108 -33.04 45.22 15.23
CA TYR G 108 -32.27 44.01 15.38
C TYR G 108 -31.00 44.30 16.18
N TRP G 109 -30.40 43.26 16.73
CA TRP G 109 -29.40 43.49 17.77
C TRP G 109 -28.04 43.88 17.22
N ASN G 110 -27.68 43.43 16.01
CA ASN G 110 -26.34 43.76 15.50
C ASN G 110 -26.11 45.26 15.33
N PRO G 111 -27.06 46.06 14.81
CA PRO G 111 -26.83 47.51 14.82
C PRO G 111 -26.56 48.07 16.21
N VAL G 112 -27.13 47.46 17.25
CA VAL G 112 -26.84 47.90 18.61
C VAL G 112 -25.43 47.50 19.03
N LEU G 113 -25.04 46.26 18.72
CA LEU G 113 -23.69 45.82 19.02
C LEU G 113 -22.65 46.68 18.32
N ARG G 114 -22.90 47.01 17.04
CA ARG G 114 -21.99 47.88 16.30
C ARG G 114 -21.92 49.26 16.94
N TYR G 115 -23.08 49.82 17.29
CA TYR G 115 -23.11 51.11 17.97
C TYR G 115 -22.47 51.02 19.35
N GLY G 116 -22.65 49.89 20.02
CA GLY G 116 -22.29 49.76 21.42
C GLY G 116 -23.53 49.76 22.28
N VAL G 117 -23.73 48.70 23.06
CA VAL G 117 -24.99 48.55 23.81
C VAL G 117 -25.16 49.68 24.80
N ASP G 118 -24.11 49.98 25.58
CA ASP G 118 -24.20 51.07 26.55
C ASP G 118 -24.33 52.42 25.85
N ALA G 119 -23.55 52.65 24.80
CA ALA G 119 -23.61 53.92 24.10
C ALA G 119 -24.97 54.15 23.45
N PHE G 120 -25.57 53.09 22.90
CA PHE G 120 -26.87 53.23 22.26
C PHE G 120 -27.97 53.48 23.28
N ALA G 121 -27.90 52.80 24.43
CA ALA G 121 -28.89 53.03 25.47
C ALA G 121 -28.81 54.46 25.99
N ARG G 122 -27.59 54.95 26.22
CA ARG G 122 -27.40 56.31 26.71
C ARG G 122 -27.94 57.34 25.72
N ASP G 123 -27.59 57.20 24.45
CA ASP G 123 -28.04 58.18 23.46
C ASP G 123 -29.53 58.04 23.16
N LEU G 124 -30.08 56.82 23.26
CA LEU G 124 -31.52 56.65 23.09
C LEU G 124 -32.28 57.33 24.23
N ALA G 125 -31.82 57.16 25.46
CA ALA G 125 -32.45 57.82 26.60
C ALA G 125 -32.35 59.33 26.47
N ALA G 126 -31.18 59.83 26.04
CA ALA G 126 -31.00 61.27 25.89
C ALA G 126 -31.92 61.86 24.84
N ALA G 127 -32.31 61.06 23.84
CA ALA G 127 -33.25 61.52 22.82
C ALA G 127 -34.69 61.50 23.28
N GLY G 128 -34.96 60.98 24.48
CA GLY G 128 -36.31 60.84 24.97
C GLY G 128 -36.92 59.47 24.80
N GLY G 129 -36.18 58.52 24.22
CA GLY G 129 -36.70 57.17 24.05
C GLY G 129 -37.04 56.53 25.38
N LEU G 130 -38.05 55.67 25.36
CA LEU G 130 -38.56 55.04 26.58
C LEU G 130 -38.22 53.57 26.70
N GLY G 131 -37.86 52.91 25.60
CA GLY G 131 -37.57 51.48 25.69
C GLY G 131 -37.03 50.95 24.37
N LEU G 132 -36.77 49.65 24.38
CA LEU G 132 -36.17 48.97 23.24
C LEU G 132 -36.87 47.64 23.03
N ILE G 133 -37.34 47.40 21.80
CA ILE G 133 -37.96 46.14 21.42
C ILE G 133 -36.92 45.33 20.65
N THR G 134 -36.64 44.12 21.12
CA THR G 134 -35.55 43.30 20.61
C THR G 134 -36.08 41.98 20.05
N PRO G 135 -36.46 41.95 18.78
CA PRO G 135 -37.04 40.71 18.23
C PRO G 135 -36.06 39.56 18.09
N ASP G 136 -34.76 39.82 17.91
CA ASP G 136 -33.79 38.74 17.78
C ASP G 136 -32.83 38.65 18.97
N LEU G 137 -33.20 39.25 20.10
CA LEU G 137 -32.41 39.17 21.32
C LEU G 137 -33.27 38.52 22.39
N ILE G 138 -32.94 37.28 22.74
CA ILE G 138 -33.63 36.56 23.82
C ILE G 138 -32.92 36.91 25.13
N PRO G 139 -33.58 36.79 26.28
CA PRO G 139 -32.91 37.12 27.55
C PRO G 139 -31.62 36.36 27.77
N ASP G 140 -31.46 35.18 27.16
CA ASP G 140 -30.26 34.39 27.37
C ASP G 140 -28.99 35.08 26.90
N GLU G 141 -29.12 36.10 26.04
CA GLU G 141 -27.97 36.84 25.53
C GLU G 141 -27.98 38.31 25.94
N ALA G 142 -28.89 38.71 26.82
CA ALA G 142 -29.15 40.11 27.09
C ALA G 142 -28.40 40.64 28.32
N GLN G 143 -27.24 40.06 28.64
CA GLN G 143 -26.48 40.51 29.80
C GLN G 143 -26.13 41.99 29.69
N GLN G 144 -25.48 42.38 28.59
CA GLN G 144 -25.11 43.78 28.40
C GLN G 144 -26.35 44.66 28.31
N TRP G 145 -27.43 44.16 27.71
CA TRP G 145 -28.64 44.96 27.57
C TRP G 145 -29.40 45.11 28.89
N LEU G 146 -29.44 44.05 29.70
CA LEU G 146 -30.08 44.15 31.01
C LEU G 146 -29.41 45.23 31.85
N ALA G 147 -28.07 45.25 31.86
CA ALA G 147 -27.35 46.28 32.62
C ALA G 147 -27.57 47.66 32.04
N ALA G 148 -27.55 47.78 30.71
CA ALA G 148 -27.79 49.07 30.08
C ALA G 148 -29.22 49.54 30.27
N SER G 149 -30.18 48.60 30.32
CA SER G 149 -31.57 48.97 30.53
C SER G 149 -31.77 49.55 31.94
N GLU G 150 -31.04 49.02 32.92
CA GLU G 150 -31.16 49.51 34.29
C GLU G 150 -30.54 50.89 34.43
N GLU G 151 -29.28 51.04 34.02
CA GLU G 151 -28.54 52.27 34.27
C GLU G 151 -29.20 53.47 33.59
N HIS G 152 -29.69 53.29 32.38
CA HIS G 152 -30.26 54.39 31.60
C HIS G 152 -31.78 54.42 31.66
N ARG G 153 -32.39 53.62 32.54
CA ARG G 153 -33.83 53.65 32.82
C ARG G 153 -34.65 53.52 31.54
N LEU G 154 -34.44 52.38 30.86
CA LEU G 154 -35.15 52.07 29.62
C LEU G 154 -35.91 50.76 29.79
N ASP G 155 -37.12 50.73 29.24
CA ASP G 155 -37.90 49.50 29.23
C ASP G 155 -37.30 48.51 28.22
N ARG G 156 -37.36 47.23 28.57
CA ARG G 156 -36.86 46.17 27.70
C ARG G 156 -38.04 45.28 27.32
N ILE G 157 -38.47 45.40 26.06
CA ILE G 157 -39.65 44.69 25.56
C ILE G 157 -39.16 43.50 24.77
N PHE G 158 -39.23 42.31 25.39
CA PHE G 158 -38.92 41.07 24.70
C PHE G 158 -40.18 40.53 24.02
N LEU G 159 -40.00 39.49 23.23
CA LEU G 159 -41.08 38.86 22.49
C LEU G 159 -41.33 37.45 23.01
N VAL G 160 -42.61 37.10 23.13
CA VAL G 160 -43.02 35.72 23.36
C VAL G 160 -43.73 35.23 22.11
N ALA G 161 -43.94 33.93 22.04
CA ALA G 161 -44.51 33.29 20.86
C ALA G 161 -45.46 32.19 21.29
N PRO G 162 -46.37 31.77 20.42
CA PRO G 162 -47.22 30.61 20.74
C PRO G 162 -46.42 29.37 21.10
N SER G 163 -45.32 29.10 20.39
CA SER G 163 -44.51 27.92 20.63
C SER G 163 -43.62 28.04 21.86
N SER G 164 -43.66 29.17 22.57
CA SER G 164 -42.82 29.35 23.75
C SER G 164 -43.18 28.33 24.81
N THR G 165 -42.18 27.62 25.31
CA THR G 165 -42.38 26.69 26.41
C THR G 165 -42.77 27.46 27.67
N PRO G 166 -43.44 26.79 28.63
CA PRO G 166 -43.77 27.48 29.89
C PRO G 166 -42.55 28.03 30.60
N GLU G 167 -41.46 27.26 30.67
CA GLU G 167 -40.26 27.73 31.36
C GLU G 167 -39.70 28.98 30.69
N ARG G 168 -39.67 29.00 29.36
CA ARG G 168 -39.10 30.14 28.65
C ARG G 168 -40.03 31.34 28.67
N LEU G 169 -41.35 31.11 28.66
CA LEU G 169 -42.29 32.23 28.74
C LEU G 169 -42.17 32.93 30.08
N ALA G 170 -42.00 32.17 31.16
CA ALA G 170 -41.84 32.78 32.47
C ALA G 170 -40.53 33.56 32.55
N ALA G 171 -39.45 33.01 32.01
CA ALA G 171 -38.16 33.70 32.03
C ALA G 171 -38.19 34.96 31.17
N THR G 172 -38.89 34.90 30.03
CA THR G 172 -38.98 36.06 29.16
C THR G 172 -39.80 37.17 29.80
N VAL G 173 -40.89 36.81 30.48
CA VAL G 173 -41.73 37.81 31.12
C VAL G 173 -41.02 38.42 32.32
N GLU G 174 -40.37 37.59 33.14
CA GLU G 174 -39.63 38.09 34.29
C GLU G 174 -38.55 39.08 33.88
N ALA G 175 -38.02 38.95 32.66
CA ALA G 175 -36.95 39.81 32.19
C ALA G 175 -37.45 41.08 31.51
N SER G 176 -38.76 41.22 31.28
CA SER G 176 -39.28 42.34 30.54
C SER G 176 -39.74 43.46 31.46
N ARG G 177 -39.52 44.70 31.02
CA ARG G 177 -40.01 45.90 31.68
C ARG G 177 -40.84 46.71 30.70
N GLY G 178 -41.95 47.27 31.16
CA GLY G 178 -42.83 48.03 30.30
C GLY G 178 -44.01 47.21 29.79
N PHE G 179 -43.79 46.43 28.73
CA PHE G 179 -44.80 45.50 28.26
C PHE G 179 -44.11 44.37 27.51
N VAL G 180 -44.89 43.31 27.23
CA VAL G 180 -44.40 42.11 26.58
C VAL G 180 -45.06 42.01 25.21
N TYR G 181 -44.24 41.79 24.18
CA TYR G 181 -44.69 41.70 22.80
C TYR G 181 -45.09 40.25 22.51
N ALA G 182 -46.39 40.01 22.36
CA ALA G 182 -46.91 38.69 22.03
C ALA G 182 -47.08 38.64 20.51
N ALA G 183 -46.11 38.01 19.83
CA ALA G 183 -46.04 38.05 18.37
C ALA G 183 -46.63 36.78 17.77
N SER G 184 -47.32 36.94 16.64
CA SER G 184 -47.82 35.82 15.85
C SER G 184 -48.21 36.30 14.46
N SER G 196 -55.77 31.88 14.51
CA SER G 196 -56.85 31.10 15.10
C SER G 196 -57.25 31.68 16.46
N GLN G 197 -57.02 30.90 17.52
CA GLN G 197 -57.22 31.34 18.90
C GLN G 197 -55.89 31.53 19.62
N ALA G 198 -54.80 31.71 18.88
CA ALA G 198 -53.47 31.72 19.49
C ALA G 198 -53.18 33.01 20.23
N ALA G 199 -53.60 34.16 19.67
CA ALA G 199 -53.29 35.44 20.30
C ALA G 199 -53.89 35.56 21.71
N PRO G 200 -55.19 35.36 21.93
CA PRO G 200 -55.70 35.45 23.31
C PRO G 200 -55.18 34.34 24.20
N GLU G 201 -54.92 33.15 23.65
CA GLU G 201 -54.36 32.08 24.46
C GLU G 201 -52.95 32.43 24.92
N LEU G 202 -52.16 33.06 24.05
CA LEU G 202 -50.81 33.46 24.43
C LEU G 202 -50.83 34.57 25.48
N VAL G 203 -51.78 35.50 25.37
CA VAL G 203 -51.91 36.55 26.37
C VAL G 203 -52.33 35.95 27.71
N GLY G 204 -53.23 34.97 27.69
CA GLY G 204 -53.66 34.34 28.93
C GLY G 204 -52.53 33.67 29.66
N ARG G 205 -51.60 33.06 28.94
CA ARG G 205 -50.45 32.41 29.56
C ARG G 205 -49.51 33.43 30.18
N VAL G 206 -49.43 34.63 29.61
CA VAL G 206 -48.60 35.68 30.18
C VAL G 206 -49.27 36.27 31.42
N LYS G 207 -50.58 36.51 31.34
CA LYS G 207 -51.31 37.08 32.47
C LYS G 207 -51.38 36.12 33.65
N ALA G 208 -51.20 34.81 33.41
CA ALA G 208 -51.23 33.84 34.49
C ALA G 208 -49.96 33.83 35.33
N VAL G 209 -48.94 34.62 34.96
CA VAL G 209 -47.67 34.59 35.67
C VAL G 209 -47.20 35.99 36.01
N SER G 210 -47.86 37.01 35.45
CA SER G 210 -47.43 38.38 35.70
C SER G 210 -48.55 39.35 35.32
N ASP G 211 -48.50 40.53 35.94
CA ASP G 211 -49.42 41.63 35.66
C ASP G 211 -48.92 42.56 34.57
N ILE G 212 -47.73 42.31 34.03
CA ILE G 212 -47.11 43.25 33.08
C ILE G 212 -48.02 43.40 31.86
N PRO G 213 -48.17 44.60 31.30
CA PRO G 213 -49.01 44.75 30.10
C PRO G 213 -48.51 43.90 28.95
N VAL G 214 -49.44 43.57 28.05
CA VAL G 214 -49.17 42.69 26.92
C VAL G 214 -49.62 43.40 25.65
N GLY G 215 -48.70 43.58 24.72
CA GLY G 215 -49.01 44.10 23.39
C GLY G 215 -49.14 42.95 22.41
N VAL G 216 -50.06 43.10 21.45
CA VAL G 216 -50.36 42.04 20.49
C VAL G 216 -50.24 42.60 19.08
N GLY G 217 -49.36 42.01 18.29
CA GLY G 217 -49.25 42.29 16.87
C GLY G 217 -49.82 41.12 16.08
N LEU G 218 -50.76 41.44 15.17
CA LEU G 218 -51.52 40.40 14.49
C LEU G 218 -51.85 40.79 13.05
N GLY G 219 -51.01 41.62 12.43
CA GLY G 219 -51.30 42.12 11.09
C GLY G 219 -52.60 42.89 11.06
N VAL G 220 -52.75 43.85 11.98
CA VAL G 220 -54.00 44.57 12.13
C VAL G 220 -54.20 45.49 10.93
N ARG G 221 -55.37 45.36 10.29
CA ARG G 221 -55.73 46.17 9.13
C ARG G 221 -56.86 47.14 9.40
N SER G 222 -57.87 46.74 10.15
CA SER G 222 -59.13 47.46 10.25
C SER G 222 -59.42 47.87 11.69
N ARG G 223 -60.39 48.78 11.82
CA ARG G 223 -60.85 49.21 13.13
C ARG G 223 -61.47 48.05 13.91
N ALA G 224 -62.14 47.12 13.22
CA ALA G 224 -62.77 46.00 13.90
C ALA G 224 -61.73 45.06 14.49
N GLN G 225 -60.61 44.84 13.79
CA GLN G 225 -59.57 43.95 14.30
C GLN G 225 -58.92 44.52 15.55
N ALA G 226 -58.70 45.83 15.59
CA ALA G 226 -58.15 46.45 16.79
C ALA G 226 -59.13 46.37 17.96
N ALA G 227 -60.43 46.27 17.66
CA ALA G 227 -61.42 46.14 18.72
C ALA G 227 -61.38 44.75 19.34
N GLN G 228 -61.28 43.71 18.51
CA GLN G 228 -61.20 42.35 19.04
C GLN G 228 -60.00 42.18 19.96
N ILE G 229 -58.86 42.77 19.57
CA ILE G 229 -57.63 42.60 20.35
C ILE G 229 -57.68 43.42 21.63
N ALA G 230 -58.32 44.59 21.60
CA ALA G 230 -58.42 45.43 22.80
C ALA G 230 -59.27 44.81 23.90
N GLN G 231 -59.99 43.73 23.60
CA GLN G 231 -60.82 43.08 24.61
C GLN G 231 -60.01 42.27 25.61
N TYR G 232 -58.83 41.79 25.21
CA TYR G 232 -57.97 41.02 26.10
C TYR G 232 -56.56 41.56 26.22
N ALA G 233 -56.06 42.27 25.21
CA ALA G 233 -54.70 42.78 25.24
C ALA G 233 -54.66 44.19 25.81
N ASP G 234 -53.57 44.50 26.51
CA ASP G 234 -53.38 45.85 27.03
C ASP G 234 -53.00 46.82 25.94
N GLY G 235 -52.39 46.33 24.86
CA GLY G 235 -51.98 47.19 23.77
C GLY G 235 -52.14 46.49 22.44
N VAL G 236 -52.40 47.28 21.40
CA VAL G 236 -52.62 46.78 20.05
C VAL G 236 -51.52 47.36 19.16
N ILE G 237 -50.74 46.47 18.54
CA ILE G 237 -49.57 46.84 17.75
C ILE G 237 -49.93 46.79 16.27
N VAL G 238 -49.74 47.91 15.58
CA VAL G 238 -50.00 48.01 14.15
C VAL G 238 -48.74 48.52 13.46
N GLY G 239 -48.39 47.90 12.34
CA GLY G 239 -47.18 48.25 11.63
C GLY G 239 -47.30 48.17 10.12
N SER G 240 -47.53 46.96 9.61
CA SER G 240 -47.60 46.75 8.17
C SER G 240 -48.68 47.62 7.53
N ALA G 241 -49.84 47.74 8.19
CA ALA G 241 -50.91 48.57 7.64
C ALA G 241 -50.54 50.04 7.63
N LEU G 242 -49.78 50.50 8.62
CA LEU G 242 -49.35 51.90 8.62
C LEU G 242 -48.38 52.18 7.49
N VAL G 243 -47.45 51.25 7.24
CA VAL G 243 -46.51 51.42 6.13
C VAL G 243 -47.26 51.46 4.80
N THR G 244 -48.22 50.54 4.62
CA THR G 244 -49.05 50.56 3.42
C THR G 244 -49.82 51.87 3.31
N ALA G 245 -50.30 52.40 4.42
CA ALA G 245 -51.03 53.67 4.40
C ALA G 245 -50.11 54.81 4.00
N LEU G 246 -48.91 54.88 4.59
CA LEU G 246 -47.97 55.94 4.25
C LEU G 246 -47.54 55.86 2.79
N THR G 247 -47.50 54.64 2.23
CA THR G 247 -47.11 54.49 0.83
C THR G 247 -48.11 55.16 -0.10
N GLU G 248 -49.41 55.06 0.21
CA GLU G 248 -50.42 55.73 -0.60
C GLU G 248 -50.34 57.24 -0.42
N GLY G 249 -50.30 57.70 0.82
CA GLY G 249 -50.19 59.11 1.09
C GLY G 249 -50.22 59.39 2.58
N LEU G 250 -49.69 60.55 2.94
CA LEU G 250 -49.75 60.99 4.33
C LEU G 250 -51.18 61.17 4.84
N PRO G 251 -52.14 61.71 4.07
CA PRO G 251 -53.52 61.76 4.58
C PRO G 251 -54.12 60.39 4.85
N ARG G 252 -53.79 59.40 4.02
CA ARG G 252 -54.30 58.05 4.24
C ARG G 252 -53.81 57.48 5.57
N LEU G 253 -52.58 57.84 5.97
CA LEU G 253 -52.08 57.39 7.27
C LEU G 253 -52.87 58.00 8.42
N ARG G 254 -53.19 59.30 8.32
CA ARG G 254 -53.95 59.96 9.38
C ARG G 254 -55.33 59.31 9.55
N ALA G 255 -56.02 59.06 8.44
CA ALA G 255 -57.36 58.49 8.50
C ALA G 255 -57.32 57.09 9.11
N LEU G 256 -56.37 56.26 8.67
CA LEU G 256 -56.26 54.92 9.22
C LEU G 256 -55.89 54.94 10.70
N THR G 257 -54.93 55.80 11.07
CA THR G 257 -54.56 55.92 12.47
C THR G 257 -55.73 56.40 13.31
N GLY G 258 -56.56 57.28 12.74
CA GLY G 258 -57.75 57.71 13.46
C GLY G 258 -58.75 56.60 13.66
N GLU G 259 -58.99 55.81 12.61
CA GLU G 259 -59.87 54.64 12.72
C GLU G 259 -59.34 53.68 13.78
N LEU G 260 -58.04 53.41 13.76
CA LEU G 260 -57.46 52.52 14.76
C LEU G 260 -57.52 53.12 16.15
N ALA G 261 -57.49 54.45 16.25
CA ALA G 261 -57.62 55.09 17.56
C ALA G 261 -59.00 54.91 18.16
N ALA G 262 -60.03 54.68 17.34
CA ALA G 262 -61.37 54.43 17.83
C ALA G 262 -61.61 52.96 18.17
N GLY G 263 -60.98 52.04 17.45
CA GLY G 263 -61.20 50.64 17.72
C GLY G 263 -60.70 50.19 19.08
N VAL G 264 -59.66 50.85 19.60
CA VAL G 264 -59.10 50.44 20.88
C VAL G 264 -59.94 50.94 22.06
N ARG G 265 -60.81 51.92 21.86
CA ARG G 265 -61.64 52.43 22.95
C ARG G 265 -62.90 51.61 23.16
N LEU G 266 -63.26 50.73 22.23
CA LEU G 266 -64.45 49.90 22.37
C LEU G 266 -64.22 48.79 23.40
N THR H 9 -15.77 17.90 25.21
CA THR H 9 -14.32 17.91 25.04
C THR H 9 -13.75 19.25 25.48
N SER H 10 -12.42 19.38 25.41
CA SER H 10 -11.76 20.60 25.86
C SER H 10 -12.15 21.82 25.04
N HIS H 11 -12.68 21.61 23.83
CA HIS H 11 -12.95 22.71 22.90
C HIS H 11 -14.44 22.99 22.73
N ASP H 12 -15.31 22.32 23.49
CA ASP H 12 -16.74 22.52 23.34
C ASP H 12 -17.20 23.79 24.06
N PRO H 13 -18.29 24.39 23.61
CA PRO H 13 -18.84 25.57 24.28
C PRO H 13 -19.65 25.15 25.50
N ASP H 14 -20.18 26.15 26.22
CA ASP H 14 -21.03 25.87 27.36
C ASP H 14 -22.41 25.46 26.89
N SER H 15 -23.34 25.29 27.82
CA SER H 15 -24.69 24.86 27.48
C SER H 15 -25.43 25.90 26.64
N GLY H 16 -24.99 27.15 26.66
CA GLY H 16 -25.55 28.18 25.83
C GLY H 16 -24.87 28.35 24.48
N GLY H 17 -23.84 27.55 24.21
CA GLY H 17 -23.16 27.61 22.93
C GLY H 17 -22.14 28.71 22.80
N HIS H 18 -21.45 29.06 23.87
CA HIS H 18 -20.48 30.15 23.88
C HIS H 18 -19.07 29.60 23.91
N PHE H 19 -18.25 30.02 22.95
CA PHE H 19 -16.83 29.68 22.90
C PHE H 19 -16.01 30.80 23.52
N GLY H 20 -15.01 30.42 24.32
CA GLY H 20 -14.04 31.37 24.80
C GLY H 20 -14.50 32.28 25.93
N GLY H 21 -15.53 31.88 26.67
CA GLY H 21 -15.94 32.61 27.85
C GLY H 21 -16.40 34.04 27.58
N PRO H 22 -15.64 35.00 28.09
CA PRO H 22 -16.10 36.40 28.06
C PRO H 22 -16.22 36.98 26.65
N SER H 23 -15.44 36.48 25.69
CA SER H 23 -15.52 37.02 24.33
C SER H 23 -16.89 36.77 23.71
N GLY H 24 -17.53 35.65 24.04
CA GLY H 24 -18.91 35.43 23.69
C GLY H 24 -19.17 34.91 22.29
N TRP H 25 -18.22 34.20 21.70
CA TRP H 25 -18.42 33.64 20.36
C TRP H 25 -19.52 32.59 20.39
N GLY H 26 -20.41 32.65 19.41
CA GLY H 26 -21.48 31.68 19.29
C GLY H 26 -22.78 32.18 19.90
N GLY H 27 -23.34 31.41 20.81
CA GLY H 27 -24.60 31.76 21.42
C GLY H 27 -25.77 31.47 20.49
N ARG H 28 -26.90 32.09 20.83
CA ARG H 28 -28.15 31.94 20.07
C ARG H 28 -28.73 33.33 19.85
N TYR H 29 -28.45 33.93 18.70
CA TYR H 29 -29.02 35.22 18.34
C TYR H 29 -30.17 34.99 17.35
N VAL H 30 -31.24 34.43 17.91
CA VAL H 30 -32.43 34.06 17.14
C VAL H 30 -33.64 34.64 17.86
N PRO H 31 -34.79 34.70 17.19
CA PRO H 31 -36.02 35.11 17.87
C PRO H 31 -36.53 34.01 18.80
N GLU H 32 -37.29 34.44 19.82
CA GLU H 32 -37.87 33.49 20.76
C GLU H 32 -38.75 32.46 20.07
N ALA H 33 -39.31 32.81 18.91
CA ALA H 33 -40.18 31.89 18.19
C ALA H 33 -39.46 30.62 17.75
N LEU H 34 -38.14 30.66 17.64
CA LEU H 34 -37.36 29.49 17.24
C LEU H 34 -36.79 28.71 18.42
N MET H 35 -36.92 29.22 19.64
CA MET H 35 -36.20 28.62 20.75
C MET H 35 -36.75 27.25 21.12
N ALA H 36 -38.05 27.01 20.90
CA ALA H 36 -38.62 25.71 21.24
C ALA H 36 -38.03 24.60 20.38
N VAL H 37 -37.87 24.86 19.07
CA VAL H 37 -37.31 23.82 18.21
C VAL H 37 -35.78 23.79 18.32
N ILE H 38 -35.14 24.94 18.59
CA ILE H 38 -33.70 24.95 18.78
C ILE H 38 -33.32 24.17 20.03
N GLU H 39 -34.04 24.38 21.12
CA GLU H 39 -33.84 23.57 22.31
C GLU H 39 -34.23 22.12 22.07
N GLU H 40 -35.22 21.89 21.20
CA GLU H 40 -35.62 20.52 20.88
C GLU H 40 -34.52 19.78 20.12
N VAL H 41 -33.90 20.44 19.14
CA VAL H 41 -32.79 19.84 18.41
C VAL H 41 -31.61 19.61 19.33
N THR H 42 -31.31 20.58 20.19
CA THR H 42 -30.17 20.47 21.09
C THR H 42 -30.31 19.24 22.00
N ALA H 43 -31.49 19.05 22.57
CA ALA H 43 -31.71 17.89 23.44
C ALA H 43 -31.61 16.59 22.66
N ALA H 44 -32.21 16.54 21.47
CA ALA H 44 -32.19 15.31 20.68
C ALA H 44 -30.77 14.94 20.28
N TYR H 45 -29.94 15.95 19.96
CA TYR H 45 -28.56 15.65 19.61
C TYR H 45 -27.77 15.13 20.81
N GLN H 46 -27.99 15.72 21.98
CA GLN H 46 -27.31 15.24 23.18
C GLN H 46 -27.72 13.82 23.53
N LYS H 47 -28.98 13.46 23.25
CA LYS H 47 -29.45 12.12 23.54
C LYS H 47 -28.90 11.11 22.54
N GLU H 48 -28.91 11.46 21.25
CA GLU H 48 -28.54 10.50 20.21
C GLU H 48 -27.04 10.40 19.98
N ARG H 49 -26.26 11.41 20.37
CA ARG H 49 -24.82 11.34 20.16
C ARG H 49 -24.16 10.27 21.02
N VAL H 50 -24.84 9.78 22.05
CA VAL H 50 -24.31 8.72 22.91
C VAL H 50 -25.14 7.45 22.79
N SER H 51 -26.06 7.39 21.82
CA SER H 51 -26.85 6.20 21.57
C SER H 51 -26.12 5.30 20.60
N GLN H 52 -25.90 4.04 20.99
CA GLN H 52 -25.17 3.12 20.12
C GLN H 52 -25.94 2.80 18.85
N ASP H 53 -27.27 2.73 18.94
CA ASP H 53 -28.08 2.52 17.74
C ASP H 53 -27.87 3.65 16.73
N PHE H 54 -27.77 4.88 17.23
CA PHE H 54 -27.55 6.02 16.33
C PHE H 54 -26.16 5.97 15.72
N LEU H 55 -25.13 5.78 16.55
CA LEU H 55 -23.76 5.74 16.06
C LEU H 55 -23.54 4.60 15.09
N ASP H 56 -24.19 3.45 15.32
CA ASP H 56 -24.06 2.34 14.39
C ASP H 56 -24.64 2.67 13.03
N ASP H 57 -25.79 3.37 13.00
CA ASP H 57 -26.38 3.75 11.72
C ASP H 57 -25.51 4.77 10.98
N LEU H 58 -24.85 5.66 11.72
CA LEU H 58 -24.02 6.67 11.08
C LEU H 58 -22.75 6.06 10.49
N ASP H 59 -22.01 5.30 11.30
CA ASP H 59 -20.81 4.64 10.79
C ASP H 59 -21.12 3.77 9.58
N ARG H 60 -22.25 3.05 9.63
CA ARG H 60 -22.60 2.12 8.58
C ARG H 60 -22.92 2.85 7.28
N LEU H 61 -23.63 3.98 7.36
CA LEU H 61 -23.89 4.77 6.16
C LEU H 61 -22.62 5.41 5.64
N GLN H 62 -21.78 5.94 6.54
CA GLN H 62 -20.52 6.51 6.10
C GLN H 62 -19.62 5.48 5.42
N ALA H 63 -19.71 4.22 5.85
CA ALA H 63 -18.87 3.17 5.27
C ALA H 63 -19.43 2.69 3.94
N ASN H 64 -20.63 2.11 3.96
CA ASN H 64 -21.15 1.42 2.79
C ASN H 64 -21.88 2.33 1.81
N TYR H 65 -22.33 3.51 2.25
CA TYR H 65 -23.08 4.41 1.40
C TYR H 65 -22.28 5.62 0.95
N ALA H 66 -21.64 6.33 1.89
CA ALA H 66 -20.89 7.52 1.56
C ALA H 66 -19.50 7.22 1.03
N GLY H 67 -18.94 6.05 1.33
CA GLY H 67 -17.64 5.66 0.81
C GLY H 67 -16.45 5.99 1.68
N ARG H 68 -16.66 6.22 2.97
CA ARG H 68 -15.56 6.52 3.87
C ARG H 68 -14.78 5.24 4.20
N PRO H 69 -13.49 5.37 4.54
CA PRO H 69 -12.72 6.61 4.66
C PRO H 69 -12.26 7.16 3.32
N SER H 70 -12.20 8.48 3.21
CA SER H 70 -11.60 9.07 2.02
C SER H 70 -10.08 8.94 2.09
N PRO H 71 -9.41 8.72 0.96
CA PRO H 71 -7.97 8.50 0.99
C PRO H 71 -7.20 9.79 1.16
N LEU H 72 -5.94 9.64 1.55
CA LEU H 72 -4.97 10.73 1.61
C LEU H 72 -3.92 10.47 0.52
N TYR H 73 -3.78 11.43 -0.40
CA TYR H 73 -2.96 11.25 -1.59
C TYR H 73 -1.88 12.32 -1.66
N GLU H 74 -0.63 11.90 -1.82
CA GLU H 74 0.48 12.83 -1.94
C GLU H 74 0.60 13.27 -3.39
N ALA H 75 0.31 14.55 -3.65
CA ALA H 75 0.34 15.10 -5.01
C ALA H 75 1.78 15.49 -5.34
N THR H 76 2.56 14.49 -5.77
CA THR H 76 3.99 14.69 -5.99
C THR H 76 4.26 15.62 -7.15
N ARG H 77 3.37 15.67 -8.15
CA ARG H 77 3.58 16.56 -9.29
C ARG H 77 3.33 18.02 -8.95
N LEU H 78 2.75 18.32 -7.79
CA LEU H 78 2.59 19.69 -7.32
C LEU H 78 3.80 20.20 -6.55
N SER H 79 4.71 19.31 -6.16
CA SER H 79 5.79 19.68 -5.25
C SER H 79 6.64 20.82 -5.83
N GLN H 80 7.05 20.69 -7.09
CA GLN H 80 7.87 21.72 -7.71
C GLN H 80 7.15 23.06 -7.80
N HIS H 81 5.81 23.06 -7.74
CA HIS H 81 5.03 24.28 -7.73
C HIS H 81 4.72 24.77 -6.32
N ALA H 82 5.30 24.14 -5.29
CA ALA H 82 5.03 24.50 -3.91
C ALA H 82 6.33 24.53 -3.11
N GLY H 83 7.40 25.06 -3.71
CA GLY H 83 8.69 25.12 -3.03
C GLY H 83 9.25 23.77 -2.67
N SER H 84 8.94 22.74 -3.45
CA SER H 84 9.37 21.36 -3.21
C SER H 84 8.84 20.80 -1.89
N ALA H 85 7.75 21.37 -1.37
CA ALA H 85 7.08 20.79 -0.23
C ALA H 85 6.25 19.58 -0.67
N ARG H 86 5.68 18.89 0.31
CA ARG H 86 4.92 17.66 0.07
C ARG H 86 3.45 17.92 0.35
N ILE H 87 2.67 18.07 -0.73
CA ILE H 87 1.25 18.37 -0.63
C ILE H 87 0.47 17.06 -0.58
N PHE H 88 -0.23 16.83 0.52
CA PHE H 88 -1.10 15.67 0.69
C PHE H 88 -2.55 16.13 0.58
N LEU H 89 -3.32 15.47 -0.28
CA LEU H 89 -4.71 15.85 -0.55
C LEU H 89 -5.65 14.89 0.17
N LYS H 90 -6.40 15.42 1.13
CA LYS H 90 -7.47 14.66 1.78
C LYS H 90 -8.67 14.64 0.86
N ARG H 91 -8.94 13.48 0.26
CA ARG H 91 -9.80 13.39 -0.93
C ARG H 91 -11.28 13.29 -0.54
N GLU H 92 -11.79 14.39 0.02
CA GLU H 92 -13.23 14.46 0.28
C GLU H 92 -14.03 14.53 -1.02
N ASP H 93 -13.39 14.89 -2.14
CA ASP H 93 -14.07 14.94 -3.43
C ASP H 93 -14.58 13.56 -3.85
N LEU H 94 -14.03 12.48 -3.30
CA LEU H 94 -14.44 11.13 -3.66
C LEU H 94 -15.65 10.65 -2.88
N ASN H 95 -16.12 11.41 -1.89
CA ASN H 95 -17.31 11.01 -1.16
C ASN H 95 -18.52 10.96 -2.09
N HIS H 96 -19.52 10.19 -1.66
CA HIS H 96 -20.81 10.21 -2.35
C HIS H 96 -21.36 11.62 -2.39
N THR H 97 -21.99 11.98 -3.52
CA THR H 97 -22.46 13.32 -3.86
C THR H 97 -21.31 14.26 -4.22
N GLY H 98 -20.10 13.95 -3.77
CA GLY H 98 -18.91 14.61 -4.25
C GLY H 98 -18.35 15.72 -3.40
N SER H 99 -18.61 15.74 -2.09
CA SER H 99 -18.01 16.74 -1.22
C SER H 99 -18.15 16.26 0.23
N HIS H 100 -17.58 17.05 1.15
CA HIS H 100 -17.67 16.78 2.57
C HIS H 100 -19.08 16.95 3.13
N LYS H 101 -19.98 17.60 2.39
CA LYS H 101 -21.30 17.91 2.94
C LYS H 101 -22.05 16.66 3.35
N ILE H 102 -21.80 15.53 2.68
CA ILE H 102 -22.53 14.30 3.00
C ILE H 102 -22.27 13.85 4.42
N ASN H 103 -21.08 14.15 4.96
CA ASN H 103 -20.78 13.79 6.35
C ASN H 103 -21.78 14.43 7.30
N ASN H 104 -21.93 15.75 7.22
CA ASN H 104 -22.82 16.47 8.13
C ASN H 104 -24.28 16.11 7.87
N VAL H 105 -24.64 15.86 6.62
CA VAL H 105 -26.04 15.61 6.29
C VAL H 105 -26.50 14.25 6.81
N LEU H 106 -25.65 13.23 6.67
CA LEU H 106 -26.04 11.89 7.15
C LEU H 106 -26.32 11.92 8.64
N GLY H 107 -25.55 12.68 9.41
CA GLY H 107 -25.81 12.80 10.83
C GLY H 107 -27.09 13.54 11.12
N GLN H 108 -27.31 14.68 10.47
CA GLN H 108 -28.49 15.49 10.75
C GLN H 108 -29.76 14.88 10.17
N ALA H 109 -29.65 14.19 9.04
CA ALA H 109 -30.83 13.55 8.47
C ALA H 109 -31.30 12.38 9.34
N LEU H 110 -30.35 11.59 9.85
CA LEU H 110 -30.71 10.55 10.82
C LEU H 110 -31.32 11.16 12.07
N LEU H 111 -30.78 12.30 12.52
CA LEU H 111 -31.33 12.96 13.70
C LEU H 111 -32.74 13.48 13.45
N ALA H 112 -32.97 14.03 12.24
CA ALA H 112 -34.32 14.51 11.91
C ALA H 112 -35.34 13.39 11.99
N ARG H 113 -34.94 12.17 11.60
CA ARG H 113 -35.85 11.04 11.69
C ARG H 113 -36.06 10.61 13.14
N ARG H 114 -35.00 10.67 13.95
CA ARG H 114 -35.13 10.30 15.36
C ARG H 114 -36.08 11.23 16.09
N MET H 115 -36.18 12.49 15.65
CA MET H 115 -37.04 13.47 16.31
C MET H 115 -38.49 13.37 15.87
N GLY H 116 -38.80 12.60 14.83
CA GLY H 116 -40.13 12.52 14.30
C GLY H 116 -40.50 13.61 13.31
N LYS H 117 -39.55 14.44 12.92
CA LYS H 117 -39.81 15.46 11.90
C LYS H 117 -40.11 14.80 10.57
N THR H 118 -41.09 15.36 9.85
CA THR H 118 -41.54 14.81 8.59
C THR H 118 -41.11 15.67 7.40
N ARG H 119 -40.30 16.70 7.64
CA ARG H 119 -39.93 17.64 6.60
C ARG H 119 -38.54 18.17 6.92
N VAL H 120 -37.70 18.28 5.89
CA VAL H 120 -36.33 18.75 6.04
C VAL H 120 -36.11 19.91 5.07
N ILE H 121 -35.60 21.02 5.58
CA ILE H 121 -35.25 22.16 4.76
C ILE H 121 -33.76 22.45 4.91
N ALA H 122 -33.19 23.08 3.90
CA ALA H 122 -31.78 23.40 3.90
C ALA H 122 -31.50 24.53 2.92
N GLU H 123 -30.46 25.30 3.21
CA GLU H 123 -29.93 26.27 2.27
C GLU H 123 -28.86 25.60 1.42
N THR H 124 -28.52 26.24 0.31
CA THR H 124 -27.38 25.79 -0.47
C THR H 124 -26.87 26.94 -1.33
N GLY H 125 -25.55 27.01 -1.49
CA GLY H 125 -24.92 28.01 -2.31
C GLY H 125 -24.26 27.40 -3.53
N ALA H 126 -23.27 26.54 -3.29
CA ALA H 126 -22.64 25.79 -4.37
C ALA H 126 -23.51 24.62 -4.85
N GLY H 127 -24.59 24.31 -4.15
CA GLY H 127 -25.43 23.20 -4.49
C GLY H 127 -25.02 21.87 -3.90
N GLN H 128 -23.80 21.76 -3.34
CA GLN H 128 -23.34 20.49 -2.81
C GLN H 128 -24.11 20.09 -1.56
N HIS H 129 -24.37 21.05 -0.67
CA HIS H 129 -25.16 20.72 0.52
C HIS H 129 -26.59 20.39 0.15
N GLY H 130 -27.15 21.10 -0.85
CA GLY H 130 -28.48 20.76 -1.31
C GLY H 130 -28.56 19.37 -1.89
N VAL H 131 -27.57 18.99 -2.71
CA VAL H 131 -27.56 17.64 -3.28
C VAL H 131 -27.40 16.60 -2.18
N ALA H 132 -26.55 16.88 -1.18
CA ALA H 132 -26.37 15.95 -0.07
C ALA H 132 -27.65 15.81 0.73
N THR H 133 -28.28 16.92 1.08
CA THR H 133 -29.54 16.87 1.82
C THR H 133 -30.61 16.15 1.03
N ALA H 134 -30.77 16.49 -0.25
CA ALA H 134 -31.70 15.78 -1.10
C ALA H 134 -31.38 14.29 -1.18
N THR H 135 -30.09 13.96 -1.21
CA THR H 135 -29.68 12.55 -1.26
C THR H 135 -30.13 11.80 -0.02
N ALA H 136 -29.83 12.33 1.16
CA ALA H 136 -30.21 11.64 2.40
C ALA H 136 -31.72 11.63 2.59
N CYS H 137 -32.43 12.67 2.14
CA CYS H 137 -33.88 12.69 2.29
C CYS H 137 -34.54 11.66 1.37
N ALA H 138 -33.98 11.44 0.18
CA ALA H 138 -34.47 10.36 -0.67
C ALA H 138 -34.22 9.00 -0.01
N LEU H 139 -33.05 8.83 0.60
CA LEU H 139 -32.70 7.56 1.24
C LEU H 139 -33.60 7.27 2.43
N LEU H 140 -33.96 8.29 3.20
CA LEU H 140 -34.72 8.12 4.43
C LEU H 140 -36.21 8.37 4.26
N GLY H 141 -36.64 8.79 3.08
CA GLY H 141 -38.06 9.03 2.84
C GLY H 141 -38.59 10.25 3.57
N LEU H 142 -37.90 11.38 3.42
CA LEU H 142 -38.26 12.63 4.06
C LEU H 142 -38.56 13.68 2.99
N ASP H 143 -39.58 14.49 3.23
CA ASP H 143 -39.83 15.63 2.35
C ASP H 143 -38.66 16.61 2.45
N CYS H 144 -38.29 17.19 1.32
CA CYS H 144 -37.11 18.03 1.24
C CYS H 144 -37.40 19.28 0.43
N VAL H 145 -37.05 20.44 1.00
CA VAL H 145 -37.12 21.71 0.30
C VAL H 145 -35.78 22.40 0.46
N ILE H 146 -35.16 22.78 -0.66
CA ILE H 146 -33.86 23.43 -0.66
C ILE H 146 -34.04 24.86 -1.14
N TYR H 147 -33.49 25.81 -0.38
CA TYR H 147 -33.50 27.22 -0.76
C TYR H 147 -32.15 27.58 -1.36
N MET H 148 -32.17 28.20 -2.53
CA MET H 148 -30.96 28.50 -3.28
C MET H 148 -31.09 29.85 -3.96
N GLY H 149 -30.04 30.66 -3.83
CA GLY H 149 -30.08 31.98 -4.45
C GLY H 149 -30.14 31.90 -5.96
N GLY H 150 -30.87 32.85 -6.55
CA GLY H 150 -31.10 32.82 -7.98
C GLY H 150 -29.81 32.88 -8.79
N ILE H 151 -28.83 33.64 -8.33
CA ILE H 151 -27.52 33.65 -8.97
C ILE H 151 -26.85 32.29 -8.82
N ASP H 152 -27.07 31.61 -7.69
CA ASP H 152 -26.46 30.31 -7.50
C ASP H 152 -27.14 29.22 -8.33
N THR H 153 -28.44 29.37 -8.59
CA THR H 153 -29.12 28.41 -9.46
C THR H 153 -28.60 28.51 -10.89
N ALA H 154 -28.07 29.67 -11.28
CA ALA H 154 -27.59 29.85 -12.63
C ALA H 154 -26.18 29.29 -12.82
N ARG H 155 -25.28 29.59 -11.89
CA ARG H 155 -23.88 29.18 -12.02
C ARG H 155 -23.59 27.80 -11.46
N GLN H 156 -24.58 27.15 -10.84
CA GLN H 156 -24.44 25.78 -10.36
C GLN H 156 -25.62 24.94 -10.84
N ALA H 157 -26.01 25.14 -12.10
CA ALA H 157 -27.24 24.54 -12.61
C ALA H 157 -27.21 23.01 -12.56
N LEU H 158 -26.01 22.42 -12.65
CA LEU H 158 -25.92 20.96 -12.60
C LEU H 158 -26.51 20.42 -11.29
N ASN H 159 -26.23 21.09 -10.18
CA ASN H 159 -26.73 20.61 -8.89
C ASN H 159 -28.22 20.88 -8.71
N VAL H 160 -28.78 21.88 -9.40
CA VAL H 160 -30.22 22.10 -9.35
C VAL H 160 -30.95 20.91 -9.94
N ALA H 161 -30.49 20.43 -11.10
CA ALA H 161 -31.14 19.29 -11.73
C ALA H 161 -30.87 18.00 -10.98
N ARG H 162 -29.71 17.89 -10.33
CA ARG H 162 -29.45 16.73 -9.48
C ARG H 162 -30.41 16.68 -8.29
N MET H 163 -30.69 17.84 -7.68
CA MET H 163 -31.62 17.89 -6.57
C MET H 163 -33.03 17.51 -7.01
N ARG H 164 -33.49 18.06 -8.13
CA ARG H 164 -34.83 17.74 -8.61
C ARG H 164 -34.96 16.26 -8.96
N LEU H 165 -33.90 15.67 -9.52
CA LEU H 165 -33.92 14.24 -9.80
C LEU H 165 -33.99 13.40 -8.54
N LEU H 166 -33.45 13.92 -7.43
CA LEU H 166 -33.47 13.20 -6.16
C LEU H 166 -34.78 13.40 -5.40
N GLY H 167 -35.76 14.09 -5.99
CA GLY H 167 -37.05 14.27 -5.36
C GLY H 167 -37.17 15.48 -4.46
N ALA H 168 -36.21 16.40 -4.48
CA ALA H 168 -36.26 17.57 -3.63
C ALA H 168 -36.89 18.74 -4.37
N GLU H 169 -37.67 19.53 -3.64
CA GLU H 169 -38.19 20.78 -4.18
C GLU H 169 -37.15 21.88 -4.00
N VAL H 170 -36.91 22.64 -5.06
CA VAL H 170 -35.94 23.73 -5.04
C VAL H 170 -36.70 25.06 -5.16
N VAL H 171 -36.42 25.98 -4.24
CA VAL H 171 -37.03 27.30 -4.24
C VAL H 171 -35.91 28.31 -4.52
N ALA H 172 -35.99 28.98 -5.66
CA ALA H 172 -35.00 30.00 -6.02
C ALA H 172 -35.27 31.27 -5.22
N VAL H 173 -34.26 31.71 -4.47
CA VAL H 173 -34.36 32.92 -3.67
C VAL H 173 -33.84 34.09 -4.51
N GLN H 174 -34.69 35.10 -4.71
CA GLN H 174 -34.36 36.25 -5.52
C GLN H 174 -34.19 37.53 -4.72
N THR H 175 -34.27 37.46 -3.39
CA THR H 175 -34.09 38.63 -2.55
C THR H 175 -32.62 38.81 -2.21
N GLY H 176 -32.27 40.04 -1.82
CA GLY H 176 -30.91 40.33 -1.41
C GLY H 176 -29.92 40.14 -2.55
N SER H 177 -28.73 39.64 -2.20
CA SER H 177 -27.69 39.36 -3.18
C SER H 177 -27.90 38.05 -3.93
N LYS H 178 -29.02 37.36 -3.70
CA LYS H 178 -29.39 36.15 -4.43
C LYS H 178 -28.31 35.07 -4.31
N THR H 179 -27.64 35.00 -3.16
CA THR H 179 -26.61 33.99 -2.94
C THR H 179 -26.87 33.32 -1.58
N LEU H 180 -25.80 32.76 -1.00
CA LEU H 180 -25.96 31.84 0.13
C LEU H 180 -26.64 32.51 1.32
N LYS H 181 -26.23 33.73 1.66
CA LYS H 181 -26.81 34.39 2.84
C LYS H 181 -28.29 34.64 2.65
N ASP H 182 -28.73 34.83 1.40
CA ASP H 182 -30.14 35.07 1.13
C ASP H 182 -30.94 33.78 1.18
N ALA H 183 -30.34 32.66 0.80
CA ALA H 183 -31.01 31.37 0.97
C ALA H 183 -31.16 31.01 2.44
N ILE H 184 -30.15 31.36 3.25
CA ILE H 184 -30.24 31.09 4.68
C ILE H 184 -31.34 31.92 5.32
N ASN H 185 -31.48 33.18 4.91
CA ASN H 185 -32.57 34.01 5.41
C ASN H 185 -33.92 33.37 5.13
N GLU H 186 -34.13 32.88 3.91
CA GLU H 186 -35.43 32.30 3.55
C GLU H 186 -35.68 30.99 4.27
N ALA H 187 -34.64 30.15 4.40
CA ALA H 187 -34.81 28.90 5.15
C ALA H 187 -35.11 29.17 6.61
N PHE H 188 -34.56 30.26 7.16
CA PHE H 188 -34.90 30.66 8.52
C PHE H 188 -36.37 31.04 8.63
N ARG H 189 -36.86 31.84 7.69
N ARG H 189 -36.86 31.84 7.68
CA ARG H 189 -38.27 32.20 7.68
CA ARG H 189 -38.28 32.21 7.67
C ARG H 189 -39.15 30.96 7.58
C ARG H 189 -39.17 30.98 7.55
N ASP H 190 -38.71 29.97 6.81
CA ASP H 190 -39.46 28.72 6.70
C ASP H 190 -39.50 28.00 8.05
N TRP H 191 -38.34 27.86 8.69
CA TRP H 191 -38.27 27.11 9.95
C TRP H 191 -39.15 27.75 11.01
N VAL H 192 -39.16 29.09 11.08
CA VAL H 192 -39.99 29.78 12.05
C VAL H 192 -41.46 29.38 11.92
N ALA H 193 -41.93 29.24 10.68
CA ALA H 193 -43.35 28.96 10.45
C ALA H 193 -43.68 27.49 10.64
N ASN H 194 -42.77 26.58 10.29
CA ASN H 194 -43.06 25.15 10.28
C ASN H 194 -42.20 24.39 11.28
N ALA H 195 -41.86 25.04 12.41
CA ALA H 195 -40.89 24.46 13.33
C ALA H 195 -41.36 23.15 13.94
N ASP H 196 -42.67 22.96 14.12
CA ASP H 196 -43.15 21.79 14.85
C ASP H 196 -43.00 20.49 14.06
N ASN H 197 -42.89 20.57 12.73
CA ASN H 197 -42.74 19.36 11.92
C ASN H 197 -41.55 19.39 10.98
N THR H 198 -40.80 20.49 10.92
CA THR H 198 -39.71 20.65 9.97
C THR H 198 -38.37 20.68 10.69
N TYR H 199 -37.41 19.92 10.19
CA TYR H 199 -36.03 19.98 10.66
C TYR H 199 -35.21 20.83 9.68
N TYR H 200 -34.41 21.74 10.23
CA TYR H 200 -33.49 22.54 9.42
C TYR H 200 -32.13 21.85 9.41
N CYS H 201 -31.76 21.30 8.26
CA CYS H 201 -30.46 20.65 8.07
C CYS H 201 -29.46 21.70 7.65
N PHE H 202 -28.84 22.35 8.63
CA PHE H 202 -27.90 23.43 8.33
C PHE H 202 -26.59 22.86 7.78
N GLY H 203 -26.03 23.55 6.79
CA GLY H 203 -24.96 23.01 5.98
C GLY H 203 -23.55 23.39 6.33
N THR H 204 -23.34 24.27 7.29
CA THR H 204 -22.00 24.72 7.63
C THR H 204 -21.89 24.91 9.13
N ALA H 205 -20.65 25.18 9.57
CA ALA H 205 -20.34 25.28 11.00
C ALA H 205 -20.68 26.65 11.59
N ALA H 206 -21.82 27.21 11.23
CA ALA H 206 -22.26 28.49 11.77
C ALA H 206 -23.66 28.31 12.35
N GLY H 207 -24.40 29.41 12.47
CA GLY H 207 -25.74 29.38 12.99
C GLY H 207 -25.76 29.45 14.51
N PRO H 208 -26.95 29.34 15.10
CA PRO H 208 -27.05 29.28 16.56
C PRO H 208 -26.67 27.91 17.09
N HIS H 209 -26.27 27.90 18.35
CA HIS H 209 -26.09 26.64 19.06
C HIS H 209 -27.37 25.81 18.93
N PRO H 210 -27.27 24.50 18.66
CA PRO H 210 -26.07 23.66 18.68
C PRO H 210 -25.39 23.43 17.33
N PHE H 211 -25.74 24.21 16.32
CA PHE H 211 -25.31 23.88 14.96
C PHE H 211 -23.80 24.02 14.73
N PRO H 212 -23.13 25.08 15.21
CA PRO H 212 -21.67 25.12 15.02
C PRO H 212 -20.96 23.94 15.65
N THR H 213 -21.41 23.48 16.82
CA THR H 213 -20.79 22.32 17.46
C THR H 213 -21.20 21.02 16.78
N MET H 214 -22.49 20.88 16.47
CA MET H 214 -22.98 19.62 15.91
C MET H 214 -22.43 19.37 14.52
N VAL H 215 -22.39 20.40 13.66
CA VAL H 215 -21.84 20.24 12.32
C VAL H 215 -20.37 19.86 12.40
N ARG H 216 -19.61 20.55 13.25
CA ARG H 216 -18.20 20.22 13.44
C ARG H 216 -18.03 18.77 13.89
N ASP H 217 -18.87 18.31 14.82
CA ASP H 217 -18.76 16.94 15.30
C ASP H 217 -18.97 15.93 14.18
N PHE H 218 -19.93 16.20 13.28
CA PHE H 218 -20.15 15.31 12.16
C PHE H 218 -19.04 15.40 11.12
N GLN H 219 -18.27 16.48 11.12
CA GLN H 219 -17.14 16.63 10.20
C GLN H 219 -15.80 16.26 10.83
N ARG H 220 -15.77 15.97 12.13
CA ARG H 220 -14.52 15.61 12.79
C ARG H 220 -13.88 14.37 12.16
N ILE H 221 -14.70 13.49 11.57
CA ILE H 221 -14.19 12.26 10.96
C ILE H 221 -13.13 12.57 9.92
N ILE H 222 -13.19 13.74 9.29
CA ILE H 222 -12.20 14.11 8.28
C ILE H 222 -10.81 14.18 8.90
N GLY H 223 -10.65 15.03 9.93
CA GLY H 223 -9.35 15.21 10.53
C GLY H 223 -8.86 13.99 11.28
N MET H 224 -9.78 13.25 11.90
CA MET H 224 -9.39 12.01 12.59
C MET H 224 -8.78 11.03 11.62
N GLU H 225 -9.40 10.84 10.44
CA GLU H 225 -8.81 10.01 9.41
C GLU H 225 -7.50 10.61 8.92
N ALA H 226 -7.47 11.92 8.70
CA ALA H 226 -6.26 12.55 8.16
C ALA H 226 -5.10 12.40 9.12
N ARG H 227 -5.35 12.48 10.43
CA ARG H 227 -4.28 12.39 11.40
C ARG H 227 -3.68 10.99 11.46
N VAL H 228 -4.52 9.97 11.29
CA VAL H 228 -4.01 8.60 11.23
C VAL H 228 -3.27 8.36 9.92
N GLN H 229 -3.84 8.84 8.81
CA GLN H 229 -3.28 8.55 7.50
C GLN H 229 -1.95 9.26 7.29
N ILE H 230 -1.82 10.48 7.78
CA ILE H 230 -0.58 11.24 7.56
C ILE H 230 0.57 10.60 8.32
N GLN H 231 0.31 10.06 9.51
CA GLN H 231 1.36 9.40 10.27
C GLN H 231 1.76 8.08 9.61
N GLY H 232 0.79 7.36 9.06
CA GLY H 232 1.11 6.10 8.40
C GLY H 232 1.94 6.30 7.14
N GLN H 233 1.60 7.31 6.34
CA GLN H 233 2.27 7.53 5.06
C GLN H 233 3.56 8.34 5.19
N ALA H 234 3.55 9.40 6.01
CA ALA H 234 4.71 10.27 6.13
C ALA H 234 5.59 9.94 7.33
N GLY H 235 5.08 9.16 8.29
CA GLY H 235 5.84 8.82 9.47
C GLY H 235 5.77 9.83 10.60
N ARG H 236 5.01 10.91 10.45
CA ARG H 236 4.96 11.95 11.46
C ARG H 236 3.74 12.82 11.22
N LEU H 237 3.45 13.68 12.19
CA LEU H 237 2.38 14.65 12.04
C LEU H 237 2.78 15.71 11.00
N PRO H 238 1.81 16.30 10.31
CA PRO H 238 2.15 17.29 9.28
C PRO H 238 2.69 18.56 9.88
N ASP H 239 3.40 19.31 9.04
CA ASP H 239 3.83 20.65 9.43
C ASP H 239 2.68 21.65 9.39
N ALA H 240 1.68 21.39 8.55
CA ALA H 240 0.56 22.30 8.41
C ALA H 240 -0.64 21.54 7.86
N VAL H 241 -1.84 21.99 8.27
CA VAL H 241 -3.10 21.51 7.72
C VAL H 241 -3.89 22.72 7.25
N VAL H 242 -4.34 22.70 6.01
CA VAL H 242 -5.01 23.85 5.41
C VAL H 242 -6.33 23.42 4.79
N ALA H 243 -7.23 24.39 4.65
CA ALA H 243 -8.53 24.19 4.03
C ALA H 243 -9.13 25.54 3.69
N CYS H 244 -10.07 25.53 2.74
CA CYS H 244 -10.83 26.72 2.42
C CYS H 244 -11.92 26.94 3.48
N VAL H 245 -12.32 28.21 3.63
CA VAL H 245 -13.23 28.61 4.71
C VAL H 245 -14.33 29.47 4.11
N GLY H 246 -15.51 28.87 3.93
CA GLY H 246 -16.72 29.66 3.71
C GLY H 246 -17.40 29.91 5.04
N GLY H 247 -18.37 29.06 5.38
CA GLY H 247 -18.91 29.07 6.73
C GLY H 247 -18.01 28.37 7.73
N GLY H 248 -17.25 27.36 7.28
CA GLY H 248 -16.22 26.76 8.09
C GLY H 248 -16.34 25.28 8.40
N SER H 249 -17.21 24.55 7.70
CA SER H 249 -17.48 23.17 8.07
C SER H 249 -16.35 22.23 7.68
N ASN H 250 -15.85 22.34 6.44
CA ASN H 250 -14.80 21.41 6.01
C ASN H 250 -13.46 21.76 6.66
N ALA H 251 -13.23 23.04 6.99
CA ALA H 251 -12.00 23.42 7.65
C ALA H 251 -11.98 22.96 9.10
N ILE H 252 -13.06 23.26 9.84
CA ILE H 252 -13.11 22.86 11.25
C ILE H 252 -13.12 21.34 11.37
N GLY H 253 -13.59 20.64 10.34
CA GLY H 253 -13.64 19.19 10.41
C GLY H 253 -12.26 18.55 10.30
N ILE H 254 -11.39 19.12 9.48
CA ILE H 254 -10.03 18.58 9.38
C ILE H 254 -9.10 19.23 10.39
N PHE H 255 -9.40 20.45 10.84
CA PHE H 255 -8.56 21.11 11.83
C PHE H 255 -8.62 20.44 13.19
N HIS H 256 -9.80 19.91 13.55
CA HIS H 256 -10.10 19.65 14.96
C HIS H 256 -9.17 18.61 15.56
N ALA H 257 -8.89 17.52 14.83
CA ALA H 257 -8.02 16.47 15.36
C ALA H 257 -6.59 16.95 15.59
N PHE H 258 -6.22 18.11 15.05
CA PHE H 258 -4.86 18.63 15.19
C PHE H 258 -4.77 19.80 16.16
N LEU H 259 -5.84 20.16 16.85
CA LEU H 259 -5.83 21.35 17.70
C LEU H 259 -4.80 21.23 18.82
N ASP H 260 -4.69 20.05 19.42
CA ASP H 260 -3.80 19.85 20.56
C ASP H 260 -2.41 19.39 20.16
N ASP H 261 -2.11 19.31 18.86
CA ASP H 261 -0.76 19.05 18.39
C ASP H 261 -0.07 20.38 18.15
N PRO H 262 0.80 20.84 19.07
CA PRO H 262 1.27 22.23 19.01
C PRO H 262 2.21 22.52 17.84
N GLY H 263 2.80 21.51 17.22
CA GLY H 263 3.67 21.76 16.09
C GLY H 263 2.97 21.88 14.76
N VAL H 264 1.69 21.55 14.69
CA VAL H 264 0.93 21.54 13.44
C VAL H 264 0.34 22.93 13.22
N ARG H 265 0.80 23.61 12.18
CA ARG H 265 0.18 24.87 11.78
C ARG H 265 -1.19 24.59 11.17
N LEU H 266 -2.14 25.49 11.45
CA LEU H 266 -3.48 25.42 10.88
C LEU H 266 -3.75 26.73 10.15
N VAL H 267 -4.07 26.64 8.86
CA VAL H 267 -4.31 27.81 8.03
C VAL H 267 -5.62 27.61 7.29
N GLY H 268 -6.55 28.55 7.45
CA GLY H 268 -7.77 28.59 6.65
C GLY H 268 -7.67 29.69 5.60
N PHE H 269 -8.13 29.37 4.40
CA PHE H 269 -8.05 30.30 3.27
C PHE H 269 -9.47 30.69 2.86
N GLU H 270 -9.75 31.99 2.85
CA GLU H 270 -11.05 32.52 2.54
C GLU H 270 -11.03 33.22 1.18
N ALA H 271 -12.21 33.31 0.57
CA ALA H 271 -12.33 33.87 -0.77
C ALA H 271 -12.13 35.37 -0.76
N ALA H 272 -11.26 35.85 -1.65
CA ALA H 272 -10.96 37.28 -1.75
C ALA H 272 -11.49 37.90 -3.04
N GLY H 273 -12.23 37.15 -3.85
CA GLY H 273 -12.92 37.73 -4.99
C GLY H 273 -12.00 38.44 -5.96
N ASP H 274 -12.36 39.66 -6.32
CA ASP H 274 -11.53 40.51 -7.17
C ASP H 274 -10.34 41.10 -6.43
N GLY H 275 -10.22 40.84 -5.12
CA GLY H 275 -9.19 41.45 -4.31
C GLY H 275 -9.80 42.12 -3.09
N VAL H 276 -9.12 42.03 -1.94
CA VAL H 276 -9.69 42.55 -0.70
C VAL H 276 -9.86 44.06 -0.73
N GLU H 277 -9.08 44.76 -1.55
CA GLU H 277 -9.18 46.22 -1.64
C GLU H 277 -10.29 46.68 -2.57
N THR H 278 -11.10 45.76 -3.11
CA THR H 278 -12.07 46.09 -4.13
C THR H 278 -13.51 46.11 -3.64
N GLY H 279 -13.78 45.66 -2.41
CA GLY H 279 -15.15 45.54 -1.97
C GLY H 279 -15.96 44.47 -2.67
N ARG H 280 -15.32 43.65 -3.50
CA ARG H 280 -15.95 42.51 -4.16
C ARG H 280 -15.21 41.25 -3.72
N HIS H 281 -15.42 40.85 -2.47
CA HIS H 281 -14.72 39.73 -1.88
C HIS H 281 -15.62 39.09 -0.82
N ALA H 282 -15.12 38.02 -0.21
CA ALA H 282 -15.79 37.37 0.91
C ALA H 282 -14.80 37.06 2.03
N ALA H 283 -13.79 37.92 2.17
CA ALA H 283 -12.71 37.71 3.15
C ALA H 283 -13.20 38.18 4.52
N THR H 284 -13.88 37.26 5.22
CA THR H 284 -14.55 37.63 6.46
C THR H 284 -13.56 38.01 7.56
N PHE H 285 -12.52 37.21 7.76
CA PHE H 285 -11.54 37.51 8.79
C PHE H 285 -10.59 38.64 8.38
N THR H 286 -10.29 38.75 7.09
CA THR H 286 -9.34 39.76 6.63
C THR H 286 -9.92 41.18 6.71
N ALA H 287 -11.22 41.33 6.45
CA ALA H 287 -11.82 42.65 6.36
C ALA H 287 -13.09 42.83 7.18
N GLY H 288 -13.55 41.80 7.89
CA GLY H 288 -14.74 41.90 8.71
C GLY H 288 -14.42 42.23 10.16
N SER H 289 -15.47 42.21 10.98
CA SER H 289 -15.36 42.57 12.39
C SER H 289 -16.39 41.77 13.16
N PRO H 290 -16.25 41.71 14.49
CA PRO H 290 -17.24 40.96 15.29
C PRO H 290 -18.64 41.52 15.18
N GLY H 291 -19.62 40.64 15.32
CA GLY H 291 -21.02 41.03 15.28
C GLY H 291 -21.91 39.81 15.28
N ALA H 292 -23.19 40.07 15.52
CA ALA H 292 -24.20 39.01 15.53
C ALA H 292 -24.83 38.89 14.15
N PHE H 293 -24.83 37.67 13.60
CA PHE H 293 -25.37 37.44 12.28
C PHE H 293 -25.68 35.96 12.12
N HIS H 294 -26.89 35.67 11.61
CA HIS H 294 -27.34 34.30 11.36
C HIS H 294 -27.24 33.44 12.62
N GLY H 295 -27.63 34.01 13.76
CA GLY H 295 -27.80 33.25 14.98
C GLY H 295 -26.57 33.13 15.86
N SER H 296 -25.42 33.62 15.43
CA SER H 296 -24.20 33.51 16.21
C SER H 296 -23.51 34.86 16.29
N PHE H 297 -22.68 35.02 17.32
CA PHE H 297 -21.75 36.13 17.42
C PHE H 297 -20.40 35.68 16.88
N SER H 298 -19.96 36.28 15.78
CA SER H 298 -18.76 35.87 15.09
C SER H 298 -18.28 37.05 14.25
N TYR H 299 -17.42 36.78 13.27
CA TYR H 299 -16.98 37.80 12.33
C TYR H 299 -17.91 37.85 11.13
N LEU H 300 -18.10 39.05 10.59
CA LEU H 300 -18.86 39.21 9.36
C LEU H 300 -18.46 40.52 8.69
N LEU H 301 -18.69 40.58 7.39
CA LEU H 301 -18.49 41.81 6.62
C LEU H 301 -19.68 42.72 6.88
N GLN H 302 -19.44 43.83 7.56
CA GLN H 302 -20.49 44.77 7.92
C GLN H 302 -19.97 46.19 7.79
N ASP H 303 -20.89 47.14 7.56
CA ASP H 303 -20.52 48.54 7.45
C ASP H 303 -20.57 49.19 8.83
N GLU H 304 -20.45 50.52 8.88
CA GLU H 304 -20.27 51.22 10.14
C GLU H 304 -21.52 51.19 11.02
N ASP H 305 -22.69 50.88 10.46
CA ASP H 305 -23.91 50.77 11.24
C ASP H 305 -24.26 49.33 11.60
N GLY H 306 -23.49 48.36 11.12
CA GLY H 306 -23.81 46.96 11.36
C GLY H 306 -24.66 46.31 10.31
N GLN H 307 -24.82 46.94 9.14
CA GLN H 307 -25.52 46.31 8.03
C GLN H 307 -24.59 45.33 7.32
N THR H 308 -25.14 44.20 6.92
CA THR H 308 -24.33 43.17 6.27
C THR H 308 -23.89 43.65 4.89
N ILE H 309 -22.57 43.70 4.68
CA ILE H 309 -22.03 43.97 3.35
C ILE H 309 -22.09 42.70 2.53
N GLU H 310 -22.66 42.79 1.33
CA GLU H 310 -22.78 41.62 0.48
C GLU H 310 -21.39 41.17 0.01
N SER H 311 -21.22 39.86 -0.07
CA SER H 311 -19.96 39.25 -0.49
C SER H 311 -20.01 38.92 -1.98
N HIS H 312 -18.83 38.73 -2.56
CA HIS H 312 -18.71 38.34 -3.95
C HIS H 312 -17.52 37.41 -4.11
N SER H 313 -17.71 36.32 -4.86
CA SER H 313 -16.65 35.38 -5.13
C SER H 313 -17.04 34.58 -6.38
N ILE H 314 -16.02 34.17 -7.15
CA ILE H 314 -16.30 33.30 -8.28
C ILE H 314 -16.81 31.96 -7.80
N SER H 315 -16.46 31.58 -6.56
CA SER H 315 -16.93 30.34 -5.96
C SER H 315 -18.21 30.59 -5.18
N ALA H 316 -19.24 29.82 -5.49
CA ALA H 316 -20.53 30.01 -4.82
C ALA H 316 -20.49 29.51 -3.39
N GLY H 317 -19.62 28.54 -3.08
CA GLY H 317 -19.58 27.98 -1.74
C GLY H 317 -18.89 28.84 -0.72
N LEU H 318 -17.95 29.68 -1.17
CA LEU H 318 -17.26 30.61 -0.28
C LEU H 318 -17.84 32.02 -0.34
N ASP H 319 -18.85 32.25 -1.19
CA ASP H 319 -19.46 33.57 -1.36
C ASP H 319 -20.45 33.81 -0.21
N TYR H 320 -19.87 34.05 0.98
CA TYR H 320 -20.65 34.22 2.19
C TYR H 320 -19.93 35.24 3.07
N PRO H 321 -20.64 36.26 3.58
CA PRO H 321 -19.97 37.32 4.35
C PRO H 321 -19.72 36.99 5.81
N GLY H 322 -20.23 35.87 6.32
CA GLY H 322 -20.02 35.47 7.69
C GLY H 322 -19.04 34.32 7.83
N VAL H 323 -18.91 33.84 9.07
CA VAL H 323 -18.04 32.71 9.37
C VAL H 323 -18.49 32.11 10.70
N GLY H 324 -18.27 30.82 10.88
CA GLY H 324 -18.67 30.11 12.08
C GLY H 324 -17.93 30.61 13.31
N PRO H 325 -18.61 30.56 14.46
CA PRO H 325 -18.04 31.17 15.67
C PRO H 325 -16.83 30.45 16.23
N GLU H 326 -16.73 29.13 16.07
CA GLU H 326 -15.55 28.43 16.58
C GLU H 326 -14.29 28.89 15.84
N HIS H 327 -14.43 29.30 14.58
CA HIS H 327 -13.29 29.86 13.86
C HIS H 327 -12.90 31.21 14.42
N ALA H 328 -13.89 32.03 14.79
CA ALA H 328 -13.59 33.31 15.43
C ALA H 328 -12.87 33.08 16.76
N TRP H 329 -13.25 32.03 17.48
CA TRP H 329 -12.57 31.70 18.72
C TRP H 329 -11.14 31.24 18.46
N LEU H 330 -10.95 30.40 17.44
CA LEU H 330 -9.60 29.93 17.13
C LEU H 330 -8.71 31.04 16.61
N LYS H 331 -9.29 32.01 15.90
CA LYS H 331 -8.50 33.16 15.47
C LYS H 331 -8.08 34.02 16.65
N GLU H 332 -9.00 34.28 17.58
CA GLU H 332 -8.67 35.07 18.76
C GLU H 332 -7.57 34.39 19.58
N ALA H 333 -7.66 33.07 19.74
CA ALA H 333 -6.65 32.33 20.49
C ALA H 333 -5.33 32.20 19.73
N GLY H 334 -5.28 32.60 18.47
CA GLY H 334 -4.07 32.47 17.68
C GLY H 334 -3.71 31.05 17.29
N ARG H 335 -4.65 30.11 17.41
CA ARG H 335 -4.39 28.72 17.04
C ARG H 335 -4.42 28.54 15.53
N VAL H 336 -5.30 29.25 14.84
CA VAL H 336 -5.45 29.16 13.39
C VAL H 336 -5.25 30.54 12.79
N ASP H 337 -4.54 30.58 11.66
CA ASP H 337 -4.39 31.80 10.87
C ASP H 337 -5.29 31.71 9.64
N TYR H 338 -5.79 32.87 9.21
CA TYR H 338 -6.73 32.94 8.10
C TYR H 338 -6.20 33.93 7.08
N ARG H 339 -6.02 33.46 5.84
CA ARG H 339 -5.41 34.23 4.77
C ARG H 339 -6.34 34.33 3.57
N PRO H 340 -6.26 35.42 2.81
CA PRO H 340 -7.12 35.57 1.63
C PRO H 340 -6.52 34.97 0.37
N ILE H 341 -7.39 34.40 -0.45
CA ILE H 341 -7.04 33.86 -1.76
C ILE H 341 -8.01 34.44 -2.78
N THR H 342 -7.48 35.04 -3.84
CA THR H 342 -8.31 35.73 -4.81
C THR H 342 -8.88 34.77 -5.84
N ASP H 343 -9.82 35.28 -6.65
CA ASP H 343 -10.38 34.49 -7.74
C ASP H 343 -9.30 33.98 -8.67
N SER H 344 -8.37 34.86 -9.06
CA SER H 344 -7.32 34.47 -10.01
C SER H 344 -6.40 33.42 -9.41
N GLU H 345 -6.02 33.58 -8.14
CA GLU H 345 -5.15 32.60 -7.50
C GLU H 345 -5.82 31.23 -7.43
N ALA H 346 -7.11 31.20 -7.12
CA ALA H 346 -7.81 29.92 -7.02
C ALA H 346 -7.92 29.24 -8.38
N MET H 347 -8.18 30.01 -9.43
CA MET H 347 -8.34 29.41 -10.75
C MET H 347 -7.01 28.89 -11.30
N ASP H 348 -5.90 29.54 -10.96
CA ASP H 348 -4.59 29.00 -11.33
C ASP H 348 -4.38 27.63 -10.70
N ALA H 349 -4.64 27.52 -9.39
CA ALA H 349 -4.53 26.24 -8.72
C ALA H 349 -5.51 25.23 -9.30
N PHE H 350 -6.68 25.68 -9.74
CA PHE H 350 -7.63 24.79 -10.41
C PHE H 350 -6.97 24.11 -11.61
N GLY H 351 -6.52 24.91 -12.58
CA GLY H 351 -5.89 24.33 -13.76
C GLY H 351 -4.64 23.55 -13.44
N LEU H 352 -3.83 24.04 -12.50
CA LEU H 352 -2.60 23.34 -12.14
C LEU H 352 -2.91 21.96 -11.57
N LEU H 353 -3.95 21.85 -10.75
CA LEU H 353 -4.32 20.54 -10.22
C LEU H 353 -4.86 19.63 -11.31
N CYS H 354 -5.48 20.19 -12.34
CA CYS H 354 -5.96 19.38 -13.46
C CYS H 354 -4.79 18.80 -14.25
N ARG H 355 -3.80 19.64 -14.58
CA ARG H 355 -2.72 19.21 -15.46
C ARG H 355 -1.66 18.39 -14.73
N MET H 356 -1.51 18.58 -13.42
CA MET H 356 -0.46 17.90 -12.67
C MET H 356 -0.95 16.58 -12.08
N GLU H 357 -2.17 16.54 -11.55
CA GLU H 357 -2.65 15.38 -10.84
C GLU H 357 -3.92 14.78 -11.44
N GLY H 358 -4.44 15.36 -12.51
CA GLY H 358 -5.66 14.83 -13.11
C GLY H 358 -6.86 14.87 -12.19
N ILE H 359 -6.92 15.84 -11.29
CA ILE H 359 -8.03 16.00 -10.37
C ILE H 359 -8.69 17.34 -10.67
N ILE H 360 -9.99 17.31 -10.98
CA ILE H 360 -10.76 18.51 -11.21
C ILE H 360 -11.41 18.91 -9.90
N PRO H 361 -10.91 19.94 -9.22
CA PRO H 361 -11.43 20.29 -7.90
C PRO H 361 -12.61 21.25 -7.97
N ALA H 362 -13.36 21.27 -6.86
CA ALA H 362 -14.31 22.36 -6.68
C ALA H 362 -13.56 23.67 -6.55
N ILE H 363 -14.16 24.74 -7.08
CA ILE H 363 -13.50 26.04 -7.03
C ILE H 363 -13.30 26.48 -5.58
N GLU H 364 -14.19 26.04 -4.68
CA GLU H 364 -13.96 26.22 -3.25
C GLU H 364 -12.62 25.59 -2.85
N SER H 365 -12.46 24.30 -3.13
CA SER H 365 -11.24 23.60 -2.74
C SER H 365 -10.01 24.17 -3.43
N ALA H 366 -10.18 24.71 -4.65
CA ALA H 366 -9.05 25.29 -5.35
C ALA H 366 -8.42 26.44 -4.58
N HIS H 367 -9.22 27.14 -3.76
CA HIS H 367 -8.67 28.16 -2.87
C HIS H 367 -7.66 27.55 -1.89
N ALA H 368 -8.01 26.41 -1.31
CA ALA H 368 -7.09 25.76 -0.37
C ALA H 368 -5.83 25.26 -1.07
N VAL H 369 -5.98 24.74 -2.30
CA VAL H 369 -4.82 24.30 -3.05
C VAL H 369 -3.92 25.49 -3.38
N ALA H 370 -4.54 26.64 -3.72
CA ALA H 370 -3.77 27.83 -4.04
C ALA H 370 -2.96 28.30 -2.83
N GLY H 371 -3.60 28.32 -1.65
CA GLY H 371 -2.89 28.73 -0.46
C GLY H 371 -1.83 27.72 -0.03
N ALA H 372 -2.06 26.44 -0.31
CA ALA H 372 -1.04 25.43 -0.01
C ALA H 372 0.22 25.65 -0.82
N LEU H 373 0.08 26.03 -2.09
CA LEU H 373 1.25 26.33 -2.92
C LEU H 373 2.07 27.46 -2.32
N LYS H 374 1.39 28.50 -1.80
CA LYS H 374 2.11 29.61 -1.19
C LYS H 374 2.72 29.20 0.15
N LEU H 375 2.00 28.39 0.93
CA LEU H 375 2.56 27.90 2.19
C LEU H 375 3.73 26.95 1.94
N GLY H 376 3.71 26.23 0.82
CA GLY H 376 4.83 25.35 0.50
C GLY H 376 6.11 26.11 0.22
N VAL H 377 6.00 27.29 -0.41
CA VAL H 377 7.18 28.10 -0.65
C VAL H 377 7.74 28.64 0.67
N GLU H 378 6.85 28.98 1.61
CA GLU H 378 7.29 29.46 2.92
C GLU H 378 8.00 28.38 3.70
N LEU H 379 7.37 27.20 3.83
CA LEU H 379 7.90 26.15 4.69
C LEU H 379 9.13 25.46 4.09
N GLY H 380 9.19 25.32 2.77
CA GLY H 380 10.37 24.82 2.11
C GLY H 380 10.31 23.34 1.78
N ARG H 381 11.43 22.84 1.26
CA ARG H 381 11.51 21.46 0.81
C ARG H 381 11.32 20.50 1.97
N GLY H 382 10.59 19.42 1.71
CA GLY H 382 10.36 18.39 2.70
C GLY H 382 9.22 18.62 3.66
N ALA H 383 8.65 19.83 3.67
CA ALA H 383 7.56 20.12 4.58
C ALA H 383 6.28 19.41 4.15
N VAL H 384 5.57 18.85 5.13
CA VAL H 384 4.34 18.10 4.88
C VAL H 384 3.16 19.01 5.14
N ILE H 385 2.34 19.20 4.11
CA ILE H 385 1.17 20.09 4.16
C ILE H 385 -0.05 19.27 3.75
N VAL H 386 -0.96 19.03 4.68
CA VAL H 386 -2.20 18.33 4.39
C VAL H 386 -3.25 19.34 3.96
N VAL H 387 -3.90 19.06 2.83
CA VAL H 387 -4.90 19.94 2.24
C VAL H 387 -6.23 19.21 2.19
N ASN H 388 -7.27 19.84 2.73
CA ASN H 388 -8.62 19.29 2.65
C ASN H 388 -9.18 19.61 1.28
N LEU H 389 -9.22 18.59 0.40
CA LEU H 389 -9.83 18.74 -0.93
C LEU H 389 -11.32 18.51 -0.78
N SER H 390 -12.05 19.60 -0.50
CA SER H 390 -13.40 19.47 0.02
C SER H 390 -14.38 18.92 -1.02
N GLY H 391 -14.17 19.18 -2.30
CA GLY H 391 -15.10 18.68 -3.30
C GLY H 391 -14.50 18.62 -4.69
N ARG H 392 -15.20 17.92 -5.57
CA ARG H 392 -14.81 17.82 -6.97
C ARG H 392 -15.50 18.91 -7.78
N GLY H 393 -15.04 19.09 -9.02
CA GLY H 393 -15.44 20.24 -9.79
C GLY H 393 -16.41 20.00 -10.92
N ASP H 394 -17.24 18.95 -10.82
CA ASP H 394 -18.26 18.72 -11.84
C ASP H 394 -19.18 19.93 -11.99
N LYS H 395 -19.58 20.53 -10.88
CA LYS H 395 -20.48 21.69 -10.91
C LYS H 395 -19.83 22.93 -11.50
N ASP H 396 -18.50 22.97 -11.56
CA ASP H 396 -17.76 24.17 -11.94
C ASP H 396 -17.11 24.06 -13.31
N VAL H 397 -17.41 23.00 -14.07
CA VAL H 397 -16.73 22.76 -15.34
C VAL H 397 -17.04 23.86 -16.34
N GLU H 398 -18.31 24.28 -16.43
CA GLU H 398 -18.68 25.36 -17.33
C GLU H 398 -17.95 26.66 -16.98
N THR H 399 -17.95 27.01 -15.68
CA THR H 399 -17.26 28.22 -15.25
C THR H 399 -15.77 28.15 -15.56
N ALA H 400 -15.15 27.00 -15.30
CA ALA H 400 -13.71 26.89 -15.49
C ALA H 400 -13.34 26.83 -16.96
N ALA H 401 -14.14 26.15 -17.78
CA ALA H 401 -13.86 26.10 -19.21
C ALA H 401 -13.95 27.49 -19.82
N LYS H 402 -14.91 28.31 -19.37
CA LYS H 402 -15.01 29.67 -19.85
C LYS H 402 -13.82 30.50 -19.39
N TRP H 403 -13.33 30.24 -18.18
CA TRP H 403 -12.19 30.99 -17.65
C TRP H 403 -10.94 30.76 -18.50
N PHE H 404 -10.72 29.53 -18.94
CA PHE H 404 -9.55 29.17 -19.73
C PHE H 404 -9.79 29.21 -21.23
N GLY H 405 -10.99 29.61 -21.66
CA GLY H 405 -11.28 29.71 -23.09
C GLY H 405 -11.30 28.38 -23.80
N LEU H 406 -12.02 27.41 -23.24
CA LEU H 406 -12.11 26.09 -23.85
C LEU H 406 -13.52 25.84 -24.39
N LEU H 407 -13.99 26.73 -25.26
CA LEU H 407 -15.33 26.61 -25.83
C LEU H 407 -15.33 26.97 -27.31
#